data_8R6F
#
_entry.id   8R6F
#
_cell.length_a   1.00
_cell.length_b   1.00
_cell.length_c   1.00
_cell.angle_alpha   90.00
_cell.angle_beta   90.00
_cell.angle_gamma   90.00
#
_symmetry.space_group_name_H-M   'P 1'
#
loop_
_entity.id
_entity.type
_entity.pdbx_description
1 polymer '40S ribosomal protein S24'
2 polymer '40S ribosomal protein S23'
3 polymer '40S ribosomal protein S4'
4 polymer '30S ribosomal protein S11, chloroplastic'
5 polymer 'Small ribosomal subunit protein uS8c'
6 polymer '40S ribosomal protein S27'
7 polymer '40S ribosomal protein S30'
8 polymer 'Small ribosomal subunit protein uS2'
9 polymer 'Small ribosomal subunit protein eS1'
10 polymer 'Genome assembly, chromosome: II'
11 polymer '40S ribosomal protein S26'
12 polymer '30S ribosomal protein S4, chloroplastic'
13 polymer 'S5 DRBM domain-containing protein'
14 polymer '40S ribosomal protein S6'
15 polymer '40S ribosomal protein S7'
16 polymer '40S ribosomal protein S17'
17 polymer 'Small ribosomal subunit protein uS17 N-terminal domain-containing protein'
18 polymer 'Small ribosomal subunit protein uS15 N-terminal domain-containing protein'
19 polymer 'Large ribosomal subunit protein eL41z/eL41y/eL41x/eL41w/eL41v'
20 polymer '40S ribosomal protein S8'
21 polymer 'RNA (1177-MER)'
22 non-polymer 'ZINC ION'
23 non-polymer 'MAGNESIUM ION'
24 non-polymer 'POTASSIUM ION'
25 water water
#
loop_
_entity_poly.entity_id
_entity_poly.type
_entity_poly.pdbx_seq_one_letter_code
_entity_poly.pdbx_strand_id
1 'polypeptide(L)'
;MADAKTTTAVTLRTRKFMTNRLLARKQFVLEVIHPGRANVSKAELKERLAKVYEVKDPNCIFVFKFRTHFGGGKSSGFGL
IYDNLESAKKFEPKYRLIRNGLATKVEKSRKQIKERKNRTKKIRGVKKTKAGDAKKK
;
Y
2 'polypeptide(L)'
;MGKTRGMGAGRKLKTHRRNQRWADKAYKKSHLGNEWKKPFAGSSHAKGIVLEKIGIEAKQPNSAIRKCARVQLVKNGKKI
AAFVPNDGCLNFIEENDEVLIAGFGRKGHAVGDIPGVRFKVVKVSGVSLLALFKEKKEKPRS
;
X
3 'polypeptide(L)'
;MARGLKKHLKRLNAPSHWMLDKLGGAFAPKPSSGPHKARECLPLILILRNRLKYALTYREVQSILMQRHIMVDGKVRTDK
TYPAGFMDIISIPKTGENYRLLYDTKGRFRLHSVRDEDAKFKLCKVRSVQFGQKGIPYLNTYDGRTIRYPDPLIKANDTI
KLDLETNKIVDFIKFDVGNVVMVTGGRNTGRVGVIKNREKHKGTFETIHVEDAQGHQFATRLGNVFTIGKGTKPWVSLPK
GKGIKLTIIEEQRKRDAAAQAAAKA
;
E
4 'polypeptide(L)'
;MSSKRKTREPKEENVTLGPAVREGEHVFGVAHIFASFNDTFIHVTDLSGRETLVRITGGMKVKADRDESSPYAAMLASQD
VATRCKELGITALHIKLRATGGNKTKTPGPGAQSALRALARSGMKIGRIEDVTPVPT(IAS)STRRKGGRRGRRL
;
O
5 'polypeptide(L)'
;MVRVSVLNDALKSMYNAEKRGKRQVMIRPSSKVIIKFLIVMQKHGYIGEFEYVDDHRSGKIVVELNGRLNKCGVISPRFD
VGVKEIEGWTARLLPSRQFGYIVLTTSAGIMDHEEARRKNVGGKVLGFFY
;
W
6 'polypeptide(L)'
;MVLQNDIDLLNPPAELEKLKHKKKRLVQSPNSFFMDVKCQGCFNITTVFSHSQTVVVCPGCQTVLCQPTGGKARLTEGCS
FRRKGD
;
b
7 'polypeptide(L)' MGKVHGSLARAGKVRGQTPKVAKQDKKKQPRGRAHKRIQYNRRFVTAVVGFGKKRGPNSSEK e
8 'polypeptide(L)'
;MAAAAGEAPRALSQKEQDIQMMLAADVHLGTKNCDFQMERYAYKRRSDGIYIINLGKTWEKLQLAARVIVAIENPQDIIV
QSARPYGQRAVLKFAQHTGANAIAGRHTPGTFTNQMQTSFSEPRLLILTDPRTDHQPIKESALGNIPTIAFCDTDSPMRY
VDIGIPANNKGRNSIGCLYWLLARMVLQMRGTILPGHKWDVMVDLFFYRDPEEAKEQEDEAAGAPEYAAITDYGAAAGQW
GGDQWTSDAPAPPPVTGGEWPMAEAPVAGGDGWDAAGAPVAVEGAVPAPVVAATGWDAAVQPPAQGWE
;
k
9 'polypeptide(L)'
;MAVGKNKRISKGRKGSKKKAVDPFTKKQWYDIKAPLLFTSRNVGKTLVSRTQGTKIASEGLKHRVFEVSLADLQNDEDQA
YRKIRLRAEDVQGMNVLTNFWGMDFTTDKLRSLVRKWQTLIEAHVDVKTTDNYMLRMFAIGFTKRRPNQVKRTCYAQASQ
IRQIRRKMVEIMVNQAASCDLKELVNKFIPEVIGKEIEKATSSIFPLQNVYVRKVKILKAPKFDLGKLMEVHGDYKEDVG
VKLDRPADGDEVIPGAEEVAAAE
;
B
10 'polypeptide(L)'
;(AME)QNEVGDMVDLYVPRKCSATNRIITAKDHASVQINIGHVDANGLYNGSFTTFALSGFVRAQGDADGSLDRLWQQKR
AEIKQ
;
V
11 'polypeptide(L)'
;MTFKRRNGGRNKHGRGHVKYIRCSNCAKCCPKDKAIKRFLVRNIVEQAAVRDVQEACVHDGYVLPKLYAKVHHCVSCAIH
AHIVRVRSRENRRNREPPQRFRRRDDGPRPGQGGPPRAGGPGGAPAGAGAVPGAPAPRV
;
a
12 'polypeptide(L)'
;MVHVNFYRNYGKTFKKPRRPYEKERLDAELKLVGEYGLRCKRELWRVQYALSRIRNAARHLLTLDEKNPRRIFEGAALLR
RMNRYGLLAEGQDKLDYVLALTAENFLARRLQTLVFKAGMAKSIHHARVLIRQRHIRVGRQIVNVPSFMVRVESEKHIDF
SLTSPFGGGPAGRVKRKNQKKASGGGDAGGDEEEE
;
J
13 'polypeptide(L)'
;MADRGGERGVGERGGFGRGFGRGGRGDRGGRRGGRRGPRQEEEKWVPVTKLGRLVKEGRFTKMEEIYLHSLPVKEHQIVE
TLCPGLKDEVMKITPVQKQTRAGQRTRFKAFVVVGDSNGHVGLGVKCAKEVATAIRGAIILAKLSIVPVRRGYWGNKIGL
PHTVPCKVTGKCGSVTVRMVPAPRGSGIVAARVPKKVLQFAGIDDVFTSSRGSTKTLGNFVKATFDCLMKTYGFLTPDFW
RETTFTKAPYQEFTDILAKPTKALMLDAPAEKIEA
;
C
14 'polypeptide(L)'
;MKLNIANPTTGCQKKVEIDDDQKLRNLYDKRISQEVVGDLLGEEFKGYIFKIMGGCDKQGFPMKQGVLTSGRVRLLLHRG
TPCFRGFGRRNGERRRKSVRGCIVSQDLSVINLVIVKKGENDLPGLTDTEKPRMRGPKRASKIKKLFNLGKDDDVRSYVN
TYRRTFLNKKGKKVSKAPKIQRLVTPLTLQRKRARIADKKKRIAKKKSEAAEYQKLLAQRLKEQRDRRSESMAKRRSKLS
AATKAPAASA
;
G
15 'polypeptide(L)'
;MYTARKKIQKDKGVEPSEFEDTVAQAFFDLENGNQELKSDLKDLYINTAIQMDVVGNRKAVVIHVPYRLRKPFRKIHVRL
VRELEKKFSGKDVVFVATRRIVRPPKKGSAVQRPRTRTLTAVHDGILEDVVYPAEIVGKRVRYRLDGAKVIKIYLDPKER
NNTEYKLETFSAVYRRLCGKDVVFEYPVTETA
;
H
16 'polypeptide(L)'
;MGRVRTKTVKKTSRQVIEKYYSRMTLDFHTNKKVLEEVSILQSKRLRNKVAGFTTHLMRRIQRGPVRGISLKLQEEERER
RMDFVPEKSALEVDEIRVDKETMDMLAFLGMADLPGVERAPEATSAAAPYRQPFNGPRGGNRA
;
h
17 'polypeptide(L)'
;MAEQTEKSFLKQPKVFLSTKKADKAKRPGKAGNRFWKSVGLGFKTPREAIDGTYIDKKCPFTGTVAIRGRIIAGTCHSAK
MNRTIIVRRNYLHFVKKYQRYEKRHSNIPAHISPCFRVKEGDHVIIGQCRPLSKTVRFNVLKVVPAGTTGGGKKAFIAA
;
L
18 'polypeptide(L)'
;MGRMHSRGKGISSSALPYKRTPPSWVKTAVADVDELITKAAKKGQMPSQIGVLLRDQHGIPLVKSVTGSKILRILKAHGL
APEIPEDLYFLIKKAVAIRKHLERNRKDKDSKFRLILVESRIHRLARYYKRTKKLPPTWKYESTTASTLVA
;
N
19 'polypeptide(L)' MRAKWKKKRMRRLKRKRRKMRQRSK n
20 'polypeptide(L)'
;GISRDSMHKRRATGGKQKAWRKKRKYELGRQPANTKLSSNKTVRRVRVRGGNVKWRALRLDTGNFSWGSEAVTRKTRLLD
VVYNSSNNELVRTQTLVKNAIVQVDAAPFKQWYLTHYGVEIGRKKKAAAAAKKEAAEGQEAEVAAAATEEAKKSNNVQRK
LEKRQQGRTLDSHIEEQFSGGRLLACISSRPGQCGRADGYILEGKELEFYMRKLQKKKGKGATA
;
I
21 'polyribonucleotide'
;UACCUGGUUGAUCCUGCCAGUAGUCAU(A2M)UGCUUG(PSU)CU(OMC)AAAGAUUAAGCCAUGCAUGUGCAAGUAUGA
ACCAAUUUGAACUGUGAAACUGCGAAUGGCUCAU(PSU)AAAUCAG(PSU)UAUAGUUUG(PSU)U(OMU)GAUGGUACG
UGCUACUCGGAUAACCGUAGUAAUUCUAG(A2M)GCUAA(OMU)ACGUGCAACAAACCCCGACUUCUGGGAGGGGCGCAU
UUA(PSU)UAGAUAAAAGGCUGACGCGGGCUCUGCUCGCUGAUCC(OMG)AUGAUUCA(PSU)GA(PSU)AACUCGACGG
AUCGCACGGCCUUCGUGCCGGCGACGCAUCA(PSU)UCAAA(PSU)U(PSU)CUGCCCUAUCAACUUUCGAUGGUAGGAU
AGGGGCCUACCAUGGUGGUGACGGG(PSU)GACGGAGAAUUAGGGUUCGAUUCCGGAGA(OMG)GGAGCCUGAGAAACGG
CUACCACAU(OMC)CAAGG(A2M)AGGCAGCAG(OMG)CGCGC(A2M)AAUUACCCAAUCCUGACACGGGGAGGU(A2M)
GUGACAAUAAAUAACAAUACCGGGCGCAUUAGUGUCUGGUAAUUGGAAUGAGUACAAUCUAAAUCCCUUAACGAGG
(A2M)UCCAUUGGAGGGCAAGUCUGGUGCCAGCAGCCGCGGUAAUUCCAGCUCCAAUA(OMG)CGUA(UY1)A(PSU)
(PSU)UAAGUUG(OMU)UGCAGUU(A2M)AAAAGCUCGUAG(PSU)UGGACCUUGGGCCGGGUCGGCCGGUCCGCCUCAC
GGCGAGCACCGACCUACUCGACCCUUCGGCCGGCAUCGCGCUCCUAGCCUUAAUUGGCCGGGUCGUGUUUCCGGCAUCGU
UACUUUGAAGAAA(PSU)(PSU)AGAGUGCUCAAAGCAAGCCAUCGCUCUGGAUACAUU(A2M)GCA(PSU)GGGA
(PSU)AACAUCAUAGGAUUCCGGUCCUAUUGUGUUGGCCUUCGGGAUCGGAGUAAUGAUUAAUAGGGACAGUCGGGGGCA
UUCGUAUUUCAUAGUCAGAGGUGAAAUUCUUGGAUUUAUGAAAGACGAACAACUGCGAAAGCAUUUGCCAAGGAUGUUUU
CAUUAAUCAAGA(A2M)CGAAAGUUGGGGGCUCGAAGACGA(PSU)CAGAUACCG(OMU)CCUAGUCUCAACCAUAAACG
AUGCCGACCAGGGAUCGGCGGAUGUUGCUUAUAGGACUCCGCCGGCACC(PSU)UAUGAGAAAUCAAAG(PSU)CUUUGG
G(PSU)UCCGGGGGGAGUA(PSU)GGUCGCAA(OMG)GCUGAAACUUAAAGGAAUUGACGGAAGGCACCACCAGGCGUGG
AGCC(PSU)GCGGCUUAAUU(PSU)GACUCAACACGGGGAAACUUACCAGG(PSU)(OMC)CAGACAUAGCAAGGA
(OMU)UGACAGACUGAGAGCUCUUUCUUGAUUC(OMU)A(OMU)GGGUGG(OMU)G(OMG)UGCAUGGC(4AC)GUUCUU
AGU(PSU)GGUG(OMG)AGCGA(PSU)UUG(PSU)CUGG(PSU)UAAUUCCGUUAACGA(A2M)CGAGA(OMC)CUCAGC
CUGCUAACUAGCUAUGCGGAGCCAUCC(OMC)(PSU)CCGCAGCUAGCU(OMU)CUUAGAGGGACUAUCGCCGUU(PSU)
AGGCGACGGAAGUUUGAGGCAAUAACA(OMG)GUCUG(PSU)GAUGCCC(OMU)UAGAUGUUCUGGGCCGCACGCGCGCU
ACAC(PSU)GAUGUAUUCAACGAGUAUAUAGCCUUGGCCGACAGGCCCGGGUAAUCUUGGGAAA(PSU)U(PSU)CAUCG
UGAUGGGGAUAGAUCAUUGCAAUUGU(PSU)GGUCUUCAACG(A2M)G(7MG)AAUGCCUAGUAAGCGCGAGUCA(PSU)
CAGC(PSU)CGCGU(PSU)GACUACGUCCCUGCCCUU(PSU)GUACACACCG(OMC)CCGUCGCUCCUACCGAUUGAAUG
GUCCGGUGAAGUGUUCGGAUCGCGGCGACGGGGGCGGUUCGCCGCCCCCGACGUCGCGAGAAGUCCAUUGAACCUUAUCA
UUUAGAGGA(A2M)GGAGAAGUCGUA(6MZ)CAAGGUUUC(4AC)GUAGGUG(MA6)(MA6)CCUGCGGAAGGAUCAUUG
;
A
#
loop_
_chem_comp.id
_chem_comp.type
_chem_comp.name
_chem_comp.formula
4AC RNA linking N(4)-ACETYLCYTIDINE-5'-MONOPHOSPHATE 'C11 H16 N3 O9 P'
6MZ RNA linking N6-METHYLADENOSINE-5'-MONOPHOSPHATE 'C11 H16 N5 O7 P'
7MG RNA linking 7N-METHYL-8-HYDROGUANOSINE-5'-MONOPHOSPHATE 'C11 H18 N5 O8 P'
A RNA linking ADENOSINE-5'-MONOPHOSPHATE 'C10 H14 N5 O7 P'
A2M RNA linking '2'-O-methyladenosine 5'-(dihydrogen phosphate)' 'C11 H16 N5 O7 P'
C RNA linking CYTIDINE-5'-MONOPHOSPHATE 'C9 H14 N3 O8 P'
G RNA linking GUANOSINE-5'-MONOPHOSPHATE 'C10 H14 N5 O8 P'
IAS L-beta-peptide, C-gamma linking 'BETA-L-ASPARTIC ACID' 'C4 H7 N O4'
K non-polymer 'POTASSIUM ION' 'K 1'
MA6 RNA linking 6N-DIMETHYLADENOSINE-5'-MONOPHOSHATE 'C12 H18 N5 O7 P'
MG non-polymer 'MAGNESIUM ION' 'Mg 2'
OMC RNA linking O2'-METHYLYCYTIDINE-5'-MONOPHOSPHATE 'C10 H16 N3 O8 P'
OMG RNA linking O2'-METHYLGUANOSINE-5'-MONOPHOSPHATE 'C11 H16 N5 O8 P'
OMU RNA linking 'O2'-METHYLURIDINE 5'-MONOPHOSPHATE' 'C10 H15 N2 O9 P'
PSU RNA linking PSEUDOURIDINE-5'-MONOPHOSPHATE 'C9 H13 N2 O9 P'
U RNA linking URIDINE-5'-MONOPHOSPHATE 'C9 H13 N2 O9 P'
UY1 RNA linking 2'-O-methylpseudouridine-5'-monophosphate 'C10 H15 N2 O9 P'
ZN non-polymer 'ZINC ION' 'Zn 2'
#
# COMPACT_ATOMS: atom_id res chain seq x y z
N THR A 8 17.21 15.76 76.99
CA THR A 8 18.54 15.59 76.37
C THR A 8 18.95 16.88 75.65
N ALA A 9 19.95 16.82 74.77
CA ALA A 9 20.45 18.04 74.08
C ALA A 9 19.62 18.36 72.85
N VAL A 10 18.70 19.33 72.96
CA VAL A 10 17.95 19.77 71.76
C VAL A 10 18.81 20.83 71.07
N THR A 11 19.20 20.60 69.81
CA THR A 11 19.99 21.58 69.04
C THR A 11 19.13 22.23 67.98
N LEU A 12 19.12 23.57 67.93
CA LEU A 12 18.31 24.32 66.97
C LEU A 12 19.18 24.76 65.80
N ARG A 13 18.62 24.66 64.61
CA ARG A 13 19.32 24.96 63.37
C ARG A 13 18.36 25.69 62.44
N THR A 14 18.68 26.94 62.11
CA THR A 14 17.86 27.75 61.23
C THR A 14 18.48 27.75 59.83
N ARG A 15 17.67 27.39 58.84
CA ARG A 15 18.10 27.35 57.45
C ARG A 15 17.10 28.13 56.62
N LYS A 16 17.48 28.43 55.38
CA LYS A 16 16.66 29.20 54.46
C LYS A 16 16.26 30.53 55.12
N PHE A 17 17.21 31.13 55.82
CA PHE A 17 16.94 32.33 56.59
C PHE A 17 16.95 33.55 55.68
N MET A 18 16.01 34.46 55.92
CA MET A 18 16.00 35.73 55.23
C MET A 18 15.35 36.78 56.13
N THR A 19 15.79 38.02 55.96
CA THR A 19 15.24 39.16 56.69
C THR A 19 14.23 39.84 55.77
N ASN A 20 12.94 39.61 56.04
CA ASN A 20 11.87 40.12 55.19
C ASN A 20 11.46 41.48 55.72
N ARG A 21 12.07 42.53 55.16
CA ARG A 21 11.81 43.89 55.64
C ARG A 21 10.43 44.39 55.21
N LEU A 22 9.89 43.87 54.11
CA LEU A 22 8.56 44.27 53.68
C LEU A 22 7.51 43.92 54.73
N LEU A 23 7.63 42.74 55.34
CA LEU A 23 6.77 42.33 56.43
C LEU A 23 7.39 42.55 57.79
N ALA A 24 8.63 43.06 57.85
CA ALA A 24 9.33 43.37 59.09
C ALA A 24 9.40 42.14 59.99
N ARG A 25 10.06 41.11 59.49
CA ARG A 25 10.24 39.88 60.25
C ARG A 25 11.46 39.14 59.72
N LYS A 26 11.84 38.10 60.45
CA LYS A 26 12.81 37.13 60.00
C LYS A 26 12.09 35.80 59.77
N GLN A 27 12.32 35.19 58.62
CA GLN A 27 11.74 33.90 58.28
C GLN A 27 12.85 32.91 57.99
N PHE A 28 12.65 31.67 58.42
CA PHE A 28 13.67 30.65 58.30
C PHE A 28 13.02 29.28 58.40
N VAL A 29 13.75 28.27 57.98
CA VAL A 29 13.38 26.88 58.21
C VAL A 29 14.05 26.42 59.50
N LEU A 30 13.27 25.89 60.43
CA LEU A 30 13.76 25.49 61.74
C LEU A 30 13.93 23.98 61.77
N GLU A 31 15.16 23.53 61.96
CA GLU A 31 15.49 22.11 62.10
C GLU A 31 15.82 21.83 63.55
N VAL A 32 15.02 20.97 64.18
CA VAL A 32 15.17 20.64 65.59
C VAL A 32 15.72 19.23 65.70
N ILE A 33 16.83 19.07 66.41
CA ILE A 33 17.43 17.77 66.64
C ILE A 33 17.24 17.41 68.11
N HIS A 34 16.43 16.37 68.34
CA HIS A 34 16.01 15.98 69.68
C HIS A 34 16.19 14.47 69.86
N PRO A 35 17.43 14.01 69.99
CA PRO A 35 17.65 12.58 70.30
C PRO A 35 17.18 12.28 71.72
N GLY A 36 16.38 11.22 71.85
CA GLY A 36 15.83 10.85 73.13
C GLY A 36 14.51 11.50 73.48
N ARG A 37 14.02 12.41 72.65
CA ARG A 37 12.75 13.10 72.87
C ARG A 37 11.77 12.74 71.76
N ALA A 38 10.49 12.72 72.10
CA ALA A 38 9.46 12.57 71.07
C ALA A 38 9.52 13.71 70.07
N ASN A 39 9.28 14.92 70.55
CA ASN A 39 9.44 16.14 69.76
C ASN A 39 9.42 17.32 70.74
N VAL A 40 10.13 18.37 70.37
CA VAL A 40 10.14 19.58 71.19
C VAL A 40 8.89 20.39 70.90
N SER A 41 8.18 20.77 71.95
CA SER A 41 6.94 21.53 71.78
C SER A 41 7.24 22.93 71.23
N LYS A 42 6.20 23.55 70.68
CA LYS A 42 6.37 24.87 70.07
C LYS A 42 6.77 25.92 71.09
N ALA A 43 6.26 25.81 72.32
CA ALA A 43 6.62 26.77 73.36
C ALA A 43 8.11 26.68 73.70
N GLU A 44 8.63 25.47 73.86
CA GLU A 44 10.04 25.31 74.17
C GLU A 44 10.92 25.86 73.05
N LEU A 45 10.51 25.63 71.80
CA LEU A 45 11.23 26.21 70.67
C LEU A 45 11.14 27.73 70.69
N LYS A 46 10.01 28.29 71.11
CA LYS A 46 9.89 29.74 71.20
C LYS A 46 10.88 30.30 72.22
N GLU A 47 10.96 29.69 73.39
CA GLU A 47 11.93 30.16 74.38
C GLU A 47 13.37 29.99 73.90
N ARG A 48 13.68 28.86 73.28
CA ARG A 48 15.05 28.66 72.78
C ARG A 48 15.40 29.65 71.68
N LEU A 49 14.44 29.95 70.80
CA LEU A 49 14.68 30.93 69.74
C LEU A 49 14.81 32.34 70.30
N ALA A 50 14.04 32.66 71.35
CA ALA A 50 14.17 33.95 72.00
C ALA A 50 15.56 34.09 72.62
N LYS A 51 16.07 33.03 73.23
CA LYS A 51 17.44 33.06 73.72
C LYS A 51 18.45 33.19 72.58
N VAL A 52 18.22 32.47 71.48
CA VAL A 52 19.21 32.42 70.41
C VAL A 52 19.29 33.74 69.67
N TYR A 53 18.15 34.34 69.33
CA TYR A 53 18.10 35.55 68.53
C TYR A 53 17.92 36.81 69.36
N GLU A 54 18.04 36.71 70.69
CA GLU A 54 17.90 37.86 71.59
C GLU A 54 16.61 38.62 71.31
N VAL A 55 15.50 37.89 71.31
CA VAL A 55 14.18 38.49 71.07
C VAL A 55 13.67 39.05 72.39
N LYS A 56 13.46 40.38 72.42
CA LYS A 56 12.99 41.03 73.64
C LYS A 56 11.61 40.52 74.04
N ASP A 57 10.64 40.68 73.13
CA ASP A 57 9.28 40.12 73.38
C ASP A 57 9.12 38.78 72.68
N PRO A 58 9.12 37.64 73.40
CA PRO A 58 9.03 36.32 72.78
C PRO A 58 7.65 36.05 72.17
N ASN A 59 6.71 36.99 72.26
CA ASN A 59 5.40 36.81 71.61
C ASN A 59 5.51 37.22 70.14
N CYS A 60 6.71 37.61 69.70
CA CYS A 60 6.95 37.98 68.29
C CYS A 60 7.45 36.76 67.53
N ILE A 61 7.58 35.64 68.22
CA ILE A 61 8.11 34.43 67.58
C ILE A 61 6.94 33.50 67.27
N PHE A 62 6.89 33.02 66.03
CA PHE A 62 5.88 32.07 65.60
C PHE A 62 6.57 30.91 64.89
N VAL A 63 6.28 29.69 65.33
CA VAL A 63 6.80 28.47 64.72
C VAL A 63 5.63 27.56 64.43
N PHE A 64 5.66 26.91 63.26
CA PHE A 64 4.51 26.15 62.80
C PHE A 64 4.95 25.15 61.74
N LYS A 65 4.01 24.31 61.34
CA LYS A 65 4.22 23.29 60.30
C LYS A 65 5.39 22.37 60.65
N PHE A 66 5.35 21.79 61.84
CA PHE A 66 6.41 20.92 62.30
C PHE A 66 6.13 19.47 61.91
N ARG A 67 7.21 18.76 61.60
CA ARG A 67 7.09 17.41 61.07
C ARG A 67 8.29 16.60 61.56
N THR A 68 8.04 15.61 62.41
CA THR A 68 9.09 14.71 62.83
C THR A 68 9.34 13.68 61.74
N HIS A 69 10.62 13.43 61.43
CA HIS A 69 10.95 12.51 60.36
C HIS A 69 10.67 11.07 60.78
N PHE A 70 10.67 10.19 59.77
CA PHE A 70 10.56 8.77 60.04
C PHE A 70 11.79 8.29 60.81
N GLY A 71 11.55 7.49 61.84
CA GLY A 71 12.62 7.04 62.71
C GLY A 71 12.98 7.99 63.82
N GLY A 72 12.35 9.15 63.89
CA GLY A 72 12.51 10.05 65.01
C GLY A 72 13.87 10.75 65.06
N GLY A 73 14.08 11.43 66.17
CA GLY A 73 15.35 12.05 66.48
C GLY A 73 15.51 13.47 65.98
N LYS A 74 14.67 13.90 65.04
CA LYS A 74 14.81 15.24 64.47
C LYS A 74 13.49 15.67 63.86
N SER A 75 13.27 16.98 63.84
CA SER A 75 12.04 17.57 63.34
C SER A 75 12.36 18.82 62.54
N SER A 76 11.47 19.16 61.62
CA SER A 76 11.62 20.36 60.81
C SER A 76 10.32 21.15 60.80
N GLY A 77 10.46 22.47 60.79
CA GLY A 77 9.32 23.35 60.74
C GLY A 77 9.75 24.71 60.26
N PHE A 78 8.82 25.66 60.31
CA PHE A 78 9.07 27.02 59.85
C PHE A 78 8.89 27.98 61.01
N GLY A 79 9.71 29.01 61.04
CA GLY A 79 9.66 29.99 62.11
C GLY A 79 9.73 31.41 61.61
N LEU A 80 8.90 32.27 62.19
CA LEU A 80 8.92 33.70 61.94
C LEU A 80 9.20 34.43 63.25
N ILE A 81 10.05 35.46 63.17
CA ILE A 81 10.31 36.35 64.29
C ILE A 81 10.04 37.76 63.83
N TYR A 82 9.04 38.41 64.43
CA TYR A 82 8.67 39.77 64.05
C TYR A 82 9.48 40.76 64.88
N ASP A 83 9.86 41.87 64.24
CA ASP A 83 10.68 42.87 64.93
C ASP A 83 9.96 43.51 66.10
N ASN A 84 8.63 43.52 66.10
CA ASN A 84 7.86 44.08 67.18
C ASN A 84 6.45 43.52 67.15
N LEU A 85 5.75 43.67 68.28
CA LEU A 85 4.48 42.98 68.48
C LEU A 85 3.38 43.54 67.59
N GLU A 86 3.46 44.82 67.26
CA GLU A 86 2.47 45.46 66.39
C GLU A 86 2.60 44.93 64.96
N SER A 87 3.83 44.71 64.49
CA SER A 87 4.02 44.10 63.15
C SER A 87 3.32 42.75 63.12
N ALA A 88 3.50 41.94 64.15
CA ALA A 88 2.91 40.59 64.18
C ALA A 88 1.39 40.67 64.21
N LYS A 89 0.84 41.60 64.97
CA LYS A 89 -0.62 41.67 65.12
C LYS A 89 -1.24 42.18 63.82
N LYS A 90 -0.42 42.77 62.95
CA LYS A 90 -0.92 43.32 61.67
C LYS A 90 -0.69 42.32 60.55
N PHE A 91 0.47 41.66 60.52
CA PHE A 91 0.75 40.75 59.40
C PHE A 91 0.45 39.30 59.72
N GLU A 92 0.23 38.94 60.98
CA GLU A 92 0.14 37.50 61.20
C GLU A 92 -1.30 37.03 61.03
N PRO A 93 -1.52 35.84 60.49
CA PRO A 93 -2.89 35.33 60.40
C PRO A 93 -3.48 35.08 61.78
N LYS A 94 -4.80 35.24 61.87
CA LYS A 94 -5.48 35.27 63.17
C LYS A 94 -5.28 33.97 63.94
N TYR A 95 -5.34 32.83 63.25
CA TYR A 95 -5.27 31.53 63.94
C TYR A 95 -3.93 31.35 64.62
N ARG A 96 -2.85 31.83 64.03
CA ARG A 96 -1.54 31.72 64.68
C ARG A 96 -1.45 32.61 65.91
N LEU A 97 -2.05 33.81 65.85
CA LEU A 97 -2.11 34.66 67.04
C LEU A 97 -2.92 33.98 68.14
N ILE A 98 -4.02 33.33 67.78
CA ILE A 98 -4.80 32.58 68.75
C ILE A 98 -3.96 31.46 69.35
N ARG A 99 -3.14 30.82 68.52
CA ARG A 99 -2.22 29.79 69.02
C ARG A 99 -1.25 30.37 70.04
N ASN A 100 -0.73 31.56 69.77
CA ASN A 100 0.22 32.21 70.66
C ASN A 100 -0.43 33.00 71.78
N GLY A 101 -1.77 33.01 71.85
CA GLY A 101 -2.46 33.73 72.90
C GLY A 101 -2.61 35.21 72.68
N LEU A 102 -2.25 35.72 71.51
CA LEU A 102 -2.39 37.14 71.19
C LEU A 102 -3.78 37.51 70.68
N ALA A 103 -4.68 36.53 70.57
CA ALA A 103 -6.03 36.77 70.09
C ALA A 103 -6.95 35.71 70.67
N THR A 104 -8.25 35.95 70.56
CA THR A 104 -9.26 35.05 71.09
C THR A 104 -10.07 34.46 69.94
N LYS A 105 -10.37 33.17 70.04
CA LYS A 105 -11.16 32.48 69.02
C LYS A 105 -12.64 32.79 69.24
N VAL A 106 -13.25 33.49 68.28
CA VAL A 106 -14.67 33.77 68.33
C VAL A 106 -15.41 32.53 67.83
N GLU A 107 -16.20 31.92 68.70
CA GLU A 107 -16.89 30.68 68.36
C GLU A 107 -18.14 31.00 67.55
N LYS A 108 -18.12 30.64 66.27
CA LYS A 108 -19.25 30.87 65.38
C LYS A 108 -19.50 29.62 64.56
N SER A 109 -20.74 29.44 64.14
CA SER A 109 -21.12 28.41 63.18
C SER A 109 -21.36 29.09 61.84
N ARG A 110 -20.63 28.67 60.81
CA ARG A 110 -20.81 29.26 59.49
C ARG A 110 -22.23 29.02 58.99
N LYS A 111 -22.77 27.82 59.23
CA LYS A 111 -24.11 27.49 58.76
C LYS A 111 -25.16 28.38 59.42
N GLN A 112 -25.02 28.63 60.72
CA GLN A 112 -25.95 29.50 61.42
C GLN A 112 -25.90 30.92 60.88
N ILE A 113 -24.69 31.41 60.60
CA ILE A 113 -24.54 32.71 59.96
C ILE A 113 -25.26 32.74 58.62
N LYS A 114 -25.13 31.67 57.84
CA LYS A 114 -25.77 31.61 56.53
C LYS A 114 -27.29 31.68 56.65
N GLU A 115 -27.85 30.87 57.56
CA GLU A 115 -29.31 30.86 57.74
C GLU A 115 -29.80 32.22 58.22
N ARG A 116 -29.10 32.82 59.18
CA ARG A 116 -29.51 34.13 59.67
C ARG A 116 -29.41 35.17 58.56
N LYS A 117 -28.37 35.08 57.73
CA LYS A 117 -28.21 36.03 56.63
C LYS A 117 -29.38 35.93 55.65
N ASN A 118 -29.79 34.70 55.31
CA ASN A 118 -30.93 34.55 54.40
C ASN A 118 -32.21 35.11 55.03
N ARG A 119 -32.47 34.76 56.29
CA ARG A 119 -33.67 35.25 56.96
C ARG A 119 -33.69 36.77 57.01
N THR A 120 -32.55 37.39 57.30
CA THR A 120 -32.49 38.85 57.38
C THR A 120 -32.57 39.49 56.00
N LYS A 121 -32.04 38.82 54.98
CA LYS A 121 -32.19 39.33 53.62
C LYS A 121 -33.66 39.36 53.21
N LYS A 122 -34.47 38.49 53.79
CA LYS A 122 -35.91 38.58 53.53
C LYS A 122 -36.55 39.84 54.11
N ILE A 123 -35.89 40.53 55.03
CA ILE A 123 -36.48 41.67 55.73
C ILE A 123 -35.80 42.96 55.28
N ARG A 124 -36.53 44.07 55.40
CA ARG A 124 -36.06 45.40 55.01
C ARG A 124 -36.10 46.35 56.19
N GLY A 125 -35.04 47.14 56.34
CA GLY A 125 -35.03 48.22 57.31
C GLY A 125 -34.20 47.92 58.54
N VAL A 126 -34.52 48.64 59.62
CA VAL A 126 -33.85 48.42 60.90
C VAL A 126 -34.41 47.22 61.64
N LYS A 127 -35.57 46.71 61.24
CA LYS A 127 -36.13 45.49 61.82
C LYS A 127 -35.35 44.25 61.43
N LYS A 128 -34.34 44.38 60.57
CA LYS A 128 -33.51 43.24 60.21
C LYS A 128 -32.77 42.69 61.42
N THR A 129 -32.31 43.58 62.31
CA THR A 129 -31.56 43.14 63.48
C THR A 129 -32.43 42.34 64.44
N LYS A 130 -33.73 42.62 64.49
CA LYS A 130 -34.65 41.90 65.35
C LYS A 130 -35.22 40.64 64.69
N ALA A 131 -34.56 40.12 63.67
CA ALA A 131 -35.03 38.93 62.98
C ALA A 131 -33.92 37.90 62.82
N GLY B 2 -4.81 -11.49 -7.40
CA GLY B 2 -4.05 -10.77 -6.39
C GLY B 2 -4.82 -9.63 -5.76
N LYS B 3 -4.17 -8.89 -4.87
CA LYS B 3 -4.80 -7.76 -4.21
C LYS B 3 -4.16 -6.45 -4.70
N THR B 4 -4.93 -5.38 -4.62
CA THR B 4 -4.48 -4.10 -5.15
C THR B 4 -3.29 -3.58 -4.37
N ARG B 5 -2.31 -3.02 -5.09
CA ARG B 5 -1.06 -2.61 -4.48
C ARG B 5 -0.69 -1.16 -4.79
N GLY B 6 -1.48 -0.45 -5.61
CA GLY B 6 -1.05 0.85 -6.09
C GLY B 6 -0.99 1.89 -4.99
N MET B 7 -0.01 2.79 -5.11
CA MET B 7 0.13 3.90 -4.17
C MET B 7 -1.12 4.77 -4.14
N GLY B 8 -1.82 4.88 -5.25
CA GLY B 8 -3.05 5.65 -5.32
C GLY B 8 -4.31 4.85 -5.05
N ALA B 9 -4.20 3.64 -4.52
CA ALA B 9 -5.34 2.77 -4.29
C ALA B 9 -5.69 2.66 -2.81
N GLY B 10 -5.48 3.73 -2.04
CA GLY B 10 -5.83 3.70 -0.63
C GLY B 10 -7.32 3.54 -0.40
N ARG B 11 -8.13 4.26 -1.18
CA ARG B 11 -9.59 4.15 -1.05
C ARG B 11 -10.08 2.75 -1.36
N LYS B 12 -9.53 2.13 -2.41
CA LYS B 12 -9.93 0.77 -2.75
C LYS B 12 -9.67 -0.18 -1.59
N LEU B 13 -8.47 -0.10 -1.01
CA LEU B 13 -8.10 -1.01 0.08
C LEU B 13 -8.98 -0.77 1.31
N LYS B 14 -9.18 0.50 1.67
CA LYS B 14 -9.99 0.81 2.85
C LYS B 14 -11.43 0.36 2.67
N THR B 15 -12.02 0.62 1.50
CA THR B 15 -13.40 0.22 1.24
C THR B 15 -13.53 -1.30 1.23
N HIS B 16 -12.55 -1.99 0.66
CA HIS B 16 -12.61 -3.44 0.65
C HIS B 16 -12.54 -4.02 2.06
N ARG B 17 -11.64 -3.49 2.89
CA ARG B 17 -11.58 -3.95 4.27
C ARG B 17 -12.87 -3.66 5.01
N ARG B 18 -13.45 -2.48 4.79
CA ARG B 18 -14.71 -2.14 5.42
C ARG B 18 -15.81 -3.13 5.03
N ASN B 19 -15.87 -3.49 3.75
CA ASN B 19 -16.91 -4.43 3.31
C ASN B 19 -16.65 -5.84 3.80
N GLN B 20 -15.39 -6.23 3.92
CA GLN B 20 -15.08 -7.61 4.30
C GLN B 20 -15.13 -7.84 5.80
N ARG B 21 -14.99 -6.79 6.62
CA ARG B 21 -15.10 -6.96 8.06
C ARG B 21 -16.46 -7.49 8.49
N TRP B 22 -17.49 -7.29 7.66
CA TRP B 22 -18.81 -7.80 8.01
C TRP B 22 -18.91 -9.32 7.89
N ALA B 23 -17.94 -9.96 7.25
CA ALA B 23 -17.93 -11.41 7.18
C ALA B 23 -17.50 -12.05 8.51
N ASP B 24 -16.68 -11.35 9.29
CA ASP B 24 -16.26 -11.85 10.59
C ASP B 24 -17.45 -11.88 11.54
N LYS B 25 -17.63 -13.00 12.25
CA LYS B 25 -18.79 -13.15 13.12
C LYS B 25 -18.72 -12.20 14.31
N ALA B 26 -17.53 -12.05 14.91
CA ALA B 26 -17.39 -11.19 16.08
C ALA B 26 -17.68 -9.74 15.73
N TYR B 27 -17.11 -9.26 14.62
CA TYR B 27 -17.33 -7.88 14.20
C TYR B 27 -18.82 -7.62 13.97
N LYS B 28 -19.48 -8.53 13.26
CA LYS B 28 -20.88 -8.32 12.94
C LYS B 28 -21.78 -8.44 14.18
N LYS B 29 -21.42 -9.31 15.12
CA LYS B 29 -22.15 -9.38 16.38
C LYS B 29 -22.01 -8.08 17.15
N SER B 30 -20.82 -7.48 17.15
CA SER B 30 -20.60 -6.24 17.88
C SER B 30 -21.34 -5.07 17.22
N HIS B 31 -21.27 -4.95 15.90
CA HIS B 31 -21.71 -3.75 15.20
C HIS B 31 -23.05 -3.91 14.49
N LEU B 32 -23.82 -4.94 14.79
CA LEU B 32 -25.16 -5.05 14.22
C LEU B 32 -26.23 -4.39 15.08
N GLY B 33 -26.00 -4.28 16.39
CA GLY B 33 -27.00 -3.74 17.28
C GLY B 33 -28.02 -4.72 17.78
N ASN B 34 -27.88 -6.01 17.46
CA ASN B 34 -28.82 -7.01 17.94
C ASN B 34 -28.61 -7.39 19.40
N GLU B 35 -27.47 -7.02 19.98
CA GLU B 35 -27.23 -7.34 21.38
C GLU B 35 -28.07 -6.48 22.32
N TRP B 36 -28.66 -5.39 21.83
CA TRP B 36 -29.60 -4.62 22.62
C TRP B 36 -30.98 -5.25 22.67
N LYS B 37 -31.26 -6.21 21.80
CA LYS B 37 -32.52 -6.97 21.85
C LYS B 37 -32.40 -8.22 22.70
N LYS B 38 -31.23 -8.49 23.27
CA LYS B 38 -31.06 -9.62 24.16
C LYS B 38 -31.77 -9.39 25.48
N PRO B 39 -32.04 -10.45 26.25
CA PRO B 39 -32.70 -10.26 27.55
C PRO B 39 -31.97 -9.31 28.48
N PHE B 40 -30.64 -9.37 28.51
CA PHE B 40 -29.88 -8.50 29.42
C PHE B 40 -29.68 -7.10 28.85
N ALA B 41 -29.84 -6.92 27.54
CA ALA B 41 -29.67 -5.62 26.89
C ALA B 41 -28.31 -5.01 27.19
N GLY B 42 -27.27 -5.84 27.08
CA GLY B 42 -25.90 -5.35 27.19
C GLY B 42 -25.37 -5.21 28.60
N SER B 43 -26.07 -5.69 29.61
CA SER B 43 -25.61 -5.61 31.00
C SER B 43 -25.11 -6.96 31.47
N SER B 44 -24.11 -6.93 32.35
CA SER B 44 -23.51 -8.17 32.86
C SER B 44 -24.51 -8.98 33.67
N HIS B 45 -25.34 -8.31 34.47
CA HIS B 45 -26.26 -8.96 35.38
C HIS B 45 -27.64 -8.35 35.24
N ALA B 46 -28.65 -9.10 35.66
CA ALA B 46 -30.02 -8.60 35.72
C ALA B 46 -30.74 -9.28 36.86
N LYS B 47 -31.70 -8.54 37.43
CA LYS B 47 -32.56 -9.09 38.48
C LYS B 47 -33.88 -9.55 37.89
N GLY B 48 -34.53 -10.47 38.59
CA GLY B 48 -35.77 -11.01 38.08
C GLY B 48 -36.56 -11.72 39.15
N ILE B 49 -37.81 -12.03 38.80
CA ILE B 49 -38.74 -12.73 39.68
C ILE B 49 -38.71 -14.20 39.31
N VAL B 50 -38.57 -15.07 40.31
CA VAL B 50 -38.72 -16.50 40.07
C VAL B 50 -40.17 -16.79 39.77
N LEU B 51 -40.46 -17.23 38.55
CA LEU B 51 -41.82 -17.54 38.15
C LEU B 51 -42.21 -18.94 38.57
N GLU B 52 -41.35 -19.92 38.31
CA GLU B 52 -41.62 -21.31 38.64
C GLU B 52 -40.33 -22.11 38.52
N LYS B 53 -40.17 -23.08 39.41
CA LYS B 53 -39.00 -23.94 39.41
C LYS B 53 -39.22 -25.10 38.45
N ILE B 54 -38.28 -25.30 37.53
CA ILE B 54 -38.41 -26.30 36.48
C ILE B 54 -37.16 -27.16 36.42
N GLY B 55 -37.34 -28.37 35.89
CA GLY B 55 -36.24 -29.28 35.67
C GLY B 55 -36.16 -29.69 34.22
N ILE B 56 -35.04 -29.40 33.56
CA ILE B 56 -34.87 -29.65 32.14
C ILE B 56 -33.76 -30.69 31.97
N GLU B 57 -34.02 -31.67 31.09
CA GLU B 57 -33.13 -32.81 30.92
C GLU B 57 -31.85 -32.40 30.20
N ALA B 58 -30.76 -33.07 30.55
CA ALA B 58 -29.46 -32.83 29.92
C ALA B 58 -29.45 -33.41 28.50
N LYS B 59 -28.30 -33.28 27.84
CA LYS B 59 -28.17 -33.74 26.47
C LYS B 59 -28.16 -35.27 26.42
N GLN B 60 -27.99 -35.82 25.21
CA GLN B 60 -28.15 -37.26 25.03
C GLN B 60 -27.12 -38.08 25.79
N PRO B 61 -25.80 -37.82 25.68
CA PRO B 61 -24.85 -38.68 26.41
C PRO B 61 -25.06 -38.67 27.92
N ASN B 62 -25.39 -37.52 28.50
CA ASN B 62 -25.56 -37.42 29.93
C ASN B 62 -27.02 -37.66 30.32
N SER B 63 -27.22 -38.10 31.56
CA SER B 63 -28.55 -38.36 32.08
C SER B 63 -28.69 -37.66 33.43
N ALA B 64 -29.31 -36.48 33.41
CA ALA B 64 -29.51 -35.72 34.64
C ALA B 64 -30.64 -34.73 34.42
N ILE B 65 -31.23 -34.29 35.53
CA ILE B 65 -32.22 -33.22 35.54
C ILE B 65 -31.52 -31.99 36.10
N ARG B 66 -31.36 -30.96 35.26
CA ARG B 66 -30.51 -29.85 35.63
C ARG B 66 -31.14 -28.88 36.63
N LYS B 67 -32.48 -28.87 36.74
CA LYS B 67 -33.18 -28.13 37.78
C LYS B 67 -32.85 -26.63 37.75
N CYS B 68 -33.27 -26.01 36.66
CA CYS B 68 -33.07 -24.58 36.45
C CYS B 68 -34.23 -23.81 37.08
N ALA B 69 -34.29 -22.51 36.80
CA ALA B 69 -35.36 -21.65 37.27
C ALA B 69 -35.86 -20.77 36.13
N ARG B 70 -37.16 -20.48 36.14
CA ARG B 70 -37.78 -19.61 35.15
C ARG B 70 -37.93 -18.22 35.77
N VAL B 71 -37.24 -17.24 35.19
CA VAL B 71 -37.09 -15.92 35.79
C VAL B 71 -37.63 -14.88 34.82
N GLN B 72 -38.49 -13.99 35.33
CA GLN B 72 -38.96 -12.83 34.58
C GLN B 72 -38.16 -11.62 35.02
N LEU B 73 -37.42 -11.02 34.08
CA LEU B 73 -36.57 -9.89 34.40
C LEU B 73 -37.41 -8.66 34.75
N VAL B 74 -36.84 -7.78 35.56
CA VAL B 74 -37.56 -6.59 35.99
C VAL B 74 -37.33 -5.40 35.07
N LYS B 75 -36.14 -5.31 34.47
CA LYS B 75 -35.82 -4.15 33.64
C LYS B 75 -36.62 -4.13 32.34
N ASN B 76 -36.99 -5.30 31.81
CA ASN B 76 -37.72 -5.36 30.56
C ASN B 76 -38.86 -6.36 30.55
N GLY B 77 -39.08 -7.12 31.61
CA GLY B 77 -40.17 -8.09 31.63
C GLY B 77 -39.94 -9.32 30.78
N LYS B 78 -38.69 -9.66 30.48
CA LYS B 78 -38.38 -10.78 29.60
C LYS B 78 -38.15 -12.04 30.43
N LYS B 79 -38.80 -13.13 30.02
CA LYS B 79 -38.70 -14.39 30.74
C LYS B 79 -37.54 -15.22 30.21
N ILE B 80 -36.71 -15.72 31.12
CA ILE B 80 -35.53 -16.50 30.79
C ILE B 80 -35.49 -17.73 31.70
N ALA B 81 -34.63 -18.67 31.32
CA ALA B 81 -34.36 -19.86 32.14
C ALA B 81 -32.95 -19.75 32.68
N ALA B 82 -32.83 -19.79 34.01
CA ALA B 82 -31.55 -19.62 34.69
C ALA B 82 -31.21 -20.88 35.46
N PHE B 83 -29.99 -21.39 35.24
CA PHE B 83 -29.53 -22.59 35.91
C PHE B 83 -29.16 -22.31 37.36
N VAL B 84 -29.43 -23.28 38.23
CA VAL B 84 -29.10 -23.17 39.64
C VAL B 84 -27.99 -24.17 39.97
N PRO B 85 -26.74 -23.73 40.11
CA PRO B 85 -25.64 -24.65 40.42
C PRO B 85 -25.64 -25.14 41.85
N ASN B 86 -24.55 -25.82 42.26
CA ASN B 86 -24.31 -26.06 43.68
C ASN B 86 -25.36 -26.92 44.35
N ASP B 87 -25.26 -28.24 44.17
CA ASP B 87 -26.22 -29.26 44.57
C ASP B 87 -27.01 -28.86 45.81
N GLY B 88 -28.34 -28.93 45.70
CA GLY B 88 -29.24 -28.57 46.78
C GLY B 88 -29.71 -27.13 46.79
N CYS B 89 -29.20 -26.29 45.90
CA CYS B 89 -29.56 -24.87 45.92
C CYS B 89 -30.91 -24.56 45.32
N LEU B 90 -31.60 -25.55 44.71
CA LEU B 90 -32.96 -25.29 44.27
C LEU B 90 -33.89 -25.06 45.45
N ASN B 91 -33.56 -25.61 46.62
CA ASN B 91 -34.40 -25.42 47.80
C ASN B 91 -34.27 -24.02 48.37
N PHE B 92 -33.22 -23.28 48.01
CA PHE B 92 -33.13 -21.86 48.36
C PHE B 92 -33.94 -20.98 47.42
N ILE B 93 -34.48 -21.54 46.34
CA ILE B 93 -35.22 -20.80 45.33
C ILE B 93 -36.70 -21.05 45.55
N GLU B 94 -37.48 -19.97 45.62
CA GLU B 94 -38.92 -20.05 45.78
C GLU B 94 -39.57 -19.09 44.79
N GLU B 95 -40.84 -19.36 44.46
CA GLU B 95 -41.56 -18.51 43.53
C GLU B 95 -41.76 -17.12 44.13
N ASN B 96 -41.72 -16.12 43.25
CA ASN B 96 -41.88 -14.71 43.64
C ASN B 96 -40.75 -14.27 44.58
N ASP B 97 -39.52 -14.64 44.24
CA ASP B 97 -38.36 -14.33 45.06
C ASP B 97 -37.33 -13.63 44.18
N GLU B 98 -36.72 -12.57 44.73
CA GLU B 98 -35.72 -11.82 43.99
C GLU B 98 -34.49 -12.69 43.73
N VAL B 99 -34.01 -12.66 42.49
CA VAL B 99 -32.78 -13.35 42.12
C VAL B 99 -31.96 -12.44 41.23
N LEU B 100 -30.65 -12.45 41.43
CA LEU B 100 -29.71 -11.79 40.53
C LEU B 100 -29.18 -12.82 39.54
N ILE B 101 -29.52 -12.70 38.27
CA ILE B 101 -28.98 -13.61 37.21
C ILE B 101 -27.67 -13.09 36.66
N ALA B 102 -26.86 -13.97 36.12
CA ALA B 102 -25.63 -13.60 35.43
C ALA B 102 -25.59 -14.46 34.18
N GLY B 103 -24.57 -14.27 33.36
CA GLY B 103 -24.37 -15.08 32.15
C GLY B 103 -23.79 -16.40 32.53
N PHE B 104 -24.01 -17.39 31.70
CA PHE B 104 -23.52 -18.77 31.97
C PHE B 104 -22.06 -18.91 31.52
N GLY B 105 -21.38 -17.80 31.23
CA GLY B 105 -19.97 -17.80 30.83
C GLY B 105 -19.64 -17.95 29.34
N ARG B 106 -20.58 -18.28 28.47
CA ARG B 106 -20.19 -18.38 27.03
C ARG B 106 -20.85 -17.29 26.18
N LYS B 107 -21.24 -16.14 26.74
CA LYS B 107 -21.70 -14.95 26.00
C LYS B 107 -22.97 -15.24 25.21
N GLY B 108 -23.99 -15.75 25.89
CA GLY B 108 -25.24 -16.08 25.25
C GLY B 108 -25.29 -17.45 24.61
N HIS B 109 -24.14 -18.12 24.48
CA HIS B 109 -24.11 -19.48 23.99
C HIS B 109 -24.42 -20.45 25.12
N ALA B 110 -25.18 -21.50 24.81
CA ALA B 110 -25.48 -22.51 25.80
C ALA B 110 -24.20 -23.19 26.29
N VAL B 111 -24.23 -23.65 27.53
CA VAL B 111 -23.04 -24.16 28.21
C VAL B 111 -23.27 -25.61 28.59
N GLY B 112 -22.27 -26.46 28.35
CA GLY B 112 -22.27 -27.84 28.81
C GLY B 112 -23.38 -28.66 28.20
N ASP B 113 -23.92 -29.57 29.00
CA ASP B 113 -25.00 -30.46 28.58
C ASP B 113 -26.38 -29.87 28.77
N ILE B 114 -26.47 -28.61 29.22
CA ILE B 114 -27.75 -27.97 29.48
C ILE B 114 -28.22 -27.30 28.19
N PRO B 115 -29.29 -27.75 27.56
CA PRO B 115 -29.72 -27.15 26.30
C PRO B 115 -30.59 -25.91 26.47
N GLY B 116 -30.23 -24.84 25.77
CA GLY B 116 -31.04 -23.65 25.76
C GLY B 116 -30.96 -22.78 27.00
N VAL B 117 -29.87 -22.93 27.77
CA VAL B 117 -29.69 -22.14 29.02
C VAL B 117 -28.34 -21.41 28.99
N ARG B 118 -28.36 -20.09 29.09
CA ARG B 118 -27.11 -19.28 29.04
C ARG B 118 -27.10 -18.34 30.25
N PHE B 119 -27.88 -18.66 31.27
CA PHE B 119 -28.01 -17.78 32.45
C PHE B 119 -28.00 -18.62 33.73
N LYS B 120 -27.28 -18.17 34.74
CA LYS B 120 -27.22 -18.84 36.03
C LYS B 120 -27.71 -17.91 37.12
N VAL B 121 -28.31 -18.48 38.16
CA VAL B 121 -28.67 -17.72 39.36
C VAL B 121 -27.41 -17.55 40.20
N VAL B 122 -27.15 -16.32 40.63
CA VAL B 122 -25.98 -15.99 41.42
C VAL B 122 -26.35 -15.54 42.82
N LYS B 123 -27.42 -14.77 42.96
CA LYS B 123 -27.84 -14.21 44.24
C LYS B 123 -29.35 -14.36 44.35
N VAL B 124 -29.82 -14.80 45.52
CA VAL B 124 -31.25 -14.92 45.79
C VAL B 124 -31.57 -14.15 47.07
N SER B 125 -32.62 -13.32 47.01
CA SER B 125 -33.07 -12.51 48.14
C SER B 125 -31.94 -11.67 48.73
N GLY B 126 -31.00 -11.26 47.88
CA GLY B 126 -29.89 -10.46 48.31
C GLY B 126 -28.71 -11.23 48.89
N VAL B 127 -28.83 -12.55 48.99
CA VAL B 127 -27.76 -13.40 49.52
C VAL B 127 -27.19 -14.24 48.40
N SER B 128 -25.87 -14.30 48.31
CA SER B 128 -25.23 -15.08 47.27
C SER B 128 -25.51 -16.56 47.48
N LEU B 129 -25.65 -17.28 46.35
CA LEU B 129 -25.88 -18.72 46.42
C LEU B 129 -24.67 -19.44 46.99
N LEU B 130 -23.47 -18.90 46.80
CA LEU B 130 -22.27 -19.50 47.38
C LEU B 130 -22.32 -19.45 48.91
N ALA B 131 -22.78 -18.34 49.46
CA ALA B 131 -22.89 -18.23 50.92
C ALA B 131 -23.91 -19.22 51.47
N LEU B 132 -25.03 -19.40 50.77
CA LEU B 132 -26.03 -20.36 51.22
C LEU B 132 -25.53 -21.79 51.09
N PHE B 133 -24.77 -22.09 50.04
CA PHE B 133 -24.17 -23.41 49.89
C PHE B 133 -23.16 -23.68 51.01
N LYS B 134 -22.32 -22.70 51.33
CA LYS B 134 -21.30 -22.85 52.35
C LYS B 134 -21.81 -22.50 53.74
N GLU B 135 -23.09 -22.16 53.87
CA GLU B 135 -23.71 -21.81 55.15
C GLU B 135 -23.01 -20.63 55.81
N LYS B 136 -22.47 -19.72 55.00
CA LYS B 136 -21.89 -18.50 55.55
C LYS B 136 -22.95 -17.46 55.89
N LYS B 137 -24.11 -17.51 55.23
CA LYS B 137 -25.23 -16.63 55.52
C LYS B 137 -26.52 -17.41 55.38
N GLU B 138 -27.62 -16.77 55.79
CA GLU B 138 -28.93 -17.39 55.74
C GLU B 138 -29.87 -16.54 54.90
N LYS B 139 -30.84 -17.21 54.26
CA LYS B 139 -31.82 -16.50 53.46
C LYS B 139 -32.82 -15.78 54.36
N PRO B 140 -33.07 -14.50 54.15
CA PRO B 140 -34.05 -13.79 54.98
C PRO B 140 -35.45 -14.33 54.77
N ARG B 141 -36.24 -14.28 55.83
CA ARG B 141 -37.62 -14.77 55.78
C ARG B 141 -38.54 -13.75 55.11
N ALA C 2 -19.38 30.48 26.49
CA ALA C 2 -19.48 31.37 27.64
C ALA C 2 -20.25 32.63 27.28
N ARG C 3 -20.80 33.29 28.30
CA ARG C 3 -21.57 34.51 28.11
C ARG C 3 -20.78 35.76 28.47
N GLY C 4 -19.46 35.64 28.61
CA GLY C 4 -18.63 36.78 28.93
C GLY C 4 -17.21 36.33 29.21
N LEU C 5 -16.44 37.26 29.76
CA LEU C 5 -15.03 37.02 30.01
C LEU C 5 -14.82 35.97 31.09
N LYS C 6 -13.71 35.26 30.98
CA LYS C 6 -13.30 34.32 32.03
C LYS C 6 -12.58 35.06 33.13
N LYS C 7 -12.91 34.75 34.38
CA LYS C 7 -12.26 35.39 35.51
C LYS C 7 -11.23 34.50 36.18
N HIS C 8 -11.25 33.19 35.90
CA HIS C 8 -10.41 32.22 36.58
C HIS C 8 -9.43 31.60 35.61
N LEU C 9 -8.23 31.32 36.10
CA LEU C 9 -7.23 30.54 35.38
C LEU C 9 -7.02 29.23 36.13
N LYS C 10 -7.39 28.13 35.48
CA LYS C 10 -7.07 26.82 36.05
C LYS C 10 -5.57 26.61 36.07
N ARG C 11 -5.08 26.00 37.14
CA ARG C 11 -3.64 25.91 37.35
C ARG C 11 -2.96 25.11 36.25
N LEU C 12 -3.63 24.08 35.74
CA LEU C 12 -3.07 23.31 34.62
C LEU C 12 -2.97 24.15 33.37
N ASN C 13 -3.86 25.12 33.19
CA ASN C 13 -3.92 25.93 31.98
C ASN C 13 -3.04 27.18 32.10
N ALA C 14 -2.29 27.32 33.18
CA ALA C 14 -1.41 28.46 33.36
C ALA C 14 -0.19 28.34 32.46
N PRO C 15 0.44 29.46 32.12
CA PRO C 15 1.67 29.41 31.32
C PRO C 15 2.71 28.52 31.97
N SER C 16 3.39 27.72 31.14
CA SER C 16 4.35 26.75 31.65
C SER C 16 5.64 27.39 32.14
N HIS C 17 5.98 28.60 31.67
CA HIS C 17 7.18 29.25 32.17
C HIS C 17 7.02 29.77 33.58
N TRP C 18 5.79 29.85 34.10
CA TRP C 18 5.59 30.20 35.50
C TRP C 18 6.14 29.11 36.42
N MET C 19 6.29 27.88 35.93
CA MET C 19 6.76 26.75 36.71
C MET C 19 5.89 26.53 37.94
N LEU C 20 4.59 26.72 37.79
CA LEU C 20 3.65 26.39 38.85
C LEU C 20 3.54 24.88 39.00
N ASP C 21 3.44 24.42 40.24
CA ASP C 21 3.35 23.00 40.49
C ASP C 21 1.93 22.48 40.30
N LYS C 22 1.84 21.19 40.00
CA LYS C 22 0.57 20.61 39.57
C LYS C 22 -0.43 20.48 40.71
N LEU C 23 0.03 20.28 41.93
CA LEU C 23 -0.85 19.99 43.06
C LEU C 23 -0.97 21.16 44.04
N GLY C 24 -0.56 22.36 43.63
CA GLY C 24 -0.65 23.50 44.53
C GLY C 24 -2.04 24.09 44.69
N GLY C 25 -2.99 23.63 43.90
CA GLY C 25 -4.34 24.13 43.97
C GLY C 25 -5.04 23.96 42.64
N ALA C 26 -6.34 24.24 42.65
CA ALA C 26 -7.13 24.16 41.43
C ALA C 26 -6.91 25.35 40.50
N PHE C 27 -6.29 26.42 40.99
CA PHE C 27 -6.28 27.68 40.27
C PHE C 27 -4.89 28.27 40.23
N ALA C 28 -4.65 29.09 39.22
CA ALA C 28 -3.49 29.94 39.07
C ALA C 28 -3.94 31.38 39.03
N PRO C 29 -3.07 32.34 39.38
CA PRO C 29 -3.47 33.75 39.31
C PRO C 29 -3.72 34.15 37.86
N LYS C 30 -4.95 34.51 37.54
CA LYS C 30 -5.23 34.99 36.20
C LYS C 30 -4.70 36.41 36.08
N PRO C 31 -3.77 36.66 35.17
CA PRO C 31 -3.20 38.00 35.07
C PRO C 31 -4.26 39.02 34.71
N SER C 32 -4.19 40.18 35.37
CA SER C 32 -5.08 41.27 35.02
C SER C 32 -4.69 41.85 33.66
N SER C 33 -5.64 42.54 33.04
CA SER C 33 -5.32 43.28 31.84
C SER C 33 -4.30 44.36 32.15
N GLY C 34 -3.41 44.62 31.20
CA GLY C 34 -2.35 45.59 31.40
C GLY C 34 -1.35 45.62 30.26
N PRO C 35 -0.16 46.16 30.56
CA PRO C 35 0.81 46.42 29.48
C PRO C 35 1.23 45.20 28.69
N HIS C 36 1.26 44.03 29.30
CA HIS C 36 1.74 42.82 28.63
C HIS C 36 0.62 41.80 28.52
N LYS C 37 0.77 40.91 27.55
CA LYS C 37 -0.22 39.86 27.32
C LYS C 37 -0.21 38.87 28.49
N ALA C 38 -1.37 38.25 28.72
CA ALA C 38 -1.51 37.35 29.85
C ALA C 38 -0.61 36.13 29.71
N ARG C 39 -0.46 35.61 28.50
CA ARG C 39 0.33 34.41 28.28
C ARG C 39 1.83 34.67 28.25
N GLU C 40 2.26 35.93 28.28
CA GLU C 40 3.67 36.27 28.12
C GLU C 40 4.19 37.10 29.29
N CYS C 41 3.43 37.19 30.38
CA CYS C 41 3.80 38.03 31.51
C CYS C 41 4.17 37.18 32.72
N LEU C 42 4.70 37.87 33.73
CA LEU C 42 4.92 37.28 35.05
C LEU C 42 4.16 38.10 36.08
N PRO C 43 3.05 37.60 36.63
CA PRO C 43 2.25 38.40 37.55
C PRO C 43 3.02 38.78 38.81
N LEU C 44 2.60 39.87 39.43
CA LEU C 44 3.30 40.39 40.60
C LEU C 44 3.26 39.41 41.76
N ILE C 45 2.14 38.72 41.95
CA ILE C 45 2.02 37.75 43.04
C ILE C 45 3.07 36.65 42.88
N LEU C 46 3.28 36.17 41.65
CA LEU C 46 4.31 35.17 41.43
C LEU C 46 5.68 35.69 41.78
N ILE C 47 6.02 36.89 41.31
CA ILE C 47 7.32 37.49 41.63
C ILE C 47 7.52 37.58 43.13
N LEU C 48 6.49 38.02 43.85
CA LEU C 48 6.64 38.29 45.28
C LEU C 48 6.69 37.02 46.10
N ARG C 49 5.87 36.01 45.76
CA ARG C 49 5.77 34.82 46.59
C ARG C 49 6.61 33.66 46.07
N ASN C 50 6.44 33.28 44.79
CA ASN C 50 7.12 32.11 44.28
C ASN C 50 8.59 32.36 43.98
N ARG C 51 8.95 33.58 43.58
CA ARG C 51 10.29 33.89 43.12
C ARG C 51 11.15 34.53 44.21
N LEU C 52 10.72 35.69 44.74
CA LEU C 52 11.50 36.42 45.72
C LEU C 52 11.31 35.89 47.15
N LYS C 53 10.28 35.07 47.38
CA LYS C 53 10.00 34.44 48.67
C LYS C 53 9.70 35.45 49.77
N TYR C 54 9.47 36.71 49.42
CA TYR C 54 9.09 37.71 50.42
C TYR C 54 7.79 37.32 51.11
N ALA C 55 6.80 36.88 50.33
CA ALA C 55 5.52 36.44 50.86
C ALA C 55 5.41 34.94 50.75
N LEU C 56 4.65 34.34 51.66
CA LEU C 56 4.42 32.91 51.65
C LEU C 56 3.02 32.52 51.17
N THR C 57 2.07 33.46 51.16
CA THR C 57 0.70 33.16 50.79
C THR C 57 0.14 34.26 49.89
N TYR C 58 -1.01 33.97 49.30
CA TYR C 58 -1.80 34.96 48.57
C TYR C 58 -2.05 36.20 49.42
N ARG C 59 -2.53 35.97 50.65
CA ARG C 59 -2.84 37.06 51.57
C ARG C 59 -1.60 37.86 51.94
N GLU C 60 -0.45 37.19 52.06
CA GLU C 60 0.78 37.90 52.37
C GLU C 60 1.23 38.77 51.21
N VAL C 61 1.01 38.30 49.97
CA VAL C 61 1.26 39.14 48.79
C VAL C 61 0.38 40.38 48.83
N GLN C 62 -0.90 40.18 49.17
CA GLN C 62 -1.79 41.33 49.32
C GLN C 62 -1.27 42.31 50.37
N SER C 63 -0.80 41.79 51.51
CA SER C 63 -0.29 42.65 52.57
C SER C 63 0.92 43.43 52.11
N ILE C 64 1.83 42.79 51.39
CA ILE C 64 3.03 43.48 50.90
C ILE C 64 2.65 44.58 49.92
N LEU C 65 1.74 44.26 48.98
CA LEU C 65 1.43 45.21 47.91
C LEU C 65 0.60 46.37 48.43
N MET C 66 -0.30 46.13 49.38
CA MET C 66 -1.11 47.21 49.93
C MET C 66 -0.31 48.16 50.81
N GLN C 67 0.92 47.80 51.16
CA GLN C 67 1.84 48.71 51.83
C GLN C 67 2.52 49.67 50.86
N ARG C 68 2.24 49.52 49.56
CA ARG C 68 2.80 50.38 48.52
C ARG C 68 4.32 50.24 48.45
N HIS C 69 4.80 49.02 48.62
CA HIS C 69 6.23 48.73 48.65
C HIS C 69 6.80 48.41 47.28
N ILE C 70 5.96 48.12 46.29
CA ILE C 70 6.42 47.60 45.00
C ILE C 70 6.07 48.63 43.93
N MET C 71 7.07 49.04 43.17
CA MET C 71 6.88 49.89 41.99
C MET C 71 7.25 49.10 40.75
N VAL C 72 6.39 49.12 39.75
CA VAL C 72 6.66 48.51 38.45
C VAL C 72 6.93 49.64 37.47
N ASP C 73 8.15 49.69 36.96
CA ASP C 73 8.59 50.73 36.03
C ASP C 73 8.38 52.13 36.63
N GLY C 74 8.70 52.27 37.90
CA GLY C 74 8.64 53.55 38.57
C GLY C 74 7.32 53.93 39.18
N LYS C 75 6.29 53.08 39.07
CA LYS C 75 4.97 53.42 39.56
C LYS C 75 4.45 52.34 40.51
N VAL C 76 3.85 52.78 41.61
CA VAL C 76 3.35 51.85 42.62
C VAL C 76 2.17 51.07 42.07
N ARG C 77 2.24 49.75 42.16
CA ARG C 77 1.16 48.85 41.77
C ARG C 77 0.68 48.12 43.01
N THR C 78 -0.64 48.10 43.20
CA THR C 78 -1.24 47.33 44.33
C THR C 78 -2.00 46.12 43.78
N ASP C 79 -2.26 46.00 42.47
CA ASP C 79 -2.89 44.76 41.88
C ASP C 79 -1.89 43.58 41.88
N LYS C 80 -2.25 42.46 42.50
CA LYS C 80 -1.37 41.26 42.63
C LYS C 80 -1.18 40.56 41.30
N THR C 81 -2.19 40.66 40.44
CA THR C 81 -2.13 39.99 39.13
C THR C 81 -1.68 40.98 38.06
N TYR C 82 -1.06 42.08 38.45
CA TYR C 82 -0.55 43.03 37.46
C TYR C 82 0.41 42.33 36.52
N PRO C 83 0.18 42.39 35.21
CA PRO C 83 1.01 41.63 34.26
C PRO C 83 2.36 42.26 33.97
N ALA C 84 3.31 42.05 34.87
CA ALA C 84 4.68 42.48 34.64
C ALA C 84 5.30 41.64 33.53
N GLY C 85 6.04 42.29 32.65
CA GLY C 85 6.52 41.62 31.46
C GLY C 85 7.96 41.90 31.11
N PHE C 86 8.35 41.52 29.90
CA PHE C 86 9.74 41.62 29.48
C PHE C 86 10.24 43.05 29.54
N MET C 87 11.42 43.23 30.12
CA MET C 87 12.17 44.47 30.27
C MET C 87 11.59 45.38 31.34
N ASP C 88 10.53 44.98 32.03
CA ASP C 88 9.95 45.82 33.08
C ASP C 88 10.93 45.96 34.25
N ILE C 89 10.95 47.14 34.83
CA ILE C 89 11.74 47.40 36.04
C ILE C 89 10.85 47.16 37.25
N ILE C 90 11.29 46.26 38.13
CA ILE C 90 10.64 46.02 39.40
C ILE C 90 11.56 46.54 40.49
N SER C 91 11.12 47.57 41.19
CA SER C 91 11.91 48.21 42.23
C SER C 91 11.17 48.14 43.56
N ILE C 92 11.92 47.87 44.62
CA ILE C 92 11.38 47.90 45.98
C ILE C 92 12.15 48.97 46.74
N PRO C 93 11.68 50.21 46.77
CA PRO C 93 12.48 51.28 47.38
C PRO C 93 12.42 51.29 48.90
N LYS C 94 12.54 50.11 49.50
CA LYS C 94 12.75 49.94 50.92
C LYS C 94 13.98 49.10 51.20
N THR C 95 14.12 47.96 50.52
CA THR C 95 15.36 47.20 50.51
C THR C 95 16.36 47.74 49.50
N GLY C 96 15.98 48.70 48.69
CA GLY C 96 16.88 49.29 47.71
C GLY C 96 17.32 48.33 46.63
N GLU C 97 16.39 47.53 46.09
CA GLU C 97 16.71 46.55 45.07
C GLU C 97 15.87 46.79 43.82
N ASN C 98 16.48 46.63 42.66
CA ASN C 98 15.84 46.87 41.38
C ASN C 98 16.03 45.65 40.48
N TYR C 99 14.97 45.27 39.78
CA TYR C 99 14.96 44.07 38.97
C TYR C 99 14.46 44.37 37.57
N ARG C 100 15.19 43.86 36.57
CA ARG C 100 14.73 43.88 35.18
C ARG C 100 14.24 42.48 34.81
N LEU C 101 13.01 42.41 34.32
CA LEU C 101 12.42 41.13 33.91
C LEU C 101 12.96 40.75 32.53
N LEU C 102 13.93 39.85 32.51
CA LEU C 102 14.48 39.31 31.28
C LEU C 102 14.17 37.82 31.20
N TYR C 103 14.50 37.23 30.07
CA TYR C 103 14.32 35.80 29.85
C TYR C 103 15.65 35.09 30.01
N ASP C 104 15.63 33.96 30.71
CA ASP C 104 16.76 33.04 30.64
C ASP C 104 16.64 32.17 29.39
N THR C 105 17.71 31.46 29.07
CA THR C 105 17.76 30.69 27.84
C THR C 105 16.78 29.52 27.82
N LYS C 106 16.09 29.25 28.92
CA LYS C 106 15.10 28.18 28.98
C LYS C 106 13.68 28.71 28.84
N GLY C 107 13.51 29.98 28.48
CA GLY C 107 12.21 30.56 28.24
C GLY C 107 11.47 31.06 29.46
N ARG C 108 12.14 31.19 30.60
CA ARG C 108 11.51 31.56 31.84
C ARG C 108 11.99 32.92 32.31
N PHE C 109 11.05 33.76 32.75
CA PHE C 109 11.40 35.07 33.28
C PHE C 109 12.30 34.93 34.50
N ARG C 110 13.37 35.71 34.53
CA ARG C 110 14.30 35.74 35.65
C ARG C 110 14.47 37.18 36.12
N LEU C 111 14.33 37.39 37.42
CA LEU C 111 14.54 38.72 38.00
C LEU C 111 16.02 39.03 38.03
N HIS C 112 16.47 39.92 37.15
CA HIS C 112 17.87 40.27 37.02
C HIS C 112 18.14 41.55 37.78
N SER C 113 19.06 41.49 38.74
CA SER C 113 19.38 42.67 39.55
C SER C 113 20.09 43.71 38.69
N VAL C 114 19.65 44.96 38.81
CA VAL C 114 20.23 46.06 38.05
C VAL C 114 20.62 47.17 39.01
N ARG C 115 21.52 48.03 38.55
CA ARG C 115 21.97 49.16 39.34
C ARG C 115 20.86 50.21 39.44
N ASP C 116 21.04 51.16 40.36
CA ASP C 116 20.06 52.21 40.53
C ASP C 116 19.95 53.09 39.28
N GLU C 117 21.09 53.40 38.67
CA GLU C 117 21.07 54.20 37.44
C GLU C 117 20.47 53.41 36.29
N ASP C 118 20.78 52.11 36.20
CA ASP C 118 20.24 51.29 35.12
C ASP C 118 18.76 51.02 35.25
N ALA C 119 18.19 51.23 36.44
CA ALA C 119 16.76 51.08 36.65
C ALA C 119 15.98 52.33 36.28
N LYS C 120 16.68 53.30 35.69
CA LYS C 120 16.06 54.59 35.31
C LYS C 120 15.54 54.56 33.88
N PHE C 121 15.75 53.46 33.16
CA PHE C 121 15.27 53.32 31.78
C PHE C 121 14.78 51.91 31.50
N LYS C 122 13.84 51.76 30.57
CA LYS C 122 13.48 50.43 30.08
C LYS C 122 13.74 50.43 28.56
N LEU C 123 13.66 49.26 27.90
CA LEU C 123 13.74 49.13 26.44
C LEU C 123 12.34 48.75 25.97
N CYS C 124 11.75 49.50 25.05
CA CYS C 124 10.46 49.17 24.48
C CYS C 124 10.59 48.92 22.99
N LYS C 125 9.75 48.01 22.49
CA LYS C 125 9.73 47.68 21.08
C LYS C 125 8.57 48.39 20.41
N VAL C 126 8.87 49.15 19.36
CA VAL C 126 7.86 49.93 18.66
C VAL C 126 6.95 49.00 17.88
N ARG C 127 5.64 49.12 18.13
CA ARG C 127 4.66 48.28 17.42
C ARG C 127 4.19 48.92 16.13
N SER C 128 3.89 50.22 16.14
CA SER C 128 3.47 50.91 14.93
C SER C 128 3.69 52.40 15.10
N VAL C 129 3.86 53.09 13.97
CA VAL C 129 3.91 54.54 13.91
C VAL C 129 2.86 55.00 12.91
N GLN C 130 1.98 55.90 13.33
CA GLN C 130 0.92 56.40 12.47
C GLN C 130 0.39 57.71 13.05
N PHE C 131 -0.45 58.37 12.25
CA PHE C 131 -0.99 59.66 12.63
C PHE C 131 -2.22 59.49 13.52
N GLY C 132 -2.23 60.19 14.65
CA GLY C 132 -3.38 60.23 15.52
C GLY C 132 -4.29 61.39 15.17
N GLN C 133 -5.19 61.69 16.10
CA GLN C 133 -6.06 62.85 15.94
C GLN C 133 -5.21 64.12 15.81
N LYS C 134 -5.77 65.12 15.13
CA LYS C 134 -5.14 66.39 14.83
C LYS C 134 -3.96 66.24 13.87
N GLY C 135 -3.80 65.07 13.27
CA GLY C 135 -2.65 64.82 12.43
C GLY C 135 -1.35 64.68 13.19
N ILE C 136 -1.41 64.46 14.50
CA ILE C 136 -0.23 64.38 15.34
C ILE C 136 0.37 62.98 15.23
N PRO C 137 1.65 62.86 14.85
CA PRO C 137 2.28 61.54 14.82
C PRO C 137 2.39 60.96 16.23
N TYR C 138 2.23 59.64 16.33
CA TYR C 138 2.31 59.01 17.64
C TYR C 138 2.90 57.62 17.48
N LEU C 139 3.58 57.18 18.52
CA LEU C 139 4.20 55.87 18.59
C LEU C 139 3.48 55.02 19.62
N ASN C 140 3.35 53.73 19.33
CA ASN C 140 2.87 52.77 20.32
C ASN C 140 3.82 51.58 20.37
N THR C 141 3.91 50.96 21.55
CA THR C 141 4.82 49.87 21.80
C THR C 141 4.05 48.59 22.08
N TYR C 142 4.78 47.50 22.26
CA TYR C 142 4.18 46.23 22.64
C TYR C 142 3.88 46.13 24.12
N ASP C 143 4.40 47.05 24.94
CA ASP C 143 4.09 47.11 26.35
C ASP C 143 3.07 48.21 26.66
N GLY C 144 2.25 48.57 25.67
CA GLY C 144 1.05 49.35 25.90
C GLY C 144 1.21 50.85 26.00
N ARG C 145 2.39 51.39 25.73
CA ARG C 145 2.62 52.82 25.86
C ARG C 145 2.37 53.54 24.55
N THR C 146 1.79 54.73 24.64
CA THR C 146 1.64 55.62 23.50
C THR C 146 2.51 56.85 23.72
N ILE C 147 3.36 57.15 22.76
CA ILE C 147 4.26 58.29 22.82
C ILE C 147 3.98 59.18 21.62
N ARG C 148 3.61 60.42 21.90
CA ARG C 148 3.30 61.37 20.83
C ARG C 148 4.55 62.15 20.43
N TYR C 149 4.54 62.64 19.20
CA TYR C 149 5.67 63.32 18.59
C TYR C 149 6.98 62.52 18.70
N PRO C 150 7.01 61.28 18.21
CA PRO C 150 8.25 60.52 18.22
C PRO C 150 9.21 61.02 17.15
N ASP C 151 10.47 60.65 17.30
CA ASP C 151 11.47 60.97 16.31
C ASP C 151 11.04 60.40 14.96
N PRO C 152 11.04 61.19 13.89
CA PRO C 152 10.58 60.67 12.59
C PRO C 152 11.45 59.54 12.04
N LEU C 153 12.67 59.38 12.52
CA LEU C 153 13.51 58.27 12.09
C LEU C 153 13.10 56.94 12.73
N ILE C 154 12.18 56.96 13.69
CA ILE C 154 11.74 55.74 14.35
C ILE C 154 10.61 55.12 13.55
N LYS C 155 10.74 53.83 13.25
CA LYS C 155 9.74 53.09 12.50
C LYS C 155 9.24 51.91 13.34
N ALA C 156 8.31 51.15 12.77
CA ALA C 156 7.80 49.96 13.44
C ALA C 156 8.92 48.95 13.63
N ASN C 157 8.79 48.15 14.68
CA ASN C 157 9.74 47.11 15.08
C ASN C 157 11.03 47.68 15.64
N ASP C 158 11.08 48.99 15.88
CA ASP C 158 12.26 49.61 16.47
C ASP C 158 12.27 49.41 17.98
N THR C 159 13.45 49.59 18.57
CA THR C 159 13.62 49.56 20.02
C THR C 159 13.97 50.97 20.48
N ILE C 160 13.16 51.50 21.38
CA ILE C 160 13.38 52.83 21.95
C ILE C 160 13.78 52.68 23.40
N LYS C 161 14.66 53.58 23.84
CA LYS C 161 15.10 53.63 25.22
C LYS C 161 14.28 54.70 25.94
N LEU C 162 13.54 54.29 26.96
CA LEU C 162 12.59 55.16 27.64
C LEU C 162 13.09 55.45 29.06
N ASP C 163 13.25 56.73 29.36
CA ASP C 163 13.61 57.16 30.71
C ASP C 163 12.35 57.18 31.58
N LEU C 164 12.31 56.31 32.59
CA LEU C 164 11.12 56.18 33.41
C LEU C 164 10.84 57.45 34.20
N GLU C 165 11.88 58.17 34.62
CA GLU C 165 11.68 59.39 35.38
C GLU C 165 11.02 60.48 34.55
N THR C 166 11.50 60.70 33.32
CA THR C 166 11.03 61.78 32.49
C THR C 166 9.96 61.36 31.49
N ASN C 167 9.86 60.07 31.20
CA ASN C 167 8.86 59.53 30.27
C ASN C 167 9.04 60.10 28.86
N LYS C 168 10.27 59.97 28.34
CA LYS C 168 10.57 60.38 26.97
C LYS C 168 11.55 59.38 26.36
N ILE C 169 11.58 59.37 25.03
CA ILE C 169 12.55 58.55 24.30
C ILE C 169 13.89 59.27 24.35
N VAL C 170 14.85 58.70 25.07
CA VAL C 170 16.18 59.28 25.11
C VAL C 170 17.09 58.74 24.02
N ASP C 171 16.82 57.53 23.51
CA ASP C 171 17.58 56.96 22.42
C ASP C 171 16.75 55.84 21.80
N PHE C 172 17.14 55.44 20.60
CA PHE C 172 16.42 54.39 19.89
C PHE C 172 17.38 53.64 18.99
N ILE C 173 16.98 52.42 18.62
CA ILE C 173 17.77 51.54 17.76
C ILE C 173 16.90 51.15 16.57
N LYS C 174 17.45 51.30 15.37
CA LYS C 174 16.75 50.88 14.16
C LYS C 174 16.93 49.39 13.94
N PHE C 175 15.83 48.72 13.60
CA PHE C 175 15.86 47.26 13.43
C PHE C 175 16.61 46.91 12.15
N ASP C 176 17.92 46.64 12.27
CA ASP C 176 18.77 46.39 11.12
C ASP C 176 19.53 45.08 11.32
N VAL C 177 20.09 44.59 10.21
CA VAL C 177 20.95 43.42 10.27
C VAL C 177 22.25 43.79 10.97
N GLY C 178 22.67 42.96 11.92
CA GLY C 178 23.89 43.20 12.67
C GLY C 178 23.67 43.72 14.08
N ASN C 179 22.44 43.94 14.49
CA ASN C 179 22.14 44.40 15.84
C ASN C 179 21.86 43.22 16.75
N VAL C 180 22.45 43.25 17.95
CA VAL C 180 22.23 42.18 18.92
C VAL C 180 20.77 42.21 19.37
N VAL C 181 20.17 41.02 19.47
CA VAL C 181 18.75 40.90 19.77
C VAL C 181 18.57 39.82 20.82
N MET C 182 17.40 39.83 21.47
CA MET C 182 16.97 38.74 22.33
C MET C 182 15.64 38.23 21.82
N VAL C 183 15.50 36.91 21.75
CA VAL C 183 14.24 36.30 21.34
C VAL C 183 13.32 36.23 22.55
N THR C 184 12.10 36.73 22.38
CA THR C 184 11.14 36.82 23.47
C THR C 184 9.98 35.85 23.33
N GLY C 185 9.96 35.03 22.30
CA GLY C 185 8.85 34.10 22.10
C GLY C 185 9.31 32.88 21.34
N GLY C 186 8.61 31.78 21.56
CA GLY C 186 8.94 30.53 20.90
C GLY C 186 9.92 29.68 21.68
N ARG C 187 10.49 28.70 20.99
CA ARG C 187 11.43 27.79 21.61
C ARG C 187 12.81 28.41 21.83
N ASN C 188 13.13 29.50 21.16
CA ASN C 188 14.39 30.20 21.34
C ASN C 188 14.28 31.38 22.30
N THR C 189 13.23 31.41 23.12
CA THR C 189 13.04 32.48 24.07
C THR C 189 14.25 32.59 25.00
N GLY C 190 14.75 33.82 25.17
CA GLY C 190 15.91 34.05 26.00
C GLY C 190 17.24 33.92 25.31
N ARG C 191 17.26 33.61 24.02
CA ARG C 191 18.51 33.47 23.28
C ARG C 191 18.93 34.82 22.71
N VAL C 192 20.23 35.09 22.78
CA VAL C 192 20.78 36.39 22.40
C VAL C 192 21.79 36.17 21.27
N GLY C 193 21.62 36.93 20.20
CA GLY C 193 22.54 36.87 19.07
C GLY C 193 22.38 38.12 18.23
N VAL C 194 23.10 38.14 17.12
CA VAL C 194 23.06 39.25 16.16
C VAL C 194 22.30 38.81 14.93
N ILE C 195 21.54 39.74 14.35
CA ILE C 195 20.77 39.44 13.14
C ILE C 195 21.72 39.32 11.95
N LYS C 196 21.60 38.22 11.22
CA LYS C 196 22.42 37.98 10.04
C LYS C 196 21.71 38.33 8.75
N ASN C 197 20.42 38.02 8.63
CA ASN C 197 19.63 38.46 7.50
C ASN C 197 18.16 38.41 7.88
N ARG C 198 17.35 39.15 7.13
CA ARG C 198 15.90 39.18 7.31
C ARG C 198 15.25 38.68 6.04
N GLU C 199 14.60 37.52 6.11
CA GLU C 199 13.93 36.93 4.96
C GLU C 199 12.46 37.34 4.98
N LYS C 200 12.06 38.09 3.97
CA LYS C 200 10.70 38.63 3.89
C LYS C 200 9.89 37.82 2.89
N HIS C 201 8.63 37.57 3.23
CA HIS C 201 7.70 36.85 2.38
C HIS C 201 6.38 37.61 2.36
N LYS C 202 5.92 37.98 1.17
CA LYS C 202 4.75 38.84 1.05
C LYS C 202 3.51 38.15 1.57
N GLY C 203 2.77 38.84 2.45
CA GLY C 203 1.49 38.37 2.93
C GLY C 203 1.54 37.45 4.13
N THR C 204 2.72 37.05 4.59
CA THR C 204 2.84 36.14 5.72
C THR C 204 3.91 36.68 6.67
N PHE C 205 4.14 35.95 7.76
CA PHE C 205 5.09 36.37 8.77
C PHE C 205 6.51 36.40 8.22
N GLU C 206 7.32 37.27 8.79
CA GLU C 206 8.67 37.51 8.32
C GLU C 206 9.67 36.81 9.24
N THR C 207 10.67 36.16 8.64
CA THR C 207 11.61 35.31 9.36
C THR C 207 12.94 36.04 9.55
N ILE C 208 13.43 36.01 10.79
CA ILE C 208 14.70 36.63 11.14
C ILE C 208 15.70 35.53 11.46
N HIS C 209 16.89 35.62 10.89
CA HIS C 209 17.96 34.66 11.12
C HIS C 209 18.97 35.26 12.09
N VAL C 210 19.15 34.60 13.23
CA VAL C 210 19.97 35.12 14.32
C VAL C 210 21.09 34.13 14.59
N GLU C 211 22.30 34.65 14.79
CA GLU C 211 23.46 33.84 15.15
C GLU C 211 24.04 34.37 16.46
N ASP C 212 24.21 33.48 17.43
CA ASP C 212 24.70 33.89 18.74
C ASP C 212 26.23 34.01 18.71
N ALA C 213 26.79 34.34 19.88
CA ALA C 213 28.22 34.65 19.95
C ALA C 213 29.09 33.43 19.66
N GLN C 214 28.67 32.25 20.11
CA GLN C 214 29.46 31.04 19.90
C GLN C 214 29.30 30.46 18.51
N GLY C 215 28.39 30.99 17.69
CA GLY C 215 28.26 30.58 16.31
C GLY C 215 27.01 29.79 15.98
N HIS C 216 26.19 29.44 16.96
CA HIS C 216 24.96 28.70 16.67
C HIS C 216 23.95 29.61 15.99
N GLN C 217 23.26 29.07 14.99
CA GLN C 217 22.31 29.81 14.19
C GLN C 217 20.89 29.32 14.47
N PHE C 218 19.97 30.28 14.64
CA PHE C 218 18.57 29.96 14.87
C PHE C 218 17.71 30.98 14.14
N ALA C 219 16.47 30.60 13.87
CA ALA C 219 15.54 31.44 13.12
C ALA C 219 14.25 31.58 13.90
N THR C 220 13.64 32.76 13.80
CA THR C 220 12.40 33.04 14.52
C THR C 220 11.64 34.13 13.79
N ARG C 221 10.35 34.23 14.09
CA ARG C 221 9.52 35.23 13.45
C ARG C 221 9.85 36.62 13.95
N LEU C 222 9.44 37.62 13.17
CA LEU C 222 9.72 39.01 13.51
C LEU C 222 9.06 39.43 14.81
N GLY C 223 7.86 38.91 15.09
CA GLY C 223 7.16 39.29 16.30
C GLY C 223 7.79 38.77 17.58
N ASN C 224 8.82 37.93 17.47
CA ASN C 224 9.48 37.34 18.62
C ASN C 224 10.92 37.83 18.79
N VAL C 225 11.28 38.92 18.11
CA VAL C 225 12.63 39.45 18.12
C VAL C 225 12.59 40.83 18.77
N PHE C 226 13.53 41.08 19.69
CA PHE C 226 13.59 42.34 20.42
C PHE C 226 15.02 42.82 20.40
N THR C 227 15.26 43.96 19.76
CA THR C 227 16.61 44.52 19.69
C THR C 227 17.01 45.09 21.03
N ILE C 228 18.22 44.75 21.49
CA ILE C 228 18.71 45.15 22.80
C ILE C 228 20.00 45.94 22.74
N GLY C 229 20.55 46.16 21.55
CA GLY C 229 21.77 46.94 21.44
C GLY C 229 22.15 47.28 20.02
N LYS C 230 22.86 48.38 19.84
CA LYS C 230 23.32 48.81 18.52
C LYS C 230 24.65 48.14 18.25
N GLY C 231 24.64 47.14 17.37
CA GLY C 231 25.83 46.37 17.10
C GLY C 231 25.88 45.09 17.89
N THR C 232 27.06 44.74 18.41
CA THR C 232 27.25 43.53 19.19
C THR C 232 27.26 43.77 20.69
N LYS C 233 26.89 44.97 21.13
CA LYS C 233 26.93 45.33 22.55
C LYS C 233 25.53 45.67 23.01
N PRO C 234 24.86 44.80 23.77
CA PRO C 234 23.52 45.11 24.24
C PRO C 234 23.51 46.29 25.21
N TRP C 235 22.41 47.05 25.16
CA TRP C 235 22.27 48.23 26.00
C TRP C 235 21.97 47.91 27.46
N VAL C 236 21.49 46.70 27.75
CA VAL C 236 21.20 46.29 29.12
C VAL C 236 22.15 45.16 29.49
N SER C 237 22.22 44.89 30.79
CA SER C 237 22.98 43.75 31.27
C SER C 237 22.16 42.48 31.11
N LEU C 238 22.85 41.39 30.85
CA LEU C 238 22.21 40.12 30.57
C LEU C 238 22.36 39.17 31.76
N PRO C 239 21.45 38.20 31.93
CA PRO C 239 21.62 37.20 32.99
C PRO C 239 22.88 36.35 32.78
N LYS C 240 23.17 35.46 33.74
CA LYS C 240 24.46 34.76 33.75
C LYS C 240 24.71 33.98 32.47
N GLY C 241 23.66 33.43 31.86
CA GLY C 241 23.85 32.66 30.64
C GLY C 241 24.33 33.48 29.46
N LYS C 242 24.17 34.80 29.52
CA LYS C 242 24.53 35.71 28.42
C LYS C 242 23.78 35.38 27.13
N GLY C 243 22.59 34.79 27.28
CA GLY C 243 21.79 34.44 26.12
C GLY C 243 22.30 33.27 25.31
N ILE C 244 23.36 32.61 25.77
CA ILE C 244 23.96 31.50 25.04
C ILE C 244 23.30 30.22 25.52
N LYS C 245 22.39 29.67 24.70
CA LYS C 245 21.74 28.42 25.06
C LYS C 245 22.74 27.27 25.03
N LEU C 246 22.58 26.34 25.96
CA LEU C 246 23.47 25.20 26.07
C LEU C 246 22.67 23.93 25.82
N THR C 247 23.28 22.98 25.10
CA THR C 247 22.66 21.68 24.93
C THR C 247 22.70 20.91 26.25
N ILE C 248 21.82 19.92 26.37
CA ILE C 248 21.71 19.18 27.63
C ILE C 248 23.01 18.44 27.94
N ILE C 249 23.78 18.09 26.91
CA ILE C 249 25.08 17.45 27.14
C ILE C 249 26.03 18.42 27.83
N GLU C 250 26.09 19.67 27.36
CA GLU C 250 26.95 20.66 28.01
C GLU C 250 26.43 21.04 29.40
N GLU C 251 25.11 21.04 29.60
CA GLU C 251 24.58 21.25 30.94
C GLU C 251 25.00 20.12 31.88
N GLN C 252 24.98 18.88 31.39
CA GLN C 252 25.46 17.76 32.19
C GLN C 252 26.95 17.89 32.46
N ARG C 253 27.71 18.38 31.48
CA ARG C 253 29.13 18.63 31.70
C ARG C 253 29.35 19.64 32.83
N LYS C 254 28.56 20.73 32.82
CA LYS C 254 28.68 21.72 33.88
C LYS C 254 28.30 21.12 35.23
N ARG C 255 27.21 20.34 35.28
CA ARG C 255 26.81 19.73 36.54
C ARG C 255 27.87 18.77 37.06
N ASP C 256 28.46 17.97 36.17
CA ASP C 256 29.51 17.04 36.57
C ASP C 256 30.73 17.80 37.08
N ALA C 257 31.11 18.89 36.41
CA ALA C 257 32.26 19.68 36.86
C ALA C 257 31.98 20.30 38.22
N ALA C 258 30.77 20.82 38.43
CA ALA C 258 30.42 21.43 39.71
C ALA C 258 30.42 20.40 40.82
N ALA C 259 29.86 19.22 40.57
CA ALA C 259 29.87 18.17 41.58
C ALA C 259 31.28 17.69 41.89
N GLN C 260 32.13 17.61 40.87
CA GLN C 260 33.51 17.19 41.07
C GLN C 260 34.28 18.20 41.92
N ALA C 261 34.00 19.49 41.76
CA ALA C 261 34.66 20.52 42.55
C ALA C 261 34.10 20.58 43.96
N ARG D 22 -35.76 -75.88 -65.68
CA ARG D 22 -34.80 -76.00 -66.77
C ARG D 22 -33.51 -76.65 -66.30
N GLU D 23 -32.54 -76.78 -67.20
CA GLU D 23 -31.26 -77.41 -66.91
C GLU D 23 -30.15 -76.36 -67.08
N GLY D 24 -29.67 -75.83 -65.95
CA GLY D 24 -28.56 -74.91 -65.96
C GLY D 24 -27.48 -75.37 -65.00
N GLU D 25 -26.35 -74.65 -65.03
CA GLU D 25 -25.26 -74.97 -64.11
C GLU D 25 -25.71 -74.83 -62.66
N HIS D 26 -26.33 -73.70 -62.34
CA HIS D 26 -26.89 -73.48 -61.01
C HIS D 26 -28.02 -72.46 -61.13
N VAL D 27 -29.22 -72.85 -60.69
CA VAL D 27 -30.37 -71.94 -60.67
C VAL D 27 -30.27 -71.18 -59.36
N PHE D 28 -29.64 -70.01 -59.41
CA PHE D 28 -29.38 -69.25 -58.21
C PHE D 28 -30.65 -68.63 -57.64
N GLY D 29 -30.66 -68.47 -56.32
CA GLY D 29 -31.69 -67.71 -55.64
C GLY D 29 -31.05 -66.74 -54.67
N VAL D 30 -31.88 -65.88 -54.10
CA VAL D 30 -31.44 -64.87 -53.14
C VAL D 30 -32.13 -65.14 -51.81
N ALA D 31 -31.33 -65.37 -50.77
CA ALA D 31 -31.82 -65.66 -49.43
C ALA D 31 -31.63 -64.44 -48.56
N HIS D 32 -32.73 -63.84 -48.11
CA HIS D 32 -32.70 -62.68 -47.21
C HIS D 32 -32.74 -63.20 -45.78
N ILE D 33 -31.61 -63.14 -45.08
CA ILE D 33 -31.50 -63.64 -43.72
C ILE D 33 -31.58 -62.44 -42.79
N PHE D 34 -32.72 -62.28 -42.12
CA PHE D 34 -32.93 -61.21 -41.15
C PHE D 34 -32.66 -61.80 -39.77
N ALA D 35 -31.44 -61.61 -39.27
CA ALA D 35 -31.01 -62.17 -38.00
C ALA D 35 -31.07 -61.07 -36.93
N SER D 36 -32.24 -60.91 -36.33
CA SER D 36 -32.41 -59.98 -35.22
C SER D 36 -32.17 -60.70 -33.90
N PHE D 37 -32.11 -59.92 -32.82
CA PHE D 37 -31.94 -60.49 -31.49
C PHE D 37 -33.24 -61.01 -30.90
N ASN D 38 -34.36 -60.87 -31.61
CA ASN D 38 -35.65 -61.32 -31.14
C ASN D 38 -36.30 -62.35 -32.04
N ASP D 39 -35.76 -62.59 -33.23
CA ASP D 39 -36.31 -63.53 -34.20
C ASP D 39 -35.27 -63.77 -35.27
N THR D 40 -35.61 -64.65 -36.22
CA THR D 40 -34.77 -64.83 -37.40
C THR D 40 -35.68 -65.14 -38.58
N PHE D 41 -35.43 -64.47 -39.70
CA PHE D 41 -36.15 -64.69 -40.94
C PHE D 41 -35.18 -65.22 -41.99
N ILE D 42 -35.66 -66.16 -42.80
CA ILE D 42 -34.91 -66.68 -43.92
C ILE D 42 -35.84 -66.57 -45.12
N HIS D 43 -35.71 -65.49 -45.88
CA HIS D 43 -36.59 -65.19 -46.99
C HIS D 43 -35.85 -65.46 -48.29
N VAL D 44 -36.35 -66.41 -49.07
CA VAL D 44 -35.70 -66.82 -50.32
C VAL D 44 -36.53 -66.24 -51.47
N THR D 45 -35.86 -65.50 -52.35
CA THR D 45 -36.51 -64.87 -53.49
C THR D 45 -35.73 -65.16 -54.77
N ASP D 46 -36.13 -64.53 -55.86
CA ASP D 46 -35.40 -64.63 -57.11
C ASP D 46 -34.27 -63.59 -57.11
N LEU D 47 -33.66 -63.37 -58.27
CA LEU D 47 -32.58 -62.39 -58.36
C LEU D 47 -33.07 -60.96 -58.25
N SER D 48 -34.37 -60.71 -58.37
CA SER D 48 -34.91 -59.37 -58.22
C SER D 48 -35.55 -59.12 -56.86
N GLY D 49 -35.97 -60.17 -56.16
CA GLY D 49 -36.64 -60.03 -54.89
C GLY D 49 -38.11 -59.69 -54.98
N ARG D 50 -38.65 -59.54 -56.18
CA ARG D 50 -40.05 -59.18 -56.35
C ARG D 50 -40.99 -60.37 -56.20
N GLU D 51 -40.47 -61.59 -56.16
CA GLU D 51 -41.29 -62.79 -56.07
C GLU D 51 -40.84 -63.61 -54.87
N THR D 52 -41.73 -63.79 -53.90
CA THR D 52 -41.41 -64.54 -52.70
C THR D 52 -41.67 -66.01 -53.00
N LEU D 53 -40.68 -66.86 -52.68
CA LEU D 53 -40.79 -68.30 -52.92
C LEU D 53 -41.04 -69.04 -51.61
N VAL D 54 -40.16 -68.88 -50.64
CA VAL D 54 -40.34 -69.48 -49.32
C VAL D 54 -39.91 -68.46 -48.26
N ARG D 55 -40.68 -68.40 -47.18
CA ARG D 55 -40.39 -67.49 -46.07
C ARG D 55 -40.59 -68.25 -44.77
N ILE D 56 -39.51 -68.77 -44.23
CA ILE D 56 -39.51 -69.52 -42.98
C ILE D 56 -39.11 -68.55 -41.87
N THR D 57 -39.57 -68.82 -40.65
CA THR D 57 -39.24 -67.95 -39.53
C THR D 57 -38.90 -68.78 -38.31
N GLY D 58 -38.01 -68.23 -37.47
CA GLY D 58 -37.59 -68.95 -36.28
C GLY D 58 -38.72 -69.20 -35.31
N GLY D 59 -39.51 -68.16 -35.04
CA GLY D 59 -40.67 -68.33 -34.17
C GLY D 59 -41.84 -69.03 -34.81
N MET D 60 -41.78 -69.26 -36.12
CA MET D 60 -42.79 -70.02 -36.83
C MET D 60 -42.47 -71.52 -36.82
N LYS D 61 -41.40 -71.90 -36.14
CA LYS D 61 -41.05 -73.29 -35.85
C LYS D 61 -41.13 -73.61 -34.36
N VAL D 62 -40.52 -72.79 -33.51
CA VAL D 62 -40.48 -72.99 -32.07
C VAL D 62 -41.66 -72.26 -31.42
N LYS D 63 -42.16 -72.83 -30.33
CA LYS D 63 -43.32 -72.29 -29.63
C LYS D 63 -42.97 -71.32 -28.51
N ALA D 64 -41.70 -71.13 -28.21
CA ALA D 64 -41.26 -70.28 -27.12
C ALA D 64 -40.65 -68.99 -27.66
N ASP D 65 -41.08 -67.86 -27.11
CA ASP D 65 -40.56 -66.57 -27.57
C ASP D 65 -39.09 -66.41 -27.22
N ARG D 66 -38.62 -67.08 -26.17
CA ARG D 66 -37.21 -66.99 -25.80
C ARG D 66 -36.30 -67.65 -26.82
N ASP D 67 -36.86 -68.49 -27.71
CA ASP D 67 -36.05 -69.29 -28.62
C ASP D 67 -36.24 -68.92 -30.09
N GLU D 68 -37.03 -67.88 -30.40
CA GLU D 68 -37.16 -67.47 -31.79
C GLU D 68 -35.84 -66.96 -32.35
N SER D 69 -35.01 -66.37 -31.49
CA SER D 69 -33.68 -65.92 -31.88
C SER D 69 -32.60 -66.94 -31.59
N SER D 70 -32.97 -68.13 -31.10
CA SER D 70 -32.01 -69.16 -30.77
C SER D 70 -31.49 -69.86 -32.03
N PRO D 71 -30.27 -70.40 -31.97
CA PRO D 71 -29.73 -71.11 -33.14
C PRO D 71 -30.55 -72.32 -33.57
N TYR D 72 -31.24 -72.99 -32.63
CA TYR D 72 -32.03 -74.15 -32.98
C TYR D 72 -33.16 -73.78 -33.94
N ALA D 73 -33.86 -72.68 -33.66
CA ALA D 73 -34.91 -72.23 -34.55
C ALA D 73 -34.36 -71.88 -35.92
N ALA D 74 -33.19 -71.26 -35.96
CA ALA D 74 -32.57 -70.92 -37.25
C ALA D 74 -32.21 -72.18 -38.03
N MET D 75 -31.69 -73.20 -37.35
CA MET D 75 -31.35 -74.46 -38.03
C MET D 75 -32.60 -75.12 -38.61
N LEU D 76 -33.66 -75.21 -37.81
CA LEU D 76 -34.90 -75.80 -38.32
C LEU D 76 -35.45 -74.99 -39.48
N ALA D 77 -35.41 -73.66 -39.36
CA ALA D 77 -35.93 -72.79 -40.41
C ALA D 77 -35.15 -72.96 -41.71
N SER D 78 -33.82 -73.01 -41.62
CA SER D 78 -33.03 -73.16 -42.83
C SER D 78 -33.16 -74.55 -43.43
N GLN D 79 -33.38 -75.58 -42.60
CA GLN D 79 -33.66 -76.90 -43.14
C GLN D 79 -34.96 -76.90 -43.93
N ASP D 80 -36.00 -76.25 -43.41
CA ASP D 80 -37.25 -76.15 -44.15
C ASP D 80 -37.05 -75.37 -45.45
N VAL D 81 -36.27 -74.28 -45.40
CA VAL D 81 -36.00 -73.50 -46.59
C VAL D 81 -35.26 -74.35 -47.63
N ALA D 82 -34.28 -75.13 -47.19
CA ALA D 82 -33.54 -75.98 -48.12
C ALA D 82 -34.44 -77.03 -48.75
N THR D 83 -35.35 -77.62 -47.96
CA THR D 83 -36.30 -78.58 -48.51
C THR D 83 -37.16 -77.94 -49.59
N ARG D 84 -37.72 -76.76 -49.29
CA ARG D 84 -38.59 -76.11 -50.27
C ARG D 84 -37.80 -75.66 -51.50
N CYS D 85 -36.55 -75.23 -51.31
CA CYS D 85 -35.73 -74.80 -52.44
C CYS D 85 -35.38 -75.97 -53.35
N LYS D 86 -35.06 -77.13 -52.77
CA LYS D 86 -34.85 -78.31 -53.59
C LYS D 86 -36.13 -78.73 -54.30
N GLU D 87 -37.29 -78.54 -53.65
CA GLU D 87 -38.56 -78.79 -54.32
C GLU D 87 -38.74 -77.87 -55.52
N LEU D 88 -38.38 -76.60 -55.37
CA LEU D 88 -38.56 -75.62 -56.44
C LEU D 88 -37.46 -75.69 -57.50
N GLY D 89 -36.42 -76.49 -57.30
CA GLY D 89 -35.34 -76.60 -58.27
C GLY D 89 -34.16 -75.69 -58.00
N ILE D 90 -34.24 -74.82 -57.00
CA ILE D 90 -33.10 -73.96 -56.65
C ILE D 90 -31.99 -74.82 -56.06
N THR D 91 -30.81 -74.73 -56.63
CA THR D 91 -29.64 -75.47 -56.14
C THR D 91 -28.59 -74.59 -55.49
N ALA D 92 -28.53 -73.31 -55.85
CA ALA D 92 -27.59 -72.37 -55.25
C ALA D 92 -28.36 -71.15 -54.75
N LEU D 93 -27.81 -70.51 -53.73
CA LEU D 93 -28.46 -69.37 -53.10
C LEU D 93 -27.47 -68.23 -52.91
N HIS D 94 -28.00 -67.01 -53.01
CA HIS D 94 -27.27 -65.80 -52.62
C HIS D 94 -27.74 -65.37 -51.25
N ILE D 95 -26.80 -64.97 -50.40
CA ILE D 95 -27.08 -64.70 -48.99
C ILE D 95 -27.02 -63.20 -48.76
N LYS D 96 -28.11 -62.65 -48.24
CA LYS D 96 -28.19 -61.25 -47.83
C LYS D 96 -28.46 -61.24 -46.33
N LEU D 97 -27.40 -61.15 -45.54
CA LEU D 97 -27.51 -61.16 -44.09
C LEU D 97 -27.58 -59.74 -43.55
N ARG D 98 -28.58 -59.48 -42.71
CA ARG D 98 -28.79 -58.15 -42.14
C ARG D 98 -29.18 -58.28 -40.69
N ALA D 99 -28.84 -57.25 -39.91
CA ALA D 99 -29.35 -57.09 -38.56
C ALA D 99 -30.58 -56.19 -38.62
N THR D 100 -31.06 -55.74 -37.45
CA THR D 100 -32.22 -54.86 -37.42
C THR D 100 -31.92 -53.54 -38.14
N GLY D 101 -30.75 -52.97 -37.90
CA GLY D 101 -30.36 -51.77 -38.59
C GLY D 101 -31.11 -50.54 -38.11
N GLY D 102 -31.00 -49.47 -38.90
CA GLY D 102 -31.59 -48.21 -38.50
C GLY D 102 -30.89 -47.63 -37.29
N ASN D 103 -31.67 -46.98 -36.43
CA ASN D 103 -31.10 -46.52 -35.17
C ASN D 103 -30.79 -47.67 -34.22
N LYS D 104 -31.40 -48.84 -34.45
CA LYS D 104 -31.24 -49.98 -33.56
C LYS D 104 -29.90 -50.67 -33.84
N THR D 105 -29.73 -51.87 -33.29
CA THR D 105 -28.44 -52.55 -33.33
C THR D 105 -28.04 -52.94 -34.74
N LYS D 106 -26.74 -53.09 -34.96
CA LYS D 106 -26.22 -53.47 -36.30
C LYS D 106 -25.49 -54.81 -36.22
N THR D 107 -25.37 -55.41 -35.04
CA THR D 107 -24.78 -56.74 -34.93
C THR D 107 -25.84 -57.80 -35.23
N PRO D 108 -25.54 -58.76 -36.11
CA PRO D 108 -26.53 -59.81 -36.41
C PRO D 108 -26.82 -60.66 -35.19
N GLY D 109 -28.05 -61.19 -35.15
CA GLY D 109 -28.48 -61.97 -34.03
C GLY D 109 -27.78 -63.32 -33.96
N PRO D 110 -28.11 -64.09 -32.92
CA PRO D 110 -27.44 -65.39 -32.74
C PRO D 110 -27.77 -66.41 -33.81
N GLY D 111 -28.86 -66.24 -34.55
CA GLY D 111 -29.27 -67.22 -35.53
C GLY D 111 -28.63 -67.12 -36.89
N ALA D 112 -27.79 -66.10 -37.13
CA ALA D 112 -27.20 -65.93 -38.46
C ALA D 112 -26.29 -67.10 -38.82
N GLN D 113 -25.33 -67.42 -37.94
CA GLN D 113 -24.43 -68.52 -38.21
C GLN D 113 -25.17 -69.85 -38.26
N SER D 114 -26.18 -70.01 -37.41
CA SER D 114 -26.97 -71.25 -37.42
C SER D 114 -27.68 -71.43 -38.75
N ALA D 115 -28.16 -70.35 -39.33
CA ALA D 115 -28.91 -70.49 -40.60
C ALA D 115 -27.92 -70.77 -41.72
N LEU D 116 -26.81 -70.05 -41.75
CA LEU D 116 -25.86 -70.18 -42.88
C LEU D 116 -25.29 -71.60 -42.91
N ARG D 117 -24.83 -72.12 -41.77
CA ARG D 117 -24.19 -73.46 -41.83
C ARG D 117 -25.30 -74.48 -42.06
N ALA D 118 -26.50 -74.20 -41.57
CA ALA D 118 -27.59 -75.13 -41.89
C ALA D 118 -27.69 -75.23 -43.40
N LEU D 119 -27.83 -74.11 -44.09
CA LEU D 119 -28.01 -74.14 -45.57
C LEU D 119 -26.80 -74.84 -46.20
N ALA D 120 -25.60 -74.52 -45.73
CA ALA D 120 -24.38 -75.15 -46.27
C ALA D 120 -24.39 -76.65 -45.95
N ARG D 121 -24.77 -77.03 -44.72
CA ARG D 121 -24.82 -78.49 -44.51
C ARG D 121 -26.17 -79.07 -44.87
N SER D 122 -26.64 -78.78 -46.08
CA SER D 122 -27.85 -79.40 -46.59
C SER D 122 -27.75 -79.76 -48.07
N GLY D 123 -26.58 -79.58 -48.68
CA GLY D 123 -26.41 -79.81 -50.10
C GLY D 123 -26.61 -78.59 -50.97
N MET D 124 -27.19 -77.52 -50.40
CA MET D 124 -27.49 -76.28 -51.17
C MET D 124 -26.21 -75.45 -51.30
N LYS D 125 -25.98 -74.87 -52.48
CA LYS D 125 -24.71 -74.14 -52.74
C LYS D 125 -24.86 -72.65 -52.45
N ILE D 126 -23.75 -72.02 -52.09
CA ILE D 126 -23.80 -70.60 -51.70
C ILE D 126 -23.00 -69.79 -52.72
N GLY D 127 -23.68 -68.89 -53.43
CA GLY D 127 -22.98 -68.03 -54.39
C GLY D 127 -22.24 -66.93 -53.67
N ARG D 128 -22.96 -65.97 -53.12
CA ARG D 128 -22.27 -64.84 -52.51
C ARG D 128 -22.94 -64.48 -51.20
N ILE D 129 -22.15 -63.97 -50.26
CA ILE D 129 -22.63 -63.52 -48.96
C ILE D 129 -22.29 -62.04 -48.81
N GLU D 130 -23.31 -61.22 -48.58
CA GLU D 130 -23.13 -59.79 -48.40
C GLU D 130 -23.93 -59.33 -47.19
N ASP D 131 -23.39 -58.33 -46.49
CA ASP D 131 -24.08 -57.72 -45.35
C ASP D 131 -24.94 -56.58 -45.86
N VAL D 132 -26.28 -56.77 -45.71
CA VAL D 132 -27.18 -55.74 -46.23
C VAL D 132 -27.92 -55.07 -45.09
N THR D 133 -27.31 -55.02 -43.92
CA THR D 133 -27.94 -54.32 -42.80
C THR D 133 -28.15 -52.86 -43.18
N PRO D 134 -29.32 -52.28 -42.89
CA PRO D 134 -29.54 -50.87 -43.22
C PRO D 134 -28.74 -49.97 -42.30
N VAL D 135 -27.83 -49.21 -42.88
CA VAL D 135 -26.92 -48.34 -42.14
C VAL D 135 -27.31 -46.89 -42.44
N PRO D 136 -27.75 -46.12 -41.46
CA PRO D 136 -28.00 -44.69 -41.71
C PRO D 136 -26.70 -43.92 -41.84
N THR D 137 -26.72 -42.92 -42.72
CA THR D 137 -25.55 -42.06 -42.92
C THR D 137 -25.67 -40.78 -42.10
N IAS D 138 -25.88 -40.94 -40.79
CA IAS D 138 -25.99 -39.77 -39.91
C IAS D 138 -25.79 -40.17 -38.43
O IAS D 138 -25.51 -39.28 -37.60
CB IAS D 138 -27.35 -39.12 -40.06
CG IAS D 138 -28.43 -40.13 -39.72
OD1 IAS D 138 -28.85 -40.94 -40.56
OXT IAS D 138 -25.90 -41.40 -38.12
N SER D 139 -29.05 -40.03 -38.58
CA SER D 139 -30.08 -40.99 -38.21
C SER D 139 -31.14 -40.38 -37.31
N THR D 140 -32.32 -41.00 -37.29
CA THR D 140 -33.35 -40.61 -36.33
C THR D 140 -32.93 -41.06 -34.93
N ARG D 141 -33.49 -40.39 -33.92
CA ARG D 141 -33.10 -40.63 -32.55
C ARG D 141 -33.48 -42.04 -32.11
N ARG D 142 -32.54 -42.71 -31.44
CA ARG D 142 -32.78 -44.11 -30.97
C ARG D 142 -33.64 -44.07 -29.70
N LYS D 143 -34.36 -45.16 -29.43
CA LYS D 143 -35.20 -45.26 -28.21
C LYS D 143 -34.34 -45.67 -27.02
N GLY D 144 -34.77 -45.35 -25.79
CA GLY D 144 -34.02 -45.76 -24.58
C GLY D 144 -33.69 -44.59 -23.68
N GLY D 145 -33.76 -43.36 -24.21
CA GLY D 145 -33.45 -42.16 -23.40
C GLY D 145 -31.96 -41.87 -23.39
N ARG D 146 -31.59 -40.64 -23.04
CA ARG D 146 -30.15 -40.24 -23.00
C ARG D 146 -29.42 -41.11 -21.97
N ARG D 147 -30.08 -41.42 -20.84
CA ARG D 147 -29.46 -42.27 -19.79
C ARG D 147 -29.48 -43.73 -20.25
N GLY D 148 -30.26 -44.06 -21.28
CA GLY D 148 -30.24 -45.41 -21.79
C GLY D 148 -31.12 -46.35 -21.01
N ARG D 149 -31.08 -47.62 -21.42
CA ARG D 149 -31.81 -48.66 -20.70
C ARG D 149 -31.08 -48.98 -19.41
N ARG D 150 -31.73 -48.71 -18.28
CA ARG D 150 -31.10 -48.79 -16.97
C ARG D 150 -31.46 -50.12 -16.33
N LEU D 151 -30.47 -50.99 -16.21
CA LEU D 151 -30.66 -52.31 -15.63
C LEU D 151 -29.49 -52.66 -14.71
N VAL E 2 1.34 -6.10 -18.88
CA VAL E 2 2.51 -5.59 -19.57
C VAL E 2 3.68 -5.49 -18.62
N ARG E 3 4.84 -5.11 -19.14
CA ARG E 3 5.98 -4.76 -18.29
C ARG E 3 5.65 -3.51 -17.50
N VAL E 4 5.46 -3.65 -16.19
CA VAL E 4 5.15 -2.53 -15.33
C VAL E 4 6.41 -1.98 -14.66
N SER E 5 7.26 -2.85 -14.14
CA SER E 5 8.51 -2.48 -13.50
C SER E 5 9.64 -3.26 -14.15
N VAL E 6 10.50 -2.57 -14.91
CA VAL E 6 11.66 -3.22 -15.49
C VAL E 6 12.67 -3.59 -14.41
N LEU E 7 12.74 -2.80 -13.33
CA LEU E 7 13.63 -3.13 -12.22
C LEU E 7 13.23 -4.46 -11.58
N ASN E 8 11.92 -4.69 -11.43
CA ASN E 8 11.47 -5.95 -10.85
C ASN E 8 11.88 -7.12 -11.72
N ASP E 9 11.70 -7.01 -13.03
CA ASP E 9 12.09 -8.09 -13.92
C ASP E 9 13.59 -8.33 -13.86
N ALA E 10 14.38 -7.25 -13.86
CA ALA E 10 15.83 -7.39 -13.76
C ALA E 10 16.23 -8.12 -12.47
N LEU E 11 15.71 -7.66 -11.33
CA LEU E 11 16.12 -8.24 -10.06
C LEU E 11 15.61 -9.67 -9.91
N LYS E 12 14.40 -9.95 -10.39
CA LYS E 12 13.86 -11.31 -10.29
C LYS E 12 14.61 -12.27 -11.20
N SER E 13 14.98 -11.82 -12.40
CA SER E 13 15.79 -12.66 -13.28
C SER E 13 17.16 -12.91 -12.67
N MET E 14 17.77 -11.89 -12.07
CA MET E 14 19.06 -12.08 -11.43
C MET E 14 18.95 -13.05 -10.26
N TYR E 15 17.87 -12.93 -9.47
CA TYR E 15 17.67 -13.82 -8.34
C TYR E 15 17.49 -15.27 -8.79
N ASN E 16 16.68 -15.47 -9.83
CA ASN E 16 16.46 -16.81 -10.36
C ASN E 16 17.74 -17.40 -10.93
N ALA E 17 18.53 -16.59 -11.64
CA ALA E 17 19.79 -17.08 -12.19
C ALA E 17 20.78 -17.44 -11.08
N GLU E 18 20.85 -16.60 -10.04
CA GLU E 18 21.75 -16.89 -8.94
C GLU E 18 21.35 -18.16 -8.21
N LYS E 19 20.05 -18.36 -8.01
CA LYS E 19 19.57 -19.60 -7.40
C LYS E 19 19.88 -20.80 -8.28
N ARG E 20 19.77 -20.64 -9.60
CA ARG E 20 20.07 -21.72 -10.53
C ARG E 20 21.56 -22.02 -10.64
N GLY E 21 22.42 -21.18 -10.08
CA GLY E 21 23.85 -21.37 -10.21
C GLY E 21 24.45 -20.81 -11.49
N LYS E 22 23.68 -20.06 -12.26
CA LYS E 22 24.19 -19.45 -13.48
C LYS E 22 25.24 -18.40 -13.15
N ARG E 23 26.26 -18.30 -14.00
CA ARG E 23 27.30 -17.29 -13.82
C ARG E 23 27.07 -16.04 -14.65
N GLN E 24 26.08 -16.04 -15.53
CA GLN E 24 25.71 -14.87 -16.31
C GLN E 24 24.20 -14.80 -16.43
N VAL E 25 23.67 -13.58 -16.34
CA VAL E 25 22.25 -13.32 -16.50
C VAL E 25 22.09 -12.13 -17.43
N MET E 26 21.18 -12.25 -18.40
CA MET E 26 20.89 -11.17 -19.33
C MET E 26 19.66 -10.41 -18.86
N ILE E 27 19.74 -9.09 -18.86
CA ILE E 27 18.66 -8.22 -18.42
C ILE E 27 18.13 -7.44 -19.61
N ARG E 28 16.82 -7.51 -19.83
CA ARG E 28 16.14 -6.79 -20.88
C ARG E 28 14.73 -6.46 -20.40
N PRO E 29 14.31 -5.19 -20.47
CA PRO E 29 15.08 -4.04 -20.97
C PRO E 29 16.13 -3.54 -20.01
N SER E 30 17.03 -2.71 -20.50
CA SER E 30 17.93 -1.95 -19.64
C SER E 30 17.32 -0.59 -19.32
N SER E 31 17.79 0.01 -18.24
CA SER E 31 17.30 1.33 -17.81
C SER E 31 18.38 1.97 -16.92
N LYS E 32 18.35 3.28 -16.79
CA LYS E 32 19.33 3.99 -15.91
C LYS E 32 19.16 3.53 -14.46
N VAL E 33 17.95 3.29 -13.97
CA VAL E 33 17.70 2.83 -12.58
C VAL E 33 18.29 1.45 -12.33
N ILE E 34 18.27 0.58 -13.32
CA ILE E 34 18.82 -0.77 -13.20
C ILE E 34 20.33 -0.64 -13.23
N ILE E 35 20.88 0.20 -14.10
CA ILE E 35 22.35 0.34 -14.07
C ILE E 35 22.76 0.97 -12.73
N LYS E 36 21.91 1.81 -12.13
CA LYS E 36 22.30 2.52 -10.88
C LYS E 36 22.19 1.56 -9.71
N PHE E 37 21.21 0.68 -9.72
CA PHE E 37 21.03 -0.38 -8.75
C PHE E 37 22.17 -1.40 -8.85
N LEU E 38 22.55 -1.73 -10.09
CA LEU E 38 23.66 -2.64 -10.32
C LEU E 38 24.99 -2.05 -9.85
N ILE E 39 25.17 -0.73 -9.98
CA ILE E 39 26.40 -0.12 -9.48
C ILE E 39 26.47 -0.22 -7.96
N VAL E 40 25.36 0.02 -7.27
CA VAL E 40 25.35 -0.16 -5.82
C VAL E 40 25.69 -1.60 -5.46
N MET E 41 25.07 -2.54 -6.18
CA MET E 41 25.31 -3.96 -5.97
C MET E 41 26.77 -4.32 -6.16
N GLN E 42 27.38 -3.80 -7.22
CA GLN E 42 28.79 -4.05 -7.52
C GLN E 42 29.70 -3.40 -6.48
N LYS E 43 29.35 -2.20 -6.04
CA LYS E 43 30.14 -1.51 -5.03
C LYS E 43 30.19 -2.31 -3.74
N HIS E 44 29.07 -2.90 -3.35
CA HIS E 44 29.08 -3.73 -2.15
C HIS E 44 29.58 -5.15 -2.41
N GLY E 45 30.02 -5.45 -3.63
CA GLY E 45 30.64 -6.72 -3.92
C GLY E 45 29.71 -7.88 -4.16
N TYR E 46 28.42 -7.62 -4.38
CA TYR E 46 27.45 -8.68 -4.53
C TYR E 46 27.32 -9.20 -5.96
N ILE E 47 27.86 -8.46 -6.94
CA ILE E 47 27.93 -8.90 -8.32
C ILE E 47 29.30 -8.51 -8.86
N GLY E 48 29.63 -9.05 -10.03
CA GLY E 48 30.89 -8.74 -10.69
C GLY E 48 30.70 -7.76 -11.83
N GLU E 49 31.38 -8.04 -12.94
CA GLU E 49 31.23 -7.23 -14.15
C GLU E 49 29.79 -7.27 -14.63
N PHE E 50 29.32 -6.13 -15.15
CA PHE E 50 28.12 -6.13 -15.96
C PHE E 50 28.35 -5.26 -17.18
N GLU E 51 27.68 -5.61 -18.28
CA GLU E 51 27.94 -5.05 -19.60
C GLU E 51 26.64 -4.55 -20.19
N TYR E 52 26.58 -3.26 -20.51
CA TYR E 52 25.43 -2.73 -21.23
C TYR E 52 25.63 -2.95 -22.73
N VAL E 53 24.66 -3.60 -23.36
CA VAL E 53 24.69 -3.89 -24.79
C VAL E 53 23.74 -2.93 -25.49
N ASP E 54 24.29 -2.05 -26.33
CA ASP E 54 23.49 -1.08 -27.05
C ASP E 54 22.93 -1.73 -28.32
N ASP E 55 21.60 -1.73 -28.45
CA ASP E 55 20.93 -2.29 -29.62
C ASP E 55 20.05 -1.25 -30.31
N HIS E 56 20.34 0.03 -30.12
CA HIS E 56 19.53 1.14 -30.62
C HIS E 56 18.07 1.03 -30.17
N ARG E 57 17.85 0.35 -29.06
CA ARG E 57 16.54 0.22 -28.44
C ARG E 57 16.76 0.30 -26.94
N SER E 58 15.78 -0.14 -26.16
CA SER E 58 16.06 -0.46 -24.77
C SER E 58 17.16 -1.50 -24.72
N GLY E 59 18.19 -1.24 -23.94
CA GLY E 59 19.41 -2.01 -24.03
C GLY E 59 19.30 -3.39 -23.40
N LYS E 60 20.44 -4.05 -23.32
CA LYS E 60 20.59 -5.31 -22.63
C LYS E 60 21.78 -5.20 -21.67
N ILE E 61 21.67 -5.88 -20.53
CA ILE E 61 22.75 -5.94 -19.55
C ILE E 61 23.11 -7.41 -19.31
N VAL E 62 24.39 -7.73 -19.45
CA VAL E 62 24.92 -9.04 -19.13
C VAL E 62 25.75 -8.89 -17.87
N VAL E 63 25.32 -9.55 -16.80
CA VAL E 63 25.92 -9.39 -15.48
C VAL E 63 26.66 -10.68 -15.12
N GLU E 64 27.89 -10.53 -14.65
CA GLU E 64 28.62 -11.64 -14.07
C GLU E 64 28.15 -11.87 -12.64
N LEU E 65 27.91 -13.13 -12.30
CA LEU E 65 27.45 -13.50 -10.97
C LEU E 65 28.57 -14.23 -10.23
N ASN E 66 28.75 -13.90 -8.95
CA ASN E 66 29.84 -14.46 -8.16
C ASN E 66 29.36 -15.34 -7.02
N GLY E 67 28.08 -15.69 -6.98
CA GLY E 67 27.56 -16.58 -5.95
C GLY E 67 27.39 -15.96 -4.59
N ARG E 68 27.57 -14.65 -4.46
CA ARG E 68 27.44 -13.97 -3.17
C ARG E 68 26.04 -13.44 -2.91
N LEU E 69 25.10 -13.63 -3.84
CA LEU E 69 23.75 -13.16 -3.67
C LEU E 69 22.87 -14.21 -3.00
N ASN E 70 22.20 -13.80 -1.93
CA ASN E 70 21.14 -14.60 -1.33
C ASN E 70 19.78 -14.24 -1.90
N LYS E 71 19.52 -12.95 -2.08
CA LYS E 71 18.24 -12.46 -2.59
C LYS E 71 18.37 -11.00 -2.96
N CYS E 72 17.75 -10.61 -4.07
CA CYS E 72 17.57 -9.22 -4.43
C CYS E 72 16.15 -9.05 -4.94
N GLY E 73 15.47 -8.00 -4.50
CA GLY E 73 14.11 -7.77 -4.93
C GLY E 73 13.76 -6.30 -4.87
N VAL E 74 12.63 -6.02 -5.47
CA VAL E 74 12.12 -4.63 -5.46
C VAL E 74 11.06 -4.49 -4.39
N ILE E 75 10.79 -3.25 -4.02
CA ILE E 75 9.62 -2.98 -3.17
C ILE E 75 8.70 -2.17 -4.09
N SER E 76 7.51 -2.64 -4.24
CA SER E 76 6.51 -1.95 -5.07
C SER E 76 5.30 -1.93 -4.20
N PRO E 77 4.72 -0.77 -3.88
CA PRO E 77 5.14 0.52 -4.45
C PRO E 77 6.44 1.10 -3.89
N ARG E 78 6.97 2.13 -4.53
CA ARG E 78 8.18 2.80 -4.00
C ARG E 78 7.75 3.73 -2.85
N PHE E 79 7.55 3.17 -1.66
CA PHE E 79 7.04 3.92 -0.53
C PHE E 79 8.00 5.05 -0.15
N ASP E 80 7.44 6.18 0.24
CA ASP E 80 8.24 7.28 0.76
C ASP E 80 8.89 6.87 2.07
N VAL E 81 10.21 7.00 2.15
CA VAL E 81 10.97 6.61 3.32
C VAL E 81 11.78 7.81 3.78
N GLY E 82 11.40 8.38 4.91
CA GLY E 82 12.23 9.37 5.56
C GLY E 82 13.45 8.72 6.19
N VAL E 83 14.40 9.57 6.60
CA VAL E 83 15.62 9.07 7.23
C VAL E 83 15.28 8.32 8.52
N LYS E 84 14.24 8.76 9.23
CA LYS E 84 13.87 8.14 10.49
C LYS E 84 13.18 6.79 10.35
N GLU E 85 12.58 6.51 9.19
CA GLU E 85 11.89 5.25 8.95
C GLU E 85 12.80 4.20 8.34
N ILE E 86 14.06 4.53 8.10
CA ILE E 86 15.01 3.58 7.53
C ILE E 86 15.22 2.41 8.49
N GLU E 87 15.21 2.68 9.79
CA GLU E 87 15.38 1.61 10.77
C GLU E 87 14.24 0.59 10.69
N GLY E 88 13.00 1.09 10.63
CA GLY E 88 11.87 0.18 10.49
C GLY E 88 11.92 -0.60 9.20
N TRP E 89 12.29 0.06 8.10
CA TRP E 89 12.38 -0.66 6.83
C TRP E 89 13.47 -1.72 6.85
N THR E 90 14.63 -1.42 7.42
CA THR E 90 15.71 -2.42 7.49
C THR E 90 15.32 -3.58 8.39
N ALA E 91 14.62 -3.31 9.49
CA ALA E 91 14.12 -4.39 10.32
C ALA E 91 13.14 -5.26 9.54
N ARG E 92 12.27 -4.63 8.74
CA ARG E 92 11.29 -5.39 7.96
C ARG E 92 11.97 -6.26 6.91
N LEU E 93 12.97 -5.73 6.21
CA LEU E 93 13.47 -6.40 5.01
C LEU E 93 14.85 -7.02 5.15
N LEU E 94 15.63 -6.67 6.16
CA LEU E 94 16.99 -7.17 6.09
C LEU E 94 17.20 -8.35 7.04
N PRO E 95 18.03 -9.33 6.66
CA PRO E 95 18.23 -10.50 7.53
C PRO E 95 18.81 -10.14 8.90
N SER E 96 19.69 -9.15 8.97
CA SER E 96 20.25 -8.73 10.25
C SER E 96 20.66 -7.27 10.15
N ARG E 97 20.97 -6.70 11.31
CA ARG E 97 21.49 -5.35 11.37
C ARG E 97 22.97 -5.28 10.98
N GLN E 98 23.58 -6.41 10.66
CA GLN E 98 24.98 -6.46 10.25
C GLN E 98 25.16 -6.51 8.74
N PHE E 99 24.23 -7.10 8.01
CA PHE E 99 24.38 -7.30 6.57
C PHE E 99 23.08 -6.94 5.86
N GLY E 100 23.18 -6.73 4.57
CA GLY E 100 22.04 -6.40 3.74
C GLY E 100 21.95 -4.92 3.47
N TYR E 101 21.31 -4.58 2.35
CA TYR E 101 21.20 -3.20 1.93
C TYR E 101 19.80 -2.94 1.39
N ILE E 102 19.28 -1.76 1.71
CA ILE E 102 18.05 -1.26 1.12
C ILE E 102 18.44 -0.14 0.16
N VAL E 103 17.96 -0.23 -1.08
CA VAL E 103 18.29 0.74 -2.11
C VAL E 103 17.19 1.79 -2.16
N LEU E 104 17.59 3.05 -2.08
CA LEU E 104 16.68 4.18 -2.08
C LEU E 104 16.95 5.06 -3.29
N THR E 105 15.89 5.64 -3.84
CA THR E 105 16.03 6.72 -4.80
C THR E 105 15.83 8.04 -4.05
N THR E 106 16.87 8.85 -4.02
CA THR E 106 16.86 10.12 -3.32
C THR E 106 17.24 11.22 -4.29
N SER E 107 16.83 12.45 -3.96
CA SER E 107 17.21 13.58 -4.79
C SER E 107 18.72 13.77 -4.84
N ALA E 108 19.45 13.21 -3.88
CA ALA E 108 20.91 13.19 -3.93
C ALA E 108 21.45 12.04 -4.77
N GLY E 109 20.59 11.17 -5.29
CA GLY E 109 20.99 10.04 -6.10
C GLY E 109 20.44 8.74 -5.57
N ILE E 110 20.68 7.69 -6.35
CA ILE E 110 20.28 6.33 -5.98
C ILE E 110 21.39 5.73 -5.12
N MET E 111 21.02 5.24 -3.94
CA MET E 111 22.03 4.88 -2.96
C MET E 111 21.47 3.86 -1.97
N ASP E 112 22.38 3.19 -1.26
CA ASP E 112 22.01 2.29 -0.20
C ASP E 112 21.64 3.07 1.06
N HIS E 113 20.94 2.39 1.98
CA HIS E 113 20.38 3.06 3.14
C HIS E 113 21.45 3.61 4.07
N GLU E 114 22.60 2.94 4.18
CA GLU E 114 23.67 3.45 5.02
C GLU E 114 24.23 4.75 4.47
N GLU E 115 24.46 4.80 3.15
CA GLU E 115 24.91 6.04 2.52
C GLU E 115 23.85 7.13 2.61
N ALA E 116 22.57 6.75 2.57
CA ALA E 116 21.49 7.71 2.78
C ALA E 116 21.54 8.28 4.20
N ARG E 117 21.85 7.44 5.19
CA ARG E 117 22.02 7.94 6.55
C ARG E 117 23.22 8.86 6.65
N ARG E 118 24.29 8.55 5.92
CA ARG E 118 25.51 9.35 6.02
C ARG E 118 25.32 10.76 5.49
N LYS E 119 24.43 10.95 4.52
CA LYS E 119 24.09 12.28 4.03
C LYS E 119 22.77 12.79 4.55
N ASN E 120 22.08 12.02 5.40
CA ASN E 120 20.81 12.42 5.99
C ASN E 120 19.78 12.80 4.91
N VAL E 121 19.70 11.97 3.87
CA VAL E 121 18.77 12.19 2.76
C VAL E 121 17.77 11.04 2.72
N GLY E 122 16.49 11.38 2.68
CA GLY E 122 15.44 10.41 2.49
C GLY E 122 14.99 10.35 1.04
N GLY E 123 14.01 9.49 0.79
CA GLY E 123 13.47 9.33 -0.54
C GLY E 123 12.44 8.24 -0.65
N LYS E 124 12.65 7.42 -1.69
CA LYS E 124 11.74 6.28 -1.94
C LYS E 124 12.56 4.99 -2.07
N VAL E 125 11.94 3.92 -1.59
CA VAL E 125 12.62 2.61 -1.63
C VAL E 125 12.51 1.94 -3.02
N LEU E 126 13.64 1.61 -3.61
CA LEU E 126 13.66 0.85 -4.87
C LEU E 126 13.59 -0.64 -4.56
N GLY E 127 14.42 -1.08 -3.64
CA GLY E 127 14.51 -2.50 -3.35
C GLY E 127 15.55 -2.85 -2.34
N PHE E 128 15.97 -4.08 -2.40
CA PHE E 128 16.87 -4.61 -1.40
C PHE E 128 17.71 -5.71 -2.02
N PHE E 129 18.86 -5.96 -1.40
CA PHE E 129 19.68 -7.10 -1.78
C PHE E 129 20.55 -7.49 -0.59
N TYR E 130 20.78 -8.79 -0.45
CA TYR E 130 21.65 -9.32 0.60
C TYR E 130 22.10 -10.73 0.25
N VAL F 2 22.89 -25.02 -25.78
CA VAL F 2 23.41 -25.92 -24.76
C VAL F 2 23.38 -25.25 -23.39
N LEU F 3 24.20 -25.77 -22.47
CA LEU F 3 24.32 -25.17 -21.15
C LEU F 3 24.96 -23.80 -21.26
N GLN F 4 24.27 -22.78 -20.75
CA GLN F 4 24.77 -21.42 -20.90
C GLN F 4 26.03 -21.17 -20.08
N ASN F 5 26.27 -21.98 -19.05
CA ASN F 5 27.56 -21.91 -18.36
C ASN F 5 28.72 -22.28 -19.26
N ASP F 6 28.45 -22.95 -20.38
CA ASP F 6 29.49 -23.33 -21.33
C ASP F 6 29.69 -22.28 -22.43
N ILE F 7 28.94 -21.19 -22.39
CA ILE F 7 29.06 -20.13 -23.39
C ILE F 7 29.21 -18.79 -22.66
N ASP F 8 29.52 -17.76 -23.45
CA ASP F 8 29.56 -16.39 -22.97
C ASP F 8 28.39 -15.65 -23.61
N LEU F 9 27.51 -15.09 -22.78
CA LEU F 9 26.33 -14.42 -23.31
C LEU F 9 26.68 -13.16 -24.10
N LEU F 10 27.88 -12.62 -23.90
CA LEU F 10 28.28 -11.41 -24.61
C LEU F 10 28.87 -11.73 -25.98
N ASN F 11 29.61 -12.83 -26.09
CA ASN F 11 30.21 -13.27 -27.34
C ASN F 11 29.60 -14.62 -27.72
N PRO F 12 28.35 -14.63 -28.16
CA PRO F 12 27.72 -15.91 -28.52
C PRO F 12 28.39 -16.50 -29.74
N PRO F 13 28.38 -17.82 -29.87
CA PRO F 13 28.91 -18.44 -31.10
C PRO F 13 28.09 -18.01 -32.31
N ALA F 14 28.77 -17.47 -33.32
CA ALA F 14 28.09 -16.93 -34.48
C ALA F 14 27.34 -17.99 -35.27
N GLU F 15 27.74 -19.27 -35.16
CA GLU F 15 27.03 -20.33 -35.86
C GLU F 15 25.60 -20.45 -35.37
N LEU F 16 25.39 -20.39 -34.06
CA LEU F 16 24.05 -20.56 -33.49
C LEU F 16 23.27 -19.25 -33.40
N GLU F 17 23.89 -18.10 -33.66
CA GLU F 17 23.13 -16.86 -33.72
C GLU F 17 22.31 -16.74 -34.99
N LYS F 18 22.77 -17.34 -36.08
CA LYS F 18 22.02 -17.26 -37.34
C LYS F 18 20.68 -17.96 -37.23
N LEU F 19 20.58 -18.97 -36.37
CA LEU F 19 19.35 -19.79 -36.31
C LEU F 19 18.36 -19.24 -35.28
N LYS F 20 18.77 -18.24 -34.49
CA LYS F 20 17.85 -17.63 -33.52
C LYS F 20 16.80 -16.78 -34.23
N HIS F 21 15.63 -16.63 -33.62
CA HIS F 21 14.62 -15.70 -34.15
C HIS F 21 15.29 -14.34 -34.28
N LYS F 22 14.80 -13.54 -35.21
CA LYS F 22 15.43 -12.25 -35.47
C LYS F 22 15.45 -11.35 -34.24
N LYS F 23 14.43 -11.45 -33.39
CA LYS F 23 14.34 -10.59 -32.22
C LYS F 23 15.02 -11.18 -30.98
N LYS F 24 15.33 -12.48 -30.98
CA LYS F 24 15.93 -13.12 -29.83
C LYS F 24 17.46 -13.15 -29.89
N ARG F 25 18.07 -12.29 -30.71
CA ARG F 25 19.50 -12.22 -30.79
C ARG F 25 20.04 -11.12 -29.88
N LEU F 26 21.36 -11.10 -29.71
CA LEU F 26 21.98 -10.09 -28.85
C LEU F 26 21.63 -8.69 -29.32
N VAL F 27 21.85 -8.42 -30.60
CA VAL F 27 21.35 -7.22 -31.26
C VAL F 27 20.52 -7.68 -32.45
N GLN F 28 19.23 -7.36 -32.43
CA GLN F 28 18.33 -7.86 -33.46
C GLN F 28 18.67 -7.25 -34.82
N SER F 29 18.66 -8.11 -35.84
CA SER F 29 18.95 -7.72 -37.21
C SER F 29 18.00 -8.47 -38.13
N PRO F 30 17.66 -7.91 -39.28
CA PRO F 30 16.80 -8.61 -40.22
C PRO F 30 17.54 -9.66 -41.00
N ASN F 31 16.82 -10.74 -41.32
CA ASN F 31 17.36 -11.81 -42.15
C ASN F 31 16.98 -11.65 -43.62
N SER F 32 16.35 -10.53 -43.97
CA SER F 32 16.03 -10.21 -45.36
C SER F 32 17.17 -9.42 -45.98
N PHE F 33 17.09 -9.23 -47.29
CA PHE F 33 18.16 -8.59 -48.03
C PHE F 33 17.62 -8.04 -49.34
N PHE F 34 18.41 -7.18 -49.97
CA PHE F 34 18.13 -6.67 -51.29
C PHE F 34 19.10 -7.29 -52.29
N MET F 35 18.63 -7.51 -53.51
CA MET F 35 19.35 -8.30 -54.48
C MET F 35 19.35 -7.61 -55.84
N ASP F 36 20.44 -7.81 -56.59
CA ASP F 36 20.55 -7.34 -57.97
C ASP F 36 20.11 -8.48 -58.88
N VAL F 37 18.84 -8.49 -59.23
CA VAL F 37 18.31 -9.59 -60.04
C VAL F 37 18.72 -9.36 -61.50
N LYS F 38 19.36 -10.37 -62.08
CA LYS F 38 19.78 -10.34 -63.48
C LYS F 38 18.80 -11.18 -64.29
N CYS F 39 18.10 -10.54 -65.22
CA CYS F 39 17.09 -11.23 -66.02
C CYS F 39 17.76 -12.07 -67.10
N GLN F 40 16.96 -12.65 -67.99
CA GLN F 40 17.49 -13.55 -69.02
C GLN F 40 18.44 -12.85 -69.98
N GLY F 41 17.96 -11.86 -70.73
CA GLY F 41 18.80 -11.19 -71.70
C GLY F 41 18.96 -9.71 -71.50
N CYS F 42 17.92 -9.04 -70.99
CA CYS F 42 17.94 -7.60 -70.83
C CYS F 42 18.58 -7.22 -69.50
N PHE F 43 19.22 -6.05 -69.50
CA PHE F 43 20.06 -5.63 -68.38
C PHE F 43 19.26 -5.46 -67.10
N ASN F 44 18.39 -4.44 -67.06
CA ASN F 44 17.32 -4.25 -66.07
C ASN F 44 17.63 -4.79 -64.68
N ILE F 45 18.68 -4.28 -64.03
CA ILE F 45 19.10 -4.84 -62.75
C ILE F 45 17.96 -4.80 -61.74
N THR F 46 17.32 -3.64 -61.58
CA THR F 46 16.02 -3.50 -60.92
C THR F 46 16.00 -4.23 -59.56
N THR F 47 16.76 -3.68 -58.62
CA THR F 47 16.87 -4.22 -57.27
C THR F 47 15.50 -4.59 -56.69
N VAL F 48 15.44 -5.78 -56.09
CA VAL F 48 14.20 -6.31 -55.51
C VAL F 48 14.44 -6.63 -54.04
N PHE F 49 13.41 -6.38 -53.23
CA PHE F 49 13.40 -6.88 -51.87
C PHE F 49 13.16 -8.38 -51.87
N SER F 50 13.95 -9.10 -51.05
CA SER F 50 13.83 -10.56 -51.02
C SER F 50 12.44 -10.99 -50.59
N HIS F 51 11.89 -10.37 -49.56
CA HIS F 51 10.52 -10.61 -49.11
C HIS F 51 9.57 -9.58 -49.70
N SER F 52 9.60 -9.42 -51.02
CA SER F 52 8.76 -8.42 -51.67
C SER F 52 7.31 -8.86 -51.70
N GLN F 53 6.41 -7.95 -51.32
CA GLN F 53 4.98 -8.21 -51.36
C GLN F 53 4.34 -7.74 -52.67
N THR F 54 5.13 -7.21 -53.59
CA THR F 54 4.63 -6.65 -54.84
C THR F 54 5.18 -7.46 -56.01
N VAL F 55 4.36 -7.65 -57.04
CA VAL F 55 4.78 -8.34 -58.25
C VAL F 55 5.70 -7.40 -59.05
N VAL F 56 7.00 -7.61 -58.95
CA VAL F 56 7.96 -6.75 -59.62
C VAL F 56 7.95 -7.05 -61.12
N VAL F 57 7.80 -6.01 -61.92
CA VAL F 57 7.68 -6.13 -63.37
C VAL F 57 8.89 -5.45 -64.01
N CYS F 58 9.42 -6.07 -65.06
CA CYS F 58 10.55 -5.50 -65.78
C CYS F 58 10.19 -4.13 -66.34
N PRO F 59 11.15 -3.19 -66.37
CA PRO F 59 10.83 -1.83 -66.83
C PRO F 59 10.19 -1.77 -68.20
N GLY F 60 10.59 -2.63 -69.13
CA GLY F 60 10.02 -2.62 -70.46
C GLY F 60 8.71 -3.38 -70.53
N CYS F 61 7.88 -3.24 -69.50
CA CYS F 61 6.58 -3.89 -69.36
C CYS F 61 6.62 -5.36 -69.79
N GLN F 62 7.71 -6.04 -69.48
CA GLN F 62 7.90 -7.44 -69.87
C GLN F 62 7.18 -8.33 -68.85
N THR F 63 7.47 -9.63 -68.91
CA THR F 63 6.84 -10.59 -68.00
C THR F 63 7.25 -10.29 -66.55
N VAL F 64 6.46 -10.81 -65.62
CA VAL F 64 6.72 -10.57 -64.20
C VAL F 64 8.05 -11.19 -63.81
N LEU F 65 8.73 -10.55 -62.85
CA LEU F 65 10.05 -10.97 -62.43
C LEU F 65 10.04 -11.70 -61.10
N CYS F 66 9.18 -11.30 -60.16
CA CYS F 66 9.08 -11.95 -58.87
C CYS F 66 7.61 -12.10 -58.49
N GLN F 67 7.34 -13.07 -57.62
CA GLN F 67 5.99 -13.35 -57.17
C GLN F 67 5.94 -13.26 -55.65
N PRO F 68 5.02 -12.49 -55.07
CA PRO F 68 4.89 -12.45 -53.61
C PRO F 68 4.50 -13.82 -53.06
N THR F 69 5.03 -14.14 -51.89
CA THR F 69 4.72 -15.39 -51.21
C THR F 69 4.54 -15.09 -49.73
N GLY F 70 4.41 -16.14 -48.92
CA GLY F 70 4.35 -15.96 -47.48
C GLY F 70 5.66 -15.45 -46.91
N GLY F 71 6.78 -15.93 -47.44
CA GLY F 71 8.08 -15.48 -47.00
C GLY F 71 8.88 -14.80 -48.11
N LYS F 72 9.97 -15.43 -48.53
CA LYS F 72 10.78 -14.87 -49.60
C LYS F 72 10.03 -14.93 -50.92
N ALA F 73 10.16 -13.85 -51.70
CA ALA F 73 9.50 -13.79 -53.00
C ALA F 73 10.15 -14.78 -53.97
N ARG F 74 9.32 -15.36 -54.84
CA ARG F 74 9.78 -16.35 -55.81
C ARG F 74 10.17 -15.63 -57.10
N LEU F 75 11.45 -15.67 -57.43
CA LEU F 75 11.89 -15.14 -58.71
C LEU F 75 11.32 -15.96 -59.85
N THR F 76 10.99 -15.29 -60.96
CA THR F 76 10.42 -16.00 -62.09
C THR F 76 11.46 -16.92 -62.73
N GLU F 77 10.97 -17.90 -63.48
CA GLU F 77 11.85 -18.91 -64.06
C GLU F 77 12.84 -18.28 -65.03
N GLY F 78 14.11 -18.63 -64.87
CA GLY F 78 15.14 -18.12 -65.74
C GLY F 78 15.66 -16.75 -65.34
N CYS F 79 15.98 -16.58 -64.05
CA CYS F 79 16.53 -15.33 -63.54
C CYS F 79 17.54 -15.62 -62.45
N SER F 80 18.64 -14.87 -62.46
CA SER F 80 19.68 -14.97 -61.44
C SER F 80 19.61 -13.76 -60.52
N PHE F 81 20.44 -13.79 -59.48
CA PHE F 81 20.43 -12.74 -58.48
C PHE F 81 21.75 -12.78 -57.70
N ARG F 82 22.05 -11.66 -57.05
CA ARG F 82 23.21 -11.55 -56.18
C ARG F 82 22.88 -10.62 -55.03
N ARG F 83 23.29 -10.99 -53.82
CA ARG F 83 23.00 -10.16 -52.66
C ARG F 83 23.76 -8.84 -52.74
N LYS F 84 23.25 -7.85 -52.01
CA LYS F 84 23.76 -6.50 -52.13
C LYS F 84 24.39 -6.00 -50.84
N GLY G 6 -38.98 -31.98 34.64
CA GLY G 6 -38.78 -33.25 35.31
C GLY G 6 -39.08 -33.21 36.79
N SER G 7 -38.75 -34.28 37.50
CA SER G 7 -38.98 -34.36 38.93
C SER G 7 -37.94 -33.56 39.69
N LEU G 8 -38.39 -32.64 40.53
CA LEU G 8 -37.52 -31.81 41.34
C LEU G 8 -37.38 -32.31 42.77
N ALA G 9 -37.94 -33.48 43.08
CA ALA G 9 -38.01 -33.94 44.46
C ALA G 9 -36.64 -34.34 45.00
N ARG G 10 -35.71 -34.77 44.13
CA ARG G 10 -34.43 -35.30 44.56
C ARG G 10 -33.35 -34.23 44.66
N ALA G 11 -33.70 -32.95 44.57
CA ALA G 11 -32.70 -31.90 44.69
C ALA G 11 -32.07 -31.93 46.08
N GLY G 12 -30.74 -31.94 46.12
CA GLY G 12 -30.04 -32.04 47.38
C GLY G 12 -29.87 -33.44 47.92
N LYS G 13 -30.09 -34.46 47.09
CA LYS G 13 -30.08 -35.85 47.56
C LYS G 13 -28.72 -36.22 48.15
N VAL G 14 -27.67 -36.19 47.33
CA VAL G 14 -26.38 -36.72 47.75
C VAL G 14 -25.78 -35.88 48.86
N ARG G 15 -25.79 -34.56 48.70
CA ARG G 15 -25.20 -33.69 49.72
C ARG G 15 -25.92 -33.81 51.06
N GLY G 16 -27.21 -34.14 51.04
CA GLY G 16 -27.91 -34.44 52.27
C GLY G 16 -27.60 -35.82 52.81
N GLN G 17 -27.31 -36.78 51.92
CA GLN G 17 -26.98 -38.13 52.34
C GLN G 17 -25.56 -38.25 52.90
N THR G 18 -24.65 -37.38 52.47
CA THR G 18 -23.25 -37.50 52.84
C THR G 18 -23.07 -37.32 54.34
N PRO G 19 -22.47 -38.28 55.04
CA PRO G 19 -22.28 -38.11 56.49
C PRO G 19 -21.34 -36.96 56.80
N LYS G 20 -21.62 -36.26 57.90
CA LYS G 20 -20.86 -35.08 58.27
C LYS G 20 -19.57 -35.50 58.98
N VAL G 21 -18.44 -35.07 58.45
CA VAL G 21 -17.13 -35.35 59.03
C VAL G 21 -16.50 -34.03 59.39
N ALA G 22 -16.21 -33.83 60.67
CA ALA G 22 -15.66 -32.56 61.12
C ALA G 22 -14.20 -32.42 60.68
N LYS G 23 -13.78 -31.18 60.50
CA LYS G 23 -12.40 -30.89 60.13
C LYS G 23 -11.49 -31.02 61.34
N GLN G 24 -10.32 -31.62 61.12
CA GLN G 24 -9.34 -31.72 62.19
C GLN G 24 -8.79 -30.35 62.55
N ASP G 25 -8.67 -30.09 63.86
CA ASP G 25 -8.09 -28.84 64.33
C ASP G 25 -6.57 -29.02 64.27
N LYS G 26 -5.96 -28.51 63.22
CA LYS G 26 -4.54 -28.66 62.98
C LYS G 26 -3.82 -27.34 63.23
N LYS G 27 -2.49 -27.43 63.31
CA LYS G 27 -1.68 -26.23 63.44
C LYS G 27 -1.72 -25.41 62.16
N LYS G 28 -1.71 -24.09 62.31
CA LYS G 28 -1.65 -23.22 61.16
C LYS G 28 -0.27 -23.26 60.53
N GLN G 29 -0.21 -23.07 59.22
CA GLN G 29 1.12 -23.00 58.58
C GLN G 29 1.61 -21.58 58.67
N PRO G 30 2.94 -21.33 58.73
CA PRO G 30 3.45 -19.96 58.68
C PRO G 30 2.80 -19.23 57.49
N ARG G 31 2.58 -17.93 57.60
CA ARG G 31 1.88 -17.14 56.54
C ARG G 31 2.82 -16.10 55.97
N GLY G 32 3.05 -16.10 54.66
CA GLY G 32 3.89 -15.09 53.96
C GLY G 32 5.27 -15.55 53.60
N ARG G 33 6.27 -14.75 53.91
CA ARG G 33 7.67 -15.07 53.62
C ARG G 33 8.08 -16.42 54.21
N ALA G 34 7.62 -16.74 55.42
CA ALA G 34 7.98 -18.00 56.05
C ALA G 34 7.40 -19.19 55.28
N HIS G 35 6.19 -19.05 54.75
CA HIS G 35 5.60 -20.12 53.96
C HIS G 35 6.42 -20.38 52.70
N LYS G 36 6.88 -19.31 52.05
CA LYS G 36 7.75 -19.45 50.89
C LYS G 36 9.08 -20.09 51.29
N ARG G 37 9.57 -19.78 52.50
CA ARG G 37 10.78 -20.43 52.99
C ARG G 37 10.57 -21.94 53.13
N ILE G 38 9.42 -22.35 53.67
CA ILE G 38 9.13 -23.78 53.82
C ILE G 38 9.05 -24.46 52.47
N GLN G 39 8.33 -23.84 51.52
CA GLN G 39 8.22 -24.43 50.19
C GLN G 39 9.58 -24.53 49.51
N TYR G 40 10.39 -23.48 49.62
CA TYR G 40 11.72 -23.50 49.04
C TYR G 40 12.57 -24.61 49.63
N ASN G 41 12.53 -24.77 50.95
CA ASN G 41 13.28 -25.84 51.58
C ASN G 41 12.82 -27.19 51.08
N ARG G 42 11.50 -27.42 51.08
CA ARG G 42 10.97 -28.73 50.70
C ARG G 42 11.38 -29.10 49.29
N ARG G 43 11.24 -28.17 48.35
CA ARG G 43 11.46 -28.51 46.94
C ARG G 43 12.86 -28.15 46.44
N PHE G 44 13.76 -27.67 47.30
CA PHE G 44 15.10 -27.35 46.81
C PHE G 44 16.24 -27.84 47.69
N VAL G 45 16.05 -28.09 48.98
CA VAL G 45 17.12 -28.58 49.84
C VAL G 45 16.83 -29.96 50.40
N THR G 46 15.72 -30.58 50.01
CA THR G 46 15.38 -31.90 50.51
C THR G 46 15.48 -32.94 49.40
N ARG G 55 8.15 -39.51 42.34
CA ARG G 55 6.98 -39.24 43.17
C ARG G 55 6.64 -37.75 43.17
N GLY G 56 5.35 -37.45 43.06
CA GLY G 56 4.89 -36.08 43.11
C GLY G 56 4.76 -35.58 44.54
N PRO G 57 4.41 -34.30 44.66
CA PRO G 57 4.26 -33.71 46.00
C PRO G 57 3.22 -34.40 46.85
N ASN G 58 2.15 -34.93 46.25
CA ASN G 58 1.06 -35.57 46.97
C ASN G 58 0.94 -37.04 46.59
N SER G 59 2.07 -37.72 46.46
CA SER G 59 2.05 -39.13 46.13
C SER G 59 1.53 -39.96 47.30
N SER G 60 0.70 -40.95 47.00
CA SER G 60 0.12 -41.82 48.01
C SER G 60 1.08 -42.97 48.31
N GLU G 61 2.20 -42.61 48.94
CA GLU G 61 3.23 -43.57 49.30
C GLU G 61 2.89 -44.30 50.60
N LEU H 12 53.91 -41.55 -33.37
CA LEU H 12 52.78 -40.68 -33.07
C LEU H 12 52.75 -40.31 -31.59
N SER H 13 52.00 -39.26 -31.26
CA SER H 13 51.85 -38.86 -29.88
C SER H 13 50.97 -39.85 -29.12
N GLN H 14 51.02 -39.77 -27.79
CA GLN H 14 50.19 -40.64 -26.97
C GLN H 14 48.71 -40.37 -27.21
N LYS H 15 48.33 -39.08 -27.29
CA LYS H 15 46.95 -38.76 -27.62
C LYS H 15 46.55 -39.36 -28.96
N GLU H 16 47.42 -39.23 -29.96
CA GLU H 16 47.12 -39.77 -31.28
C GLU H 16 46.93 -41.28 -31.23
N GLN H 17 47.79 -41.98 -30.49
CA GLN H 17 47.66 -43.43 -30.39
C GLN H 17 46.36 -43.83 -29.68
N ASP H 18 46.03 -43.15 -28.59
CA ASP H 18 44.80 -43.48 -27.87
C ASP H 18 43.56 -43.26 -28.75
N ILE H 19 43.46 -42.10 -29.42
CA ILE H 19 42.32 -41.92 -30.31
C ILE H 19 42.37 -42.87 -31.51
N GLN H 20 43.55 -43.33 -31.91
CA GLN H 20 43.63 -44.42 -32.88
C GLN H 20 42.87 -45.64 -32.37
N MET H 21 43.15 -46.04 -31.13
CA MET H 21 42.47 -47.20 -30.55
C MET H 21 40.97 -46.95 -30.39
N MET H 22 40.60 -45.73 -29.99
CA MET H 22 39.18 -45.40 -29.87
C MET H 22 38.47 -45.55 -31.21
N LEU H 23 39.05 -45.02 -32.28
CA LEU H 23 38.45 -45.18 -33.60
C LEU H 23 38.39 -46.64 -34.00
N ALA H 24 39.38 -47.43 -33.58
CA ALA H 24 39.33 -48.87 -33.83
C ALA H 24 38.15 -49.51 -33.09
N ALA H 25 37.84 -49.03 -31.89
CA ALA H 25 36.86 -49.64 -31.01
C ALA H 25 35.48 -49.00 -31.10
N ASP H 26 35.28 -48.00 -31.96
CA ASP H 26 33.94 -47.35 -32.12
C ASP H 26 33.52 -46.65 -30.83
N VAL H 27 34.47 -46.04 -30.12
CA VAL H 27 34.23 -45.35 -28.82
C VAL H 27 33.56 -44.01 -29.12
N HIS H 28 33.53 -43.60 -30.38
CA HIS H 28 33.01 -42.26 -30.77
C HIS H 28 31.62 -42.42 -31.34
N LEU H 29 31.15 -43.65 -31.43
CA LEU H 29 29.84 -43.84 -32.09
C LEU H 29 28.78 -43.63 -31.03
N GLY H 30 28.00 -42.58 -31.18
CA GLY H 30 26.98 -42.26 -30.19
C GLY H 30 25.66 -42.91 -30.49
N THR H 31 24.60 -42.36 -29.95
CA THR H 31 23.24 -42.84 -30.09
C THR H 31 22.45 -41.82 -30.90
N LYS H 32 21.28 -42.24 -31.39
CA LYS H 32 20.41 -41.32 -32.12
C LYS H 32 19.94 -40.16 -31.26
N ASN H 33 19.99 -40.31 -29.94
CA ASN H 33 19.61 -39.25 -29.01
C ASN H 33 20.83 -38.81 -28.21
N CYS H 34 20.92 -37.50 -27.95
CA CYS H 34 22.02 -36.93 -27.18
C CYS H 34 21.45 -36.15 -26.01
N ASP H 35 22.00 -36.39 -24.82
CA ASP H 35 21.55 -35.68 -23.63
C ASP H 35 21.97 -34.22 -23.68
N PHE H 36 21.22 -33.38 -22.97
CA PHE H 36 21.47 -31.94 -23.03
C PHE H 36 22.75 -31.56 -22.31
N GLN H 37 23.15 -32.34 -21.31
CA GLN H 37 24.41 -32.10 -20.61
C GLN H 37 25.58 -32.87 -21.21
N MET H 38 25.33 -33.72 -22.20
CA MET H 38 26.39 -34.37 -22.96
C MET H 38 26.61 -33.75 -24.33
N GLU H 39 25.76 -32.80 -24.73
CA GLU H 39 25.93 -32.12 -26.00
C GLU H 39 27.24 -31.34 -26.07
N ARG H 40 27.84 -31.03 -24.92
CA ARG H 40 29.12 -30.35 -24.88
C ARG H 40 30.27 -31.26 -25.31
N TYR H 41 30.04 -32.56 -25.46
CA TYR H 41 31.07 -33.46 -26.00
C TYR H 41 30.72 -34.05 -27.36
N ALA H 42 29.45 -34.11 -27.73
CA ALA H 42 29.09 -34.55 -29.08
C ALA H 42 29.55 -33.51 -30.08
N TYR H 43 30.22 -33.95 -31.14
CA TYR H 43 30.83 -33.00 -32.06
C TYR H 43 29.85 -32.56 -33.15
N LYS H 44 29.34 -33.51 -33.94
CA LYS H 44 28.18 -33.24 -34.78
C LYS H 44 27.26 -34.46 -34.72
N ARG H 45 26.25 -34.44 -35.58
CA ARG H 45 25.27 -35.50 -35.72
C ARG H 45 25.37 -36.09 -37.12
N ARG H 46 25.44 -37.41 -37.21
CA ARG H 46 25.46 -38.07 -38.51
C ARG H 46 24.13 -37.87 -39.22
N SER H 47 24.15 -38.08 -40.54
CA SER H 47 22.95 -37.84 -41.35
C SER H 47 21.82 -38.78 -40.93
N ASP H 48 22.15 -40.03 -40.61
CA ASP H 48 21.10 -40.98 -40.21
C ASP H 48 20.60 -40.70 -38.80
N GLY H 49 21.42 -40.08 -37.95
CA GLY H 49 20.95 -39.72 -36.62
C GLY H 49 21.96 -39.87 -35.51
N ILE H 50 23.09 -40.52 -35.79
CA ILE H 50 24.09 -40.79 -34.75
C ILE H 50 24.89 -39.53 -34.47
N TYR H 51 25.13 -39.26 -33.19
CA TYR H 51 26.05 -38.20 -32.79
C TYR H 51 27.47 -38.77 -32.67
N ILE H 52 28.43 -38.02 -33.20
CA ILE H 52 29.84 -38.38 -33.12
C ILE H 52 30.44 -37.68 -31.92
N ILE H 53 31.01 -38.45 -31.01
CA ILE H 53 31.59 -37.90 -29.78
C ILE H 53 32.94 -37.29 -30.11
N ASN H 54 33.18 -36.08 -29.63
CA ASN H 54 34.50 -35.47 -29.76
C ASN H 54 35.47 -36.26 -28.88
N LEU H 55 36.43 -36.93 -29.51
CA LEU H 55 37.26 -37.90 -28.82
C LEU H 55 38.47 -37.29 -28.15
N GLY H 56 38.85 -36.07 -28.52
CA GLY H 56 39.79 -35.33 -27.70
C GLY H 56 39.21 -35.00 -26.34
N LYS H 57 37.91 -34.67 -26.32
CA LYS H 57 37.22 -34.49 -25.05
C LYS H 57 37.21 -35.78 -24.25
N THR H 58 36.99 -36.92 -24.92
CA THR H 58 37.06 -38.20 -24.23
C THR H 58 38.44 -38.45 -23.65
N TRP H 59 39.49 -38.15 -24.42
CA TRP H 59 40.85 -38.34 -23.92
C TRP H 59 41.13 -37.46 -22.72
N GLU H 60 40.68 -36.20 -22.78
CA GLU H 60 40.93 -35.29 -21.66
C GLU H 60 40.14 -35.70 -20.41
N LYS H 61 38.91 -36.19 -20.60
CA LYS H 61 38.15 -36.70 -19.46
C LYS H 61 38.82 -37.93 -18.86
N LEU H 62 39.36 -38.81 -19.70
CA LEU H 62 40.10 -39.95 -19.20
C LEU H 62 41.34 -39.51 -18.43
N GLN H 63 42.03 -38.49 -18.93
CA GLN H 63 43.20 -37.97 -18.23
C GLN H 63 42.82 -37.40 -16.87
N LEU H 64 41.71 -36.66 -16.80
CA LEU H 64 41.25 -36.12 -15.53
C LEU H 64 40.86 -37.23 -14.57
N ALA H 65 40.16 -38.24 -15.07
CA ALA H 65 39.80 -39.38 -14.22
C ALA H 65 41.04 -40.08 -13.68
N ALA H 66 42.05 -40.25 -14.53
CA ALA H 66 43.30 -40.87 -14.07
C ALA H 66 43.99 -40.01 -13.03
N ARG H 67 44.00 -38.68 -13.23
CA ARG H 67 44.56 -37.79 -12.22
C ARG H 67 43.83 -37.94 -10.90
N VAL H 68 42.52 -38.17 -10.95
CA VAL H 68 41.76 -38.37 -9.72
C VAL H 68 42.10 -39.71 -9.07
N ILE H 69 42.25 -40.76 -9.88
CA ILE H 69 42.46 -42.10 -9.34
C ILE H 69 43.82 -42.20 -8.65
N VAL H 70 44.88 -41.72 -9.31
CA VAL H 70 46.20 -41.85 -8.72
C VAL H 70 46.36 -40.99 -7.47
N ALA H 71 45.53 -39.98 -7.29
CA ALA H 71 45.54 -39.22 -6.05
C ALA H 71 44.94 -39.99 -4.90
N ILE H 72 44.20 -41.07 -5.19
CA ILE H 72 43.66 -41.95 -4.16
C ILE H 72 44.76 -42.92 -3.75
N GLU H 73 45.52 -42.57 -2.71
CA GLU H 73 46.68 -43.35 -2.30
C GLU H 73 46.33 -44.71 -1.70
N ASN H 74 45.05 -45.08 -1.64
CA ASN H 74 44.64 -46.43 -1.27
C ASN H 74 43.69 -46.94 -2.35
N PRO H 75 44.19 -47.68 -3.33
CA PRO H 75 43.31 -48.13 -4.44
C PRO H 75 42.17 -49.01 -3.98
N GLN H 76 42.27 -49.65 -2.82
CA GLN H 76 41.17 -50.45 -2.31
C GLN H 76 39.93 -49.61 -2.03
N ASP H 77 40.09 -48.30 -1.85
CA ASP H 77 38.98 -47.39 -1.65
C ASP H 77 38.25 -47.03 -2.94
N ILE H 78 38.53 -47.74 -4.03
CA ILE H 78 37.90 -47.49 -5.32
C ILE H 78 37.11 -48.72 -5.71
N ILE H 79 35.88 -48.50 -6.18
CA ILE H 79 34.98 -49.58 -6.59
C ILE H 79 34.61 -49.37 -8.05
N VAL H 80 34.71 -50.44 -8.84
CA VAL H 80 34.32 -50.44 -10.24
C VAL H 80 33.15 -51.40 -10.39
N GLN H 81 32.09 -50.91 -11.01
CA GLN H 81 30.87 -51.73 -11.11
C GLN H 81 30.40 -51.79 -12.54
N SER H 82 29.80 -52.92 -12.95
CA SER H 82 29.19 -53.02 -14.29
C SER H 82 27.99 -53.95 -14.20
N ALA H 83 26.78 -53.41 -14.25
CA ALA H 83 25.58 -54.28 -14.30
C ALA H 83 25.49 -54.85 -15.70
N ARG H 84 26.27 -54.28 -16.63
CA ARG H 84 26.26 -54.74 -18.04
C ARG H 84 26.82 -56.16 -18.08
N PRO H 85 26.71 -56.89 -19.20
CA PRO H 85 27.34 -58.20 -19.33
C PRO H 85 28.69 -58.04 -20.04
N TYR H 86 28.85 -56.98 -20.84
CA TYR H 86 30.10 -56.79 -21.64
C TYR H 86 31.13 -56.00 -20.83
N GLY H 87 30.76 -55.55 -19.64
CA GLY H 87 31.68 -54.75 -18.81
C GLY H 87 32.39 -55.59 -17.77
N GLN H 88 31.85 -56.75 -17.41
CA GLN H 88 32.43 -57.57 -16.32
C GLN H 88 33.92 -57.79 -16.58
N ARG H 89 34.26 -58.47 -17.67
CA ARG H 89 35.67 -58.80 -17.88
C ARG H 89 36.45 -57.52 -17.70
N ALA H 90 36.05 -56.47 -18.44
CA ALA H 90 36.79 -55.22 -18.39
C ALA H 90 36.91 -54.69 -16.97
N VAL H 91 35.84 -54.76 -16.19
CA VAL H 91 35.86 -54.20 -14.84
C VAL H 91 36.78 -55.00 -13.93
N LEU H 92 36.66 -56.33 -13.96
CA LEU H 92 37.54 -57.16 -13.14
C LEU H 92 39.00 -57.03 -13.56
N LYS H 93 39.28 -56.92 -14.87
CA LYS H 93 40.67 -56.76 -15.27
C LYS H 93 41.21 -55.38 -14.90
N PHE H 94 40.37 -54.35 -15.00
CA PHE H 94 40.77 -53.01 -14.56
C PHE H 94 41.09 -53.00 -13.08
N ALA H 95 40.27 -53.67 -12.27
CA ALA H 95 40.55 -53.73 -10.83
C ALA H 95 41.79 -54.57 -10.55
N GLN H 96 42.00 -55.65 -11.31
CA GLN H 96 43.17 -56.48 -11.13
C GLN H 96 44.46 -55.71 -11.40
N HIS H 97 44.46 -54.89 -12.46
CA HIS H 97 45.68 -54.17 -12.81
C HIS H 97 45.86 -52.91 -11.97
N THR H 98 44.78 -52.17 -11.71
CA THR H 98 44.85 -50.94 -10.95
C THR H 98 45.00 -51.21 -9.45
N GLY H 99 44.32 -52.25 -8.95
CA GLY H 99 44.29 -52.51 -7.53
C GLY H 99 43.01 -52.12 -6.83
N ALA H 100 41.97 -51.76 -7.57
CA ALA H 100 40.70 -51.34 -6.99
C ALA H 100 39.81 -52.56 -6.73
N ASN H 101 38.64 -52.31 -6.17
CA ASN H 101 37.65 -53.34 -5.95
C ASN H 101 36.67 -53.39 -7.12
N ALA H 102 36.25 -54.60 -7.48
CA ALA H 102 35.35 -54.81 -8.59
C ALA H 102 34.16 -55.64 -8.14
N ILE H 103 32.98 -55.07 -8.21
CA ILE H 103 31.72 -55.80 -8.03
C ILE H 103 31.09 -55.92 -9.40
N ALA H 104 30.60 -57.10 -9.73
CA ALA H 104 30.09 -57.41 -11.06
C ALA H 104 28.64 -57.86 -10.97
N GLY H 105 27.82 -57.34 -11.87
CA GLY H 105 26.39 -57.70 -11.87
C GLY H 105 25.55 -56.78 -11.02
N ARG H 106 24.82 -57.34 -10.05
CA ARG H 106 23.85 -56.52 -9.29
C ARG H 106 24.49 -55.86 -8.07
N HIS H 107 24.24 -54.56 -7.89
CA HIS H 107 24.67 -53.87 -6.65
C HIS H 107 23.66 -54.27 -5.58
N THR H 108 24.10 -54.48 -4.34
CA THR H 108 23.08 -54.73 -3.29
C THR H 108 22.56 -53.39 -2.74
N PRO H 109 21.31 -52.98 -3.05
CA PRO H 109 20.73 -51.77 -2.44
C PRO H 109 21.07 -51.79 -0.95
N GLY H 110 21.95 -50.90 -0.50
CA GLY H 110 22.36 -50.79 0.89
C GLY H 110 23.84 -50.89 1.03
N THR H 111 24.55 -51.21 -0.04
CA THR H 111 25.98 -51.45 0.02
C THR H 111 26.72 -50.24 0.58
N PHE H 112 26.33 -49.04 0.18
CA PHE H 112 26.99 -47.81 0.63
C PHE H 112 26.27 -47.14 1.80
N THR H 113 25.10 -47.61 2.19
CA THR H 113 24.35 -47.01 3.29
C THR H 113 24.18 -47.95 4.48
N ASN H 114 23.74 -49.17 4.25
CA ASN H 114 23.46 -50.11 5.34
C ASN H 114 24.78 -50.57 5.95
N GLN H 115 25.15 -49.98 7.08
CA GLN H 115 26.37 -50.35 7.78
C GLN H 115 26.27 -51.71 8.45
N MET H 116 25.06 -52.27 8.57
CA MET H 116 24.86 -53.61 9.12
C MET H 116 24.86 -54.69 8.06
N GLN H 117 24.99 -54.33 6.78
CA GLN H 117 25.12 -55.31 5.72
C GLN H 117 26.55 -55.84 5.67
N THR H 118 26.68 -57.10 5.26
CA THR H 118 28.01 -57.69 5.12
C THR H 118 28.75 -57.08 3.94
N SER H 119 28.03 -56.67 2.90
CA SER H 119 28.63 -56.04 1.73
C SER H 119 28.86 -54.54 1.93
N PHE H 120 28.78 -54.04 3.16
CA PHE H 120 28.99 -52.63 3.41
C PHE H 120 30.38 -52.19 2.96
N SER H 121 30.43 -51.08 2.23
CA SER H 121 31.69 -50.50 1.80
C SER H 121 31.56 -48.98 1.82
N GLU H 122 32.69 -48.31 2.01
CA GLU H 122 32.75 -46.85 2.02
C GLU H 122 33.84 -46.43 1.04
N PRO H 123 33.57 -46.52 -0.26
CA PRO H 123 34.60 -46.20 -1.25
C PRO H 123 34.88 -44.71 -1.31
N ARG H 124 36.16 -44.37 -1.49
CA ARG H 124 36.52 -42.98 -1.73
C ARG H 124 36.18 -42.56 -3.16
N LEU H 125 36.12 -43.51 -4.08
CA LEU H 125 35.82 -43.25 -5.48
C LEU H 125 34.97 -44.38 -6.03
N LEU H 126 33.96 -44.03 -6.81
CA LEU H 126 33.06 -45.00 -7.43
C LEU H 126 33.11 -44.83 -8.94
N ILE H 127 33.76 -45.77 -9.62
CA ILE H 127 33.87 -45.75 -11.07
C ILE H 127 32.78 -46.67 -11.63
N LEU H 128 31.97 -46.14 -12.53
CA LEU H 128 30.85 -46.86 -13.11
C LEU H 128 31.04 -46.99 -14.62
N THR H 129 30.25 -47.88 -15.22
CA THR H 129 30.39 -48.13 -16.68
C THR H 129 29.30 -47.37 -17.44
N ASP H 130 28.04 -47.53 -17.03
CA ASP H 130 26.92 -46.84 -17.69
C ASP H 130 26.02 -46.21 -16.62
N PRO H 131 25.89 -44.87 -16.57
CA PRO H 131 25.10 -44.21 -15.53
C PRO H 131 23.60 -44.59 -15.56
N ARG H 132 23.12 -45.13 -16.67
CA ARG H 132 21.67 -45.42 -16.82
C ARG H 132 21.38 -46.88 -16.49
N THR H 133 22.39 -47.76 -16.54
CA THR H 133 22.18 -49.18 -16.14
C THR H 133 22.67 -49.30 -14.71
N ASP H 134 23.44 -48.33 -14.26
CA ASP H 134 24.02 -48.35 -12.92
C ASP H 134 23.45 -47.25 -12.04
N HIS H 135 22.15 -46.97 -12.17
CA HIS H 135 21.56 -45.85 -11.45
C HIS H 135 21.51 -46.06 -9.94
N GLN H 136 21.32 -47.31 -9.50
CA GLN H 136 21.21 -47.58 -8.07
C GLN H 136 22.50 -47.25 -7.31
N PRO H 137 23.69 -47.69 -7.74
CA PRO H 137 24.91 -47.26 -7.03
C PRO H 137 25.15 -45.76 -7.09
N ILE H 138 24.75 -45.09 -8.16
CA ILE H 138 24.88 -43.63 -8.20
C ILE H 138 23.96 -42.98 -7.17
N LYS H 139 22.71 -43.45 -7.08
CA LYS H 139 21.79 -42.94 -6.07
C LYS H 139 22.34 -43.17 -4.67
N GLU H 140 22.96 -44.33 -4.44
CA GLU H 140 23.53 -44.60 -3.11
C GLU H 140 24.74 -43.73 -2.85
N SER H 141 25.56 -43.47 -3.87
CA SER H 141 26.71 -42.58 -3.71
C SER H 141 26.28 -41.15 -3.46
N ALA H 142 25.07 -40.78 -3.86
CA ALA H 142 24.50 -39.49 -3.50
C ALA H 142 24.08 -39.42 -2.04
N LEU H 143 24.39 -40.45 -1.25
CA LEU H 143 24.03 -40.50 0.15
C LEU H 143 25.22 -40.69 1.07
N GLY H 144 26.44 -40.74 0.53
CA GLY H 144 27.61 -41.00 1.34
C GLY H 144 28.83 -40.20 0.95
N ASN H 145 28.62 -39.09 0.25
CA ASN H 145 29.69 -38.17 -0.15
C ASN H 145 30.71 -38.84 -1.05
N ILE H 146 30.28 -39.81 -1.86
CA ILE H 146 31.18 -40.58 -2.72
C ILE H 146 31.25 -39.89 -4.07
N PRO H 147 32.41 -39.42 -4.50
CA PRO H 147 32.56 -38.96 -5.89
C PRO H 147 32.43 -40.12 -6.87
N THR H 148 31.90 -39.82 -8.05
CA THR H 148 31.65 -40.82 -9.07
C THR H 148 32.33 -40.46 -10.37
N ILE H 149 32.94 -41.46 -11.01
CA ILE H 149 33.41 -41.39 -12.38
C ILE H 149 32.58 -42.37 -13.19
N ALA H 150 32.06 -41.93 -14.33
CA ALA H 150 31.23 -42.77 -15.17
C ALA H 150 31.66 -42.64 -16.62
N PHE H 151 31.43 -43.71 -17.38
CA PHE H 151 31.56 -43.68 -18.83
C PHE H 151 30.17 -43.42 -19.39
N CYS H 152 29.98 -42.21 -19.94
CA CYS H 152 28.66 -41.72 -20.29
C CYS H 152 28.49 -41.74 -21.80
N ASP H 153 27.36 -42.30 -22.24
CA ASP H 153 26.98 -42.25 -23.65
C ASP H 153 26.31 -40.91 -23.94
N THR H 154 25.89 -40.73 -25.19
CA THR H 154 25.21 -39.49 -25.56
C THR H 154 23.89 -39.34 -24.82
N ASP H 155 23.23 -40.45 -24.50
CA ASP H 155 21.95 -40.42 -23.81
C ASP H 155 22.07 -40.73 -22.32
N SER H 156 23.28 -40.75 -21.79
CA SER H 156 23.47 -41.09 -20.38
C SER H 156 23.02 -39.93 -19.49
N PRO H 157 22.11 -40.16 -18.54
CA PRO H 157 21.78 -39.09 -17.58
C PRO H 157 23.00 -38.71 -16.76
N MET H 158 23.13 -37.40 -16.50
CA MET H 158 24.31 -36.88 -15.83
C MET H 158 24.06 -36.54 -14.37
N ARG H 159 22.93 -36.97 -13.81
CA ARG H 159 22.64 -36.71 -12.40
C ARG H 159 23.63 -37.45 -11.52
N TYR H 160 24.19 -36.73 -10.55
CA TYR H 160 25.08 -37.31 -9.54
C TYR H 160 26.32 -37.97 -10.17
N VAL H 161 26.74 -37.47 -11.32
CA VAL H 161 27.98 -37.90 -11.96
C VAL H 161 28.96 -36.74 -11.92
N ASP H 162 30.15 -36.98 -11.40
CA ASP H 162 31.14 -35.94 -11.20
C ASP H 162 32.15 -35.84 -12.33
N ILE H 163 32.61 -36.96 -12.87
CA ILE H 163 33.52 -36.99 -14.01
C ILE H 163 32.89 -37.93 -15.04
N GLY H 164 32.12 -37.37 -15.96
CA GLY H 164 31.49 -38.16 -17.01
C GLY H 164 32.32 -38.23 -18.26
N ILE H 165 32.96 -39.38 -18.50
CA ILE H 165 33.76 -39.58 -19.70
C ILE H 165 32.84 -39.87 -20.87
N PRO H 166 32.82 -39.03 -21.90
CA PRO H 166 31.91 -39.23 -23.05
C PRO H 166 32.43 -40.33 -23.95
N ALA H 167 31.73 -41.45 -23.98
CA ALA H 167 32.19 -42.60 -24.75
C ALA H 167 31.02 -43.54 -25.00
N ASN H 168 31.21 -44.42 -25.98
CA ASN H 168 30.21 -45.42 -26.31
C ASN H 168 30.26 -46.54 -25.28
N ASN H 169 29.15 -46.77 -24.58
CA ASN H 169 29.07 -47.83 -23.59
C ASN H 169 28.60 -49.15 -24.18
N LYS H 170 27.52 -49.13 -24.95
CA LYS H 170 26.99 -50.35 -25.54
C LYS H 170 27.98 -50.87 -26.57
N GLY H 171 28.72 -51.91 -26.20
CA GLY H 171 29.75 -52.46 -27.07
C GLY H 171 30.92 -53.05 -26.34
N ARG H 172 31.30 -54.27 -26.73
CA ARG H 172 32.40 -54.99 -26.10
C ARG H 172 33.72 -54.24 -26.26
N ASN H 173 34.06 -53.91 -27.51
CA ASN H 173 35.36 -53.32 -27.79
C ASN H 173 35.51 -51.96 -27.14
N SER H 174 34.44 -51.16 -27.14
CA SER H 174 34.51 -49.83 -26.56
C SER H 174 34.79 -49.90 -25.07
N ILE H 175 34.04 -50.74 -24.34
CA ILE H 175 34.25 -50.87 -22.89
C ILE H 175 35.66 -51.37 -22.61
N GLY H 176 36.09 -52.40 -23.34
CA GLY H 176 37.43 -52.93 -23.12
C GLY H 176 38.51 -51.88 -23.35
N CYS H 177 38.40 -51.15 -24.47
CA CYS H 177 39.40 -50.14 -24.79
C CYS H 177 39.41 -49.01 -23.76
N LEU H 178 38.23 -48.55 -23.33
CA LEU H 178 38.16 -47.46 -22.37
C LEU H 178 38.79 -47.87 -21.05
N TYR H 179 38.44 -49.06 -20.54
CA TYR H 179 39.00 -49.48 -19.27
C TYR H 179 40.50 -49.74 -19.37
N TRP H 180 40.95 -50.30 -20.50
CA TRP H 180 42.38 -50.56 -20.68
C TRP H 180 43.16 -49.25 -20.73
N LEU H 181 42.62 -48.25 -21.43
CA LEU H 181 43.27 -46.93 -21.47
C LEU H 181 43.29 -46.29 -20.10
N LEU H 182 42.19 -46.37 -19.35
CA LEU H 182 42.15 -45.75 -18.03
C LEU H 182 43.16 -46.42 -17.10
N ALA H 183 43.23 -47.75 -17.13
CA ALA H 183 44.22 -48.45 -16.31
C ALA H 183 45.63 -48.08 -16.72
N ARG H 184 45.90 -47.99 -18.03
CA ARG H 184 47.22 -47.63 -18.50
C ARG H 184 47.60 -46.23 -18.00
N MET H 185 46.67 -45.28 -18.10
CA MET H 185 46.95 -43.92 -17.64
C MET H 185 47.22 -43.89 -16.14
N VAL H 186 46.42 -44.62 -15.36
CA VAL H 186 46.60 -44.64 -13.92
C VAL H 186 47.98 -45.21 -13.57
N LEU H 187 48.36 -46.30 -14.20
CA LEU H 187 49.65 -46.91 -13.89
C LEU H 187 50.82 -46.06 -14.38
N GLN H 188 50.68 -45.39 -15.52
CA GLN H 188 51.75 -44.49 -15.97
C GLN H 188 51.92 -43.32 -15.02
N MET H 189 50.82 -42.76 -14.51
CA MET H 189 50.95 -41.70 -13.51
C MET H 189 51.53 -42.25 -12.20
N ARG H 190 51.19 -43.47 -11.83
CA ARG H 190 51.76 -44.10 -10.64
C ARG H 190 53.22 -44.50 -10.82
N GLY H 191 53.71 -44.52 -12.05
CA GLY H 191 55.04 -45.01 -12.32
C GLY H 191 55.15 -46.51 -12.51
N THR H 192 54.03 -47.25 -12.42
CA THR H 192 54.06 -48.69 -12.65
C THR H 192 54.49 -49.00 -14.07
N ILE H 193 53.85 -48.37 -15.05
CA ILE H 193 54.30 -48.43 -16.44
C ILE H 193 55.33 -47.33 -16.60
N LEU H 194 56.61 -47.71 -16.71
CA LEU H 194 57.66 -46.72 -16.86
C LEU H 194 57.44 -45.90 -18.12
N PRO H 195 57.66 -44.59 -18.08
CA PRO H 195 57.35 -43.74 -19.24
C PRO H 195 58.06 -44.16 -20.52
N GLY H 196 59.28 -44.67 -20.41
CA GLY H 196 60.01 -45.12 -21.58
C GLY H 196 59.59 -46.45 -22.13
N HIS H 197 58.58 -47.08 -21.55
CA HIS H 197 58.13 -48.40 -21.97
C HIS H 197 56.62 -48.39 -22.18
N LYS H 198 56.17 -49.25 -23.09
CA LYS H 198 54.74 -49.42 -23.33
C LYS H 198 54.17 -50.39 -22.28
N TRP H 199 52.88 -50.70 -22.42
CA TRP H 199 52.20 -51.60 -21.50
C TRP H 199 52.08 -52.99 -22.12
N ASP H 200 52.41 -54.01 -21.33
CA ASP H 200 52.47 -55.37 -21.85
C ASP H 200 51.09 -55.96 -22.11
N VAL H 201 50.06 -55.45 -21.44
CA VAL H 201 48.71 -56.00 -21.59
C VAL H 201 48.06 -55.44 -22.84
N MET H 202 47.52 -56.33 -23.67
CA MET H 202 46.72 -55.95 -24.82
C MET H 202 45.29 -55.63 -24.41
N VAL H 203 44.55 -55.02 -25.34
CA VAL H 203 43.16 -54.67 -25.10
C VAL H 203 42.26 -55.90 -25.20
N ASP H 204 42.73 -56.99 -25.80
CA ASP H 204 41.90 -58.16 -26.01
C ASP H 204 41.47 -58.78 -24.68
N LEU H 205 42.37 -58.80 -23.70
CA LEU H 205 42.04 -59.36 -22.40
C LEU H 205 40.98 -58.57 -21.65
N PHE H 206 40.68 -57.34 -22.08
CA PHE H 206 39.61 -56.57 -21.47
C PHE H 206 38.26 -56.79 -22.15
N PHE H 207 38.24 -57.50 -23.28
CA PHE H 207 36.99 -57.71 -24.00
C PHE H 207 36.13 -58.77 -23.32
N TYR H 208 34.85 -58.77 -23.66
CA TYR H 208 33.92 -59.75 -23.12
C TYR H 208 34.03 -61.06 -23.90
N ARG H 209 33.93 -62.17 -23.18
CA ARG H 209 34.01 -63.50 -23.77
C ARG H 209 32.63 -64.14 -23.79
N ASP H 210 32.14 -64.48 -24.98
CA ASP H 210 30.83 -65.08 -25.14
C ASP H 210 30.80 -66.53 -24.65
N PRO I 23 -49.20 -73.31 -55.68
CA PRO I 23 -49.09 -71.86 -55.88
C PRO I 23 -47.87 -71.49 -56.74
N PHE I 24 -46.80 -72.28 -56.64
CA PHE I 24 -45.57 -72.02 -57.44
C PHE I 24 -45.60 -72.92 -58.68
N THR I 25 -46.81 -73.33 -59.08
CA THR I 25 -46.96 -74.10 -60.33
C THR I 25 -47.52 -73.15 -61.40
N LYS I 26 -48.01 -71.99 -60.98
CA LYS I 26 -48.56 -70.98 -61.91
C LYS I 26 -47.51 -69.90 -62.12
N LYS I 27 -46.24 -70.23 -61.93
CA LYS I 27 -45.17 -69.24 -62.17
C LYS I 27 -44.27 -69.75 -63.31
N GLN I 28 -43.97 -68.90 -64.29
CA GLN I 28 -43.14 -69.31 -65.44
C GLN I 28 -41.78 -68.62 -65.35
N TRP I 29 -40.71 -69.39 -65.47
CA TRP I 29 -39.36 -68.82 -65.35
C TRP I 29 -38.96 -68.15 -66.67
N TYR I 30 -38.44 -66.92 -66.62
CA TYR I 30 -38.03 -66.18 -67.82
C TYR I 30 -36.55 -65.86 -67.71
N ASP I 31 -35.72 -66.63 -68.40
CA ASP I 31 -34.26 -66.38 -68.39
C ASP I 31 -33.95 -64.89 -68.52
N ILE I 32 -32.96 -64.41 -67.79
CA ILE I 32 -32.55 -63.01 -67.86
C ILE I 32 -31.24 -62.91 -68.64
N LYS I 33 -31.19 -61.99 -69.59
CA LYS I 33 -30.01 -61.72 -70.40
C LYS I 33 -29.45 -60.33 -70.12
N ALA I 34 -28.16 -60.27 -69.83
CA ALA I 34 -27.45 -59.01 -69.77
C ALA I 34 -27.09 -58.54 -71.17
N PRO I 35 -26.85 -57.24 -71.36
CA PRO I 35 -26.43 -56.76 -72.68
C PRO I 35 -25.05 -57.28 -73.05
N LEU I 36 -24.78 -57.25 -74.36
CA LEU I 36 -23.48 -57.74 -74.84
C LEU I 36 -22.32 -56.84 -74.42
N LEU I 37 -22.58 -55.80 -73.62
CA LEU I 37 -21.49 -55.03 -73.04
C LEU I 37 -20.64 -55.92 -72.14
N PHE I 38 -21.28 -56.76 -71.34
CA PHE I 38 -20.60 -57.71 -70.48
C PHE I 38 -20.27 -58.98 -71.26
N THR I 39 -19.33 -59.76 -70.72
CA THR I 39 -18.93 -61.00 -71.37
C THR I 39 -20.03 -62.06 -71.25
N SER I 40 -20.41 -62.40 -70.02
CA SER I 40 -21.44 -63.40 -69.77
C SER I 40 -22.80 -62.72 -69.65
N ARG I 41 -23.81 -63.30 -70.31
CA ARG I 41 -25.16 -62.76 -70.33
C ARG I 41 -26.15 -63.76 -69.74
N ASN I 42 -25.70 -64.54 -68.76
CA ASN I 42 -26.46 -65.63 -68.16
C ASN I 42 -27.01 -65.26 -66.78
N VAL I 43 -27.54 -64.04 -66.65
CA VAL I 43 -27.87 -63.45 -65.35
C VAL I 43 -28.65 -64.44 -64.48
N GLY I 44 -29.82 -64.86 -64.93
CA GLY I 44 -30.63 -65.74 -64.12
C GLY I 44 -31.94 -66.06 -64.78
N LYS I 45 -32.84 -66.65 -63.99
CA LYS I 45 -34.13 -67.16 -64.47
C LYS I 45 -35.26 -66.71 -63.53
N THR I 46 -35.34 -65.41 -63.25
CA THR I 46 -36.42 -64.89 -62.43
C THR I 46 -37.78 -65.32 -62.95
N LEU I 47 -38.76 -65.40 -62.06
CA LEU I 47 -40.04 -66.03 -62.36
C LEU I 47 -41.19 -65.05 -62.16
N VAL I 48 -42.30 -65.34 -62.81
CA VAL I 48 -43.52 -64.53 -62.76
C VAL I 48 -44.70 -65.46 -63.02
N SER I 49 -45.83 -65.14 -62.39
CA SER I 49 -47.03 -65.95 -62.51
C SER I 49 -47.49 -66.03 -63.97
N ARG I 50 -48.36 -67.00 -64.24
CA ARG I 50 -48.93 -67.16 -65.58
C ARG I 50 -49.72 -65.92 -65.98
N THR I 51 -49.83 -65.72 -67.29
CA THR I 51 -50.63 -64.62 -67.80
C THR I 51 -52.11 -64.83 -67.49
N GLN I 52 -52.81 -63.74 -67.21
CA GLN I 52 -54.22 -63.79 -66.86
C GLN I 52 -54.82 -62.42 -67.18
N GLY I 53 -56.06 -62.20 -66.76
CA GLY I 53 -56.75 -60.94 -67.01
C GLY I 53 -56.02 -59.74 -66.46
N THR I 54 -55.52 -58.89 -67.36
CA THR I 54 -54.69 -57.74 -67.00
C THR I 54 -53.48 -58.18 -66.16
N LYS I 55 -53.00 -59.40 -66.42
CA LYS I 55 -51.91 -59.98 -65.66
C LYS I 55 -50.93 -60.74 -66.55
N ILE I 56 -50.75 -60.29 -67.79
CA ILE I 56 -49.75 -60.90 -68.64
C ILE I 56 -48.37 -60.69 -68.00
N ALA I 57 -47.43 -61.56 -68.38
CA ALA I 57 -46.11 -61.56 -67.75
C ALA I 57 -45.36 -60.26 -67.98
N SER I 58 -45.78 -59.44 -68.93
CA SER I 58 -45.06 -58.21 -69.25
C SER I 58 -44.94 -57.31 -68.03
N GLU I 59 -46.08 -57.02 -67.37
CA GLU I 59 -46.02 -56.19 -66.18
C GLU I 59 -45.31 -56.89 -65.03
N GLY I 60 -45.26 -58.22 -65.03
CA GLY I 60 -44.50 -58.93 -64.01
C GLY I 60 -43.02 -58.60 -64.08
N LEU I 61 -42.46 -58.63 -65.28
CA LEU I 61 -41.06 -58.30 -65.50
C LEU I 61 -40.84 -56.83 -65.84
N LYS I 62 -41.86 -56.00 -65.72
CA LYS I 62 -41.79 -54.61 -66.16
C LYS I 62 -41.01 -53.80 -65.12
N HIS I 63 -39.85 -53.31 -65.53
CA HIS I 63 -38.97 -52.44 -64.73
C HIS I 63 -38.37 -53.14 -63.51
N ARG I 64 -38.21 -54.46 -63.54
CA ARG I 64 -37.53 -55.13 -62.45
C ARG I 64 -36.03 -54.87 -62.52
N VAL I 65 -35.42 -54.69 -61.35
CA VAL I 65 -33.98 -54.49 -61.25
C VAL I 65 -33.35 -55.78 -60.75
N PHE I 66 -32.14 -56.06 -61.20
CA PHE I 66 -31.42 -57.28 -60.85
C PHE I 66 -30.03 -56.89 -60.35
N GLU I 67 -29.87 -56.84 -59.03
CA GLU I 67 -28.56 -56.59 -58.42
C GLU I 67 -27.68 -57.81 -58.61
N VAL I 68 -26.69 -57.71 -59.48
CA VAL I 68 -25.78 -58.82 -59.75
C VAL I 68 -24.36 -58.33 -59.63
N SER I 69 -23.46 -59.25 -59.29
CA SER I 69 -22.05 -58.90 -59.18
C SER I 69 -21.43 -58.72 -60.57
N LEU I 70 -20.34 -57.96 -60.64
CA LEU I 70 -19.68 -57.73 -61.95
C LEU I 70 -18.82 -58.95 -62.30
N ALA I 71 -18.22 -59.59 -61.29
CA ALA I 71 -17.38 -60.79 -61.53
C ALA I 71 -18.22 -61.88 -62.20
N ASP I 72 -19.51 -61.95 -61.89
CA ASP I 72 -20.38 -62.93 -62.56
C ASP I 72 -20.40 -62.62 -64.06
N LEU I 73 -20.80 -61.40 -64.42
CA LEU I 73 -20.87 -61.00 -65.86
C LEU I 73 -19.47 -61.04 -66.48
N GLN I 74 -18.45 -60.56 -65.77
CA GLN I 74 -17.09 -60.48 -66.36
C GLN I 74 -16.32 -61.80 -66.15
N ASN I 75 -16.92 -62.75 -65.43
CA ASN I 75 -16.23 -64.04 -65.15
C ASN I 75 -14.83 -63.75 -64.57
N ASP I 76 -14.61 -62.55 -64.04
CA ASP I 76 -13.31 -62.20 -63.40
C ASP I 76 -13.56 -61.94 -61.92
N GLU I 77 -12.92 -62.70 -61.03
CA GLU I 77 -13.19 -62.56 -59.57
C GLU I 77 -12.63 -61.23 -59.06
N ASP I 78 -11.55 -60.73 -59.66
CA ASP I 78 -10.96 -59.50 -59.15
C ASP I 78 -11.95 -58.35 -59.13
N GLN I 79 -13.02 -58.43 -59.92
CA GLN I 79 -14.08 -57.43 -59.95
C GLN I 79 -15.25 -57.80 -59.04
N ALA I 80 -15.05 -58.73 -58.10
CA ALA I 80 -16.13 -59.14 -57.21
C ALA I 80 -16.57 -58.01 -56.28
N TYR I 81 -15.71 -57.01 -56.07
CA TYR I 81 -16.08 -55.87 -55.24
C TYR I 81 -17.21 -55.05 -55.84
N ARG I 82 -17.39 -55.11 -57.15
CA ARG I 82 -18.38 -54.30 -57.85
C ARG I 82 -19.67 -55.07 -58.07
N LYS I 83 -20.79 -54.39 -57.84
CA LYS I 83 -22.11 -54.92 -58.17
C LYS I 83 -22.74 -54.07 -59.27
N ILE I 84 -23.59 -54.69 -60.07
CA ILE I 84 -24.22 -54.04 -61.21
C ILE I 84 -25.72 -54.20 -61.09
N ARG I 85 -26.46 -53.11 -61.28
CA ARG I 85 -27.91 -53.14 -61.32
C ARG I 85 -28.38 -53.07 -62.77
N LEU I 86 -29.37 -53.89 -63.10
CA LEU I 86 -29.81 -54.01 -64.50
C LEU I 86 -31.33 -54.02 -64.49
N ARG I 87 -31.94 -53.15 -65.27
CA ARG I 87 -33.42 -53.04 -65.23
C ARG I 87 -34.02 -53.81 -66.39
N ALA I 88 -34.89 -54.76 -66.09
CA ALA I 88 -35.62 -55.49 -67.15
C ALA I 88 -36.75 -54.62 -67.69
N GLU I 89 -36.67 -54.19 -68.94
CA GLU I 89 -37.65 -53.31 -69.56
C GLU I 89 -38.40 -53.93 -70.72
N ASP I 90 -37.97 -55.09 -71.21
CA ASP I 90 -38.68 -55.78 -72.29
C ASP I 90 -38.89 -57.24 -71.93
N VAL I 91 -39.66 -57.93 -72.78
CA VAL I 91 -39.81 -59.38 -72.68
C VAL I 91 -39.81 -59.98 -74.09
N GLN I 92 -38.69 -60.58 -74.47
CA GLN I 92 -38.53 -61.18 -75.79
C GLN I 92 -38.85 -62.67 -75.67
N GLY I 93 -40.14 -62.99 -75.63
CA GLY I 93 -40.57 -64.35 -75.42
C GLY I 93 -40.23 -64.84 -74.03
N MET I 94 -39.40 -65.88 -73.94
CA MET I 94 -38.92 -66.38 -72.66
C MET I 94 -37.63 -65.72 -72.20
N ASN I 95 -37.03 -64.88 -73.03
CA ASN I 95 -35.76 -64.23 -72.72
C ASN I 95 -36.03 -62.77 -72.38
N VAL I 96 -35.64 -62.35 -71.19
CA VAL I 96 -35.83 -60.99 -70.71
C VAL I 96 -34.50 -60.25 -70.82
N LEU I 97 -34.52 -59.12 -71.51
CA LEU I 97 -33.31 -58.35 -71.79
C LEU I 97 -33.22 -57.15 -70.85
N THR I 98 -32.00 -56.88 -70.38
CA THR I 98 -31.75 -55.83 -69.40
C THR I 98 -30.77 -54.80 -69.94
N ASN I 99 -30.71 -53.67 -69.24
CA ASN I 99 -29.79 -52.59 -69.57
C ASN I 99 -29.23 -52.02 -68.28
N PHE I 100 -28.14 -51.25 -68.41
CA PHE I 100 -27.47 -50.69 -67.25
C PHE I 100 -28.42 -49.83 -66.42
N TRP I 101 -28.42 -50.07 -65.11
CA TRP I 101 -29.21 -49.30 -64.16
C TRP I 101 -28.39 -48.98 -62.92
N GLY I 102 -27.14 -48.58 -63.12
CA GLY I 102 -26.28 -48.18 -62.05
C GLY I 102 -25.42 -49.30 -61.50
N MET I 103 -24.45 -48.92 -60.69
CA MET I 103 -23.52 -49.84 -60.07
C MET I 103 -23.16 -49.33 -58.69
N ASP I 104 -22.62 -50.22 -57.87
CA ASP I 104 -22.31 -49.87 -56.48
C ASP I 104 -21.24 -50.83 -55.96
N PHE I 105 -20.66 -50.45 -54.82
CA PHE I 105 -19.73 -51.32 -54.12
C PHE I 105 -20.47 -52.31 -53.22
N THR I 106 -19.79 -53.41 -52.91
CA THR I 106 -20.18 -54.23 -51.78
C THR I 106 -19.79 -53.53 -50.49
N THR I 107 -20.58 -53.74 -49.45
CA THR I 107 -20.30 -53.10 -48.17
C THR I 107 -18.93 -53.48 -47.63
N ASP I 108 -18.49 -54.71 -47.90
CA ASP I 108 -17.20 -55.18 -47.39
C ASP I 108 -16.05 -54.33 -47.93
N LYS I 109 -16.06 -54.03 -49.23
CA LYS I 109 -15.00 -53.24 -49.83
C LYS I 109 -14.98 -51.83 -49.24
N LEU I 110 -16.15 -51.20 -49.13
CA LEU I 110 -16.21 -49.85 -48.60
C LEU I 110 -15.72 -49.80 -47.16
N ARG I 111 -16.13 -50.77 -46.34
CA ARG I 111 -15.66 -50.79 -44.96
C ARG I 111 -14.18 -51.14 -44.88
N SER I 112 -13.63 -51.84 -45.87
CA SER I 112 -12.22 -52.14 -45.87
C SER I 112 -11.38 -50.92 -46.23
N LEU I 113 -11.89 -50.06 -47.11
CA LEU I 113 -11.11 -48.90 -47.54
C LEU I 113 -11.08 -47.79 -46.49
N VAL I 114 -12.19 -47.56 -45.80
CA VAL I 114 -12.30 -46.42 -44.88
C VAL I 114 -11.55 -46.77 -43.60
N ARG I 115 -10.32 -46.27 -43.49
CA ARG I 115 -9.46 -46.53 -42.35
C ARG I 115 -9.03 -45.22 -41.71
N LYS I 116 -8.61 -45.30 -40.44
CA LYS I 116 -8.21 -44.12 -39.71
C LYS I 116 -6.79 -43.69 -40.13
N TRP I 117 -6.39 -42.52 -39.64
CA TRP I 117 -5.08 -41.94 -39.90
C TRP I 117 -4.86 -41.69 -41.38
N GLN I 118 -5.95 -41.42 -42.10
CA GLN I 118 -5.90 -41.13 -43.52
C GLN I 118 -7.14 -40.34 -43.89
N THR I 119 -7.03 -39.55 -44.95
CA THR I 119 -8.11 -38.68 -45.38
C THR I 119 -8.97 -39.39 -46.42
N LEU I 120 -10.28 -39.19 -46.33
CA LEU I 120 -11.23 -39.70 -47.31
C LEU I 120 -11.73 -38.53 -48.14
N ILE I 121 -11.73 -38.68 -49.45
CA ILE I 121 -12.21 -37.67 -50.38
C ILE I 121 -13.42 -38.23 -51.11
N GLU I 122 -14.53 -37.51 -51.04
CA GLU I 122 -15.77 -37.94 -51.67
C GLU I 122 -16.28 -36.84 -52.60
N ALA I 123 -16.80 -37.25 -53.76
CA ALA I 123 -17.28 -36.29 -54.75
C ALA I 123 -18.47 -36.88 -55.48
N HIS I 124 -19.53 -36.09 -55.62
CA HIS I 124 -20.67 -36.42 -56.45
C HIS I 124 -20.84 -35.37 -57.53
N VAL I 125 -21.52 -35.75 -58.60
CA VAL I 125 -21.73 -34.85 -59.73
C VAL I 125 -22.91 -35.36 -60.54
N ASP I 126 -23.56 -34.45 -61.24
CA ASP I 126 -24.68 -34.77 -62.13
C ASP I 126 -24.21 -34.62 -63.57
N VAL I 127 -24.35 -35.68 -64.36
CA VAL I 127 -23.81 -35.73 -65.70
C VAL I 127 -24.89 -36.23 -66.66
N LYS I 128 -24.94 -35.61 -67.84
CA LYS I 128 -25.88 -35.98 -68.89
C LYS I 128 -25.14 -36.60 -70.07
N THR I 129 -25.69 -37.69 -70.59
CA THR I 129 -25.13 -38.37 -71.74
C THR I 129 -25.88 -37.97 -73.01
N THR I 130 -25.46 -38.53 -74.14
CA THR I 130 -26.01 -38.16 -75.43
C THR I 130 -27.43 -38.67 -75.66
N ASP I 131 -27.93 -39.57 -74.80
CA ASP I 131 -29.25 -40.16 -74.98
C ASP I 131 -30.18 -39.79 -73.82
N ASN I 132 -30.04 -38.57 -73.30
CA ASN I 132 -30.93 -38.04 -72.27
C ASN I 132 -30.96 -38.93 -71.04
N TYR I 133 -29.80 -39.49 -70.68
CA TYR I 133 -29.67 -40.26 -69.44
C TYR I 133 -28.96 -39.36 -68.43
N MET I 134 -29.68 -38.98 -67.37
CA MET I 134 -29.11 -38.19 -66.28
C MET I 134 -28.49 -39.15 -65.26
N LEU I 135 -27.22 -38.93 -64.92
CA LEU I 135 -26.48 -39.81 -64.04
C LEU I 135 -25.86 -39.01 -62.91
N ARG I 136 -25.94 -39.54 -61.69
CA ARG I 136 -25.16 -39.03 -60.56
C ARG I 136 -24.06 -40.05 -60.26
N MET I 137 -22.82 -39.61 -60.38
CA MET I 137 -21.65 -40.46 -60.17
C MET I 137 -21.00 -40.08 -58.85
N PHE I 138 -20.71 -41.08 -58.02
CA PHE I 138 -20.06 -40.88 -56.73
C PHE I 138 -18.65 -41.42 -56.82
N ALA I 139 -17.67 -40.58 -56.49
CA ALA I 139 -16.26 -40.96 -56.53
C ALA I 139 -15.70 -40.97 -55.12
N ILE I 140 -14.80 -41.91 -54.86
CA ILE I 140 -14.18 -42.07 -53.56
C ILE I 140 -12.66 -42.09 -53.76
N GLY I 141 -11.96 -41.49 -52.81
CA GLY I 141 -10.51 -41.47 -52.86
C GLY I 141 -9.95 -41.40 -51.46
N PHE I 142 -8.75 -41.95 -51.29
CA PHE I 142 -8.08 -41.96 -50.00
C PHE I 142 -6.64 -41.52 -50.18
N THR I 143 -6.14 -40.74 -49.23
CA THR I 143 -4.76 -40.30 -49.27
C THR I 143 -3.82 -41.49 -49.10
N LYS I 144 -2.68 -41.43 -49.80
CA LYS I 144 -1.76 -42.56 -49.86
C LYS I 144 -0.46 -42.21 -49.14
N ARG I 145 0.05 -43.16 -48.36
CA ARG I 145 1.33 -42.98 -47.70
C ARG I 145 2.49 -43.17 -48.67
N ARG I 146 3.58 -42.51 -48.38
CA ARG I 146 4.80 -42.64 -49.17
C ARG I 146 5.66 -43.78 -48.61
N PRO I 147 6.52 -44.36 -49.45
CA PRO I 147 7.34 -45.49 -48.97
C PRO I 147 8.26 -45.13 -47.81
N ASN I 148 8.76 -43.90 -47.75
CA ASN I 148 9.70 -43.49 -46.71
C ASN I 148 9.03 -42.67 -45.61
N GLN I 149 7.70 -42.61 -45.58
CA GLN I 149 7.02 -41.78 -44.59
C GLN I 149 7.29 -42.27 -43.18
N VAL I 150 7.66 -41.34 -42.30
CA VAL I 150 7.87 -41.61 -40.88
C VAL I 150 6.65 -41.14 -40.13
N LYS I 151 5.95 -40.14 -40.68
CA LYS I 151 4.71 -39.66 -40.08
C LYS I 151 3.70 -40.80 -39.95
N ARG I 152 3.09 -40.88 -38.78
CA ARG I 152 2.15 -41.95 -38.47
C ARG I 152 0.77 -41.70 -39.05
N THR I 153 0.50 -40.49 -39.52
CA THR I 153 -0.73 -40.17 -40.23
C THR I 153 -0.40 -39.65 -41.62
N CYS I 154 -1.40 -39.69 -42.50
CA CYS I 154 -1.28 -39.14 -43.85
C CYS I 154 -2.57 -38.37 -44.11
N TYR I 155 -2.54 -37.07 -43.82
CA TYR I 155 -3.69 -36.20 -43.92
C TYR I 155 -3.45 -35.11 -44.95
N ALA I 156 -4.53 -34.72 -45.62
CA ALA I 156 -4.53 -33.60 -46.56
C ALA I 156 -5.29 -32.44 -45.94
N GLN I 157 -4.80 -31.23 -46.17
CA GLN I 157 -5.47 -30.04 -45.68
C GLN I 157 -6.81 -29.86 -46.39
N ALA I 158 -7.73 -29.16 -45.73
CA ALA I 158 -9.06 -28.98 -46.29
C ALA I 158 -9.03 -28.26 -47.63
N SER I 159 -8.02 -27.40 -47.85
CA SER I 159 -7.85 -26.79 -49.15
C SER I 159 -7.45 -27.83 -50.20
N GLN I 160 -6.52 -28.72 -49.86
CA GLN I 160 -6.11 -29.77 -50.79
C GLN I 160 -7.27 -30.70 -51.11
N ILE I 161 -8.09 -31.01 -50.12
CA ILE I 161 -9.26 -31.87 -50.36
C ILE I 161 -10.20 -31.17 -51.35
N ARG I 162 -10.41 -29.86 -51.21
CA ARG I 162 -11.28 -29.08 -52.14
C ARG I 162 -10.67 -29.10 -53.57
N GLN I 163 -9.36 -28.92 -53.70
CA GLN I 163 -8.69 -29.04 -55.02
C GLN I 163 -8.92 -30.43 -55.63
N ILE I 164 -8.76 -31.48 -54.83
CA ILE I 164 -8.91 -32.85 -55.39
C ILE I 164 -10.38 -33.09 -55.76
N ARG I 165 -11.31 -32.54 -55.01
CA ARG I 165 -12.76 -32.76 -55.28
C ARG I 165 -13.07 -32.03 -56.60
N ARG I 166 -12.49 -30.87 -56.80
CA ARG I 166 -12.65 -30.14 -58.08
C ARG I 166 -12.12 -30.99 -59.24
N LYS I 167 -10.91 -31.56 -59.09
CA LYS I 167 -10.32 -32.35 -60.19
C LYS I 167 -11.17 -33.58 -60.45
N MET I 168 -11.71 -34.18 -59.41
CA MET I 168 -12.49 -35.43 -59.56
C MET I 168 -13.80 -35.11 -60.26
N VAL I 169 -14.37 -33.94 -59.99
CA VAL I 169 -15.71 -33.60 -60.54
C VAL I 169 -15.52 -33.16 -61.98
N GLU I 170 -14.46 -32.43 -62.26
CA GLU I 170 -14.22 -32.05 -63.66
C GLU I 170 -13.96 -33.26 -64.52
N ILE I 171 -13.24 -34.27 -64.01
CA ILE I 171 -13.03 -35.49 -64.78
C ILE I 171 -14.34 -36.25 -64.96
N MET I 172 -15.14 -36.35 -63.89
CA MET I 172 -16.41 -37.05 -64.02
C MET I 172 -17.30 -36.40 -65.07
N VAL I 173 -17.32 -35.06 -65.09
CA VAL I 173 -18.09 -34.36 -66.11
C VAL I 173 -17.50 -34.61 -67.50
N ASN I 174 -16.17 -34.54 -67.63
CA ASN I 174 -15.54 -34.65 -68.94
C ASN I 174 -15.82 -36.00 -69.60
N GLN I 175 -15.68 -37.09 -68.86
CA GLN I 175 -15.96 -38.40 -69.45
C GLN I 175 -17.45 -38.59 -69.73
N ALA I 176 -18.29 -38.52 -68.69
CA ALA I 176 -19.67 -38.95 -68.83
C ALA I 176 -20.43 -38.10 -69.85
N ALA I 177 -20.20 -36.78 -69.86
CA ALA I 177 -20.92 -35.92 -70.78
C ALA I 177 -20.57 -36.22 -72.23
N SER I 178 -19.28 -36.47 -72.51
CA SER I 178 -18.86 -36.70 -73.89
C SER I 178 -19.43 -38.00 -74.45
N CYS I 179 -19.46 -39.05 -73.64
CA CYS I 179 -19.75 -40.40 -74.12
C CYS I 179 -21.21 -40.76 -73.92
N ASP I 180 -21.55 -42.01 -74.25
CA ASP I 180 -22.88 -42.57 -74.13
C ASP I 180 -22.80 -43.74 -73.16
N LEU I 181 -23.96 -44.23 -72.71
CA LEU I 181 -24.01 -45.24 -71.64
C LEU I 181 -23.12 -46.44 -71.95
N LYS I 182 -23.11 -46.91 -73.19
CA LYS I 182 -22.36 -48.13 -73.50
C LYS I 182 -20.87 -47.92 -73.26
N GLU I 183 -20.30 -46.89 -73.87
CA GLU I 183 -18.89 -46.61 -73.65
C GLU I 183 -18.62 -45.99 -72.28
N LEU I 184 -19.62 -45.39 -71.64
CA LEU I 184 -19.44 -44.95 -70.26
C LEU I 184 -19.23 -46.14 -69.34
N VAL I 185 -20.04 -47.19 -69.50
CA VAL I 185 -19.83 -48.41 -68.73
C VAL I 185 -18.55 -49.09 -69.14
N ASN I 186 -18.23 -49.07 -70.44
CA ASN I 186 -16.93 -49.56 -70.90
C ASN I 186 -15.78 -48.82 -70.22
N LYS I 187 -16.00 -47.57 -69.81
CA LYS I 187 -15.03 -46.89 -68.97
C LYS I 187 -15.11 -47.36 -67.52
N PHE I 188 -16.30 -47.70 -67.03
CA PHE I 188 -16.42 -48.18 -65.66
C PHE I 188 -15.71 -49.50 -65.43
N ILE I 189 -15.83 -50.46 -66.36
CA ILE I 189 -15.37 -51.82 -66.08
C ILE I 189 -13.88 -51.89 -65.81
N PRO I 190 -12.99 -51.31 -66.64
CA PRO I 190 -11.57 -51.23 -66.24
C PRO I 190 -11.29 -50.14 -65.23
N GLU I 191 -12.28 -49.28 -64.94
CA GLU I 191 -12.13 -48.18 -64.00
C GLU I 191 -11.01 -47.23 -64.41
N VAL I 192 -11.00 -46.86 -65.69
CA VAL I 192 -10.01 -45.92 -66.19
C VAL I 192 -10.25 -44.51 -65.64
N ILE I 193 -11.49 -44.20 -65.25
CA ILE I 193 -11.77 -42.90 -64.65
C ILE I 193 -11.01 -42.75 -63.34
N GLY I 194 -10.99 -43.82 -62.52
CA GLY I 194 -10.23 -43.77 -61.29
C GLY I 194 -8.75 -43.55 -61.52
N LYS I 195 -8.19 -44.21 -62.53
CA LYS I 195 -6.78 -44.03 -62.84
C LYS I 195 -6.50 -42.62 -63.32
N GLU I 196 -7.39 -42.04 -64.13
CA GLU I 196 -7.18 -40.67 -64.56
C GLU I 196 -7.29 -39.69 -63.39
N ILE I 197 -8.22 -39.94 -62.47
CA ILE I 197 -8.30 -39.09 -61.28
C ILE I 197 -7.03 -39.20 -60.45
N GLU I 198 -6.50 -40.41 -60.30
CA GLU I 198 -5.24 -40.58 -59.56
C GLU I 198 -4.09 -39.86 -60.24
N LYS I 199 -4.04 -39.90 -61.58
CA LYS I 199 -3.03 -39.18 -62.33
C LYS I 199 -3.19 -37.67 -62.15
N ALA I 200 -4.41 -37.17 -62.21
CA ALA I 200 -4.65 -35.73 -62.19
C ALA I 200 -4.54 -35.13 -60.80
N THR I 201 -4.71 -35.94 -59.75
CA THR I 201 -4.57 -35.48 -58.37
C THR I 201 -3.21 -35.82 -57.77
N SER I 202 -2.35 -36.55 -58.48
CA SER I 202 -1.03 -36.84 -57.95
C SER I 202 -0.21 -35.56 -57.72
N SER I 203 -0.44 -34.52 -58.52
CA SER I 203 0.24 -33.24 -58.32
C SER I 203 -0.23 -32.52 -57.06
N ILE I 204 -1.45 -32.80 -56.60
CA ILE I 204 -1.96 -32.20 -55.38
C ILE I 204 -1.55 -33.04 -54.18
N PHE I 205 -1.97 -34.31 -54.18
CA PHE I 205 -1.70 -35.23 -53.08
C PHE I 205 -1.78 -36.66 -53.62
N PRO I 206 -0.79 -37.51 -53.33
CA PRO I 206 -0.90 -38.91 -53.77
C PRO I 206 -2.14 -39.56 -53.20
N LEU I 207 -2.80 -40.37 -54.02
CA LEU I 207 -4.08 -40.98 -53.66
C LEU I 207 -4.00 -42.48 -53.87
N GLN I 208 -4.87 -43.19 -53.14
CA GLN I 208 -4.99 -44.63 -53.25
C GLN I 208 -6.46 -45.01 -53.23
N ASN I 209 -6.76 -46.15 -53.84
CA ASN I 209 -8.11 -46.72 -53.87
C ASN I 209 -9.13 -45.70 -54.40
N VAL I 210 -8.77 -45.03 -55.49
CA VAL I 210 -9.67 -44.08 -56.13
C VAL I 210 -10.65 -44.85 -57.00
N TYR I 211 -11.95 -44.66 -56.77
CA TYR I 211 -12.98 -45.43 -57.44
C TYR I 211 -14.19 -44.55 -57.69
N VAL I 212 -15.00 -44.97 -58.66
CA VAL I 212 -16.36 -44.45 -58.81
C VAL I 212 -17.25 -45.41 -58.02
N ARG I 213 -17.57 -45.05 -56.78
CA ARG I 213 -18.20 -45.99 -55.87
C ARG I 213 -19.62 -46.34 -56.29
N LYS I 214 -20.33 -45.43 -56.93
CA LYS I 214 -21.75 -45.64 -57.17
C LYS I 214 -22.19 -44.80 -58.36
N VAL I 215 -23.10 -45.36 -59.16
CA VAL I 215 -23.75 -44.65 -60.25
C VAL I 215 -25.25 -44.81 -60.07
N LYS I 216 -25.98 -43.70 -60.07
CA LYS I 216 -27.43 -43.71 -59.92
C LYS I 216 -28.06 -43.06 -61.15
N ILE I 217 -28.96 -43.78 -61.80
CA ILE I 217 -29.67 -43.26 -62.97
C ILE I 217 -30.89 -42.53 -62.43
N LEU I 218 -30.95 -41.21 -62.64
CA LEU I 218 -32.01 -40.43 -62.02
C LEU I 218 -33.25 -40.35 -62.90
N LYS I 219 -33.08 -40.04 -64.19
CA LYS I 219 -34.16 -40.21 -65.15
C LYS I 219 -33.60 -40.78 -66.45
N ALA I 220 -34.42 -41.57 -67.11
CA ALA I 220 -34.12 -42.29 -68.34
C ALA I 220 -35.05 -41.82 -69.46
N PRO I 221 -34.58 -41.84 -70.71
CA PRO I 221 -35.45 -41.38 -71.81
C PRO I 221 -36.62 -42.33 -72.06
N LYS I 222 -37.48 -41.96 -73.01
CA LYS I 222 -38.58 -42.82 -73.39
C LYS I 222 -38.04 -44.13 -73.95
N PHE I 223 -38.63 -45.24 -73.51
CA PHE I 223 -38.16 -46.56 -73.90
C PHE I 223 -38.17 -46.72 -75.42
N ASP I 224 -37.00 -47.00 -75.99
CA ASP I 224 -36.84 -47.22 -77.42
C ASP I 224 -36.49 -48.69 -77.64
N LEU I 225 -37.34 -49.39 -78.37
CA LEU I 225 -37.15 -50.82 -78.57
C LEU I 225 -35.96 -51.11 -79.47
N GLY I 226 -35.83 -50.36 -80.57
CA GLY I 226 -34.69 -50.55 -81.45
C GLY I 226 -33.37 -50.25 -80.76
N LYS I 227 -33.35 -49.20 -79.93
CA LYS I 227 -32.15 -48.91 -79.15
C LYS I 227 -31.83 -50.06 -78.20
N LEU I 228 -32.85 -50.69 -77.65
CA LEU I 228 -32.64 -51.82 -76.76
C LEU I 228 -32.03 -53.00 -77.51
N MET I 229 -32.60 -53.34 -78.67
CA MET I 229 -32.04 -54.41 -79.50
C MET I 229 -30.68 -54.07 -80.07
N GLU I 230 -30.31 -52.79 -80.13
CA GLU I 230 -29.00 -52.42 -80.63
C GLU I 230 -27.89 -52.98 -79.74
N VAL I 231 -28.07 -52.93 -78.43
CA VAL I 231 -27.05 -53.34 -77.48
C VAL I 231 -27.32 -54.75 -76.95
N HIS I 232 -28.31 -55.43 -77.49
CA HIS I 232 -28.66 -56.79 -77.08
C HIS I 232 -28.57 -57.77 -78.25
CT2 AME J 1 34.65 -13.80 10.35
CT1 AME J 1 34.11 -15.17 10.69
OT AME J 1 34.43 -16.11 10.05
CB AME J 1 31.34 -14.58 13.08
CG AME J 1 30.74 -13.41 13.84
SD AME J 1 29.23 -13.96 14.69
CE AME J 1 28.14 -14.81 13.50
C AME J 1 33.64 -14.04 13.57
O AME J 1 33.94 -14.93 14.28
N AME J 1 33.18 -15.35 11.80
CA AME J 1 32.75 -14.21 12.61
N GLN J 2 34.16 -12.82 13.66
CA GLN J 2 35.16 -12.49 14.67
C GLN J 2 34.56 -11.64 15.78
N ASN J 3 34.96 -11.94 17.02
CA ASN J 3 34.56 -11.10 18.14
C ASN J 3 35.33 -9.78 18.10
N GLU J 4 34.75 -8.75 18.73
CA GLU J 4 35.42 -7.46 18.77
C GLU J 4 36.72 -7.54 19.56
N VAL J 5 36.82 -8.49 20.49
CA VAL J 5 38.08 -8.75 21.15
C VAL J 5 39.11 -9.26 20.16
N GLY J 6 38.69 -10.08 19.19
CA GLY J 6 39.57 -10.58 18.17
C GLY J 6 39.66 -12.10 18.13
N ASP J 7 38.58 -12.76 18.53
CA ASP J 7 38.56 -14.23 18.56
C ASP J 7 37.56 -14.75 17.53
N MET J 8 37.75 -15.98 17.04
CA MET J 8 36.75 -16.57 16.12
C MET J 8 35.65 -17.12 17.01
N VAL J 9 34.40 -16.90 16.63
CA VAL J 9 33.28 -17.28 17.52
C VAL J 9 32.47 -18.40 16.88
N ASP J 10 32.78 -18.71 15.62
CA ASP J 10 32.09 -19.80 14.90
C ASP J 10 32.68 -21.15 15.33
N LEU J 11 31.85 -22.18 15.40
CA LEU J 11 32.39 -23.52 15.68
C LEU J 11 33.35 -23.82 14.55
N TYR J 12 32.90 -23.66 13.32
CA TYR J 12 33.76 -23.94 12.13
C TYR J 12 33.45 -23.04 10.93
N VAL J 13 34.36 -23.03 9.96
CA VAL J 13 34.18 -22.30 8.67
C VAL J 13 33.90 -23.34 7.60
N PRO J 14 32.63 -23.52 7.20
CA PRO J 14 32.21 -24.55 6.24
C PRO J 14 32.78 -24.30 4.84
N ARG J 15 32.92 -25.39 4.09
CA ARG J 15 33.38 -25.28 2.72
C ARG J 15 32.28 -24.72 1.83
N LYS J 16 32.69 -24.06 0.75
CA LYS J 16 31.79 -23.52 -0.24
C LYS J 16 31.93 -24.30 -1.53
N CYS J 17 30.80 -24.49 -2.23
CA CYS J 17 30.84 -25.18 -3.51
C CYS J 17 31.74 -24.42 -4.48
N SER J 18 32.65 -25.15 -5.12
CA SER J 18 33.59 -24.51 -6.03
C SER J 18 32.93 -24.00 -7.31
N ALA J 19 31.69 -24.41 -7.58
CA ALA J 19 30.98 -23.99 -8.78
C ALA J 19 29.91 -22.95 -8.51
N THR J 20 29.09 -23.14 -7.48
CA THR J 20 27.96 -22.25 -7.19
C THR J 20 28.21 -21.34 -6.00
N ASN J 21 29.35 -21.45 -5.34
CA ASN J 21 29.74 -20.66 -4.17
C ASN J 21 28.82 -20.91 -2.97
N ARG J 22 27.93 -21.89 -3.06
CA ARG J 22 27.02 -22.19 -1.96
C ARG J 22 27.76 -22.86 -0.81
N ILE J 23 27.32 -22.56 0.41
CA ILE J 23 27.90 -23.18 1.59
C ILE J 23 27.52 -24.65 1.62
N ILE J 24 28.51 -25.52 1.83
CA ILE J 24 28.29 -26.95 1.90
C ILE J 24 28.02 -27.30 3.36
N THR J 25 26.77 -27.66 3.67
CA THR J 25 26.36 -27.88 5.05
C THR J 25 26.88 -29.23 5.55
N ALA J 26 26.70 -29.44 6.85
CA ALA J 26 27.23 -30.64 7.49
C ALA J 26 26.41 -31.89 7.15
N LYS J 27 25.13 -31.72 6.82
CA LYS J 27 24.28 -32.85 6.46
C LYS J 27 24.05 -32.94 4.95
N ASP J 28 24.83 -32.21 4.15
CA ASP J 28 24.75 -32.28 2.69
C ASP J 28 25.57 -33.49 2.24
N HIS J 29 24.93 -34.66 2.30
CA HIS J 29 25.64 -35.91 2.03
C HIS J 29 25.80 -36.18 0.54
N ALA J 30 25.15 -35.41 -0.32
CA ALA J 30 25.40 -35.49 -1.75
C ALA J 30 26.62 -34.69 -2.19
N SER J 31 27.18 -33.90 -1.29
CA SER J 31 28.40 -33.15 -1.59
C SER J 31 29.61 -34.08 -1.58
N VAL J 32 30.63 -33.72 -2.36
CA VAL J 32 31.84 -34.50 -2.49
C VAL J 32 33.04 -33.55 -2.50
N GLN J 33 34.23 -34.14 -2.48
CA GLN J 33 35.49 -33.39 -2.56
C GLN J 33 36.45 -34.19 -3.44
N ILE J 34 36.85 -33.60 -4.56
CA ILE J 34 37.69 -34.26 -5.54
C ILE J 34 39.10 -33.71 -5.45
N ASN J 35 40.08 -34.60 -5.38
CA ASN J 35 41.49 -34.23 -5.39
C ASN J 35 42.08 -34.66 -6.73
N ILE J 36 42.52 -33.68 -7.51
CA ILE J 36 43.09 -33.93 -8.83
C ILE J 36 44.60 -33.86 -8.70
N GLY J 37 45.27 -34.99 -8.87
CA GLY J 37 46.70 -35.04 -8.66
C GLY J 37 47.47 -34.25 -9.70
N HIS J 38 48.66 -33.84 -9.31
CA HIS J 38 49.54 -33.05 -10.17
C HIS J 38 50.65 -33.94 -10.71
N VAL J 39 50.93 -33.83 -12.00
CA VAL J 39 51.98 -34.62 -12.65
C VAL J 39 53.03 -33.68 -13.21
N ASP J 40 54.30 -34.04 -13.01
CA ASP J 40 55.41 -33.30 -13.59
C ASP J 40 55.70 -33.86 -14.98
N ALA J 41 56.86 -33.50 -15.53
CA ALA J 41 57.29 -34.08 -16.79
C ALA J 41 57.41 -35.60 -16.65
N ASN J 42 57.31 -36.28 -17.79
CA ASN J 42 57.32 -37.73 -17.94
C ASN J 42 56.06 -38.40 -17.40
N GLY J 43 55.12 -37.64 -16.83
CA GLY J 43 53.86 -38.18 -16.38
C GLY J 43 53.83 -38.69 -14.96
N LEU J 44 54.95 -38.63 -14.24
CA LEU J 44 54.96 -39.09 -12.85
C LEU J 44 54.10 -38.20 -11.98
N TYR J 45 53.45 -38.81 -11.00
CA TYR J 45 52.55 -38.09 -10.09
C TYR J 45 53.36 -37.54 -8.93
N ASN J 46 53.31 -36.21 -8.76
CA ASN J 46 54.19 -35.54 -7.80
C ASN J 46 53.87 -35.92 -6.37
N GLY J 47 52.58 -36.06 -6.04
CA GLY J 47 52.14 -36.17 -4.67
C GLY J 47 51.37 -34.96 -4.19
N SER J 48 51.38 -33.88 -4.95
CA SER J 48 50.56 -32.70 -4.67
C SER J 48 49.33 -32.73 -5.57
N PHE J 49 48.28 -32.03 -5.13
CA PHE J 49 47.02 -32.05 -5.86
C PHE J 49 46.23 -30.78 -5.57
N THR J 50 45.30 -30.49 -6.47
CA THR J 50 44.32 -29.43 -6.26
C THR J 50 43.01 -30.05 -5.82
N THR J 51 42.23 -29.30 -5.05
CA THR J 51 41.00 -29.78 -4.46
C THR J 51 39.82 -28.94 -4.91
N PHE J 52 38.73 -29.60 -5.28
CA PHE J 52 37.46 -28.96 -5.58
C PHE J 52 36.37 -29.68 -4.80
N ALA J 53 35.46 -28.90 -4.21
CA ALA J 53 34.29 -29.44 -3.54
C ALA J 53 33.05 -28.93 -4.23
N LEU J 54 32.12 -29.84 -4.53
CA LEU J 54 30.88 -29.51 -5.19
C LEU J 54 29.72 -29.80 -4.24
N SER J 55 28.82 -28.83 -4.11
CA SER J 55 27.66 -29.02 -3.26
C SER J 55 26.76 -30.11 -3.84
N GLY J 56 25.89 -30.65 -2.98
CA GLY J 56 24.92 -31.62 -3.44
C GLY J 56 23.92 -31.06 -4.42
N PHE J 57 23.69 -29.75 -4.39
CA PHE J 57 22.77 -29.12 -5.31
C PHE J 57 23.28 -29.19 -6.75
N VAL J 58 24.53 -28.79 -6.97
CA VAL J 58 25.07 -28.78 -8.33
C VAL J 58 25.21 -30.19 -8.87
N ARG J 59 25.55 -31.16 -8.01
CA ARG J 59 25.60 -32.55 -8.45
C ARG J 59 24.21 -33.08 -8.77
N ALA J 60 23.22 -32.72 -7.95
CA ALA J 60 21.85 -33.14 -8.22
C ALA J 60 21.32 -32.58 -9.53
N GLN J 61 21.74 -31.36 -9.89
CA GLN J 61 21.30 -30.78 -11.14
C GLN J 61 21.89 -31.52 -12.35
N GLY J 62 23.05 -32.14 -12.17
CA GLY J 62 23.77 -32.75 -13.26
C GLY J 62 24.90 -31.90 -13.82
N ASP J 63 24.95 -30.61 -13.47
CA ASP J 63 26.00 -29.74 -13.95
C ASP J 63 27.34 -29.97 -13.25
N ALA J 64 27.44 -30.98 -12.39
CA ALA J 64 28.68 -31.22 -11.68
C ALA J 64 29.83 -31.54 -12.63
N ASP J 65 29.56 -32.35 -13.67
CA ASP J 65 30.61 -32.74 -14.60
C ASP J 65 31.15 -31.52 -15.35
N GLY J 66 30.26 -30.72 -15.94
CA GLY J 66 30.69 -29.55 -16.66
C GLY J 66 31.35 -28.51 -15.76
N SER J 67 30.79 -28.30 -14.58
CA SER J 67 31.38 -27.38 -13.62
C SER J 67 32.80 -27.81 -13.25
N LEU J 68 32.98 -29.08 -12.95
CA LEU J 68 34.30 -29.58 -12.57
C LEU J 68 35.28 -29.50 -13.74
N ASP J 69 34.83 -29.81 -14.95
CA ASP J 69 35.71 -29.74 -16.10
C ASP J 69 36.16 -28.30 -16.37
N ARG J 70 35.29 -27.32 -16.20
CA ARG J 70 35.63 -25.89 -16.41
C ARG J 70 36.62 -25.44 -15.34
N LEU J 71 36.34 -25.79 -14.08
CA LEU J 71 37.23 -25.41 -12.94
C LEU J 71 38.63 -25.98 -13.17
N TRP J 72 38.69 -27.24 -13.61
CA TRP J 72 40.00 -27.90 -13.82
C TRP J 72 40.69 -27.22 -14.99
N GLN J 73 40.01 -26.96 -16.10
CA GLN J 73 40.68 -26.21 -17.19
C GLN J 73 41.30 -24.95 -16.62
N GLN J 74 40.54 -24.18 -15.85
CA GLN J 74 41.11 -22.91 -15.37
C GLN J 74 42.35 -23.15 -14.50
N LYS J 75 42.26 -24.03 -13.50
CA LYS J 75 43.43 -24.16 -12.59
C LYS J 75 44.60 -24.76 -13.35
N ARG J 76 44.34 -25.63 -14.33
CA ARG J 76 45.45 -26.32 -15.03
C ARG J 76 46.17 -25.22 -15.77
N ALA J 77 45.43 -24.38 -16.49
CA ALA J 77 46.07 -23.23 -17.14
C ALA J 77 46.95 -22.52 -16.11
N GLU J 78 46.36 -22.06 -15.01
CA GLU J 78 47.14 -21.26 -14.03
C GLU J 78 48.42 -21.94 -13.51
N ILE J 79 48.40 -23.24 -13.18
CA ILE J 79 49.58 -23.89 -12.52
C ILE J 79 50.47 -24.62 -13.53
N LYS J 80 50.14 -24.53 -14.80
CA LYS J 80 50.83 -25.22 -15.89
C LYS J 80 50.70 -26.73 -15.77
N GLN J 81 49.49 -27.19 -15.46
CA GLN J 81 49.21 -28.62 -15.38
C GLN J 81 48.14 -29.02 -16.39
N THR K 2 -10.87 -35.53 -4.76
CA THR K 2 -9.77 -36.18 -5.43
C THR K 2 -10.06 -36.31 -6.93
N PHE K 3 -9.13 -35.85 -7.76
CA PHE K 3 -9.23 -36.00 -9.20
C PHE K 3 -8.57 -37.31 -9.60
N LYS K 4 -9.37 -38.21 -10.18
CA LYS K 4 -8.88 -39.55 -10.48
C LYS K 4 -7.93 -39.56 -11.69
N ARG K 5 -8.27 -38.80 -12.73
CA ARG K 5 -7.48 -38.78 -13.95
C ARG K 5 -7.12 -37.34 -14.33
N ARG K 6 -5.97 -37.19 -14.99
CA ARG K 6 -5.58 -35.87 -15.48
C ARG K 6 -6.52 -35.38 -16.58
N ASN K 7 -6.90 -36.27 -17.48
CA ASN K 7 -7.79 -35.91 -18.58
C ASN K 7 -9.27 -35.96 -18.19
N GLY K 8 -9.58 -36.27 -16.94
CA GLY K 8 -10.96 -36.30 -16.49
C GLY K 8 -11.79 -37.41 -17.09
N GLY K 9 -11.17 -38.48 -17.57
CA GLY K 9 -11.90 -39.59 -18.14
C GLY K 9 -12.35 -39.40 -19.57
N ARG K 10 -11.80 -38.42 -20.28
CA ARG K 10 -12.20 -38.15 -21.65
C ARG K 10 -10.98 -37.69 -22.42
N ASN K 11 -11.19 -37.26 -23.66
CA ASN K 11 -10.13 -36.73 -24.53
C ASN K 11 -10.61 -35.41 -25.12
N LYS K 12 -10.42 -34.32 -24.38
CA LYS K 12 -10.95 -33.03 -24.81
C LYS K 12 -9.98 -31.93 -24.37
N HIS K 13 -9.20 -31.43 -25.31
CA HIS K 13 -8.31 -30.30 -25.08
C HIS K 13 -8.47 -29.28 -26.18
N GLY K 14 -8.48 -28.00 -25.80
CA GLY K 14 -8.61 -26.93 -26.77
C GLY K 14 -9.94 -26.89 -27.48
N ARG K 15 -11.01 -27.32 -26.83
CA ARG K 15 -12.34 -27.28 -27.43
C ARG K 15 -13.39 -27.34 -26.34
N GLY K 16 -14.61 -27.00 -26.71
CA GLY K 16 -15.72 -26.96 -25.78
C GLY K 16 -16.59 -28.18 -25.87
N HIS K 17 -17.72 -28.06 -26.57
CA HIS K 17 -18.64 -29.17 -26.70
C HIS K 17 -18.13 -30.20 -27.70
N VAL K 18 -18.37 -31.48 -27.39
CA VAL K 18 -18.12 -32.58 -28.30
C VAL K 18 -19.44 -33.35 -28.46
N LYS K 19 -19.81 -33.62 -29.70
CA LYS K 19 -21.05 -34.34 -29.97
C LYS K 19 -21.00 -35.73 -29.32
N TYR K 20 -22.15 -36.17 -28.83
CA TYR K 20 -22.23 -37.47 -28.17
C TYR K 20 -22.57 -38.57 -29.18
N ILE K 21 -22.30 -39.81 -28.76
CA ILE K 21 -22.76 -40.98 -29.48
C ILE K 21 -23.77 -41.70 -28.61
N ARG K 22 -24.34 -42.79 -29.13
CA ARG K 22 -25.29 -43.60 -28.38
C ARG K 22 -24.68 -44.98 -28.15
N CYS K 23 -24.73 -45.45 -26.91
CA CYS K 23 -24.09 -46.71 -26.55
C CYS K 23 -24.70 -47.85 -27.34
N SER K 24 -23.85 -48.73 -27.86
CA SER K 24 -24.32 -49.86 -28.66
C SER K 24 -25.20 -50.79 -27.85
N ASN K 25 -24.93 -50.93 -26.56
CA ASN K 25 -25.70 -51.83 -25.70
C ASN K 25 -26.96 -51.16 -25.14
N CYS K 26 -26.80 -50.07 -24.41
CA CYS K 26 -27.90 -49.48 -23.66
C CYS K 26 -28.47 -48.21 -24.28
N ALA K 27 -27.89 -47.74 -25.39
CA ALA K 27 -28.32 -46.48 -26.02
C ALA K 27 -28.14 -45.29 -25.08
N LYS K 28 -27.04 -45.28 -24.34
CA LYS K 28 -26.72 -44.16 -23.48
C LYS K 28 -25.99 -43.08 -24.26
N CYS K 29 -26.25 -41.82 -23.89
CA CYS K 29 -25.59 -40.69 -24.52
C CYS K 29 -24.23 -40.48 -23.88
N CYS K 30 -23.17 -40.80 -24.62
CA CYS K 30 -21.82 -40.60 -24.14
C CYS K 30 -21.04 -39.72 -25.11
N PRO K 31 -20.23 -38.79 -24.60
CA PRO K 31 -19.38 -37.99 -25.50
C PRO K 31 -18.50 -38.89 -26.33
N LYS K 32 -18.29 -38.48 -27.58
CA LYS K 32 -17.53 -39.30 -28.52
C LYS K 32 -16.11 -39.52 -28.03
N ASP K 33 -15.49 -38.49 -27.44
CA ASP K 33 -14.12 -38.61 -26.97
C ASP K 33 -14.00 -39.43 -25.70
N LYS K 34 -15.08 -39.54 -24.92
CA LYS K 34 -15.05 -40.29 -23.67
C LYS K 34 -15.45 -41.75 -23.85
N ALA K 35 -16.36 -42.03 -24.77
CA ALA K 35 -16.85 -43.38 -24.96
C ALA K 35 -15.73 -44.31 -25.42
N ILE K 36 -15.81 -45.57 -24.98
CA ILE K 36 -14.83 -46.58 -25.34
C ILE K 36 -15.17 -47.09 -26.74
N LYS K 37 -14.20 -47.02 -27.64
CA LYS K 37 -14.42 -47.28 -29.05
C LYS K 37 -13.53 -48.42 -29.51
N ARG K 38 -14.14 -49.43 -30.12
CA ARG K 38 -13.41 -50.59 -30.63
C ARG K 38 -13.81 -50.84 -32.07
N PHE K 39 -12.82 -51.14 -32.91
CA PHE K 39 -13.05 -51.48 -34.32
C PHE K 39 -12.93 -53.00 -34.45
N LEU K 40 -14.07 -53.67 -34.54
CA LEU K 40 -14.11 -55.13 -34.61
C LEU K 40 -14.19 -55.57 -36.06
N VAL K 41 -13.19 -56.31 -36.51
CA VAL K 41 -13.16 -56.88 -37.85
C VAL K 41 -13.31 -58.39 -37.71
N ARG K 42 -14.52 -58.88 -37.89
CA ARG K 42 -14.82 -60.29 -37.78
C ARG K 42 -15.20 -60.84 -39.15
N ASN K 43 -15.54 -62.13 -39.18
CA ASN K 43 -16.00 -62.80 -40.38
C ASN K 43 -17.48 -63.13 -40.26
N ILE K 44 -18.20 -63.08 -41.37
CA ILE K 44 -19.67 -63.32 -41.34
C ILE K 44 -19.87 -64.80 -41.01
N VAL K 45 -18.82 -65.60 -41.15
CA VAL K 45 -18.95 -67.07 -40.92
C VAL K 45 -18.08 -67.50 -39.74
N GLU K 46 -18.70 -68.10 -38.73
CA GLU K 46 -17.96 -68.52 -37.52
C GLU K 46 -16.78 -69.39 -37.94
N GLN K 47 -15.68 -69.35 -37.18
CA GLN K 47 -14.47 -70.17 -37.52
C GLN K 47 -14.91 -71.60 -37.86
N ALA K 48 -15.96 -72.09 -37.20
CA ALA K 48 -16.39 -73.50 -37.40
C ALA K 48 -17.07 -73.66 -38.77
N ALA K 49 -18.09 -72.86 -39.07
CA ALA K 49 -18.84 -73.02 -40.34
C ALA K 49 -17.95 -72.66 -41.54
N VAL K 50 -16.78 -72.09 -41.29
CA VAL K 50 -15.89 -71.64 -42.40
C VAL K 50 -15.74 -72.78 -43.41
N ARG K 51 -15.26 -73.94 -42.95
CA ARG K 51 -15.00 -75.05 -43.90
C ARG K 51 -16.29 -75.43 -44.63
N ASP K 52 -17.37 -75.67 -43.88
CA ASP K 52 -18.64 -76.11 -44.52
C ASP K 52 -19.05 -75.09 -45.58
N VAL K 53 -18.93 -73.80 -45.28
CA VAL K 53 -19.37 -72.74 -46.23
C VAL K 53 -18.40 -72.73 -47.43
N GLN K 54 -17.10 -72.68 -47.15
CA GLN K 54 -16.08 -72.66 -48.24
C GLN K 54 -16.36 -73.85 -49.16
N GLU K 55 -16.92 -74.93 -48.63
CA GLU K 55 -17.26 -76.12 -49.44
C GLU K 55 -18.50 -75.81 -50.28
N ALA K 56 -19.59 -75.33 -49.65
CA ALA K 56 -20.83 -75.13 -50.46
C ALA K 56 -20.77 -73.92 -51.40
N CYS K 57 -19.62 -73.68 -52.03
CA CYS K 57 -19.48 -72.46 -52.81
C CYS K 57 -19.40 -72.81 -54.28
N VAL K 58 -20.22 -72.14 -55.09
CA VAL K 58 -20.18 -72.35 -56.54
C VAL K 58 -18.84 -71.92 -57.11
N HIS K 59 -18.36 -70.76 -56.69
CA HIS K 59 -17.10 -70.22 -57.19
C HIS K 59 -15.95 -70.77 -56.35
N ASP K 60 -15.01 -71.45 -57.01
CA ASP K 60 -13.87 -72.03 -56.29
C ASP K 60 -13.02 -70.94 -55.66
N GLY K 61 -12.74 -69.87 -56.41
CA GLY K 61 -12.01 -68.75 -55.85
C GLY K 61 -12.95 -67.70 -55.28
N TYR K 62 -13.14 -67.73 -53.97
CA TYR K 62 -14.07 -66.82 -53.31
C TYR K 62 -13.60 -66.60 -51.89
N VAL K 63 -12.92 -65.47 -51.65
CA VAL K 63 -12.53 -65.10 -50.29
C VAL K 63 -13.78 -64.73 -49.50
N LEU K 64 -13.92 -65.33 -48.32
CA LEU K 64 -15.13 -65.13 -47.53
C LEU K 64 -15.18 -63.69 -47.01
N PRO K 65 -16.27 -62.97 -47.27
CA PRO K 65 -16.34 -61.56 -46.87
C PRO K 65 -16.29 -61.39 -45.36
N LYS K 66 -15.73 -60.26 -44.94
CA LYS K 66 -15.57 -59.94 -43.53
C LYS K 66 -16.62 -58.92 -43.08
N LEU K 67 -16.64 -58.68 -41.78
CA LEU K 67 -17.50 -57.67 -41.17
C LEU K 67 -16.64 -56.64 -40.47
N TYR K 68 -16.84 -55.38 -40.80
CA TYR K 68 -16.14 -54.26 -40.16
C TYR K 68 -17.15 -53.41 -39.42
N ALA K 69 -16.90 -53.18 -38.14
CA ALA K 69 -17.83 -52.42 -37.31
C ALA K 69 -17.07 -51.71 -36.20
N LYS K 70 -17.31 -50.42 -36.06
CA LYS K 70 -16.74 -49.62 -34.98
C LYS K 70 -17.79 -49.50 -33.89
N VAL K 71 -17.52 -50.12 -32.74
CA VAL K 71 -18.49 -50.28 -31.67
C VAL K 71 -18.26 -49.19 -30.62
N HIS K 72 -19.34 -48.53 -30.21
CA HIS K 72 -19.29 -47.49 -29.21
C HIS K 72 -19.93 -47.98 -27.92
N HIS K 73 -19.28 -47.68 -26.80
CA HIS K 73 -19.71 -48.18 -25.51
C HIS K 73 -19.60 -47.08 -24.47
N CYS K 74 -20.58 -47.00 -23.58
CA CYS K 74 -20.43 -46.16 -22.40
C CYS K 74 -19.49 -46.83 -21.41
N VAL K 75 -19.12 -46.09 -20.37
CA VAL K 75 -18.20 -46.63 -19.37
C VAL K 75 -18.82 -47.81 -18.64
N SER K 76 -20.10 -47.68 -18.24
CA SER K 76 -20.75 -48.76 -17.48
C SER K 76 -20.82 -50.05 -18.30
N CYS K 77 -21.20 -49.95 -19.58
CA CYS K 77 -21.31 -51.14 -20.40
C CYS K 77 -19.95 -51.70 -20.77
N ALA K 78 -18.96 -50.81 -20.99
CA ALA K 78 -17.62 -51.28 -21.30
C ALA K 78 -17.01 -52.05 -20.12
N ILE K 79 -17.27 -51.58 -18.90
CA ILE K 79 -16.80 -52.30 -17.71
C ILE K 79 -17.58 -53.60 -17.53
N HIS K 80 -18.91 -53.55 -17.72
CA HIS K 80 -19.72 -54.75 -17.55
C HIS K 80 -19.36 -55.82 -18.58
N ALA K 81 -19.08 -55.42 -19.82
CA ALA K 81 -18.72 -56.36 -20.87
C ALA K 81 -17.26 -56.75 -20.85
N HIS K 82 -16.48 -56.23 -19.89
CA HIS K 82 -15.06 -56.52 -19.74
C HIS K 82 -14.23 -56.02 -20.92
N ILE K 83 -14.77 -55.09 -21.70
CA ILE K 83 -13.97 -54.43 -22.72
C ILE K 83 -12.82 -53.65 -22.09
N VAL K 84 -13.10 -52.96 -20.99
CA VAL K 84 -12.08 -52.36 -20.15
C VAL K 84 -12.31 -52.86 -18.73
N ARG K 85 -11.22 -52.96 -17.98
CA ARG K 85 -11.28 -53.43 -16.60
C ARG K 85 -10.64 -52.40 -15.69
N VAL K 86 -11.08 -52.39 -14.43
CA VAL K 86 -10.49 -51.51 -13.43
C VAL K 86 -9.03 -51.89 -13.24
N ARG K 87 -8.16 -50.87 -13.22
CA ARG K 87 -6.73 -51.08 -13.16
C ARG K 87 -6.17 -50.41 -11.91
N SER K 88 -4.97 -50.84 -11.53
CA SER K 88 -4.27 -50.22 -10.41
C SER K 88 -3.85 -48.80 -10.76
N ARG K 89 -3.56 -48.01 -9.72
CA ARG K 89 -3.25 -46.59 -9.91
C ARG K 89 -2.11 -46.39 -10.90
N GLU K 90 -1.03 -47.16 -10.75
CA GLU K 90 0.11 -47.01 -11.64
C GLU K 90 -0.24 -47.39 -13.08
N ASN K 91 -1.01 -48.48 -13.24
CA ASN K 91 -1.28 -48.98 -14.59
C ASN K 91 -2.29 -48.12 -15.35
N ARG K 92 -3.05 -47.26 -14.66
CA ARG K 92 -4.03 -46.44 -15.36
C ARG K 92 -3.36 -45.45 -16.31
N ARG K 93 -2.17 -44.96 -15.96
CA ARG K 93 -1.47 -43.98 -16.79
C ARG K 93 -0.89 -44.59 -18.06
N ASN K 94 -0.94 -45.91 -18.20
CA ASN K 94 -0.49 -46.62 -19.42
C ASN K 94 -1.60 -46.58 -20.48
N ARG K 95 -1.32 -45.95 -21.63
CA ARG K 95 -2.37 -45.77 -22.67
C ARG K 95 -2.06 -46.71 -23.82
N GLU K 96 -0.92 -47.39 -23.77
CA GLU K 96 -0.51 -48.35 -24.81
C GLU K 96 -1.61 -49.36 -25.09
N PRO K 97 -1.88 -49.69 -26.36
CA PRO K 97 -2.84 -50.75 -26.70
C PRO K 97 -2.33 -52.10 -26.22
N PRO K 98 -3.18 -53.13 -26.22
CA PRO K 98 -2.75 -54.42 -25.69
C PRO K 98 -1.47 -54.93 -26.35
N GLN K 99 -0.52 -55.32 -25.52
CA GLN K 99 0.79 -55.74 -25.99
C GLN K 99 0.71 -57.06 -26.76
N VAL L 2 -13.70 20.19 40.39
CA VAL L 2 -12.40 19.54 40.24
C VAL L 2 -11.78 19.30 41.61
N HIS L 3 -11.11 18.17 41.76
CA HIS L 3 -10.30 17.87 42.94
C HIS L 3 -8.84 17.82 42.52
N VAL L 4 -8.01 18.61 43.20
CA VAL L 4 -6.60 18.69 42.84
C VAL L 4 -5.93 17.33 43.00
N ASN L 5 -6.39 16.52 43.94
CA ASN L 5 -5.80 15.20 44.16
C ASN L 5 -5.94 14.28 42.96
N PHE L 6 -6.90 14.57 42.07
CA PHE L 6 -7.07 13.75 40.87
C PHE L 6 -5.87 13.84 39.94
N TYR L 7 -5.06 14.89 40.03
CA TYR L 7 -3.91 15.05 39.15
C TYR L 7 -2.66 14.32 39.64
N ARG L 8 -2.67 13.73 40.83
CA ARG L 8 -1.51 12.96 41.25
C ARG L 8 -1.43 11.67 40.46
N ASN L 9 -0.23 11.39 39.94
CA ASN L 9 -0.01 10.20 39.11
C ASN L 9 0.21 8.97 39.98
N TYR L 10 -0.15 7.81 39.41
CA TYR L 10 0.21 6.54 40.01
C TYR L 10 0.27 5.49 38.90
N GLY L 11 0.96 4.39 39.19
CA GLY L 11 1.14 3.36 38.18
C GLY L 11 1.43 2.02 38.81
N LYS L 12 1.33 0.99 37.97
CA LYS L 12 1.56 -0.38 38.40
C LYS L 12 3.04 -0.74 38.29
N THR L 13 3.49 -1.58 39.24
CA THR L 13 4.91 -1.91 39.36
C THR L 13 5.26 -3.30 38.85
N PHE L 14 4.29 -4.10 38.41
CA PHE L 14 4.57 -5.47 38.02
C PHE L 14 3.46 -5.98 37.12
N LYS L 15 3.78 -7.06 36.39
CA LYS L 15 2.80 -7.81 35.61
C LYS L 15 2.78 -9.26 36.06
N LYS L 16 1.65 -9.92 35.82
CA LYS L 16 1.59 -11.35 36.06
C LYS L 16 2.02 -12.13 34.81
N PRO L 17 2.56 -13.33 34.99
CA PRO L 17 3.00 -14.12 33.85
C PRO L 17 1.85 -14.50 32.93
N ARG L 18 2.15 -14.61 31.64
CA ARG L 18 1.16 -15.06 30.67
C ARG L 18 0.79 -16.52 30.91
N ARG L 19 1.76 -17.36 31.24
CA ARG L 19 1.49 -18.76 31.53
C ARG L 19 1.56 -18.98 33.03
N PRO L 20 0.43 -19.24 33.70
CA PRO L 20 0.46 -19.31 35.17
C PRO L 20 1.09 -20.58 35.74
N TYR L 21 1.03 -21.70 35.02
CA TYR L 21 1.34 -23.01 35.60
C TYR L 21 2.40 -23.73 34.79
N GLU L 22 3.51 -23.05 34.51
CA GLU L 22 4.65 -23.65 33.86
C GLU L 22 5.67 -24.08 34.91
N LYS L 23 6.03 -25.37 34.90
CA LYS L 23 6.92 -25.92 35.92
C LYS L 23 8.25 -25.17 36.00
N GLU L 24 8.88 -24.94 34.85
CA GLU L 24 10.22 -24.36 34.84
C GLU L 24 10.22 -22.97 35.44
N ARG L 25 9.25 -22.13 35.04
CA ARG L 25 9.17 -20.78 35.57
C ARG L 25 8.86 -20.79 37.06
N LEU L 26 7.95 -21.66 37.50
CA LEU L 26 7.64 -21.75 38.92
C LEU L 26 8.87 -22.14 39.73
N ASP L 27 9.65 -23.11 39.24
CA ASP L 27 10.86 -23.51 39.94
C ASP L 27 11.88 -22.38 40.01
N ALA L 28 12.08 -21.66 38.90
CA ALA L 28 13.05 -20.58 38.91
C ALA L 28 12.63 -19.46 39.85
N GLU L 29 11.36 -19.08 39.82
CA GLU L 29 10.87 -18.04 40.71
C GLU L 29 10.99 -18.46 42.17
N LEU L 30 10.64 -19.72 42.49
CA LEU L 30 10.77 -20.16 43.87
C LEU L 30 12.23 -20.21 44.31
N LYS L 31 13.13 -20.59 43.41
CA LYS L 31 14.55 -20.59 43.76
C LYS L 31 15.04 -19.20 44.11
N LEU L 32 14.66 -18.20 43.28
CA LEU L 32 15.06 -16.83 43.60
C LEU L 32 14.42 -16.34 44.89
N VAL L 33 13.13 -16.64 45.09
CA VAL L 33 12.42 -16.19 46.29
C VAL L 33 13.05 -16.76 47.54
N GLY L 34 13.37 -18.06 47.53
CA GLY L 34 14.03 -18.67 48.67
C GLY L 34 15.43 -18.16 48.88
N GLU L 35 16.16 -17.89 47.78
CA GLU L 35 17.51 -17.38 47.91
C GLU L 35 17.54 -15.97 48.51
N TYR L 36 16.50 -15.17 48.27
CA TYR L 36 16.49 -13.79 48.74
C TYR L 36 15.38 -13.49 49.74
N GLY L 37 14.72 -14.52 50.26
CA GLY L 37 13.73 -14.32 51.32
C GLY L 37 12.56 -13.43 50.95
N LEU L 38 12.06 -13.55 49.73
CA LEU L 38 10.97 -12.71 49.28
C LEU L 38 9.64 -13.17 49.88
N ARG L 39 8.73 -12.22 50.05
CA ARG L 39 7.45 -12.51 50.68
C ARG L 39 6.43 -13.12 49.72
N CYS L 40 6.57 -12.88 48.41
CA CYS L 40 5.67 -13.46 47.42
C CYS L 40 6.34 -13.32 46.05
N LYS L 41 5.66 -13.84 45.03
CA LYS L 41 6.16 -13.72 43.66
C LYS L 41 6.11 -12.30 43.14
N ARG L 42 5.24 -11.47 43.70
CA ARG L 42 5.09 -10.11 43.19
C ARG L 42 6.35 -9.28 43.44
N GLU L 43 7.10 -9.59 44.50
CA GLU L 43 8.35 -8.87 44.75
C GLU L 43 9.38 -9.16 43.67
N LEU L 44 9.41 -10.39 43.18
CA LEU L 44 10.28 -10.71 42.04
C LEU L 44 9.70 -10.20 40.73
N TRP L 45 8.38 -10.20 40.59
CA TRP L 45 7.76 -9.70 39.37
C TRP L 45 8.00 -8.21 39.18
N ARG L 46 7.99 -7.43 40.27
CA ARG L 46 8.25 -6.00 40.12
C ARG L 46 9.71 -5.73 39.78
N VAL L 47 10.63 -6.55 40.29
CA VAL L 47 12.04 -6.42 39.90
C VAL L 47 12.19 -6.75 38.42
N GLN L 48 11.48 -7.77 37.95
CA GLN L 48 11.50 -8.09 36.53
C GLN L 48 10.89 -6.97 35.69
N TYR L 49 9.86 -6.31 36.22
CA TYR L 49 9.25 -5.17 35.53
C TYR L 49 10.24 -4.02 35.40
N ALA L 50 10.95 -3.70 36.48
CA ALA L 50 11.95 -2.64 36.44
C ALA L 50 13.07 -2.99 35.48
N LEU L 51 13.54 -4.25 35.53
CA LEU L 51 14.57 -4.68 34.59
C LEU L 51 14.08 -4.60 33.15
N SER L 52 12.80 -4.93 32.93
CA SER L 52 12.24 -4.83 31.58
C SER L 52 12.26 -3.40 31.07
N ARG L 53 11.84 -2.44 31.90
CA ARG L 53 11.88 -1.05 31.44
C ARG L 53 13.30 -0.57 31.18
N ILE L 54 14.25 -0.91 32.08
CA ILE L 54 15.63 -0.50 31.86
C ILE L 54 16.19 -1.14 30.59
N ARG L 55 15.91 -2.41 30.37
CA ARG L 55 16.39 -3.11 29.20
C ARG L 55 15.80 -2.53 27.92
N ASN L 56 14.51 -2.19 27.95
CA ASN L 56 13.89 -1.58 26.79
C ASN L 56 14.54 -0.24 26.47
N ALA L 57 14.81 0.57 27.49
CA ALA L 57 15.48 1.85 27.26
C ALA L 57 16.87 1.64 26.66
N ALA L 58 17.64 0.70 27.22
CA ALA L 58 18.98 0.45 26.70
C ALA L 58 18.96 -0.05 25.27
N ARG L 59 18.01 -0.94 24.95
CA ARG L 59 17.89 -1.46 23.58
C ARG L 59 17.52 -0.34 22.61
N HIS L 60 16.58 0.52 23.00
CA HIS L 60 16.19 1.63 22.13
C HIS L 60 17.37 2.56 21.87
N LEU L 61 18.30 2.73 22.77
CA LEU L 61 19.43 3.64 22.45
C LEU L 61 20.48 2.90 21.64
N LEU L 62 20.51 1.58 21.69
CA LEU L 62 21.45 0.75 20.90
C LEU L 62 20.99 0.75 19.45
N THR L 63 19.71 0.99 19.22
CA THR L 63 19.12 1.08 17.86
C THR L 63 19.08 2.56 17.46
N LEU L 64 20.22 3.26 17.58
CA LEU L 64 20.34 4.71 17.27
C LEU L 64 21.83 4.85 17.03
N ASP L 65 22.31 5.95 16.46
CA ASP L 65 23.76 6.06 16.12
C ASP L 65 24.58 6.44 17.35
N GLU L 66 25.85 6.06 17.39
CA GLU L 66 26.70 6.32 18.56
C GLU L 66 27.04 7.81 18.64
N LYS L 67 26.49 8.59 17.71
CA LYS L 67 26.74 10.05 17.68
C LYS L 67 25.40 10.75 17.88
N ASN L 68 24.32 9.99 17.80
CA ASN L 68 23.03 10.58 18.12
C ASN L 68 23.12 11.25 19.49
N PRO L 69 22.91 12.57 19.60
CA PRO L 69 23.08 13.21 20.90
C PRO L 69 22.14 12.68 21.97
N ARG L 70 21.01 12.09 21.59
CA ARG L 70 20.15 11.43 22.60
C ARG L 70 20.82 10.15 23.16
N ARG L 71 21.42 9.33 22.32
CA ARG L 71 22.11 8.12 22.83
C ARG L 71 23.30 8.55 23.72
N ILE L 72 24.11 9.51 23.33
CA ILE L 72 25.20 10.00 24.22
C ILE L 72 24.63 10.50 25.56
N PHE L 73 23.50 11.19 25.52
CA PHE L 73 23.01 11.76 26.77
C PHE L 73 22.29 10.72 27.63
N GLU L 74 21.32 10.01 27.03
CA GLU L 74 20.53 9.08 27.82
C GLU L 74 21.31 7.82 28.17
N GLY L 75 22.23 7.39 27.31
CA GLY L 75 23.09 6.27 27.67
C GLY L 75 24.03 6.63 28.80
N ALA L 76 24.56 7.85 28.80
CA ALA L 76 25.37 8.28 29.93
C ALA L 76 24.56 8.31 31.22
N ALA L 77 23.32 8.82 31.14
CA ALA L 77 22.48 8.83 32.33
C ALA L 77 22.17 7.41 32.83
N LEU L 78 21.86 6.50 31.90
CA LEU L 78 21.57 5.13 32.28
C LEU L 78 22.77 4.43 32.87
N LEU L 79 23.96 4.66 32.30
CA LEU L 79 25.17 4.07 32.85
C LEU L 79 25.49 4.65 34.23
N ARG L 80 25.24 5.95 34.41
CA ARG L 80 25.42 6.55 35.73
C ARG L 80 24.49 5.91 36.75
N ARG L 81 23.24 5.68 36.36
CA ARG L 81 22.29 5.08 37.29
C ARG L 81 22.64 3.63 37.60
N MET L 82 23.16 2.88 36.62
CA MET L 82 23.55 1.50 36.87
C MET L 82 24.83 1.40 37.70
N ASN L 83 25.76 2.34 37.52
CA ASN L 83 26.96 2.34 38.35
C ASN L 83 26.66 2.85 39.75
N ARG L 84 25.66 3.72 39.88
CA ARG L 84 25.34 4.33 41.17
C ARG L 84 24.78 3.30 42.14
N TYR L 85 23.97 2.37 41.66
CA TYR L 85 23.33 1.37 42.49
C TYR L 85 24.08 0.04 42.52
N GLY L 86 25.31 0.01 42.03
CA GLY L 86 26.13 -1.18 42.11
C GLY L 86 25.79 -2.27 41.13
N LEU L 87 24.96 -1.98 40.12
CA LEU L 87 24.53 -3.00 39.19
C LEU L 87 25.55 -3.28 38.10
N LEU L 88 26.53 -2.39 37.90
CA LEU L 88 27.52 -2.55 36.85
C LEU L 88 28.91 -2.27 37.43
N ALA L 89 29.90 -2.97 36.89
CA ALA L 89 31.28 -2.80 37.31
C ALA L 89 31.88 -1.58 36.60
N GLU L 90 33.19 -1.40 36.75
CA GLU L 90 33.86 -0.28 36.08
C GLU L 90 34.23 -0.64 34.64
N GLY L 91 34.71 -1.87 34.42
CA GLY L 91 34.97 -2.30 33.06
C GLY L 91 33.71 -2.37 32.22
N GLN L 92 32.58 -2.64 32.85
CA GLN L 92 31.28 -2.66 32.18
C GLN L 92 30.77 -1.23 32.07
N ASP L 93 31.31 -0.50 31.10
CA ASP L 93 31.00 0.91 30.89
C ASP L 93 30.39 1.13 29.52
N LYS L 94 29.50 0.23 29.10
CA LYS L 94 28.84 0.33 27.81
C LYS L 94 27.37 -0.05 27.96
N LEU L 95 26.55 0.47 27.04
CA LEU L 95 25.13 0.15 27.05
C LEU L 95 24.87 -1.33 26.78
N ASP L 96 25.81 -2.02 26.14
CA ASP L 96 25.62 -3.45 25.87
C ASP L 96 25.53 -4.24 27.17
N TYR L 97 26.38 -3.91 28.15
CA TYR L 97 26.36 -4.61 29.43
C TYR L 97 25.09 -4.35 30.22
N VAL L 98 24.40 -3.24 29.97
CA VAL L 98 23.13 -3.00 30.64
C VAL L 98 22.10 -4.02 30.19
N LEU L 99 22.14 -4.41 28.91
CA LEU L 99 21.23 -5.42 28.39
C LEU L 99 21.48 -6.79 29.00
N ALA L 100 22.67 -7.04 29.53
CA ALA L 100 23.02 -8.34 30.10
C ALA L 100 22.65 -8.46 31.57
N LEU L 101 22.09 -7.42 32.18
CA LEU L 101 21.75 -7.47 33.59
C LEU L 101 20.56 -8.40 33.83
N THR L 102 20.57 -9.07 34.98
CA THR L 102 19.53 -10.00 35.36
C THR L 102 18.86 -9.52 36.65
N ALA L 103 17.71 -10.13 36.96
CA ALA L 103 17.02 -9.81 38.20
C ALA L 103 17.84 -10.17 39.43
N GLU L 104 18.80 -11.09 39.28
CA GLU L 104 19.71 -11.41 40.36
C GLU L 104 20.53 -10.19 40.77
N ASN L 105 21.01 -9.43 39.78
CA ASN L 105 21.81 -8.24 40.08
C ASN L 105 21.01 -7.22 40.88
N PHE L 106 19.74 -7.05 40.53
CA PHE L 106 18.90 -6.11 41.26
C PHE L 106 18.54 -6.62 42.64
N LEU L 107 18.30 -7.93 42.76
CA LEU L 107 17.95 -8.49 44.07
C LEU L 107 19.14 -8.48 45.01
N ALA L 108 20.36 -8.50 44.47
CA ALA L 108 21.56 -8.46 45.30
C ALA L 108 21.81 -7.09 45.93
N ARG L 109 21.15 -6.04 45.44
CA ARG L 109 21.32 -4.70 45.97
C ARG L 109 20.26 -4.32 47.00
N ARG L 110 19.35 -5.23 47.34
CA ARG L 110 18.37 -4.94 48.38
C ARG L 110 19.03 -4.75 49.73
N LEU L 111 18.38 -3.96 50.59
CA LEU L 111 18.85 -3.80 51.96
C LEU L 111 18.82 -5.13 52.71
N GLN L 112 17.86 -6.01 52.40
CA GLN L 112 17.83 -7.31 53.04
C GLN L 112 19.05 -8.14 52.67
N THR L 113 19.34 -8.23 51.37
CA THR L 113 20.50 -9.01 50.92
C THR L 113 21.80 -8.43 51.46
N LEU L 114 21.95 -7.11 51.42
CA LEU L 114 23.20 -6.51 51.85
C LEU L 114 23.36 -6.53 53.37
N VAL L 115 22.26 -6.48 54.11
CA VAL L 115 22.34 -6.66 55.55
C VAL L 115 22.75 -8.07 55.89
N PHE L 116 22.22 -9.06 55.17
CA PHE L 116 22.64 -10.44 55.40
C PHE L 116 24.11 -10.64 55.05
N LYS L 117 24.56 -10.11 53.90
CA LYS L 117 25.93 -10.34 53.48
C LYS L 117 26.94 -9.51 54.27
N ALA L 118 26.50 -8.47 54.97
CA ALA L 118 27.41 -7.67 55.79
C ALA L 118 27.73 -8.32 57.12
N GLY L 119 27.07 -9.43 57.46
CA GLY L 119 27.29 -10.09 58.72
C GLY L 119 26.39 -9.63 59.85
N MET L 120 25.53 -8.64 59.61
CA MET L 120 24.63 -8.15 60.65
C MET L 120 23.53 -9.15 60.97
N ALA L 121 23.21 -10.06 60.05
CA ALA L 121 22.14 -11.03 60.25
C ALA L 121 22.64 -12.43 59.95
N LYS L 122 22.05 -13.40 60.63
CA LYS L 122 22.45 -14.80 60.45
C LYS L 122 21.89 -15.40 59.18
N SER L 123 20.71 -14.98 58.74
CA SER L 123 20.09 -15.50 57.54
C SER L 123 19.45 -14.34 56.78
N ILE L 124 19.00 -14.64 55.55
CA ILE L 124 18.29 -13.65 54.76
C ILE L 124 16.95 -13.30 55.42
N HIS L 125 16.31 -14.29 56.06
CA HIS L 125 15.04 -14.04 56.73
C HIS L 125 15.24 -13.26 58.02
N HIS L 126 16.33 -13.56 58.73
CA HIS L 126 16.68 -12.76 59.91
C HIS L 126 17.01 -11.32 59.50
N ALA L 127 17.63 -11.14 58.33
CA ALA L 127 17.83 -9.79 57.82
C ALA L 127 16.51 -9.09 57.54
N ARG L 128 15.56 -9.81 56.94
CA ARG L 128 14.26 -9.21 56.66
C ARG L 128 13.57 -8.77 57.95
N VAL L 129 13.55 -9.63 58.96
CA VAL L 129 12.89 -9.23 60.20
C VAL L 129 13.65 -8.08 60.86
N LEU L 130 14.98 -8.12 60.87
CA LEU L 130 15.76 -7.05 61.47
C LEU L 130 15.43 -5.70 60.83
N ILE L 131 15.34 -5.66 59.50
CA ILE L 131 14.98 -4.41 58.84
C ILE L 131 13.55 -4.01 59.21
N ARG L 132 12.62 -4.96 59.19
CA ARG L 132 11.24 -4.61 59.50
C ARG L 132 11.04 -4.28 60.99
N GLN L 133 11.99 -4.64 61.85
CA GLN L 133 11.93 -4.29 63.27
C GLN L 133 12.57 -2.94 63.57
N ARG L 134 12.99 -2.21 62.54
CA ARG L 134 13.57 -0.86 62.68
C ARG L 134 14.94 -0.88 63.35
N HIS L 135 15.69 -1.98 63.19
CA HIS L 135 17.03 -2.06 63.76
C HIS L 135 18.11 -1.58 62.80
N ILE L 136 17.78 -1.28 61.56
CA ILE L 136 18.77 -0.99 60.53
C ILE L 136 18.61 0.45 60.08
N ARG L 137 19.72 1.17 59.99
CA ARG L 137 19.76 2.50 59.44
C ARG L 137 20.77 2.55 58.29
N VAL L 138 20.43 3.32 57.26
CA VAL L 138 21.35 3.60 56.15
C VAL L 138 21.78 5.05 56.30
N GLY L 139 23.06 5.26 56.55
CA GLY L 139 23.51 6.58 56.98
C GLY L 139 22.94 6.87 58.35
N ARG L 140 22.31 8.03 58.49
CA ARG L 140 21.61 8.38 59.72
C ARG L 140 20.12 8.04 59.66
N GLN L 141 19.62 7.58 58.52
CA GLN L 141 18.20 7.33 58.33
C GLN L 141 17.91 5.85 58.54
N ILE L 142 17.04 5.54 59.50
CA ILE L 142 16.62 4.17 59.68
C ILE L 142 15.64 3.79 58.57
N VAL L 143 15.81 2.59 58.03
CA VAL L 143 15.03 2.11 56.91
C VAL L 143 14.36 0.81 57.33
N ASN L 144 13.04 0.81 57.37
CA ASN L 144 12.26 -0.39 57.68
C ASN L 144 11.71 -1.05 56.44
N VAL L 145 12.17 -0.65 55.26
CA VAL L 145 11.71 -1.17 53.97
C VAL L 145 12.81 -2.10 53.43
N PRO L 146 12.56 -3.41 53.33
CA PRO L 146 13.63 -4.32 52.89
C PRO L 146 13.94 -4.25 51.40
N SER L 147 13.01 -3.83 50.56
CA SER L 147 13.27 -3.66 49.13
C SER L 147 14.07 -2.39 48.82
N PHE L 148 14.55 -1.71 49.85
CA PHE L 148 15.40 -0.53 49.68
C PHE L 148 16.62 -0.87 48.83
N MET L 149 16.80 -0.09 47.76
CA MET L 149 17.93 -0.27 46.85
C MET L 149 19.10 0.56 47.34
N VAL L 150 20.19 -0.09 47.73
CA VAL L 150 21.32 0.57 48.36
C VAL L 150 22.34 0.99 47.31
N ARG L 151 22.70 2.26 47.33
CA ARG L 151 23.75 2.79 46.48
C ARG L 151 25.11 2.35 47.00
N VAL L 152 26.12 2.38 46.12
CA VAL L 152 27.47 2.00 46.54
C VAL L 152 28.03 3.00 47.55
N GLU L 153 27.66 4.28 47.43
CA GLU L 153 28.13 5.26 48.39
C GLU L 153 27.46 5.12 49.74
N SER L 154 26.34 4.41 49.81
CA SER L 154 25.61 4.19 51.05
C SER L 154 25.84 2.80 51.63
N GLU L 155 26.58 1.94 50.93
CA GLU L 155 26.79 0.57 51.41
C GLU L 155 27.58 0.56 52.72
N LYS L 156 28.62 1.38 52.81
CA LYS L 156 29.48 1.40 53.99
C LYS L 156 28.85 2.13 55.17
N HIS L 157 27.63 2.65 55.03
CA HIS L 157 26.94 3.32 56.11
C HIS L 157 25.74 2.52 56.63
N ILE L 158 25.56 1.28 56.17
CA ILE L 158 24.52 0.43 56.73
C ILE L 158 24.97 -0.01 58.11
N ASP L 159 24.14 0.28 59.12
CA ASP L 159 24.55 0.10 60.51
C ASP L 159 23.30 -0.09 61.36
N PHE L 160 23.51 -0.59 62.57
CA PHE L 160 22.41 -0.76 63.51
C PHE L 160 21.93 0.60 64.02
N SER L 161 20.62 0.71 64.21
CA SER L 161 20.05 1.96 64.67
C SER L 161 20.54 2.32 66.07
N LEU L 162 20.69 3.62 66.32
CA LEU L 162 21.07 4.08 67.64
C LEU L 162 19.98 3.89 68.68
N THR L 163 18.72 3.81 68.24
CA THR L 163 17.61 3.56 69.14
C THR L 163 17.32 2.07 69.33
N SER L 164 18.07 1.20 68.66
CA SER L 164 17.83 -0.23 68.70
C SER L 164 18.71 -0.90 69.76
N PRO L 165 18.20 -1.94 70.41
CA PRO L 165 19.02 -2.66 71.41
C PRO L 165 20.28 -3.29 70.84
N PHE L 166 20.32 -3.57 69.54
CA PHE L 166 21.53 -4.09 68.91
C PHE L 166 22.46 -2.99 68.43
N GLY L 167 22.09 -1.73 68.63
CA GLY L 167 22.92 -0.63 68.18
C GLY L 167 23.22 0.39 69.26
N GLY L 168 23.41 -0.08 70.49
CA GLY L 168 23.72 0.79 71.60
C GLY L 168 22.52 1.34 72.34
N GLY L 169 21.30 1.09 71.87
CA GLY L 169 20.12 1.57 72.52
C GLY L 169 19.74 0.74 73.72
N PRO L 170 18.65 1.12 74.36
CA PRO L 170 18.19 0.40 75.56
C PRO L 170 17.51 -0.91 75.19
N ALA L 171 17.36 -1.76 76.20
CA ALA L 171 16.79 -3.08 76.01
C ALA L 171 15.32 -2.99 75.57
N GLY L 172 14.88 -3.99 74.81
CA GLY L 172 13.51 -4.05 74.37
C GLY L 172 12.56 -4.47 75.47
N ARG L 173 11.27 -4.39 75.16
CA ARG L 173 10.25 -4.61 76.17
C ARG L 173 10.28 -6.03 76.72
N VAL L 174 10.68 -7.00 75.89
CA VAL L 174 10.76 -8.38 76.38
C VAL L 174 11.83 -8.51 77.45
N LYS L 175 13.04 -8.01 77.16
CA LYS L 175 14.12 -8.10 78.13
C LYS L 175 13.79 -7.31 79.38
N ARG L 176 13.28 -6.09 79.22
CA ARG L 176 12.98 -5.25 80.37
C ARG L 176 11.91 -5.87 81.24
N LYS L 177 10.87 -6.44 80.63
CA LYS L 177 9.84 -7.12 81.41
C LYS L 177 10.42 -8.31 82.15
N ASN L 178 11.34 -9.05 81.50
CA ASN L 178 11.94 -10.20 82.17
C ASN L 178 12.78 -9.79 83.37
N GLN L 179 13.58 -8.72 83.24
CA GLN L 179 14.35 -8.26 84.39
C GLN L 179 13.46 -7.71 85.48
N LYS L 180 12.35 -7.04 85.10
CA LYS L 180 11.41 -6.57 86.12
C LYS L 180 10.78 -7.73 86.87
N LYS L 181 10.49 -8.83 86.17
CA LYS L 181 10.02 -10.03 86.85
C LYS L 181 11.09 -10.58 87.79
N ALA L 182 12.34 -10.58 87.36
CA ALA L 182 13.44 -11.10 88.18
C ALA L 182 13.66 -10.23 89.42
N LYS M 44 32.56 -54.10 23.87
CA LYS M 44 31.97 -52.83 24.28
C LYS M 44 31.46 -52.07 23.05
N TRP M 45 32.36 -51.77 22.11
CA TRP M 45 31.99 -51.11 20.87
C TRP M 45 32.95 -51.54 19.78
N VAL M 46 32.41 -52.16 18.74
CA VAL M 46 33.18 -52.53 17.55
C VAL M 46 32.73 -51.60 16.42
N PRO M 47 33.56 -50.66 15.98
CA PRO M 47 33.12 -49.72 14.94
C PRO M 47 32.96 -50.43 13.61
N VAL M 48 31.81 -50.18 12.96
CA VAL M 48 31.49 -50.82 11.69
C VAL M 48 31.75 -49.92 10.49
N THR M 49 32.10 -48.65 10.72
CA THR M 49 32.38 -47.71 9.65
C THR M 49 33.81 -47.21 9.76
N LYS M 50 34.32 -46.69 8.64
CA LYS M 50 35.66 -46.12 8.63
C LYS M 50 35.76 -44.92 9.58
N LEU M 51 34.72 -44.08 9.61
CA LEU M 51 34.71 -42.95 10.52
C LEU M 51 34.73 -43.41 11.97
N GLY M 52 33.98 -44.47 12.29
CA GLY M 52 33.97 -44.99 13.64
C GLY M 52 35.33 -45.47 14.10
N ARG M 53 36.10 -46.08 13.19
CA ARG M 53 37.43 -46.56 13.53
C ARG M 53 38.33 -45.40 13.97
N LEU M 54 38.33 -44.31 13.21
CA LEU M 54 39.18 -43.18 13.55
C LEU M 54 38.74 -42.51 14.85
N VAL M 55 37.43 -42.40 15.07
CA VAL M 55 36.92 -41.81 16.31
C VAL M 55 37.29 -42.70 17.49
N LYS M 56 37.22 -44.02 17.32
CA LYS M 56 37.60 -44.93 18.39
C LYS M 56 39.09 -44.77 18.74
N GLU M 57 39.94 -44.64 17.74
CA GLU M 57 41.37 -44.52 17.99
C GLU M 57 41.76 -43.16 18.57
N GLY M 58 40.97 -42.12 18.32
CA GLY M 58 41.28 -40.79 18.81
C GLY M 58 41.79 -39.81 17.77
N ARG M 59 41.70 -40.14 16.48
CA ARG M 59 42.09 -39.22 15.43
C ARG M 59 41.24 -37.95 15.42
N PHE M 60 40.06 -37.99 16.01
CA PHE M 60 39.19 -36.83 16.12
C PHE M 60 39.13 -36.34 17.56
N THR M 61 38.99 -35.03 17.71
CA THR M 61 38.80 -34.40 19.01
C THR M 61 37.49 -33.65 19.15
N LYS M 62 36.96 -33.12 18.05
CA LYS M 62 35.71 -32.36 18.07
C LYS M 62 34.86 -32.78 16.88
N MET M 63 33.55 -32.58 17.01
CA MET M 63 32.62 -33.03 15.98
C MET M 63 32.63 -32.13 14.75
N GLU M 64 33.28 -30.96 14.80
CA GLU M 64 33.31 -30.06 13.66
C GLU M 64 34.25 -30.55 12.56
N GLU M 65 35.22 -31.41 12.88
CA GLU M 65 36.02 -32.01 11.83
C GLU M 65 35.15 -32.92 10.95
N ILE M 66 34.17 -33.60 11.55
CA ILE M 66 33.21 -34.37 10.76
C ILE M 66 32.31 -33.43 9.98
N TYR M 67 31.94 -32.30 10.57
CA TYR M 67 31.04 -31.35 9.93
C TYR M 67 31.67 -30.71 8.70
N LEU M 68 32.98 -30.50 8.72
CA LEU M 68 33.66 -29.84 7.61
C LEU M 68 33.48 -30.63 6.32
N HIS M 69 33.49 -31.96 6.41
CA HIS M 69 33.43 -32.82 5.25
C HIS M 69 32.06 -33.44 5.05
N SER M 70 31.05 -33.00 5.82
CA SER M 70 29.66 -33.41 5.64
C SER M 70 29.51 -34.93 5.72
N LEU M 71 30.40 -35.59 6.44
CA LEU M 71 30.37 -37.04 6.50
C LEU M 71 29.12 -37.52 7.24
N PRO M 72 28.48 -38.59 6.77
CA PRO M 72 27.36 -39.15 7.52
C PRO M 72 27.84 -39.86 8.78
N VAL M 73 27.17 -39.60 9.89
CA VAL M 73 27.49 -40.21 11.18
C VAL M 73 26.48 -41.33 11.41
N LYS M 74 26.97 -42.57 11.45
CA LYS M 74 26.10 -43.74 11.51
C LYS M 74 26.27 -44.55 12.79
N GLU M 75 27.20 -44.17 13.66
CA GLU M 75 27.38 -44.81 14.96
C GLU M 75 27.30 -43.76 16.05
N HIS M 76 26.42 -43.97 17.02
CA HIS M 76 26.21 -42.96 18.05
C HIS M 76 27.37 -42.87 19.02
N GLN M 77 28.23 -43.90 19.08
CA GLN M 77 29.40 -43.82 19.95
C GLN M 77 30.37 -42.74 19.48
N ILE M 78 30.33 -42.41 18.19
CA ILE M 78 31.14 -41.31 17.67
C ILE M 78 30.74 -40.00 18.33
N VAL M 79 29.43 -39.75 18.41
CA VAL M 79 28.94 -38.50 18.97
C VAL M 79 29.22 -38.42 20.46
N GLU M 80 29.07 -39.55 21.16
CA GLU M 80 29.39 -39.57 22.59
C GLU M 80 30.88 -39.33 22.82
N THR M 81 31.73 -39.89 21.97
CA THR M 81 33.17 -39.72 22.13
C THR M 81 33.58 -38.26 21.90
N LEU M 82 33.01 -37.62 20.89
CA LEU M 82 33.45 -36.28 20.48
C LEU M 82 32.62 -35.15 21.06
N CYS M 83 31.41 -35.43 21.53
CA CYS M 83 30.54 -34.43 22.14
C CYS M 83 30.07 -34.97 23.48
N PRO M 84 30.88 -34.83 24.52
CA PRO M 84 30.57 -35.49 25.80
C PRO M 84 29.52 -34.76 26.63
N GLY M 85 29.43 -33.44 26.49
CA GLY M 85 28.53 -32.66 27.33
C GLY M 85 27.10 -32.64 26.84
N LEU M 86 26.63 -33.77 26.33
CA LEU M 86 25.29 -33.87 25.74
C LEU M 86 24.27 -34.19 26.82
N LYS M 87 23.21 -33.39 26.90
CA LYS M 87 22.08 -33.75 27.73
C LYS M 87 21.04 -34.48 26.88
N ASP M 88 19.87 -34.74 27.45
CA ASP M 88 18.90 -35.63 26.84
C ASP M 88 17.55 -35.38 27.49
N GLU M 89 16.52 -35.17 26.67
CA GLU M 89 15.19 -34.90 27.19
C GLU M 89 14.15 -35.46 26.24
N VAL M 90 13.16 -36.16 26.79
CA VAL M 90 12.05 -36.68 26.00
C VAL M 90 11.00 -35.59 25.91
N MET M 91 10.75 -35.11 24.69
CA MET M 91 9.79 -34.03 24.51
C MET M 91 8.35 -34.54 24.65
N LYS M 92 8.04 -35.69 24.06
CA LYS M 92 6.68 -36.19 24.07
C LYS M 92 6.66 -37.67 23.72
N ILE M 93 5.61 -38.35 24.15
CA ILE M 93 5.30 -39.72 23.75
C ILE M 93 3.92 -39.72 23.10
N THR M 94 3.83 -40.27 21.91
CA THR M 94 2.60 -40.26 21.15
C THR M 94 2.17 -41.68 20.80
N PRO M 95 0.92 -42.06 21.08
CA PRO M 95 0.43 -43.36 20.63
C PRO M 95 -0.10 -43.32 19.21
N VAL M 96 0.43 -44.17 18.33
CA VAL M 96 -0.04 -44.31 16.96
C VAL M 96 -0.65 -45.70 16.82
N GLN M 97 -1.80 -45.78 16.14
CA GLN M 97 -2.55 -47.01 16.02
C GLN M 97 -2.68 -47.41 14.56
N LYS M 98 -2.36 -48.67 14.27
CA LYS M 98 -2.56 -49.27 12.97
C LYS M 98 -3.75 -50.21 13.05
N GLN M 99 -4.82 -49.88 12.33
CA GLN M 99 -6.03 -50.70 12.37
C GLN M 99 -5.74 -52.09 11.79
N THR M 100 -6.14 -53.12 12.52
CA THR M 100 -5.92 -54.50 12.14
C THR M 100 -7.26 -55.23 12.14
N ARG M 101 -7.23 -56.50 11.72
CA ARG M 101 -8.44 -57.32 11.72
C ARG M 101 -8.99 -57.48 13.13
N ALA M 102 -8.12 -57.69 14.11
CA ALA M 102 -8.50 -57.87 15.50
C ALA M 102 -8.04 -56.65 16.28
N GLY M 103 -8.90 -55.63 16.34
CA GLY M 103 -8.62 -54.45 17.12
C GLY M 103 -7.59 -53.53 16.49
N GLN M 104 -6.74 -52.94 17.33
CA GLN M 104 -5.78 -51.94 16.90
C GLN M 104 -4.40 -52.31 17.41
N ARG M 105 -3.38 -52.12 16.57
CA ARG M 105 -1.99 -52.36 16.95
C ARG M 105 -1.39 -51.02 17.34
N THR M 106 -1.14 -50.84 18.64
CA THR M 106 -0.65 -49.58 19.17
C THR M 106 0.87 -49.63 19.31
N ARG M 107 1.53 -48.66 18.69
CA ARG M 107 2.95 -48.41 18.92
C ARG M 107 3.10 -47.03 19.53
N PHE M 108 4.29 -46.75 20.06
CA PHE M 108 4.55 -45.51 20.77
C PHE M 108 5.68 -44.76 20.08
N LYS M 109 5.45 -43.49 19.79
CA LYS M 109 6.43 -42.64 19.13
C LYS M 109 7.05 -41.71 20.15
N ALA M 110 8.39 -41.71 20.22
CA ALA M 110 9.12 -40.91 21.19
C ALA M 110 9.93 -39.85 20.45
N PHE M 111 9.78 -38.60 20.87
CA PHE M 111 10.57 -37.49 20.36
C PHE M 111 11.59 -37.09 21.42
N VAL M 112 12.86 -37.08 21.03
CA VAL M 112 13.97 -36.84 21.95
C VAL M 112 14.88 -35.77 21.37
N VAL M 113 15.22 -34.78 22.20
CA VAL M 113 16.14 -33.72 21.82
C VAL M 113 17.40 -33.85 22.68
N VAL M 114 18.56 -33.83 22.03
CA VAL M 114 19.84 -33.81 22.71
C VAL M 114 20.56 -32.52 22.35
N GLY M 115 21.60 -32.22 23.11
CA GLY M 115 22.35 -31.00 22.89
C GLY M 115 23.30 -30.68 24.02
N ASP M 116 24.38 -29.96 23.73
CA ASP M 116 25.34 -29.56 24.74
C ASP M 116 25.17 -28.12 25.19
N SER M 117 24.13 -27.43 24.70
CA SER M 117 23.88 -26.02 24.98
C SER M 117 25.03 -25.13 24.54
N ASN M 118 25.86 -25.61 23.62
CA ASN M 118 27.01 -24.86 23.14
C ASN M 118 27.16 -25.02 21.62
N GLY M 119 26.06 -24.96 20.90
CA GLY M 119 26.10 -24.98 19.45
C GLY M 119 25.84 -26.31 18.78
N HIS M 120 25.45 -27.34 19.53
CA HIS M 120 25.11 -28.63 18.96
C HIS M 120 23.75 -29.06 19.46
N VAL M 121 22.89 -29.50 18.54
CA VAL M 121 21.57 -29.97 18.87
C VAL M 121 21.22 -31.13 17.95
N GLY M 122 20.37 -32.02 18.43
CA GLY M 122 19.95 -33.16 17.65
C GLY M 122 18.56 -33.57 18.06
N LEU M 123 17.80 -34.11 17.10
CA LEU M 123 16.43 -34.53 17.33
C LEU M 123 16.27 -35.96 16.86
N GLY M 124 15.65 -36.79 17.69
CA GLY M 124 15.42 -38.18 17.34
C GLY M 124 13.96 -38.54 17.52
N VAL M 125 13.43 -39.27 16.54
CA VAL M 125 12.06 -39.75 16.57
C VAL M 125 12.08 -41.24 16.29
N LYS M 126 11.64 -42.04 17.26
CA LYS M 126 11.61 -43.49 17.11
C LYS M 126 10.26 -44.00 17.57
N CYS M 127 9.66 -44.87 16.77
CA CYS M 127 8.39 -45.51 17.08
C CYS M 127 8.64 -46.98 17.37
N ALA M 128 8.10 -47.48 18.49
CA ALA M 128 8.36 -48.84 18.91
C ALA M 128 7.15 -49.39 19.66
N LYS M 129 7.13 -50.71 19.83
CA LYS M 129 6.04 -51.35 20.54
C LYS M 129 6.08 -51.06 22.03
N GLU M 130 7.28 -50.83 22.58
CA GLU M 130 7.43 -50.49 23.98
C GLU M 130 7.93 -49.06 24.11
N VAL M 131 7.41 -48.35 25.12
CA VAL M 131 7.80 -46.96 25.34
C VAL M 131 9.28 -46.87 25.65
N ALA M 132 9.78 -47.77 26.51
CA ALA M 132 11.17 -47.70 26.93
C ALA M 132 12.13 -47.88 25.77
N THR M 133 11.82 -48.81 24.86
CA THR M 133 12.67 -48.98 23.68
C THR M 133 12.44 -47.85 22.67
N ALA M 134 11.24 -47.26 22.66
CA ALA M 134 11.01 -46.10 21.81
C ALA M 134 11.87 -44.92 22.23
N ILE M 135 12.00 -44.70 23.54
CA ILE M 135 12.86 -43.63 24.03
C ILE M 135 14.32 -43.96 23.76
N ARG M 136 14.72 -45.20 24.03
CA ARG M 136 16.11 -45.60 23.82
C ARG M 136 16.52 -45.46 22.36
N GLY M 137 15.64 -45.86 21.44
CA GLY M 137 15.92 -45.70 20.03
C GLY M 137 15.97 -44.25 19.59
N ALA M 138 15.15 -43.41 20.18
CA ALA M 138 15.12 -41.99 19.79
C ALA M 138 16.36 -41.25 20.28
N ILE M 139 16.91 -41.65 21.43
CA ILE M 139 18.14 -41.01 21.91
C ILE M 139 19.29 -41.29 20.96
N ILE M 140 19.40 -42.54 20.48
CA ILE M 140 20.44 -42.87 19.52
C ILE M 140 20.26 -42.08 18.24
N LEU M 141 19.03 -42.00 17.74
CA LEU M 141 18.76 -41.23 16.53
C LEU M 141 19.06 -39.75 16.74
N ALA M 142 18.70 -39.21 17.91
CA ALA M 142 18.97 -37.80 18.19
C ALA M 142 20.47 -37.51 18.20
N LYS M 143 21.26 -38.41 18.79
CA LYS M 143 22.71 -38.24 18.75
C LYS M 143 23.24 -38.33 17.33
N LEU M 144 22.68 -39.23 16.53
CA LEU M 144 23.13 -39.40 15.15
C LEU M 144 22.84 -38.19 14.29
N SER M 145 21.91 -37.34 14.69
CA SER M 145 21.52 -36.15 13.94
C SER M 145 22.03 -34.87 14.59
N ILE M 146 23.12 -34.96 15.35
CA ILE M 146 23.68 -33.77 16.00
C ILE M 146 24.27 -32.86 14.91
N VAL M 147 23.71 -31.67 14.78
CA VAL M 147 24.15 -30.73 13.75
C VAL M 147 24.75 -29.49 14.39
N PRO M 148 25.69 -28.82 13.74
CA PRO M 148 26.20 -27.56 14.29
C PRO M 148 25.16 -26.45 14.17
N VAL M 149 25.17 -25.55 15.14
CA VAL M 149 24.26 -24.42 15.18
C VAL M 149 25.10 -23.15 15.24
N ARG M 150 24.87 -22.25 14.29
CA ARG M 150 25.63 -21.01 14.22
C ARG M 150 24.96 -19.98 15.12
N ARG M 151 25.76 -19.27 15.90
CA ARG M 151 25.26 -18.27 16.81
C ARG M 151 25.94 -16.94 16.53
N GLY M 152 25.16 -15.86 16.57
CA GLY M 152 25.67 -14.55 16.27
C GLY M 152 25.28 -13.50 17.28
N TYR M 153 25.43 -12.23 16.90
CA TYR M 153 25.15 -11.11 17.78
C TYR M 153 24.05 -10.24 17.16
N TRP M 154 23.10 -9.84 18.01
CA TRP M 154 22.05 -8.93 17.54
C TRP M 154 22.63 -7.58 17.15
N GLY M 155 23.59 -7.09 17.91
CA GLY M 155 24.18 -5.78 17.67
C GLY M 155 25.69 -5.81 17.70
N ASN M 156 26.28 -5.01 18.56
CA ASN M 156 27.73 -5.05 18.75
C ASN M 156 28.16 -6.45 19.17
N LYS M 157 29.24 -6.94 18.55
CA LYS M 157 29.75 -8.28 18.79
C LYS M 157 30.58 -8.28 20.06
N ILE M 158 29.88 -8.13 21.19
CA ILE M 158 30.48 -8.05 22.52
C ILE M 158 30.22 -9.35 23.25
N GLY M 159 31.28 -9.97 23.76
CA GLY M 159 31.14 -11.20 24.52
C GLY M 159 30.98 -12.42 23.65
N LEU M 160 30.14 -13.34 24.08
CA LEU M 160 29.92 -14.57 23.33
C LEU M 160 28.60 -14.51 22.56
N PRO M 161 28.52 -15.21 21.43
CA PRO M 161 27.29 -15.19 20.65
C PRO M 161 26.10 -15.73 21.43
N HIS M 162 24.94 -15.14 21.23
CA HIS M 162 23.78 -15.40 22.06
C HIS M 162 22.49 -15.55 21.27
N THR M 163 22.50 -15.36 19.96
CA THR M 163 21.28 -15.33 19.17
C THR M 163 21.57 -15.94 17.80
N VAL M 164 20.53 -16.05 16.99
CA VAL M 164 20.74 -16.49 15.60
C VAL M 164 21.45 -15.39 14.83
N PRO M 165 22.41 -15.73 13.95
CA PRO M 165 23.11 -14.67 13.20
C PRO M 165 22.21 -13.84 12.31
N CYS M 166 21.11 -14.43 11.83
CA CYS M 166 20.25 -13.76 10.86
C CYS M 166 18.86 -14.37 11.01
N LYS M 167 17.89 -13.75 10.33
CA LYS M 167 16.58 -14.36 10.24
C LYS M 167 16.67 -15.70 9.52
N VAL M 168 16.00 -16.70 10.08
CA VAL M 168 16.08 -18.06 9.55
C VAL M 168 14.72 -18.71 9.77
N THR M 169 14.34 -19.58 8.84
CA THR M 169 13.01 -20.18 8.84
C THR M 169 13.13 -21.67 8.57
N GLY M 170 12.27 -22.45 9.22
CA GLY M 170 12.17 -23.87 8.94
C GLY M 170 10.72 -24.27 8.77
N LYS M 171 10.50 -25.24 7.89
CA LYS M 171 9.16 -25.69 7.56
C LYS M 171 9.10 -27.21 7.58
N CYS M 172 8.04 -27.73 8.21
CA CYS M 172 7.78 -29.17 8.21
C CYS M 172 6.27 -29.37 8.29
N GLY M 173 5.70 -30.02 7.28
CA GLY M 173 4.25 -30.05 7.17
C GLY M 173 3.72 -28.65 6.95
N SER M 174 2.65 -28.31 7.65
CA SER M 174 2.11 -26.96 7.58
C SER M 174 2.77 -26.00 8.57
N VAL M 175 3.74 -26.48 9.35
CA VAL M 175 4.36 -25.67 10.39
C VAL M 175 5.55 -24.95 9.80
N THR M 176 5.54 -23.62 9.90
CA THR M 176 6.68 -22.79 9.53
C THR M 176 7.15 -22.04 10.77
N VAL M 177 8.43 -22.14 11.07
CA VAL M 177 9.01 -21.54 12.27
C VAL M 177 10.01 -20.49 11.82
N ARG M 178 9.81 -19.26 12.27
CA ARG M 178 10.73 -18.16 12.01
C ARG M 178 11.48 -17.81 13.27
N MET M 179 12.77 -17.51 13.13
CA MET M 179 13.61 -17.07 14.25
C MET M 179 14.27 -15.75 13.88
N VAL M 180 14.04 -14.74 14.71
CA VAL M 180 14.54 -13.39 14.49
C VAL M 180 15.60 -13.11 15.55
N PRO M 181 16.78 -12.60 15.18
CA PRO M 181 17.78 -12.26 16.20
C PRO M 181 17.23 -11.24 17.18
N ALA M 182 17.58 -11.42 18.45
CA ALA M 182 17.03 -10.61 19.52
C ALA M 182 18.15 -9.99 20.33
N PRO M 183 17.92 -8.81 20.91
CA PRO M 183 18.94 -8.19 21.74
C PRO M 183 19.25 -9.03 22.97
N ARG M 184 20.48 -8.91 23.45
CA ARG M 184 20.90 -9.66 24.63
C ARG M 184 20.00 -9.35 25.82
N GLY M 185 19.62 -10.41 26.54
CA GLY M 185 18.68 -10.31 27.63
C GLY M 185 17.23 -10.54 27.26
N SER M 186 16.92 -10.64 25.96
CA SER M 186 15.54 -10.88 25.56
C SER M 186 15.06 -12.26 25.98
N GLY M 187 15.96 -13.21 26.10
CA GLY M 187 15.57 -14.58 26.35
C GLY M 187 14.99 -15.23 25.11
N ILE M 188 14.37 -16.38 25.31
CA ILE M 188 13.73 -17.13 24.24
C ILE M 188 12.25 -16.79 24.27
N VAL M 189 11.78 -16.07 23.26
CA VAL M 189 10.37 -15.73 23.13
C VAL M 189 9.81 -16.75 22.13
N ALA M 190 9.35 -17.88 22.66
CA ALA M 190 8.92 -18.99 21.81
C ALA M 190 7.95 -19.86 22.61
N ALA M 191 7.27 -20.73 21.89
CA ALA M 191 6.44 -21.74 22.52
C ALA M 191 7.32 -22.75 23.26
N ARG M 192 6.67 -23.59 24.07
CA ARG M 192 7.40 -24.54 24.90
C ARG M 192 8.22 -25.51 24.06
N VAL M 193 7.63 -26.03 22.98
CA VAL M 193 8.33 -27.01 22.15
C VAL M 193 9.60 -26.42 21.50
N PRO M 194 9.54 -25.28 20.82
CA PRO M 194 10.80 -24.72 20.28
C PRO M 194 11.73 -24.16 21.34
N LYS M 195 11.22 -23.76 22.50
CA LYS M 195 12.10 -23.24 23.56
C LYS M 195 13.07 -24.31 24.04
N LYS M 196 12.59 -25.54 24.19
CA LYS M 196 13.45 -26.62 24.65
C LYS M 196 14.60 -26.87 23.67
N VAL M 197 14.29 -26.88 22.37
CA VAL M 197 15.32 -27.14 21.36
C VAL M 197 16.32 -26.00 21.31
N LEU M 198 15.84 -24.75 21.46
CA LEU M 198 16.73 -23.60 21.47
C LEU M 198 17.63 -23.62 22.70
N GLN M 199 17.11 -24.06 23.85
CA GLN M 199 17.92 -24.16 25.06
C GLN M 199 19.04 -25.18 24.90
N PHE M 200 18.74 -26.32 24.27
CA PHE M 200 19.77 -27.32 24.04
C PHE M 200 20.73 -26.90 22.94
N ALA M 201 20.28 -26.05 22.01
CA ALA M 201 21.19 -25.54 20.97
C ALA M 201 22.19 -24.55 21.53
N GLY M 202 21.90 -23.94 22.67
CA GLY M 202 22.76 -22.92 23.24
C GLY M 202 22.43 -21.51 22.83
N ILE M 203 21.18 -21.25 22.44
CA ILE M 203 20.76 -19.93 21.99
C ILE M 203 20.07 -19.24 23.16
N ASP M 204 20.57 -18.06 23.54
CA ASP M 204 20.05 -17.33 24.69
C ASP M 204 18.87 -16.44 24.33
N ASP M 205 18.99 -15.67 23.25
CA ASP M 205 18.01 -14.66 22.89
C ASP M 205 17.55 -14.90 21.47
N VAL M 206 16.23 -14.96 21.27
CA VAL M 206 15.67 -15.15 19.94
C VAL M 206 14.19 -14.80 19.97
N PHE M 207 13.74 -14.12 18.92
CA PHE M 207 12.32 -13.91 18.68
C PHE M 207 11.84 -14.97 17.69
N THR M 208 10.68 -15.55 17.97
CA THR M 208 10.13 -16.58 17.09
C THR M 208 8.70 -16.23 16.70
N SER M 209 8.31 -16.72 15.53
CA SER M 209 6.93 -16.69 15.08
C SER M 209 6.66 -18.00 14.35
N SER M 210 5.48 -18.54 14.54
CA SER M 210 5.11 -19.80 13.91
C SER M 210 3.73 -19.68 13.28
N ARG M 211 3.55 -20.39 12.17
CA ARG M 211 2.27 -20.47 11.49
C ARG M 211 2.00 -21.91 11.12
N GLY M 212 0.72 -22.25 11.04
CA GLY M 212 0.32 -23.61 10.75
C GLY M 212 -0.11 -24.34 12.01
N SER M 213 -0.25 -25.66 11.86
CA SER M 213 -0.74 -26.53 12.93
C SER M 213 0.44 -26.94 13.80
N THR M 214 0.96 -26.07 14.66
CA THR M 214 2.10 -26.31 15.62
C THR M 214 1.62 -27.27 16.72
N LYS M 215 0.33 -27.45 16.86
CA LYS M 215 -0.26 -28.52 17.70
C LYS M 215 0.30 -29.87 17.21
N THR M 216 0.52 -30.10 15.90
CA THR M 216 1.27 -31.30 15.38
C THR M 216 2.69 -31.10 15.90
N LEU M 217 3.04 -31.76 16.98
CA LEU M 217 4.33 -31.52 17.68
C LEU M 217 5.49 -32.13 16.91
N GLY M 218 5.23 -33.25 16.24
CA GLY M 218 6.31 -33.73 15.40
C GLY M 218 6.76 -32.71 14.38
N ASN M 219 5.85 -32.03 13.72
CA ASN M 219 6.17 -31.01 12.68
C ASN M 219 6.76 -29.79 13.37
N PHE M 220 6.09 -29.28 14.43
CA PHE M 220 6.62 -28.17 15.24
C PHE M 220 8.08 -28.45 15.64
N VAL M 221 8.41 -29.62 16.12
CA VAL M 221 9.81 -29.82 16.61
C VAL M 221 10.76 -29.98 15.42
N LYS M 222 10.30 -30.64 14.36
CA LYS M 222 11.11 -30.87 13.16
C LYS M 222 11.36 -29.53 12.46
N ALA M 223 10.35 -28.67 12.40
CA ALA M 223 10.51 -27.36 11.76
C ALA M 223 11.51 -26.50 12.52
N THR M 224 11.45 -26.54 13.86
CA THR M 224 12.43 -25.80 14.66
C THR M 224 13.84 -26.35 14.46
N PHE M 225 13.96 -27.68 14.40
CA PHE M 225 15.28 -28.28 14.18
C PHE M 225 15.81 -27.96 12.79
N ASP M 226 14.93 -27.99 11.78
CA ASP M 226 15.33 -27.57 10.44
C ASP M 226 15.76 -26.10 10.43
N CYS M 227 15.05 -25.26 11.18
CA CYS M 227 15.41 -23.86 11.28
C CYS M 227 16.79 -23.67 11.89
N LEU M 228 17.09 -24.43 12.95
CA LEU M 228 18.43 -24.39 13.53
C LEU M 228 19.48 -24.94 12.59
N MET M 229 19.13 -25.94 11.78
CA MET M 229 20.11 -26.54 10.87
C MET M 229 20.48 -25.55 9.77
N LYS M 230 19.50 -24.80 9.28
CA LYS M 230 19.72 -23.87 8.15
C LYS M 230 20.39 -22.58 8.64
N THR M 231 21.25 -22.65 9.63
CA THR M 231 21.81 -21.43 10.27
C THR M 231 23.30 -21.35 9.98
N TYR M 232 23.90 -22.47 9.59
CA TYR M 232 25.32 -22.47 9.18
C TYR M 232 25.30 -22.46 7.65
N GLY M 233 24.11 -22.31 7.05
CA GLY M 233 23.97 -22.33 5.59
C GLY M 233 23.60 -21.03 4.89
N PHE M 234 23.35 -19.93 5.60
CA PHE M 234 23.11 -18.62 4.95
C PHE M 234 24.45 -17.93 4.67
N LEU M 235 24.77 -17.72 3.40
CA LEU M 235 26.08 -17.11 3.08
C LEU M 235 26.03 -15.66 3.48
N THR M 236 26.98 -15.25 4.27
CA THR M 236 27.08 -13.88 4.79
C THR M 236 28.48 -13.42 4.43
N PRO M 237 28.70 -12.11 4.24
CA PRO M 237 30.00 -11.59 3.80
C PRO M 237 31.18 -12.08 4.62
N ASP M 238 30.97 -12.42 5.90
CA ASP M 238 32.06 -12.98 6.68
C ASP M 238 32.51 -14.35 6.19
N PHE M 239 31.66 -15.07 5.46
CA PHE M 239 32.02 -16.34 4.84
C PHE M 239 32.45 -16.18 3.39
N TRP M 240 32.73 -14.96 2.95
CA TRP M 240 33.11 -14.72 1.56
C TRP M 240 34.54 -15.13 1.26
N ARG M 241 35.37 -15.36 2.28
CA ARG M 241 36.73 -15.82 2.07
C ARG M 241 36.72 -17.22 1.48
N GLU M 242 37.57 -17.44 0.48
CA GLU M 242 37.56 -18.69 -0.28
C GLU M 242 38.01 -19.86 0.60
N THR M 243 37.40 -21.02 0.36
CA THR M 243 37.68 -22.20 1.16
C THR M 243 39.06 -22.77 0.82
N THR M 244 39.77 -23.26 1.85
CA THR M 244 41.12 -23.77 1.68
C THR M 244 41.17 -25.27 1.37
N PHE M 245 40.08 -26.01 1.59
CA PHE M 245 39.96 -27.41 1.21
C PHE M 245 41.04 -28.28 1.87
N THR M 246 40.92 -28.39 3.19
CA THR M 246 41.76 -29.32 3.93
C THR M 246 41.42 -30.76 3.56
N LYS M 247 42.33 -31.67 3.88
CA LYS M 247 42.16 -33.07 3.52
C LYS M 247 41.04 -33.72 4.33
N ALA M 248 40.24 -34.54 3.65
CA ALA M 248 39.21 -35.31 4.32
C ALA M 248 39.84 -36.38 5.20
N PRO M 249 39.19 -36.74 6.31
CA PRO M 249 39.76 -37.77 7.20
C PRO M 249 39.90 -39.13 6.55
N TYR M 250 39.11 -39.43 5.51
CA TYR M 250 39.31 -40.68 4.79
C TYR M 250 40.69 -40.74 4.15
N GLN M 251 41.06 -39.70 3.39
CA GLN M 251 42.39 -39.64 2.80
C GLN M 251 43.45 -39.22 3.81
N GLU M 252 43.05 -38.60 4.92
CA GLU M 252 44.03 -38.20 5.94
C GLU M 252 44.62 -39.42 6.64
N PHE M 253 43.81 -40.45 6.87
CA PHE M 253 44.23 -41.63 7.62
C PHE M 253 43.99 -42.90 6.80
N THR M 254 44.39 -42.89 5.53
CA THR M 254 44.36 -44.13 4.77
C THR M 254 45.45 -45.11 5.21
N ASP M 255 46.49 -44.62 5.89
CA ASP M 255 47.48 -45.53 6.47
C ASP M 255 46.86 -46.36 7.59
N ILE M 256 46.06 -45.73 8.46
CA ILE M 256 45.38 -46.45 9.52
C ILE M 256 44.27 -47.32 8.94
N LEU M 257 43.51 -46.79 7.99
CA LEU M 257 42.42 -47.53 7.38
C LEU M 257 42.90 -48.26 6.13
N MET N 1 -66.56 49.56 54.78
CA MET N 1 -65.27 49.90 54.18
C MET N 1 -64.49 50.90 55.03
N LYS N 2 -63.25 50.56 55.33
CA LYS N 2 -62.40 51.43 56.09
C LYS N 2 -61.91 52.59 55.24
N LEU N 3 -61.64 53.72 55.88
CA LEU N 3 -61.02 54.87 55.25
C LEU N 3 -59.78 55.25 56.04
N ASN N 4 -58.63 55.25 55.38
CA ASN N 4 -57.36 55.63 56.00
C ASN N 4 -57.15 57.08 55.62
N ILE N 5 -57.53 57.99 56.52
CA ILE N 5 -57.54 59.42 56.25
C ILE N 5 -56.26 60.03 56.78
N ALA N 6 -55.58 60.81 55.94
CA ALA N 6 -54.34 61.48 56.30
C ALA N 6 -54.49 62.99 56.12
N ASN N 7 -53.99 63.74 57.09
CA ASN N 7 -53.97 65.20 57.01
C ASN N 7 -52.55 65.65 56.73
N PRO N 8 -52.19 65.95 55.48
CA PRO N 8 -50.80 66.29 55.17
C PRO N 8 -50.30 67.56 55.84
N THR N 9 -51.19 68.48 56.20
CA THR N 9 -50.74 69.74 56.80
C THR N 9 -50.19 69.51 58.21
N THR N 10 -50.94 68.79 59.05
CA THR N 10 -50.49 68.50 60.41
C THR N 10 -49.76 67.18 60.53
N GLY N 11 -49.72 66.37 59.47
CA GLY N 11 -49.01 65.10 59.52
C GLY N 11 -49.60 64.07 60.46
N CYS N 12 -50.91 64.03 60.59
CA CYS N 12 -51.59 63.04 61.42
C CYS N 12 -52.40 62.08 60.55
N GLN N 13 -52.45 60.82 60.96
CA GLN N 13 -53.12 59.77 60.23
C GLN N 13 -54.09 59.04 61.15
N LYS N 14 -55.27 58.71 60.63
CA LYS N 14 -56.28 58.03 61.42
C LYS N 14 -57.18 57.22 60.49
N LYS N 15 -57.49 55.99 60.91
CA LYS N 15 -58.36 55.12 60.13
C LYS N 15 -59.81 55.28 60.59
N VAL N 16 -60.70 55.49 59.62
CA VAL N 16 -62.12 55.69 59.87
C VAL N 16 -62.90 54.58 59.20
N GLU N 17 -63.85 54.00 59.91
CA GLU N 17 -64.60 52.83 59.44
C GLU N 17 -66.02 53.31 59.16
N ILE N 18 -66.40 53.29 57.88
CA ILE N 18 -67.74 53.68 57.45
C ILE N 18 -68.41 52.47 56.83
N ASP N 19 -69.55 52.06 57.39
CA ASP N 19 -70.26 50.89 56.93
C ASP N 19 -71.64 51.18 56.36
N ASP N 20 -72.19 52.37 56.58
CA ASP N 20 -73.50 52.71 56.03
C ASP N 20 -73.42 52.78 54.51
N ASP N 21 -74.46 52.28 53.85
CA ASP N 21 -74.42 52.12 52.40
C ASP N 21 -74.43 53.48 51.68
N GLN N 22 -75.17 54.45 52.21
CA GLN N 22 -75.25 55.76 51.54
C GLN N 22 -73.88 56.42 51.49
N LYS N 23 -73.25 56.59 52.65
CA LYS N 23 -71.96 57.26 52.71
C LYS N 23 -70.94 56.56 51.83
N LEU N 24 -70.98 55.23 51.79
CA LEU N 24 -70.10 54.49 50.90
C LEU N 24 -70.42 54.78 49.44
N ARG N 25 -71.71 54.97 49.12
CA ARG N 25 -72.08 55.27 47.75
C ARG N 25 -71.53 56.62 47.34
N ASN N 26 -71.53 57.61 48.23
CA ASN N 26 -70.94 58.89 47.84
C ASN N 26 -69.45 58.81 47.51
N LEU N 27 -68.81 57.64 47.68
CA LEU N 27 -67.47 57.43 47.18
C LEU N 27 -67.38 56.43 46.03
N TYR N 28 -68.41 55.61 45.82
CA TYR N 28 -68.38 54.63 44.74
C TYR N 28 -68.36 55.33 43.39
N ASP N 29 -67.82 54.62 42.39
CA ASP N 29 -67.68 55.02 41.00
C ASP N 29 -66.67 56.15 40.81
N LYS N 30 -66.01 56.61 41.86
CA LYS N 30 -65.02 57.66 41.76
C LYS N 30 -63.64 57.06 41.51
N ARG N 31 -62.72 57.90 41.08
CA ARG N 31 -61.39 57.47 40.67
C ARG N 31 -60.32 58.06 41.58
N ILE N 32 -59.11 57.52 41.47
CA ILE N 32 -57.98 58.06 42.22
C ILE N 32 -57.70 59.48 41.74
N SER N 33 -57.31 60.33 42.69
CA SER N 33 -57.04 61.76 42.52
C SER N 33 -58.31 62.58 42.37
N GLN N 34 -59.47 61.96 42.31
CA GLN N 34 -60.74 62.69 42.36
C GLN N 34 -61.07 63.05 43.79
N GLU N 35 -61.71 64.20 43.97
CA GLU N 35 -61.95 64.76 45.29
C GLU N 35 -63.41 64.58 45.69
N VAL N 36 -63.62 64.30 46.97
CA VAL N 36 -64.95 64.09 47.54
C VAL N 36 -65.22 65.17 48.56
N VAL N 37 -66.49 65.50 48.76
CA VAL N 37 -66.92 66.49 49.73
C VAL N 37 -67.34 65.76 51.00
N GLY N 38 -66.76 66.16 52.14
CA GLY N 38 -66.97 65.43 53.38
C GLY N 38 -68.41 65.42 53.85
N ASP N 39 -69.18 66.46 53.51
CA ASP N 39 -70.58 66.50 53.92
C ASP N 39 -71.35 65.32 53.38
N LEU N 40 -70.93 64.78 52.23
CA LEU N 40 -71.64 63.64 51.65
C LEU N 40 -71.45 62.38 52.48
N LEU N 41 -70.26 62.16 53.01
CA LEU N 41 -69.93 60.90 53.72
C LEU N 41 -70.00 61.05 55.22
N GLY N 42 -70.92 61.84 55.75
CA GLY N 42 -71.13 61.85 57.19
C GLY N 42 -71.54 63.22 57.68
N GLU N 43 -71.73 63.29 59.01
CA GLU N 43 -72.10 64.51 59.72
C GLU N 43 -70.87 65.24 60.24
N GLU N 44 -69.93 64.50 60.82
CA GLU N 44 -68.73 65.08 61.40
C GLU N 44 -67.78 65.65 60.35
N PHE N 45 -68.00 65.36 59.07
CA PHE N 45 -67.08 65.70 58.00
C PHE N 45 -67.51 66.92 57.19
N LYS N 46 -68.42 67.75 57.72
CA LYS N 46 -68.87 68.91 56.95
C LYS N 46 -67.71 69.86 56.69
N GLY N 47 -67.73 70.48 55.52
CA GLY N 47 -66.69 71.41 55.13
C GLY N 47 -65.45 70.74 54.58
N TYR N 48 -65.11 69.58 55.13
CA TYR N 48 -63.92 68.87 54.70
C TYR N 48 -64.08 68.38 53.27
N ILE N 49 -62.97 68.38 52.54
CA ILE N 49 -62.92 67.84 51.19
C ILE N 49 -61.76 66.84 51.14
N PHE N 50 -62.04 65.64 50.64
CA PHE N 50 -61.08 64.55 50.65
C PHE N 50 -60.67 64.17 49.23
N LYS N 51 -59.38 63.91 49.06
CA LYS N 51 -58.83 63.45 47.79
C LYS N 51 -58.58 61.95 47.86
N ILE N 52 -59.13 61.22 46.89
CA ILE N 52 -58.93 59.77 46.83
C ILE N 52 -57.55 59.51 46.25
N MET N 53 -56.70 58.83 47.02
CA MET N 53 -55.33 58.60 46.62
C MET N 53 -55.01 57.14 46.37
N GLY N 54 -55.96 56.24 46.56
CA GLY N 54 -55.75 54.83 46.30
C GLY N 54 -56.47 54.00 47.33
N GLY N 55 -56.20 52.69 47.28
CA GLY N 55 -56.81 51.78 48.22
C GLY N 55 -56.42 50.35 47.89
N CYS N 56 -57.00 49.43 48.66
CA CYS N 56 -56.77 48.00 48.49
C CYS N 56 -58.10 47.28 48.48
N ASP N 57 -58.14 46.14 47.82
CA ASP N 57 -59.36 45.34 47.72
C ASP N 57 -59.42 44.34 48.87
N LYS N 58 -60.40 43.45 48.84
CA LYS N 58 -60.58 42.46 49.90
C LYS N 58 -59.48 41.42 49.92
N GLN N 59 -58.63 41.36 48.90
CA GLN N 59 -57.49 40.45 48.87
C GLN N 59 -56.16 41.20 49.02
N GLY N 60 -56.20 42.47 49.42
CA GLY N 60 -54.99 43.22 49.62
C GLY N 60 -54.28 43.66 48.37
N PHE N 61 -54.98 43.75 47.25
CA PHE N 61 -54.33 44.17 46.01
C PHE N 61 -54.54 45.66 45.80
N PRO N 62 -53.47 46.42 45.56
CA PRO N 62 -53.60 47.88 45.45
C PRO N 62 -54.36 48.31 44.21
N MET N 63 -54.99 49.48 44.32
CA MET N 63 -55.55 50.15 43.15
C MET N 63 -54.45 50.88 42.40
N LYS N 64 -54.52 50.86 41.08
CA LYS N 64 -53.56 51.55 40.23
C LYS N 64 -54.26 52.64 39.43
N GLN N 65 -53.58 53.78 39.30
CA GLN N 65 -54.13 54.91 38.56
C GLN N 65 -53.96 54.68 37.06
N GLY N 66 -55.03 54.93 36.31
CA GLY N 66 -55.00 54.80 34.88
C GLY N 66 -55.48 53.48 34.32
N VAL N 67 -55.83 52.52 35.17
CA VAL N 67 -56.31 51.24 34.67
C VAL N 67 -57.74 51.36 34.14
N LEU N 68 -58.53 52.27 34.69
CA LEU N 68 -59.82 52.66 34.14
C LEU N 68 -60.84 51.52 34.19
N THR N 69 -60.92 50.84 35.33
CA THR N 69 -61.98 49.87 35.58
C THR N 69 -62.13 49.71 37.08
N SER N 70 -63.11 48.91 37.49
CA SER N 70 -63.33 48.63 38.90
C SER N 70 -62.81 47.26 39.31
N GLY N 71 -62.51 46.38 38.35
CA GLY N 71 -62.10 45.02 38.64
C GLY N 71 -60.59 44.88 38.79
N ARG N 72 -60.17 43.62 38.78
CA ARG N 72 -58.76 43.27 38.92
C ARG N 72 -58.18 42.88 37.57
N VAL N 73 -56.97 43.36 37.29
CA VAL N 73 -56.26 43.02 36.06
C VAL N 73 -54.84 42.63 36.42
N ARG N 74 -54.17 41.98 35.48
CA ARG N 74 -52.77 41.60 35.63
C ARG N 74 -51.94 42.41 34.65
N LEU N 75 -50.92 43.10 35.16
CA LEU N 75 -50.11 44.01 34.36
C LEU N 75 -48.63 43.70 34.56
N LEU N 76 -47.85 43.86 33.49
CA LEU N 76 -46.41 43.74 33.56
C LEU N 76 -45.85 45.06 34.09
N LEU N 77 -45.29 45.02 35.29
CA LEU N 77 -44.92 46.23 36.02
C LEU N 77 -43.41 46.36 36.11
N HIS N 78 -42.95 47.60 36.25
CA HIS N 78 -41.55 47.92 36.41
C HIS N 78 -41.23 48.16 37.89
N ARG N 79 -39.98 47.92 38.25
CA ARG N 79 -39.57 48.07 39.64
C ARG N 79 -39.54 49.55 40.03
N GLY N 80 -39.91 49.82 41.28
CA GLY N 80 -39.96 51.18 41.79
C GLY N 80 -41.20 51.94 41.42
N THR N 81 -42.12 51.35 40.68
CA THR N 81 -43.38 51.93 40.29
C THR N 81 -44.46 51.54 41.29
N PRO N 82 -45.57 52.29 41.37
CA PRO N 82 -46.65 51.88 42.26
C PRO N 82 -47.21 50.52 41.87
N CYS N 83 -47.60 49.75 42.88
CA CYS N 83 -48.11 48.38 42.82
C CYS N 83 -47.00 47.36 42.62
N PHE N 84 -45.74 47.77 42.53
CA PHE N 84 -44.62 46.82 42.41
C PHE N 84 -43.37 47.47 42.99
N ARG N 85 -43.06 47.15 44.25
CA ARG N 85 -41.86 47.68 44.87
C ARG N 85 -40.61 46.99 44.33
N GLY N 86 -40.67 45.67 44.16
CA GLY N 86 -39.55 44.93 43.59
C GLY N 86 -38.30 44.95 44.45
N PHE N 87 -38.45 44.83 45.76
CA PHE N 87 -37.30 44.84 46.65
C PHE N 87 -36.48 43.57 46.49
N GLY N 88 -35.16 43.73 46.35
CA GLY N 88 -34.29 42.60 46.19
C GLY N 88 -34.31 41.97 44.82
N ARG N 89 -35.01 42.56 43.86
CA ARG N 89 -35.11 42.05 42.51
C ARG N 89 -34.10 42.77 41.61
N ARG N 90 -33.72 42.09 40.54
CA ARG N 90 -32.63 42.56 39.70
C ARG N 90 -33.06 43.77 38.88
N ASN N 91 -32.07 44.55 38.47
CA ASN N 91 -32.35 45.74 37.66
C ASN N 91 -32.84 45.31 36.28
N GLY N 92 -33.86 46.02 35.79
CA GLY N 92 -34.48 45.66 34.54
C GLY N 92 -35.45 44.50 34.61
N GLU N 93 -35.83 44.08 35.81
CA GLU N 93 -36.74 42.97 35.99
C GLU N 93 -38.18 43.47 36.06
N ARG N 94 -39.04 42.88 35.26
CA ARG N 94 -40.47 43.16 35.27
C ARG N 94 -41.21 41.95 35.83
N ARG N 95 -42.40 42.22 36.36
CA ARG N 95 -43.22 41.17 36.96
C ARG N 95 -44.68 41.45 36.67
N ARG N 96 -45.44 40.40 36.39
CA ARG N 96 -46.88 40.52 36.22
C ARG N 96 -47.54 40.34 37.57
N LYS N 97 -48.14 41.40 38.09
CA LYS N 97 -48.85 41.37 39.36
C LYS N 97 -50.32 41.72 39.13
N SER N 98 -51.14 41.36 40.11
CA SER N 98 -52.56 41.70 40.08
C SER N 98 -52.74 43.08 40.70
N VAL N 99 -53.34 43.99 39.95
CA VAL N 99 -53.68 45.32 40.44
C VAL N 99 -55.16 45.56 40.19
N ARG N 100 -55.74 46.44 41.00
CA ARG N 100 -57.13 46.82 40.85
C ARG N 100 -57.22 48.16 40.12
N GLY N 101 -58.34 48.37 39.44
CA GLY N 101 -58.51 49.59 38.68
C GLY N 101 -58.65 50.82 39.56
N CYS N 102 -58.48 51.99 38.93
CA CYS N 102 -58.51 53.25 39.65
C CYS N 102 -59.90 53.62 40.13
N ILE N 103 -60.95 52.97 39.64
CA ILE N 103 -62.31 53.32 40.00
C ILE N 103 -62.66 52.67 41.33
N VAL N 104 -63.25 53.47 42.23
CA VAL N 104 -63.68 52.96 43.52
C VAL N 104 -64.94 52.12 43.34
N SER N 105 -64.95 50.93 43.95
CA SER N 105 -66.07 50.02 43.85
C SER N 105 -66.35 49.42 45.23
N GLN N 106 -67.39 48.60 45.30
CA GLN N 106 -67.79 47.98 46.56
C GLN N 106 -66.84 46.89 47.02
N ASP N 107 -65.90 46.47 46.17
CA ASP N 107 -64.97 45.39 46.49
C ASP N 107 -63.65 45.89 47.04
N LEU N 108 -63.66 47.01 47.76
CA LEU N 108 -62.45 47.62 48.29
C LEU N 108 -62.45 47.48 49.82
N SER N 109 -61.31 47.06 50.37
CA SER N 109 -61.19 46.98 51.83
C SER N 109 -60.96 48.34 52.46
N VAL N 110 -60.19 49.20 51.80
CA VAL N 110 -59.78 50.47 52.38
C VAL N 110 -59.61 51.49 51.26
N ILE N 111 -59.91 52.75 51.57
CA ILE N 111 -59.62 53.87 50.69
C ILE N 111 -58.63 54.77 51.40
N ASN N 112 -57.50 55.04 50.75
CA ASN N 112 -56.54 56.02 51.25
C ASN N 112 -57.02 57.41 50.86
N LEU N 113 -57.36 58.22 51.85
CA LEU N 113 -57.91 59.55 51.63
C LEU N 113 -56.99 60.59 52.23
N VAL N 114 -56.98 61.78 51.62
CA VAL N 114 -56.20 62.91 52.10
C VAL N 114 -57.12 64.10 52.24
N ILE N 115 -56.90 64.88 53.29
CA ILE N 115 -57.65 66.11 53.52
C ILE N 115 -56.94 67.24 52.79
N VAL N 116 -57.66 67.91 51.89
CA VAL N 116 -57.11 69.02 51.16
C VAL N 116 -57.61 70.37 51.68
N LYS N 117 -58.83 70.44 52.19
CA LYS N 117 -59.41 71.68 52.70
C LYS N 117 -60.00 71.41 54.07
N LYS N 118 -59.58 72.20 55.06
CA LYS N 118 -59.97 71.97 56.44
C LYS N 118 -61.40 72.43 56.68
N GLY N 119 -62.19 71.58 57.33
CA GLY N 119 -63.58 71.86 57.57
C GLY N 119 -63.81 72.82 58.72
N GLU N 120 -65.10 73.07 59.00
CA GLU N 120 -65.45 74.02 60.05
C GLU N 120 -65.26 73.44 61.44
N ASN N 121 -65.41 72.13 61.60
CA ASN N 121 -65.19 71.48 62.88
C ASN N 121 -63.75 70.99 62.96
N ASP N 122 -63.43 70.20 63.98
CA ASP N 122 -62.08 69.66 64.14
C ASP N 122 -62.20 68.15 64.32
N LEU N 123 -61.37 67.41 63.58
CA LEU N 123 -61.37 65.95 63.67
C LEU N 123 -60.45 65.51 64.79
N PRO N 124 -60.92 64.72 65.75
CA PRO N 124 -60.04 64.26 66.82
C PRO N 124 -58.92 63.39 66.27
N GLY N 125 -57.71 63.58 66.81
CA GLY N 125 -56.55 62.84 66.37
C GLY N 125 -56.07 63.13 64.97
N LEU N 126 -56.76 64.01 64.22
CA LEU N 126 -56.40 64.31 62.85
C LEU N 126 -55.98 65.77 62.67
N THR N 127 -56.84 66.72 63.07
CA THR N 127 -56.56 68.13 62.90
C THR N 127 -56.50 68.89 64.22
N ASP N 128 -56.40 68.17 65.33
CA ASP N 128 -56.33 68.78 66.66
C ASP N 128 -54.92 68.81 67.22
N THR N 129 -53.91 68.50 66.40
CA THR N 129 -52.53 68.50 66.84
C THR N 129 -51.64 68.79 65.64
N GLU N 130 -50.33 68.66 65.84
CA GLU N 130 -49.39 68.93 64.75
C GLU N 130 -48.10 68.19 65.08
N LYS N 131 -47.84 67.10 64.36
CA LYS N 131 -46.59 66.36 64.54
C LYS N 131 -45.46 67.09 63.82
N PRO N 132 -44.40 67.49 64.51
CA PRO N 132 -43.39 68.34 63.88
C PRO N 132 -42.54 67.57 62.88
N ARG N 133 -41.89 68.33 61.99
CA ARG N 133 -41.00 67.73 61.01
C ARG N 133 -39.82 67.07 61.70
N MET N 134 -39.49 65.86 61.25
CA MET N 134 -38.44 65.09 61.90
C MET N 134 -37.06 65.69 61.66
N ARG N 135 -36.78 66.12 60.44
CA ARG N 135 -35.48 66.65 60.09
C ARG N 135 -35.63 67.98 59.35
N GLY N 136 -34.63 68.83 59.50
CA GLY N 136 -34.61 70.12 58.84
C GLY N 136 -33.80 70.09 57.56
N PRO N 137 -33.74 71.22 56.87
CA PRO N 137 -33.00 71.27 55.60
C PRO N 137 -31.53 70.96 55.78
N LYS N 138 -30.96 70.28 54.80
CA LYS N 138 -29.58 69.83 54.82
C LYS N 138 -28.73 70.50 53.74
N ARG N 139 -29.31 70.87 52.62
CA ARG N 139 -28.63 71.60 51.56
C ARG N 139 -28.68 73.10 51.86
N ALA N 140 -27.56 73.78 51.58
CA ALA N 140 -27.40 75.16 52.04
C ALA N 140 -28.45 76.09 51.46
N SER N 141 -28.74 75.95 50.17
CA SER N 141 -29.73 76.82 49.53
C SER N 141 -31.11 76.65 50.14
N LYS N 142 -31.46 75.41 50.50
CA LYS N 142 -32.73 75.16 51.16
C LYS N 142 -32.78 75.83 52.52
N ILE N 143 -31.65 75.84 53.23
CA ILE N 143 -31.58 76.52 54.52
C ILE N 143 -31.78 78.02 54.34
N LYS N 144 -31.13 78.60 53.32
CA LYS N 144 -31.29 80.02 53.04
C LYS N 144 -32.73 80.35 52.70
N LYS N 145 -33.37 79.51 51.90
CA LYS N 145 -34.78 79.72 51.57
C LYS N 145 -35.66 79.62 52.81
N LEU N 146 -35.37 78.67 53.69
CA LEU N 146 -36.18 78.49 54.89
C LEU N 146 -36.10 79.70 55.80
N PHE N 147 -34.88 80.20 56.05
CA PHE N 147 -34.70 81.32 56.96
C PHE N 147 -34.57 82.66 56.23
N ASN N 148 -34.82 82.69 54.93
CA ASN N 148 -34.89 83.92 54.14
C ASN N 148 -33.59 84.72 54.21
N LEU N 149 -32.46 84.03 54.07
CA LEU N 149 -31.19 84.72 53.91
C LEU N 149 -30.99 85.14 52.46
N GLY N 150 -29.91 85.87 52.22
CA GLY N 150 -29.53 86.26 50.88
C GLY N 150 -28.06 85.98 50.63
N LYS N 151 -27.47 86.66 49.64
CA LYS N 151 -26.06 86.49 49.37
C LYS N 151 -25.23 87.05 50.51
N ASP N 152 -24.05 86.45 50.73
CA ASP N 152 -23.10 86.83 51.77
C ASP N 152 -23.67 86.64 53.17
N ASP N 153 -24.64 85.75 53.33
CA ASP N 153 -25.19 85.40 54.64
C ASP N 153 -24.75 83.99 55.01
N ASP N 154 -24.31 83.82 56.25
CA ASP N 154 -23.78 82.53 56.70
C ASP N 154 -24.93 81.62 57.13
N VAL N 155 -24.91 80.38 56.65
CA VAL N 155 -26.05 79.44 56.88
C VAL N 155 -25.82 78.63 58.15
N ARG N 156 -24.57 78.50 58.58
CA ARG N 156 -24.31 77.61 59.73
C ARG N 156 -25.09 78.10 60.95
N SER N 157 -25.08 79.41 61.20
CA SER N 157 -25.69 79.95 62.43
C SER N 157 -27.11 79.44 62.56
N TYR N 158 -27.77 79.31 61.43
CA TYR N 158 -29.17 78.87 61.43
C TYR N 158 -29.32 77.37 61.51
N VAL N 159 -28.25 76.61 61.24
CA VAL N 159 -28.30 75.16 61.45
C VAL N 159 -28.41 74.86 62.94
N ASN N 160 -27.75 75.66 63.76
CA ASN N 160 -27.81 75.50 65.21
C ASN N 160 -29.19 75.78 65.78
N THR N 161 -30.10 76.36 64.98
CA THR N 161 -31.44 76.65 65.46
C THR N 161 -32.23 75.37 65.71
N TYR N 162 -32.17 74.42 64.77
CA TYR N 162 -32.97 73.20 64.84
C TYR N 162 -32.12 71.98 65.17
N ARG N 163 -31.11 72.15 66.02
CA ARG N 163 -30.41 70.99 66.57
C ARG N 163 -31.35 70.17 67.43
N ARG N 164 -31.25 68.85 67.32
CA ARG N 164 -32.04 67.95 68.15
C ARG N 164 -31.25 67.62 69.40
N THR N 165 -31.79 68.00 70.56
CA THR N 165 -31.14 67.77 71.85
C THR N 165 -31.88 66.67 72.59
N PHE N 166 -31.12 65.70 73.10
CA PHE N 166 -31.70 64.59 73.84
C PHE N 166 -30.64 64.04 74.79
N LEU N 167 -31.10 63.24 75.74
CA LEU N 167 -30.22 62.65 76.75
C LEU N 167 -29.89 61.21 76.37
N ASN N 168 -28.61 60.86 76.46
CA ASN N 168 -28.20 59.49 76.26
C ASN N 168 -28.77 58.62 77.39
N LYS N 169 -28.85 57.31 77.13
CA LYS N 169 -29.35 56.38 78.14
C LYS N 169 -28.51 56.44 79.40
N LYS N 170 -27.22 56.76 79.28
CA LYS N 170 -26.39 57.02 80.45
C LYS N 170 -26.86 58.28 81.19
N GLY N 171 -27.37 59.27 80.46
CA GLY N 171 -27.84 60.50 81.06
C GLY N 171 -27.13 61.76 80.58
N LYS N 172 -26.17 61.65 79.67
CA LYS N 172 -25.43 62.82 79.19
C LYS N 172 -26.14 63.47 78.01
N LYS N 173 -25.89 64.76 77.84
CA LYS N 173 -26.54 65.53 76.80
C LYS N 173 -25.89 65.28 75.44
N VAL N 174 -26.71 65.08 74.42
CA VAL N 174 -26.25 64.85 73.05
C VAL N 174 -27.02 65.78 72.13
N SER N 175 -26.29 66.47 71.24
CA SER N 175 -26.87 67.34 70.24
C SER N 175 -26.56 66.81 68.85
N LYS N 176 -27.56 66.82 67.97
CA LYS N 176 -27.42 66.33 66.60
C LYS N 176 -27.62 67.48 65.64
N ALA N 177 -26.65 67.70 64.76
CA ALA N 177 -26.73 68.73 63.75
C ALA N 177 -26.41 68.15 62.38
N PRO N 178 -27.19 68.46 61.35
CA PRO N 178 -26.90 67.94 60.02
C PRO N 178 -25.62 68.52 59.44
N LYS N 179 -24.97 67.74 58.60
CA LYS N 179 -23.87 68.24 57.78
C LYS N 179 -24.44 68.98 56.58
N ILE N 180 -23.99 70.23 56.40
CA ILE N 180 -24.50 71.04 55.29
C ILE N 180 -23.90 70.54 53.99
N GLN N 181 -24.76 70.33 53.00
CA GLN N 181 -24.33 69.98 51.66
C GLN N 181 -24.38 71.20 50.75
N ARG N 182 -23.59 71.14 49.68
CA ARG N 182 -23.49 72.24 48.70
C ARG N 182 -23.07 73.54 49.36
N LEU N 183 -22.22 73.45 50.38
CA LEU N 183 -21.71 74.61 51.09
C LEU N 183 -20.33 74.97 50.55
N VAL N 184 -20.14 76.25 50.25
CA VAL N 184 -18.87 76.71 49.69
C VAL N 184 -17.86 76.84 50.82
N THR N 185 -16.75 76.13 50.71
CA THR N 185 -15.66 76.14 51.66
C THR N 185 -14.38 76.47 50.91
N PRO N 186 -13.32 76.92 51.60
CA PRO N 186 -12.06 77.17 50.90
C PRO N 186 -11.51 75.95 50.19
N LEU N 187 -11.80 74.75 50.67
CA LEU N 187 -11.36 73.54 49.97
C LEU N 187 -12.05 73.41 48.61
N THR N 188 -13.34 73.77 48.53
CA THR N 188 -14.03 73.74 47.25
C THR N 188 -13.42 74.72 46.27
N LEU N 189 -13.10 75.93 46.73
CA LEU N 189 -12.47 76.92 45.88
C LEU N 189 -11.09 76.45 45.43
N GLN N 190 -10.34 75.82 46.33
CA GLN N 190 -9.04 75.27 45.95
C GLN N 190 -9.19 74.17 44.92
N ARG N 191 -10.23 73.35 45.04
CA ARG N 191 -10.46 72.28 44.07
C ARG N 191 -10.77 72.85 42.68
N LYS N 192 -11.62 73.87 42.62
CA LYS N 192 -11.92 74.53 41.36
C LYS N 192 -10.66 75.16 40.77
N ARG N 193 -9.85 75.79 41.61
CA ARG N 193 -8.61 76.41 41.15
C ARG N 193 -7.65 75.37 40.62
N ALA N 194 -7.57 74.21 41.28
CA ALA N 194 -6.70 73.14 40.81
C ALA N 194 -7.17 72.58 39.48
N ARG N 195 -8.49 72.51 39.28
CA ARG N 195 -9.02 72.11 37.97
C ARG N 195 -8.60 73.09 36.89
N ILE N 196 -8.72 74.38 37.18
CA ILE N 196 -8.33 75.41 36.20
C ILE N 196 -6.83 75.30 35.90
N ALA N 197 -6.02 75.08 36.94
CA ALA N 197 -4.58 74.94 36.74
C ALA N 197 -4.24 73.68 35.97
N ASP N 198 -5.03 72.61 36.15
CA ASP N 198 -4.83 71.41 35.35
C ASP N 198 -5.07 71.70 33.87
N LYS N 199 -6.12 72.47 33.56
CA LYS N 199 -6.33 72.89 32.18
C LYS N 199 -5.16 73.74 31.68
N LYS N 200 -4.69 74.67 32.52
CA LYS N 200 -3.52 75.49 32.19
C LYS N 200 -2.34 74.62 31.78
N LYS N 201 -2.00 73.65 32.63
CA LYS N 201 -0.81 72.83 32.39
C LYS N 201 -1.00 71.90 31.19
N ARG N 202 -2.22 71.42 30.97
CA ARG N 202 -2.50 70.65 29.76
C ARG N 202 -2.18 71.46 28.52
N ILE N 203 -2.68 72.71 28.47
CA ILE N 203 -2.44 73.56 27.30
C ILE N 203 -0.95 73.85 27.15
N ALA N 204 -0.28 74.16 28.25
CA ALA N 204 1.14 74.49 28.18
C ALA N 204 1.96 73.30 27.69
N LYS N 205 1.67 72.10 28.18
CA LYS N 205 2.38 70.91 27.75
C LYS N 205 2.13 70.63 26.27
N LYS N 206 0.88 70.76 25.83
CA LYS N 206 0.57 70.57 24.42
C LYS N 206 1.38 71.52 23.55
N LYS N 207 1.38 72.81 23.89
CA LYS N 207 2.12 73.79 23.10
C LYS N 207 3.62 73.49 23.12
N SER N 208 4.14 73.08 24.28
CA SER N 208 5.57 72.80 24.37
C SER N 208 5.98 71.66 23.46
N GLU N 209 5.24 70.54 23.51
CA GLU N 209 5.59 69.41 22.64
C GLU N 209 5.42 69.77 21.17
N ALA N 210 4.36 70.51 20.82
CA ALA N 210 4.16 70.89 19.43
C ALA N 210 5.31 71.76 18.93
N ALA N 211 5.73 72.73 19.73
CA ALA N 211 6.82 73.61 19.33
C ALA N 211 8.13 72.85 19.20
N GLU N 212 8.41 71.94 20.14
CA GLU N 212 9.65 71.19 20.06
C GLU N 212 9.67 70.29 18.82
N TYR N 213 8.54 69.65 18.52
CA TYR N 213 8.47 68.82 17.32
C TYR N 213 8.66 69.65 16.06
N GLN N 214 8.06 70.85 16.02
CA GLN N 214 8.22 71.71 14.87
C GLN N 214 9.69 72.13 14.69
N LYS N 215 10.36 72.47 15.79
CA LYS N 215 11.76 72.83 15.70
C LYS N 215 12.62 71.66 15.23
N LEU N 216 12.33 70.45 15.73
CA LEU N 216 13.07 69.29 15.29
C LEU N 216 12.88 69.03 13.80
N LEU N 217 11.64 69.15 13.32
CA LEU N 217 11.38 68.94 11.89
C LEU N 217 12.06 70.01 11.04
N ALA N 218 12.06 71.26 11.52
CA ALA N 218 12.75 72.31 10.78
C ALA N 218 14.25 72.04 10.71
N GLN N 219 14.85 71.60 11.81
CA GLN N 219 16.27 71.27 11.80
C GLN N 219 16.55 70.10 10.87
N ARG N 220 15.66 69.09 10.86
CA ARG N 220 15.84 67.96 9.97
C ARG N 220 15.77 68.40 8.51
N LEU N 221 14.82 69.27 8.18
CA LEU N 221 14.72 69.77 6.81
C LEU N 221 15.94 70.58 6.42
N LYS N 222 16.47 71.38 7.34
CA LYS N 222 17.66 72.16 7.03
C LYS N 222 18.86 71.24 6.82
N GLU N 223 18.94 70.14 7.58
CA GLU N 223 20.00 69.17 7.38
C GLU N 223 19.86 68.48 6.02
N GLN N 224 18.62 68.17 5.63
CA GLN N 224 18.38 67.60 4.30
C GLN N 224 18.79 68.57 3.20
N ARG N 225 18.53 69.86 3.39
CA ARG N 225 18.97 70.86 2.41
C ARG N 225 20.48 70.96 2.37
N ASP N 226 21.14 70.82 3.52
CA ASP N 226 22.60 70.77 3.53
C ASP N 226 23.11 69.58 2.73
N ARG N 227 22.45 68.42 2.86
CA ARG N 227 22.79 67.29 2.01
C ARG N 227 22.59 67.61 0.54
N ARG N 228 21.47 68.25 0.21
CA ARG N 228 21.19 68.62 -1.17
C ARG N 228 22.25 69.57 -1.73
N SER N 229 22.80 70.43 -0.88
CA SER N 229 23.81 71.39 -1.32
C SER N 229 25.14 70.75 -1.69
N GLU N 230 25.23 69.42 -1.68
CA GLU N 230 26.45 68.73 -2.08
C GLU N 230 26.77 68.97 -3.56
N ALA O 4 45.24 35.57 -46.17
CA ALA O 4 45.95 34.56 -45.41
C ALA O 4 45.25 34.27 -44.08
N ARG O 5 44.03 34.78 -43.95
CA ARG O 5 43.23 34.63 -42.73
C ARG O 5 41.79 34.29 -43.07
N LYS O 6 41.60 33.43 -44.08
CA LYS O 6 40.27 33.15 -44.62
C LYS O 6 39.78 31.75 -44.35
N LYS O 7 40.65 30.73 -44.43
CA LYS O 7 40.21 29.36 -44.25
C LYS O 7 39.67 29.14 -42.85
N ILE O 8 40.33 29.70 -41.83
CA ILE O 8 39.91 29.55 -40.44
C ILE O 8 39.15 30.80 -40.02
N GLN O 9 38.08 30.60 -39.25
CA GLN O 9 37.29 31.69 -38.67
C GLN O 9 36.87 31.26 -37.27
N LYS O 10 37.44 31.90 -36.26
CA LYS O 10 37.04 31.63 -34.89
C LYS O 10 35.56 32.00 -34.70
N ASP O 11 34.88 31.23 -33.86
CA ASP O 11 33.44 31.43 -33.66
C ASP O 11 33.12 32.86 -33.28
N LYS O 12 33.80 33.38 -32.26
CA LYS O 12 33.84 34.79 -31.95
C LYS O 12 35.28 35.23 -32.20
N GLY O 13 35.52 36.53 -32.31
CA GLY O 13 36.82 36.97 -32.76
C GLY O 13 37.93 36.70 -31.78
N VAL O 14 38.25 35.40 -31.61
CA VAL O 14 39.31 34.92 -30.74
C VAL O 14 40.62 34.95 -31.51
N GLU O 15 41.72 35.13 -30.78
CA GLU O 15 43.05 35.02 -31.36
C GLU O 15 43.32 33.57 -31.74
N PRO O 16 43.64 33.27 -32.99
CA PRO O 16 43.95 31.88 -33.36
C PRO O 16 45.29 31.44 -32.77
N SER O 17 45.28 30.30 -32.10
CA SER O 17 46.51 29.75 -31.54
C SER O 17 47.48 29.43 -32.67
N GLU O 18 48.78 29.50 -32.35
CA GLU O 18 49.82 29.42 -33.38
C GLU O 18 49.68 28.14 -34.21
N PHE O 19 49.34 27.02 -33.57
CA PHE O 19 49.14 25.79 -34.33
C PHE O 19 47.96 25.91 -35.27
N GLU O 20 46.91 26.62 -34.85
CA GLU O 20 45.76 26.85 -35.72
C GLU O 20 46.15 27.66 -36.94
N ASP O 21 47.01 28.67 -36.76
CA ASP O 21 47.50 29.43 -37.90
C ASP O 21 48.40 28.59 -38.81
N THR O 22 49.18 27.67 -38.24
CA THR O 22 49.95 26.77 -39.09
C THR O 22 49.02 25.90 -39.93
N VAL O 23 47.95 25.39 -39.33
CA VAL O 23 46.97 24.60 -40.08
C VAL O 23 46.31 25.45 -41.16
N ALA O 24 46.01 26.71 -40.84
CA ALA O 24 45.44 27.62 -41.84
C ALA O 24 46.39 27.84 -43.00
N GLN O 25 47.68 28.02 -42.71
CA GLN O 25 48.67 28.20 -43.77
C GLN O 25 48.76 26.94 -44.63
N ALA O 26 48.70 25.77 -44.00
CA ALA O 26 48.69 24.52 -44.75
C ALA O 26 47.47 24.44 -45.67
N PHE O 27 46.31 24.84 -45.16
CA PHE O 27 45.10 24.85 -46.00
C PHE O 27 45.26 25.80 -47.18
N PHE O 28 45.80 26.99 -46.92
CA PHE O 28 46.02 27.96 -48.01
C PHE O 28 46.95 27.40 -49.07
N ASP O 29 48.02 26.74 -48.65
CA ASP O 29 48.95 26.16 -49.62
C ASP O 29 48.41 24.89 -50.28
N LEU O 30 47.37 24.28 -49.73
CA LEU O 30 46.77 23.09 -50.32
C LEU O 30 45.48 23.38 -51.09
N GLU O 31 45.02 24.63 -51.12
CA GLU O 31 43.79 24.98 -51.83
C GLU O 31 43.77 24.45 -53.26
N ASN O 32 44.72 24.88 -54.08
CA ASN O 32 44.74 24.56 -55.50
C ASN O 32 45.86 23.58 -55.86
N GLY O 33 46.22 22.70 -54.92
CA GLY O 33 47.28 21.74 -55.20
C GLY O 33 46.90 20.71 -56.25
N ASN O 34 45.69 20.16 -56.16
CA ASN O 34 45.24 19.08 -57.03
C ASN O 34 43.83 19.39 -57.55
N GLN O 35 43.41 18.59 -58.53
CA GLN O 35 42.07 18.75 -59.09
C GLN O 35 41.00 18.47 -58.04
N GLU O 36 41.16 17.39 -57.28
CA GLU O 36 40.23 17.13 -56.18
C GLU O 36 40.50 18.03 -54.99
N LEU O 37 41.70 18.62 -54.91
CA LEU O 37 41.99 19.60 -53.86
C LEU O 37 41.26 20.91 -54.09
N LYS O 38 40.78 21.17 -55.30
CA LYS O 38 40.02 22.38 -55.59
C LYS O 38 38.64 21.97 -56.08
N SER O 39 37.76 22.96 -56.25
CA SER O 39 36.35 22.83 -56.60
C SER O 39 35.51 22.36 -55.42
N ASP O 40 36.13 22.04 -54.28
CA ASP O 40 35.40 21.72 -53.06
C ASP O 40 35.99 22.48 -51.87
N LEU O 41 37.28 22.82 -51.93
CA LEU O 41 37.89 23.61 -50.87
C LEU O 41 37.41 25.06 -50.85
N LYS O 42 36.69 25.52 -51.88
CA LYS O 42 36.16 26.88 -51.84
C LYS O 42 35.19 27.05 -50.68
N ASP O 43 34.31 26.09 -50.48
CA ASP O 43 33.36 26.11 -49.36
C ASP O 43 33.88 25.33 -48.16
N LEU O 44 35.11 25.61 -47.76
CA LEU O 44 35.69 25.02 -46.56
C LEU O 44 36.00 26.11 -45.55
N TYR O 45 35.56 25.89 -44.32
CA TYR O 45 35.77 26.83 -43.22
C TYR O 45 36.06 26.03 -41.95
N ILE O 46 37.07 26.46 -41.20
CA ILE O 46 37.52 25.75 -40.01
C ILE O 46 37.37 26.67 -38.81
N ASN O 47 36.89 26.10 -37.69
CA ASN O 47 36.73 26.86 -36.46
C ASN O 47 38.00 26.84 -35.62
N THR O 48 38.45 25.65 -35.21
CA THR O 48 39.56 25.54 -34.29
C THR O 48 40.31 24.23 -34.55
N ALA O 49 41.63 24.30 -34.48
CA ALA O 49 42.48 23.12 -34.59
C ALA O 49 43.41 23.07 -33.39
N ILE O 50 43.46 21.93 -32.71
CA ILE O 50 44.34 21.72 -31.58
C ILE O 50 45.09 20.41 -31.79
N GLN O 51 46.25 20.31 -31.14
CA GLN O 51 47.14 19.16 -31.31
C GLN O 51 47.46 18.58 -29.94
N MET O 52 47.31 17.27 -29.80
CA MET O 52 47.56 16.59 -28.54
C MET O 52 48.33 15.30 -28.79
N ASP O 53 49.18 14.94 -27.84
CA ASP O 53 49.96 13.71 -27.93
C ASP O 53 49.09 12.50 -27.64
N VAL O 54 49.51 11.35 -28.15
CA VAL O 54 48.82 10.09 -27.95
C VAL O 54 49.81 9.05 -27.44
N VAL O 55 49.26 7.99 -26.85
CA VAL O 55 50.09 6.95 -26.25
C VAL O 55 50.91 6.23 -27.32
N GLY O 56 50.42 6.15 -28.54
CA GLY O 56 51.08 5.43 -29.60
C GLY O 56 52.34 6.09 -30.13
N ASN O 57 52.92 7.01 -29.35
CA ASN O 57 54.19 7.68 -29.59
C ASN O 57 54.08 8.70 -30.73
N ARG O 58 52.94 8.75 -31.40
CA ARG O 58 52.66 9.76 -32.41
C ARG O 58 51.84 10.89 -31.79
N LYS O 59 51.33 11.78 -32.63
CA LYS O 59 50.54 12.91 -32.18
C LYS O 59 49.33 13.06 -33.10
N ALA O 60 48.28 13.68 -32.59
CA ALA O 60 47.02 13.78 -33.31
C ALA O 60 46.48 15.21 -33.27
N VAL O 61 45.89 15.63 -34.38
CA VAL O 61 45.29 16.96 -34.52
C VAL O 61 43.81 16.80 -34.86
N VAL O 62 42.96 17.53 -34.14
CA VAL O 62 41.53 17.56 -34.43
C VAL O 62 41.21 18.82 -35.20
N ILE O 63 40.16 18.76 -36.02
CA ILE O 63 39.73 19.88 -36.84
C ILE O 63 38.24 20.08 -36.63
N HIS O 64 37.85 21.31 -36.27
CA HIS O 64 36.45 21.63 -36.00
C HIS O 64 35.78 22.19 -37.26
N VAL O 65 34.46 22.06 -37.30
CA VAL O 65 33.68 22.37 -38.50
C VAL O 65 32.34 23.00 -38.13
N PRO O 66 31.90 24.04 -38.86
CA PRO O 66 30.62 24.70 -38.55
C PRO O 66 29.35 23.86 -38.71
N TYR O 67 29.48 22.58 -39.03
CA TYR O 67 28.45 21.54 -38.95
C TYR O 67 27.42 21.59 -40.10
N ARG O 68 27.42 22.61 -40.95
CA ARG O 68 26.61 22.54 -42.17
C ARG O 68 27.40 22.29 -43.44
N LEU O 69 28.72 22.45 -43.41
CA LEU O 69 29.56 21.92 -44.48
C LEU O 69 30.15 20.57 -44.13
N ARG O 70 29.64 20.00 -43.03
CA ARG O 70 30.14 18.69 -42.50
C ARG O 70 30.23 17.58 -43.56
N LYS O 71 29.18 17.40 -44.37
CA LYS O 71 29.15 16.31 -45.38
C LYS O 71 30.13 16.65 -46.50
N PRO O 72 30.08 17.86 -47.10
CA PRO O 72 31.09 18.24 -48.10
C PRO O 72 32.45 17.89 -47.47
N PHE O 73 32.61 18.14 -46.17
CA PHE O 73 33.87 17.77 -45.49
C PHE O 73 34.05 16.26 -45.53
N ARG O 74 32.99 15.50 -45.29
CA ARG O 74 33.06 14.02 -45.30
C ARG O 74 33.48 13.54 -46.70
N LYS O 75 32.87 14.11 -47.74
CA LYS O 75 33.17 13.70 -49.13
C LYS O 75 34.67 13.88 -49.40
N ILE O 76 35.27 14.95 -48.88
CA ILE O 76 36.71 15.22 -49.12
C ILE O 76 37.51 14.80 -47.89
N HIS O 77 36.86 14.16 -46.91
CA HIS O 77 37.54 13.79 -45.64
C HIS O 77 38.74 12.88 -45.94
N VAL O 78 38.53 11.79 -46.68
CA VAL O 78 39.63 10.81 -46.90
C VAL O 78 40.81 11.53 -47.57
N ARG O 79 40.56 12.22 -48.69
CA ARG O 79 41.68 12.88 -49.43
C ARG O 79 42.34 13.92 -48.53
N LEU O 80 41.55 14.77 -47.89
CA LEU O 80 42.12 15.83 -47.02
C LEU O 80 42.95 15.18 -45.91
N VAL O 81 42.40 14.13 -45.30
CA VAL O 81 43.13 13.41 -44.21
C VAL O 81 44.51 13.05 -44.75
N ARG O 82 44.56 12.51 -45.96
CA ARG O 82 45.87 12.16 -46.59
C ARG O 82 46.70 13.43 -46.75
N GLU O 83 46.18 14.41 -47.49
CA GLU O 83 46.94 15.65 -47.78
C GLU O 83 47.35 16.32 -46.46
N LEU O 84 46.40 16.63 -45.58
CA LEU O 84 46.74 17.35 -44.34
C LEU O 84 47.77 16.53 -43.56
N GLU O 85 47.59 15.21 -43.50
CA GLU O 85 48.59 14.35 -42.81
C GLU O 85 49.94 14.55 -43.50
N LYS O 86 49.95 14.58 -44.84
CA LYS O 86 51.22 14.86 -45.57
C LYS O 86 51.73 16.22 -45.13
N LYS O 87 50.83 17.19 -44.96
CA LYS O 87 51.22 18.55 -44.50
C LYS O 87 51.88 18.44 -43.12
N PHE O 88 51.34 17.58 -42.25
CA PHE O 88 51.91 17.40 -40.88
C PHE O 88 52.09 15.90 -40.60
N SER O 89 53.09 15.28 -41.24
CA SER O 89 53.32 13.82 -41.07
C SER O 89 53.50 13.49 -39.58
N GLY O 90 52.97 12.34 -39.15
CA GLY O 90 53.08 11.96 -37.72
C GLY O 90 51.96 12.57 -36.89
N LYS O 91 51.02 13.26 -37.54
CA LYS O 91 49.88 13.88 -36.81
C LYS O 91 48.57 13.32 -37.36
N ASP O 92 48.14 12.17 -36.86
CA ASP O 92 46.83 11.60 -37.29
C ASP O 92 45.79 12.73 -37.27
N VAL O 93 45.27 13.11 -38.43
CA VAL O 93 44.33 14.27 -38.49
C VAL O 93 42.89 13.75 -38.41
N VAL O 94 42.09 14.29 -37.49
CA VAL O 94 40.71 13.90 -37.36
C VAL O 94 39.84 15.14 -37.56
N PHE O 95 38.71 14.97 -38.26
CA PHE O 95 37.83 16.07 -38.61
C PHE O 95 36.50 15.87 -37.91
N VAL O 96 36.27 16.64 -36.84
CA VAL O 96 35.07 16.51 -36.02
C VAL O 96 34.31 17.82 -36.06
N ALA O 97 33.02 17.76 -36.33
CA ALA O 97 32.19 18.96 -36.42
C ALA O 97 32.05 19.60 -35.04
N THR O 98 31.38 20.75 -35.01
CA THR O 98 31.16 21.50 -33.75
C THR O 98 29.69 21.44 -33.40
N ARG O 99 29.36 20.94 -32.21
CA ARG O 99 27.94 20.84 -31.77
C ARG O 99 27.78 21.61 -30.46
N ARG O 100 26.59 22.14 -30.20
CA ARG O 100 26.36 22.96 -28.99
C ARG O 100 25.76 22.11 -27.88
N ILE O 101 26.50 21.91 -26.78
CA ILE O 101 25.92 21.19 -25.61
C ILE O 101 25.23 22.22 -24.72
N VAL O 102 23.95 22.01 -24.41
CA VAL O 102 23.18 22.96 -23.61
C VAL O 102 22.93 22.35 -22.24
N ARG O 103 22.88 23.22 -21.24
CA ARG O 103 22.56 22.78 -19.89
C ARG O 103 21.14 22.25 -19.85
N PRO O 104 20.87 21.23 -19.01
CA PRO O 104 19.53 20.68 -18.93
C PRO O 104 18.53 21.73 -18.47
N PRO O 105 17.33 21.74 -19.04
CA PRO O 105 16.34 22.74 -18.64
C PRO O 105 15.90 22.55 -17.19
N LYS O 106 15.60 23.67 -16.54
CA LYS O 106 15.12 23.66 -15.17
C LYS O 106 13.61 23.55 -15.12
N LYS O 107 13.08 23.31 -13.92
CA LYS O 107 11.63 23.22 -13.76
C LYS O 107 10.95 24.55 -14.07
N GLY O 108 11.65 25.66 -13.85
CA GLY O 108 11.13 26.97 -14.19
C GLY O 108 11.38 27.37 -15.63
N SER O 109 11.37 26.39 -16.53
CA SER O 109 11.58 26.62 -17.94
C SER O 109 10.68 25.71 -18.76
N ALA O 110 10.27 26.19 -19.94
CA ALA O 110 9.43 25.43 -20.85
C ALA O 110 10.12 25.21 -22.19
N VAL O 111 11.44 25.35 -22.24
CA VAL O 111 12.16 25.16 -23.49
C VAL O 111 12.14 23.68 -23.87
N GLN O 112 11.97 23.41 -25.17
CA GLN O 112 11.89 22.03 -25.63
C GLN O 112 13.26 21.35 -25.60
N ARG O 113 14.35 22.11 -25.68
CA ARG O 113 15.72 21.59 -25.60
C ARG O 113 15.94 20.48 -26.62
N PRO O 114 16.11 20.81 -27.91
CA PRO O 114 16.29 19.78 -28.95
C PRO O 114 17.25 18.69 -28.53
N ARG O 115 16.84 17.42 -28.67
CA ARG O 115 17.64 16.33 -28.14
C ARG O 115 18.98 16.17 -28.86
N THR O 116 19.12 16.73 -30.05
CA THR O 116 20.43 16.76 -30.68
C THR O 116 21.40 17.69 -29.97
N ARG O 117 20.92 18.55 -29.08
CA ARG O 117 21.76 19.45 -28.30
C ARG O 117 22.09 18.90 -26.92
N THR O 118 21.51 17.76 -26.54
CA THR O 118 21.86 17.14 -25.27
C THR O 118 23.25 16.51 -25.34
N LEU O 119 23.82 16.26 -24.17
CA LEU O 119 25.21 15.81 -24.10
C LEU O 119 25.39 14.42 -24.71
N THR O 120 24.45 13.51 -24.47
CA THR O 120 24.56 12.17 -25.05
C THR O 120 24.60 12.25 -26.57
N ALA O 121 23.52 12.70 -27.20
CA ALA O 121 23.46 12.72 -28.66
C ALA O 121 24.66 13.44 -29.25
N VAL O 122 25.13 14.50 -28.58
CA VAL O 122 26.35 15.17 -29.02
C VAL O 122 27.53 14.20 -28.97
N HIS O 123 27.65 13.42 -27.89
CA HIS O 123 28.79 12.50 -27.77
C HIS O 123 28.73 11.37 -28.79
N ASP O 124 27.54 10.81 -29.03
CA ASP O 124 27.43 9.80 -30.09
C ASP O 124 27.74 10.37 -31.46
N GLY O 125 27.25 11.57 -31.76
CA GLY O 125 27.62 12.20 -33.02
C GLY O 125 29.12 12.44 -33.13
N ILE O 126 29.74 12.85 -32.03
CA ILE O 126 31.18 13.07 -32.01
C ILE O 126 31.93 11.77 -32.25
N LEU O 127 31.50 10.69 -31.59
CA LEU O 127 32.18 9.41 -31.75
C LEU O 127 31.99 8.86 -33.16
N GLU O 128 30.85 9.16 -33.79
CA GLU O 128 30.66 8.80 -35.19
C GLU O 128 31.58 9.62 -36.10
N ASP O 129 31.76 10.90 -35.78
CA ASP O 129 32.59 11.76 -36.63
C ASP O 129 34.08 11.46 -36.48
N VAL O 130 34.51 11.05 -35.28
CA VAL O 130 35.94 10.88 -35.01
C VAL O 130 36.48 9.62 -35.68
N VAL O 131 35.61 8.69 -36.08
CA VAL O 131 36.04 7.44 -36.69
C VAL O 131 35.33 7.28 -38.03
N TYR O 132 35.02 8.41 -38.67
CA TYR O 132 34.18 8.42 -39.86
C TYR O 132 34.61 7.46 -40.96
N PRO O 133 35.90 7.29 -41.27
CA PRO O 133 36.26 6.29 -42.31
C PRO O 133 35.69 4.90 -42.03
N ALA O 134 35.51 4.54 -40.76
CA ALA O 134 34.83 3.32 -40.38
C ALA O 134 33.40 3.62 -39.94
N GLU O 135 32.60 2.56 -39.85
CA GLU O 135 31.21 2.67 -39.44
C GLU O 135 30.98 1.86 -38.17
N ILE O 136 30.12 2.37 -37.30
CA ILE O 136 29.85 1.73 -36.01
C ILE O 136 28.87 0.59 -36.22
N VAL O 137 29.26 -0.61 -35.80
CA VAL O 137 28.43 -1.80 -35.95
C VAL O 137 27.82 -2.19 -34.61
N GLY O 138 28.55 -1.93 -33.54
CA GLY O 138 28.07 -2.28 -32.20
C GLY O 138 28.69 -1.41 -31.15
N LYS O 139 27.94 -1.20 -30.06
CA LYS O 139 28.40 -0.42 -28.93
C LYS O 139 28.20 -1.23 -27.66
N ARG O 140 29.25 -1.31 -26.84
CA ARG O 140 29.21 -2.06 -25.59
C ARG O 140 29.90 -1.24 -24.52
N VAL O 141 29.36 -1.28 -23.30
CA VAL O 141 29.88 -0.50 -22.18
C VAL O 141 30.11 -1.44 -21.01
N ARG O 142 31.33 -1.43 -20.47
CA ARG O 142 31.72 -2.29 -19.37
C ARG O 142 31.86 -1.47 -18.10
N TYR O 143 31.24 -1.94 -17.03
CA TYR O 143 31.30 -1.28 -15.72
C TYR O 143 32.18 -2.15 -14.81
N ARG O 144 33.44 -1.75 -14.67
CA ARG O 144 34.41 -2.52 -13.90
C ARG O 144 34.14 -2.34 -12.40
N LEU O 145 34.80 -3.20 -11.60
CA LEU O 145 34.54 -3.20 -10.16
C LEU O 145 34.87 -1.86 -9.53
N ASP O 146 35.98 -1.26 -9.94
CA ASP O 146 36.41 0.02 -9.39
C ASP O 146 35.58 1.20 -9.90
N GLY O 147 34.49 0.95 -10.60
CA GLY O 147 33.63 2.01 -11.09
C GLY O 147 33.98 2.55 -12.45
N ALA O 148 35.06 2.10 -13.07
CA ALA O 148 35.43 2.59 -14.39
C ALA O 148 34.40 2.16 -15.43
N LYS O 149 34.06 3.09 -16.32
CA LYS O 149 33.07 2.86 -17.37
C LYS O 149 33.82 2.86 -18.70
N VAL O 150 34.25 1.68 -19.14
CA VAL O 150 35.00 1.51 -20.37
C VAL O 150 34.03 1.14 -21.49
N ILE O 151 34.07 1.90 -22.58
CA ILE O 151 33.15 1.75 -23.70
C ILE O 151 33.87 0.99 -24.81
N LYS O 152 33.19 0.01 -25.40
CA LYS O 152 33.72 -0.77 -26.50
C LYS O 152 32.83 -0.57 -27.73
N ILE O 153 33.45 -0.16 -28.84
CA ILE O 153 32.75 0.09 -30.09
C ILE O 153 33.30 -0.86 -31.14
N TYR O 154 32.41 -1.58 -31.83
CA TYR O 154 32.80 -2.48 -32.90
C TYR O 154 32.72 -1.74 -34.23
N LEU O 155 33.88 -1.57 -34.88
CA LEU O 155 33.93 -0.93 -36.17
C LEU O 155 33.64 -1.94 -37.28
N ASP O 156 33.31 -1.42 -38.45
CA ASP O 156 33.01 -2.29 -39.59
C ASP O 156 34.24 -3.11 -39.95
N PRO O 157 34.09 -4.42 -40.20
CA PRO O 157 35.25 -5.21 -40.65
C PRO O 157 35.86 -4.68 -41.94
N LYS O 158 35.05 -4.19 -42.86
CA LYS O 158 35.56 -3.45 -44.00
C LYS O 158 36.11 -2.10 -43.52
N GLU O 159 37.05 -1.56 -44.28
CA GLU O 159 37.82 -0.37 -43.90
C GLU O 159 38.70 -0.62 -42.69
N ARG O 160 39.05 -1.89 -42.44
CA ARG O 160 39.90 -2.22 -41.30
C ARG O 160 41.27 -1.57 -41.39
N ASN O 161 41.96 -1.78 -42.51
CA ASN O 161 43.29 -1.20 -42.68
C ASN O 161 43.22 0.31 -42.77
N ASN O 162 42.12 0.85 -43.28
CA ASN O 162 41.94 2.29 -43.33
C ASN O 162 41.77 2.91 -41.95
N THR O 163 41.39 2.11 -40.95
CA THR O 163 41.24 2.56 -39.57
C THR O 163 41.92 1.59 -38.62
N GLU O 164 43.12 1.14 -38.98
CA GLU O 164 43.82 0.13 -38.18
C GLU O 164 44.74 0.79 -37.15
N TYR O 165 45.63 1.67 -37.59
CA TYR O 165 46.59 2.29 -36.69
C TYR O 165 46.12 3.62 -36.13
N LYS O 166 44.89 4.04 -36.41
CA LYS O 166 44.32 5.24 -35.79
C LYS O 166 43.54 4.92 -34.52
N LEU O 167 43.55 3.67 -34.06
CA LEU O 167 42.69 3.29 -32.95
C LEU O 167 43.08 4.01 -31.66
N GLU O 168 44.37 3.99 -31.31
CA GLU O 168 44.81 4.58 -30.05
C GLU O 168 44.70 6.10 -30.11
N THR O 169 45.01 6.69 -31.26
CA THR O 169 44.81 8.14 -31.41
C THR O 169 43.34 8.51 -31.28
N PHE O 170 42.45 7.69 -31.84
CA PHE O 170 41.02 7.93 -31.69
C PHE O 170 40.61 7.85 -30.22
N SER O 171 41.16 6.87 -29.50
CA SER O 171 40.87 6.73 -28.08
C SER O 171 41.32 7.97 -27.31
N ALA O 172 42.53 8.48 -27.61
CA ALA O 172 43.01 9.68 -26.92
C ALA O 172 42.18 10.91 -27.28
N VAL O 173 41.79 11.03 -28.54
CA VAL O 173 40.99 12.17 -28.98
C VAL O 173 39.64 12.17 -28.27
N TYR O 174 38.99 11.01 -28.21
CA TYR O 174 37.72 10.91 -27.49
C TYR O 174 37.90 11.02 -25.99
N ARG O 175 39.11 10.71 -25.49
CA ARG O 175 39.39 10.91 -24.07
C ARG O 175 39.42 12.38 -23.73
N ARG O 176 40.11 13.18 -24.55
CA ARG O 176 40.25 14.60 -24.22
C ARG O 176 39.01 15.39 -24.58
N LEU O 177 38.54 15.28 -25.82
CA LEU O 177 37.46 16.17 -26.25
C LEU O 177 36.09 15.71 -25.78
N CYS O 178 35.95 14.47 -25.31
CA CYS O 178 34.67 14.01 -24.78
C CYS O 178 34.75 13.52 -23.34
N GLY O 179 35.80 12.78 -22.97
CA GLY O 179 35.97 12.37 -21.59
C GLY O 179 35.38 11.02 -21.25
N LYS O 180 35.64 10.02 -22.10
CA LYS O 180 35.14 8.66 -21.87
C LYS O 180 36.17 7.65 -22.32
N ASP O 181 36.38 6.62 -21.50
CA ASP O 181 37.27 5.52 -21.88
C ASP O 181 36.65 4.72 -23.02
N VAL O 182 37.48 4.37 -24.00
CA VAL O 182 36.99 3.81 -25.25
C VAL O 182 38.03 2.85 -25.81
N VAL O 183 37.57 1.68 -26.27
CA VAL O 183 38.38 0.71 -26.99
C VAL O 183 37.63 0.30 -28.24
N PHE O 184 38.38 -0.15 -29.24
CA PHE O 184 37.82 -0.53 -30.53
C PHE O 184 38.15 -1.97 -30.85
N GLU O 185 37.17 -2.69 -31.41
CA GLU O 185 37.36 -4.07 -31.86
C GLU O 185 36.72 -4.22 -33.24
N TYR O 186 37.07 -5.31 -33.92
CA TYR O 186 36.55 -5.63 -35.23
C TYR O 186 35.86 -6.98 -35.20
N PRO O 187 34.56 -7.07 -35.53
CA PRO O 187 33.79 -8.31 -35.63
C PRO O 187 34.52 -9.41 -36.41
N ASP P 94 44.71 -50.15 -38.03
CA ASP P 94 44.88 -50.33 -39.46
C ASP P 94 43.54 -50.59 -40.15
N GLU P 95 43.32 -49.90 -41.27
CA GLU P 95 42.08 -49.99 -42.04
C GLU P 95 40.87 -49.64 -41.16
N ILE P 96 40.89 -48.41 -40.65
CA ILE P 96 39.81 -47.90 -39.82
C ILE P 96 38.83 -47.17 -40.73
N ARG P 97 37.79 -47.88 -41.16
CA ARG P 97 36.82 -47.34 -42.10
C ARG P 97 35.84 -46.44 -41.34
N VAL P 98 35.87 -45.14 -41.66
CA VAL P 98 35.01 -44.16 -41.00
C VAL P 98 34.32 -43.32 -42.06
N ASP P 99 33.23 -42.67 -41.65
CA ASP P 99 32.40 -41.88 -42.54
C ASP P 99 32.83 -40.41 -42.49
N LYS P 100 32.12 -39.57 -43.24
CA LYS P 100 32.54 -38.18 -43.41
C LYS P 100 32.49 -37.41 -42.10
N GLU P 101 31.46 -37.63 -41.28
CA GLU P 101 31.35 -36.86 -40.04
C GLU P 101 32.50 -37.16 -39.09
N THR P 102 32.86 -38.44 -38.94
CA THR P 102 33.94 -38.79 -38.03
C THR P 102 35.28 -38.26 -38.51
N MET P 103 35.51 -38.32 -39.83
CA MET P 103 36.78 -37.76 -40.37
C MET P 103 36.77 -36.25 -40.11
N ASP P 104 35.60 -35.63 -40.22
CA ASP P 104 35.54 -34.18 -39.88
C ASP P 104 36.07 -34.02 -38.47
N MET P 105 35.57 -34.81 -37.53
CA MET P 105 35.99 -34.64 -36.12
C MET P 105 37.50 -34.78 -36.07
N LEU P 106 38.02 -35.83 -36.69
CA LEU P 106 39.47 -36.12 -36.62
C LEU P 106 40.21 -34.87 -37.12
N ALA P 107 39.78 -34.33 -38.25
CA ALA P 107 40.43 -33.12 -38.81
C ALA P 107 40.32 -32.00 -37.78
N PHE P 108 39.12 -31.76 -37.24
CA PHE P 108 38.92 -30.69 -36.25
C PHE P 108 39.90 -30.92 -35.09
N LEU P 109 40.26 -32.19 -34.85
CA LEU P 109 41.25 -32.51 -33.79
C LEU P 109 42.65 -32.59 -34.44
N GLY P 110 42.76 -32.19 -35.71
CA GLY P 110 44.05 -32.22 -36.41
C GLY P 110 44.61 -33.64 -36.48
N MET P 111 43.73 -34.63 -36.71
CA MET P 111 44.12 -36.06 -36.62
C MET P 111 44.33 -36.63 -38.02
N ALA P 112 45.59 -36.89 -38.39
CA ALA P 112 45.90 -37.45 -39.72
C ALA P 112 45.24 -38.83 -39.86
N ASP P 113 45.19 -39.60 -38.77
CA ASP P 113 44.57 -40.95 -38.80
C ASP P 113 45.26 -41.78 -39.90
N LEU P 114 46.52 -42.18 -39.67
CA LEU P 114 47.27 -42.99 -40.66
C LEU P 114 46.31 -43.91 -41.44
N PRO P 115 45.47 -44.74 -40.78
CA PRO P 115 44.56 -45.67 -41.47
C PRO P 115 43.17 -45.13 -41.75
N GLY P 116 42.92 -43.84 -41.50
CA GLY P 116 41.60 -43.27 -41.74
C GLY P 116 41.20 -43.30 -43.21
N VAL P 117 40.15 -44.07 -43.51
CA VAL P 117 39.71 -44.27 -44.89
C VAL P 117 38.20 -44.05 -44.98
N GLU P 118 37.77 -43.43 -46.07
CA GLU P 118 36.35 -43.22 -46.32
C GLU P 118 35.63 -44.55 -46.54
N ARG P 119 34.42 -44.66 -46.00
CA ARG P 119 33.57 -45.82 -46.22
C ARG P 119 32.77 -45.75 -47.51
N ALA P 120 32.78 -44.61 -48.18
CA ALA P 120 32.00 -44.40 -49.41
C ALA P 120 30.52 -44.68 -49.20
N ALA Q 2 -23.51 51.32 -21.24
CA ALA Q 2 -23.41 49.93 -21.63
C ALA Q 2 -23.42 49.03 -20.40
N GLU Q 3 -22.69 49.45 -19.37
CA GLU Q 3 -22.61 48.72 -18.12
C GLU Q 3 -23.83 48.93 -17.21
N GLN Q 4 -24.67 49.92 -17.52
CA GLN Q 4 -25.82 50.24 -16.67
C GLN Q 4 -26.97 49.31 -17.02
N THR Q 5 -26.83 48.05 -16.61
CA THR Q 5 -27.79 47.01 -16.89
C THR Q 5 -28.74 46.74 -15.74
N GLU Q 6 -28.66 47.53 -14.66
CA GLU Q 6 -29.48 47.32 -13.48
C GLU Q 6 -30.54 48.41 -13.37
N LYS Q 7 -31.45 48.23 -12.41
CA LYS Q 7 -32.49 49.24 -12.14
C LYS Q 7 -31.88 50.42 -11.39
N SER Q 8 -30.58 50.39 -11.14
CA SER Q 8 -29.87 51.49 -10.48
C SER Q 8 -28.61 51.88 -11.23
N PHE Q 9 -28.21 53.13 -11.12
CA PHE Q 9 -26.94 53.53 -11.73
C PHE Q 9 -25.85 52.77 -10.97
N LEU Q 10 -24.79 52.41 -11.64
CA LEU Q 10 -23.71 51.65 -10.99
C LEU Q 10 -22.42 52.45 -11.07
N LYS Q 11 -21.94 52.87 -9.93
CA LYS Q 11 -20.80 53.76 -9.85
C LYS Q 11 -19.76 53.16 -8.92
N GLN Q 12 -18.50 53.49 -9.18
CA GLN Q 12 -17.45 53.15 -8.24
C GLN Q 12 -17.57 54.03 -7.01
N PRO Q 13 -17.57 53.47 -5.80
CA PRO Q 13 -17.69 54.30 -4.60
C PRO Q 13 -16.56 55.32 -4.51
N LYS Q 14 -16.89 56.51 -4.02
CA LYS Q 14 -15.92 57.57 -3.73
C LYS Q 14 -15.18 58.03 -4.98
N VAL Q 15 -15.82 57.96 -6.13
CA VAL Q 15 -15.30 58.54 -7.37
C VAL Q 15 -16.33 59.52 -7.90
N PHE Q 16 -15.95 60.79 -8.00
CA PHE Q 16 -16.86 61.84 -8.44
C PHE Q 16 -16.78 61.96 -9.96
N LEU Q 17 -17.82 61.46 -10.64
CA LEU Q 17 -17.84 61.48 -12.09
C LEU Q 17 -18.18 62.87 -12.64
N SER Q 18 -19.00 63.64 -11.91
CA SER Q 18 -19.46 64.94 -12.36
C SER Q 18 -18.47 66.06 -12.04
N THR Q 19 -17.20 65.74 -11.82
CA THR Q 19 -16.22 66.76 -11.48
C THR Q 19 -16.03 67.73 -12.63
N LYS Q 20 -15.80 69.00 -12.28
CA LYS Q 20 -15.57 70.03 -13.29
C LYS Q 20 -14.09 70.11 -13.69
N LYS Q 21 -13.18 69.91 -12.75
CA LYS Q 21 -11.74 69.98 -13.03
C LYS Q 21 -11.20 68.58 -13.32
N ALA Q 22 -11.72 67.98 -14.38
CA ALA Q 22 -11.29 66.65 -14.78
C ALA Q 22 -9.85 66.67 -15.26
N ASP Q 23 -9.13 65.59 -14.99
CA ASP Q 23 -7.72 65.47 -15.36
C ASP Q 23 -7.36 64.00 -15.39
N LYS Q 24 -6.49 63.65 -16.34
CA LYS Q 24 -6.07 62.26 -16.54
C LYS Q 24 -4.71 61.95 -15.93
N ALA Q 25 -3.92 62.96 -15.57
CA ALA Q 25 -2.62 62.73 -14.97
C ALA Q 25 -2.70 62.46 -13.48
N LYS Q 26 -3.90 62.53 -12.88
CA LYS Q 26 -4.07 62.27 -11.46
C LYS Q 26 -4.21 60.78 -11.20
N ARG Q 27 -4.11 60.41 -9.93
CA ARG Q 27 -4.15 59.01 -9.53
C ARG Q 27 -5.57 58.45 -9.69
N PRO Q 28 -5.70 57.12 -9.74
CA PRO Q 28 -7.02 56.51 -9.91
C PRO Q 28 -7.99 56.94 -8.81
N GLY Q 29 -9.24 57.16 -9.21
CA GLY Q 29 -10.27 57.64 -8.31
C GLY Q 29 -10.29 59.14 -8.11
N LYS Q 30 -9.35 59.87 -8.68
CA LYS Q 30 -9.26 61.32 -8.56
C LYS Q 30 -9.61 61.96 -9.89
N ALA Q 31 -10.28 63.11 -9.82
CA ALA Q 31 -10.68 63.89 -11.00
C ALA Q 31 -11.56 63.06 -11.94
N GLY Q 32 -12.40 62.20 -11.39
CA GLY Q 32 -13.27 61.37 -12.19
C GLY Q 32 -12.60 60.18 -12.84
N ASN Q 33 -11.36 59.87 -12.50
CA ASN Q 33 -10.68 58.74 -13.09
C ASN Q 33 -11.22 57.42 -12.52
N ARG Q 34 -11.23 56.39 -13.36
CA ARG Q 34 -11.61 55.07 -12.89
C ARG Q 34 -10.67 54.64 -11.78
N PHE Q 35 -11.25 54.17 -10.66
CA PHE Q 35 -10.43 53.68 -9.58
C PHE Q 35 -10.00 52.25 -9.84
N TRP Q 36 -8.73 51.96 -9.52
CA TRP Q 36 -8.22 50.61 -9.55
C TRP Q 36 -7.04 50.53 -8.60
N LYS Q 37 -6.69 49.31 -8.21
CA LYS Q 37 -5.64 49.09 -7.23
C LYS Q 37 -4.89 47.82 -7.58
N SER Q 38 -3.65 47.77 -7.12
CA SER Q 38 -2.90 46.51 -7.13
C SER Q 38 -3.28 45.71 -5.90
N VAL Q 39 -3.66 44.45 -6.11
CA VAL Q 39 -4.05 43.60 -5.01
C VAL Q 39 -2.88 43.20 -4.12
N GLY Q 40 -1.66 43.41 -4.59
CA GLY Q 40 -0.50 42.94 -3.86
C GLY Q 40 -0.24 41.47 -4.11
N LEU Q 41 0.69 40.92 -3.32
CA LEU Q 41 1.06 39.51 -3.37
C LEU Q 41 1.64 39.12 -4.73
N GLY Q 42 2.27 40.07 -5.41
CA GLY Q 42 2.93 39.81 -6.67
C GLY Q 42 2.00 39.55 -7.83
N PHE Q 43 0.76 40.03 -7.77
CA PHE Q 43 -0.24 39.79 -8.81
C PHE Q 43 -0.42 41.05 -9.64
N LYS Q 44 -0.22 40.93 -10.94
CA LYS Q 44 -0.35 42.08 -11.83
C LYS Q 44 -1.82 42.43 -12.04
N THR Q 45 -2.08 43.73 -12.17
CA THR Q 45 -3.44 44.19 -12.47
C THR Q 45 -3.71 44.03 -13.96
N PRO Q 46 -4.73 43.25 -14.34
CA PRO Q 46 -5.05 43.10 -15.76
C PRO Q 46 -5.42 44.44 -16.39
N ARG Q 47 -4.99 44.64 -17.64
CA ARG Q 47 -5.17 45.93 -18.27
C ARG Q 47 -6.64 46.18 -18.59
N GLU Q 48 -7.43 45.12 -18.76
CA GLU Q 48 -8.87 45.24 -19.01
C GLU Q 48 -9.63 45.67 -17.75
N ALA Q 49 -9.01 45.61 -16.58
CA ALA Q 49 -9.60 46.18 -15.38
C ALA Q 49 -9.30 47.67 -15.27
N ILE Q 50 -8.10 48.07 -15.67
CA ILE Q 50 -7.74 49.48 -15.67
C ILE Q 50 -8.48 50.24 -16.78
N ASP Q 51 -8.65 49.61 -17.93
CA ASP Q 51 -9.36 50.24 -19.04
C ASP Q 51 -10.80 49.80 -19.15
N GLY Q 52 -11.31 49.07 -18.17
CA GLY Q 52 -12.67 48.58 -18.28
C GLY Q 52 -13.69 49.67 -18.05
N THR Q 53 -14.93 49.34 -18.39
CA THR Q 53 -16.07 50.18 -18.08
C THR Q 53 -17.04 49.51 -17.13
N TYR Q 54 -16.82 48.24 -16.81
CA TYR Q 54 -17.67 47.51 -15.88
C TYR Q 54 -17.54 48.09 -14.47
N ILE Q 55 -18.60 47.93 -13.69
CA ILE Q 55 -18.62 48.30 -12.28
C ILE Q 55 -18.86 47.02 -11.50
N ASP Q 56 -17.85 46.60 -10.73
CA ASP Q 56 -17.93 45.41 -9.89
C ASP Q 56 -17.38 45.76 -8.52
N LYS Q 57 -18.24 45.81 -7.50
CA LYS Q 57 -17.77 46.10 -6.15
C LYS Q 57 -16.96 44.94 -5.59
N LYS Q 58 -17.18 43.72 -6.08
CA LYS Q 58 -16.44 42.54 -5.64
C LYS Q 58 -15.22 42.25 -6.49
N CYS Q 59 -14.88 43.13 -7.42
CA CYS Q 59 -13.64 42.97 -8.20
C CYS Q 59 -12.44 43.19 -7.29
N PRO Q 60 -11.42 42.34 -7.35
CA PRO Q 60 -10.23 42.57 -6.51
C PRO Q 60 -9.44 43.80 -6.93
N PHE Q 61 -9.51 44.19 -8.19
CA PHE Q 61 -8.66 45.25 -8.74
C PHE Q 61 -9.35 46.60 -8.78
N THR Q 62 -10.65 46.64 -9.07
CA THR Q 62 -11.38 47.89 -9.14
C THR Q 62 -12.48 48.03 -8.10
N GLY Q 63 -12.76 46.98 -7.34
CA GLY Q 63 -13.82 47.01 -6.35
C GLY Q 63 -13.31 47.44 -4.98
N THR Q 64 -14.08 47.04 -3.95
CA THR Q 64 -13.75 47.39 -2.58
C THR Q 64 -13.21 46.24 -1.75
N VAL Q 65 -13.18 45.03 -2.31
CA VAL Q 65 -12.71 43.86 -1.56
C VAL Q 65 -11.19 43.88 -1.47
N ALA Q 66 -10.67 43.27 -0.42
CA ALA Q 66 -9.21 43.12 -0.27
C ALA Q 66 -8.90 41.61 -0.28
N ILE Q 67 -7.74 41.27 -0.79
CA ILE Q 67 -7.27 39.88 -0.82
C ILE Q 67 -6.38 39.69 0.42
N ARG Q 68 -6.80 38.82 1.34
CA ARG Q 68 -6.05 38.53 2.61
C ARG Q 68 -6.38 37.10 3.02
N GLY Q 69 -5.40 36.37 3.50
CA GLY Q 69 -5.61 34.96 3.82
C GLY Q 69 -5.01 33.98 2.84
N ARG Q 70 -5.75 32.96 2.47
CA ARG Q 70 -5.24 31.86 1.65
C ARG Q 70 -5.18 32.23 0.18
N ILE Q 71 -4.21 31.67 -0.52
CA ILE Q 71 -4.09 31.75 -1.96
C ILE Q 71 -4.13 30.32 -2.50
N ILE Q 72 -5.16 30.01 -3.27
CA ILE Q 72 -5.46 28.64 -3.67
C ILE Q 72 -5.46 28.54 -5.19
N ALA Q 73 -4.78 27.53 -5.72
CA ALA Q 73 -4.84 27.22 -7.14
C ALA Q 73 -5.89 26.15 -7.39
N GLY Q 74 -6.28 26.02 -8.65
CA GLY Q 74 -7.29 25.05 -9.00
C GLY Q 74 -7.66 25.14 -10.46
N THR Q 75 -8.77 24.49 -10.81
CA THR Q 75 -9.26 24.41 -12.17
C THR Q 75 -10.72 24.84 -12.19
N CYS Q 76 -11.10 25.60 -13.21
CA CYS Q 76 -12.47 26.05 -13.36
C CYS Q 76 -13.36 24.85 -13.63
N HIS Q 77 -14.25 24.55 -12.69
CA HIS Q 77 -15.13 23.39 -12.80
C HIS Q 77 -16.52 23.76 -13.31
N SER Q 78 -16.97 24.98 -13.06
CA SER Q 78 -18.25 25.45 -13.54
C SER Q 78 -18.18 26.96 -13.68
N ALA Q 79 -18.78 27.49 -14.76
CA ALA Q 79 -18.79 28.92 -15.02
C ALA Q 79 -20.15 29.37 -15.51
N LYS Q 80 -21.22 28.84 -14.91
CA LYS Q 80 -22.58 29.11 -15.36
C LYS Q 80 -23.30 30.14 -14.50
N MET Q 81 -22.61 30.81 -13.59
CA MET Q 81 -23.22 31.81 -12.72
C MET Q 81 -22.76 33.21 -13.11
N ASN Q 82 -23.54 34.19 -12.67
CA ASN Q 82 -23.22 35.60 -12.88
C ASN Q 82 -22.03 35.97 -12.02
N ARG Q 83 -20.86 36.12 -12.64
CA ARG Q 83 -19.63 36.60 -12.02
C ARG Q 83 -19.09 35.65 -10.95
N THR Q 84 -19.62 34.44 -10.85
CA THR Q 84 -19.16 33.46 -9.88
C THR Q 84 -18.92 32.13 -10.58
N ILE Q 85 -17.79 31.50 -10.25
CA ILE Q 85 -17.42 30.22 -10.82
C ILE Q 85 -17.08 29.25 -9.70
N ILE Q 86 -17.21 27.96 -10.01
CA ILE Q 86 -16.81 26.89 -9.09
C ILE Q 86 -15.38 26.50 -9.42
N VAL Q 87 -14.51 26.56 -8.42
CA VAL Q 87 -13.12 26.14 -8.57
C VAL Q 87 -12.97 24.78 -7.92
N ARG Q 88 -12.56 23.79 -8.70
CA ARG Q 88 -12.31 22.46 -8.18
C ARG Q 88 -10.83 22.31 -7.85
N ARG Q 89 -10.54 21.92 -6.62
CA ARG Q 89 -9.19 21.65 -6.17
C ARG Q 89 -9.00 20.15 -6.03
N ASN Q 90 -7.93 19.62 -6.61
CA ASN Q 90 -7.65 18.20 -6.56
C ASN Q 90 -6.40 17.95 -5.74
N TYR Q 91 -6.48 17.01 -4.81
CA TYR Q 91 -5.39 16.76 -3.87
C TYR Q 91 -5.41 15.30 -3.46
N LEU Q 92 -4.28 14.85 -2.93
CA LEU Q 92 -4.13 13.47 -2.48
C LEU Q 92 -4.26 13.43 -0.97
N HIS Q 93 -5.18 12.61 -0.49
CA HIS Q 93 -5.37 12.39 0.94
C HIS Q 93 -4.64 11.11 1.34
N PHE Q 94 -3.69 11.24 2.25
CA PHE Q 94 -2.92 10.09 2.70
C PHE Q 94 -3.75 9.24 3.66
N VAL Q 95 -3.78 7.94 3.41
CA VAL Q 95 -4.43 6.98 4.30
C VAL Q 95 -3.35 6.31 5.12
N LYS Q 96 -3.40 6.50 6.44
CA LYS Q 96 -2.28 6.12 7.30
C LYS Q 96 -2.10 4.60 7.34
N LYS Q 97 -3.20 3.87 7.53
CA LYS Q 97 -3.09 2.43 7.78
C LYS Q 97 -2.52 1.69 6.58
N TYR Q 98 -2.93 2.07 5.37
CA TYR Q 98 -2.49 1.39 4.16
C TYR Q 98 -1.31 2.06 3.50
N GLN Q 99 -0.83 3.18 4.04
CA GLN Q 99 0.35 3.90 3.55
C GLN Q 99 0.17 4.36 2.10
N ARG Q 100 -1.08 4.46 1.63
CA ARG Q 100 -1.39 4.87 0.27
C ARG Q 100 -2.03 6.25 0.28
N TYR Q 101 -2.35 6.72 -0.91
CA TYR Q 101 -3.10 7.95 -1.12
C TYR Q 101 -4.41 7.65 -1.84
N GLU Q 102 -5.37 8.55 -1.67
CA GLU Q 102 -6.60 8.54 -2.44
C GLU Q 102 -6.84 9.94 -2.97
N LYS Q 103 -7.50 10.02 -4.12
CA LYS Q 103 -7.78 11.32 -4.72
C LYS Q 103 -9.01 11.93 -4.09
N ARG Q 104 -8.88 13.17 -3.66
CA ARG Q 104 -9.98 13.93 -3.08
C ARG Q 104 -10.04 15.30 -3.73
N HIS Q 105 -11.24 15.87 -3.76
CA HIS Q 105 -11.47 17.14 -4.41
C HIS Q 105 -12.28 18.05 -3.51
N SER Q 106 -12.12 19.35 -3.73
CA SER Q 106 -12.89 20.37 -3.01
C SER Q 106 -13.40 21.40 -4.00
N ASN Q 107 -14.69 21.73 -3.90
CA ASN Q 107 -15.34 22.70 -4.78
C ASN Q 107 -15.41 24.03 -4.05
N ILE Q 108 -14.62 25.00 -4.49
CA ILE Q 108 -14.51 26.31 -3.85
C ILE Q 108 -15.18 27.35 -4.75
N PRO Q 109 -16.31 27.92 -4.33
CA PRO Q 109 -16.89 29.03 -5.11
C PRO Q 109 -16.02 30.28 -5.03
N ALA Q 110 -15.78 30.90 -6.18
CA ALA Q 110 -14.98 32.11 -6.27
C ALA Q 110 -15.69 33.13 -7.13
N HIS Q 111 -15.63 34.39 -6.73
CA HIS Q 111 -16.13 35.47 -7.56
C HIS Q 111 -15.10 35.78 -8.65
N ILE Q 112 -15.58 35.94 -9.88
CA ILE Q 112 -14.72 36.31 -10.99
C ILE Q 112 -15.18 37.65 -11.53
N SER Q 113 -14.24 38.58 -11.65
CA SER Q 113 -14.55 39.91 -12.15
C SER Q 113 -14.56 39.91 -13.67
N PRO Q 114 -15.27 40.86 -14.28
CA PRO Q 114 -15.33 40.92 -15.75
C PRO Q 114 -13.98 41.08 -16.43
N CYS Q 115 -12.93 41.47 -15.71
CA CYS Q 115 -11.61 41.57 -16.32
C CYS Q 115 -11.04 40.22 -16.75
N PHE Q 116 -11.61 39.12 -16.27
CA PHE Q 116 -11.24 37.78 -16.73
C PHE Q 116 -12.42 37.14 -17.44
N ARG Q 117 -12.14 36.47 -18.54
CA ARG Q 117 -13.08 35.53 -19.16
C ARG Q 117 -12.51 34.13 -18.98
N VAL Q 118 -13.33 33.23 -18.47
CA VAL Q 118 -12.87 31.89 -18.09
C VAL Q 118 -13.81 30.86 -18.70
N LYS Q 119 -13.27 29.67 -18.94
CA LYS Q 119 -14.03 28.52 -19.40
C LYS Q 119 -13.69 27.33 -18.53
N GLU Q 120 -14.64 26.40 -18.44
CA GLU Q 120 -14.45 25.20 -17.64
C GLU Q 120 -13.22 24.44 -18.10
N GLY Q 121 -12.27 24.24 -17.19
CA GLY Q 121 -11.01 23.59 -17.47
C GLY Q 121 -9.80 24.48 -17.36
N ASP Q 122 -9.98 25.79 -17.25
CA ASP Q 122 -8.85 26.70 -17.12
C ASP Q 122 -8.24 26.63 -15.72
N HIS Q 123 -6.93 26.89 -15.66
CA HIS Q 123 -6.21 26.94 -14.40
C HIS Q 123 -6.31 28.35 -13.82
N VAL Q 124 -6.93 28.48 -12.65
CA VAL Q 124 -7.17 29.78 -12.04
C VAL Q 124 -6.46 29.85 -10.70
N ILE Q 125 -6.11 31.06 -10.30
CA ILE Q 125 -5.54 31.34 -8.98
C ILE Q 125 -6.52 32.24 -8.26
N ILE Q 126 -6.96 31.81 -7.08
CA ILE Q 126 -7.94 32.57 -6.31
C ILE Q 126 -7.29 33.01 -5.00
N GLY Q 127 -7.76 34.13 -4.49
CA GLY Q 127 -7.30 34.65 -3.21
C GLY Q 127 -8.46 34.87 -2.28
N GLN Q 128 -8.21 34.63 -0.99
CA GLN Q 128 -9.26 34.74 0.00
C GLN Q 128 -9.62 36.21 0.24
N CYS Q 129 -10.92 36.47 0.32
CA CYS Q 129 -11.47 37.78 0.59
C CYS Q 129 -12.54 37.63 1.66
N ARG Q 130 -13.20 38.74 2.00
CA ARG Q 130 -14.30 38.68 2.94
C ARG Q 130 -15.46 37.91 2.30
N PRO Q 131 -16.37 37.37 3.12
CA PRO Q 131 -17.56 36.70 2.55
C PRO Q 131 -18.32 37.61 1.60
N LEU Q 132 -18.47 37.16 0.35
CA LEU Q 132 -19.19 37.92 -0.64
C LEU Q 132 -20.61 37.43 -0.85
N SER Q 133 -20.88 36.17 -0.52
CA SER Q 133 -22.22 35.61 -0.56
C SER Q 133 -22.26 34.43 0.41
N LYS Q 134 -23.31 33.62 0.30
CA LYS Q 134 -23.47 32.51 1.24
C LYS Q 134 -22.31 31.53 1.17
N THR Q 135 -21.76 31.29 -0.02
CA THR Q 135 -20.75 30.27 -0.22
C THR Q 135 -19.43 30.80 -0.77
N VAL Q 136 -19.32 32.09 -1.08
CA VAL Q 136 -18.17 32.63 -1.79
C VAL Q 136 -17.29 33.39 -0.81
N ARG Q 137 -16.00 33.00 -0.77
CA ARG Q 137 -15.02 33.71 0.04
C ARG Q 137 -13.72 33.94 -0.72
N PHE Q 138 -13.74 33.82 -2.04
CA PHE Q 138 -12.53 33.89 -2.84
C PHE Q 138 -12.77 34.72 -4.08
N ASN Q 139 -11.70 35.30 -4.60
CA ASN Q 139 -11.74 36.09 -5.82
C ASN Q 139 -10.69 35.57 -6.79
N VAL Q 140 -11.09 35.38 -8.05
CA VAL Q 140 -10.14 35.00 -9.07
C VAL Q 140 -9.12 36.11 -9.25
N LEU Q 141 -7.85 35.73 -9.26
CA LEU Q 141 -6.74 36.68 -9.39
C LEU Q 141 -5.92 36.50 -10.66
N LYS Q 142 -5.91 35.30 -11.23
CA LYS Q 142 -5.14 35.02 -12.44
C LYS Q 142 -5.76 33.82 -13.13
N VAL Q 143 -5.93 33.91 -14.44
CA VAL Q 143 -6.54 32.85 -15.23
C VAL Q 143 -5.53 32.41 -16.28
N VAL Q 144 -5.22 31.12 -16.29
CA VAL Q 144 -4.35 30.50 -17.28
C VAL Q 144 -5.21 29.57 -18.13
N PRO Q 145 -5.34 29.83 -19.44
CA PRO Q 145 -6.16 28.96 -20.28
C PRO Q 145 -5.59 27.55 -20.37
N ALA Q 146 -6.46 26.61 -20.74
CA ALA Q 146 -6.05 25.21 -20.81
C ALA Q 146 -4.95 25.00 -21.84
N GLY Q 147 -5.05 25.65 -22.99
CA GLY Q 147 -4.04 25.53 -24.03
C GLY Q 147 -2.80 26.36 -23.75
N GLY R 2 0.41 -9.11 -26.01
CA GLY R 2 -0.91 -9.68 -26.31
C GLY R 2 -1.80 -8.86 -27.22
N ARG R 3 -2.51 -9.51 -28.12
CA ARG R 3 -3.48 -8.84 -28.97
C ARG R 3 -4.44 -8.10 -28.07
N MET R 4 -4.79 -6.91 -28.46
CA MET R 4 -5.73 -6.14 -27.66
C MET R 4 -7.11 -6.84 -27.56
N HIS R 5 -7.60 -7.47 -28.61
CA HIS R 5 -8.99 -8.02 -28.59
C HIS R 5 -9.00 -9.51 -28.90
N SER R 6 -7.94 -10.20 -28.58
CA SER R 6 -7.90 -11.66 -28.75
C SER R 6 -6.80 -12.22 -27.86
N ARG R 7 -6.82 -13.54 -27.71
CA ARG R 7 -5.81 -14.23 -26.93
C ARG R 7 -4.56 -14.56 -27.72
N GLY R 8 -4.51 -14.19 -29.00
CA GLY R 8 -3.32 -14.45 -29.80
C GLY R 8 -2.11 -13.75 -29.23
N LYS R 9 -0.98 -14.44 -29.26
CA LYS R 9 0.26 -13.95 -28.67
C LYS R 9 1.40 -13.93 -29.69
N GLY R 10 1.07 -13.64 -30.95
CA GLY R 10 2.09 -13.64 -31.99
C GLY R 10 3.11 -12.54 -31.79
N ILE R 11 4.32 -12.79 -32.29
CA ILE R 11 5.43 -11.85 -32.16
C ILE R 11 6.03 -11.54 -33.52
N SER R 12 5.31 -11.89 -34.58
CA SER R 12 5.80 -11.61 -35.93
C SER R 12 5.83 -10.11 -36.19
N SER R 13 6.98 -9.62 -36.65
CA SER R 13 7.15 -8.19 -36.91
C SER R 13 8.45 -8.00 -37.68
N SER R 14 8.65 -6.79 -38.18
CA SER R 14 9.89 -6.44 -38.85
C SER R 14 10.94 -6.03 -37.83
N ALA R 15 12.20 -6.24 -38.19
CA ALA R 15 13.34 -5.90 -37.33
C ALA R 15 14.25 -4.95 -38.09
N LEU R 16 14.23 -3.67 -37.71
CA LEU R 16 15.05 -2.68 -38.39
C LEU R 16 16.52 -2.97 -38.13
N PRO R 17 17.39 -2.79 -39.13
CA PRO R 17 18.82 -3.03 -38.92
C PRO R 17 19.44 -2.02 -37.97
N TYR R 18 20.52 -2.45 -37.33
CA TYR R 18 21.22 -1.58 -36.38
C TYR R 18 21.74 -0.33 -37.07
N LYS R 19 22.32 -0.48 -38.26
CA LYS R 19 22.87 0.64 -39.01
C LYS R 19 21.74 1.58 -39.44
N ARG R 20 21.72 2.79 -38.89
CA ARG R 20 20.69 3.77 -39.18
C ARG R 20 21.02 4.63 -40.40
N THR R 21 22.14 4.40 -41.04
CA THR R 21 22.53 5.13 -42.23
C THR R 21 22.25 4.30 -43.48
N PRO R 22 22.02 4.94 -44.62
CA PRO R 22 21.70 4.20 -45.85
C PRO R 22 22.83 3.28 -46.24
N PRO R 23 22.52 2.10 -46.79
CA PRO R 23 23.57 1.24 -47.33
C PRO R 23 24.26 1.92 -48.51
N SER R 24 25.53 1.56 -48.72
CA SER R 24 26.34 2.22 -49.73
C SER R 24 25.74 2.07 -51.13
N TRP R 25 24.98 1.01 -51.37
CA TRP R 25 24.38 0.80 -52.68
C TRP R 25 23.20 1.72 -52.96
N VAL R 26 22.71 2.43 -51.95
CA VAL R 26 21.62 3.39 -52.15
C VAL R 26 22.23 4.68 -52.69
N LYS R 27 21.78 5.10 -53.88
CA LYS R 27 22.32 6.28 -54.54
C LYS R 27 21.28 7.33 -54.87
N THR R 28 19.99 7.03 -54.68
CA THR R 28 18.95 8.01 -54.96
C THR R 28 19.10 9.25 -54.08
N ALA R 29 19.08 10.42 -54.71
CA ALA R 29 19.20 11.67 -53.97
C ALA R 29 17.98 11.88 -53.09
N VAL R 30 18.18 12.63 -52.00
CA VAL R 30 17.12 12.80 -51.00
C VAL R 30 15.90 13.46 -51.62
N ALA R 31 16.11 14.55 -52.37
CA ALA R 31 14.99 15.20 -53.05
C ALA R 31 14.27 14.25 -53.99
N ASP R 32 15.00 13.29 -54.58
CA ASP R 32 14.37 12.34 -55.50
C ASP R 32 13.35 11.48 -54.76
N VAL R 33 13.75 10.91 -53.62
CA VAL R 33 12.82 10.08 -52.86
C VAL R 33 11.69 10.92 -52.31
N ASP R 34 11.98 12.17 -51.91
CA ASP R 34 10.91 13.03 -51.41
C ASP R 34 9.86 13.32 -52.48
N GLU R 35 10.30 13.64 -53.71
CA GLU R 35 9.26 13.93 -54.69
C GLU R 35 8.57 12.66 -55.15
N LEU R 36 9.27 11.51 -55.08
CA LEU R 36 8.59 10.23 -55.32
C LEU R 36 7.48 9.99 -54.30
N ILE R 37 7.75 10.30 -53.03
CA ILE R 37 6.71 10.20 -52.01
C ILE R 37 5.56 11.15 -52.31
N THR R 38 5.89 12.36 -52.78
CA THR R 38 4.82 13.32 -53.07
C THR R 38 3.91 12.81 -54.19
N LYS R 39 4.49 12.28 -55.27
CA LYS R 39 3.64 11.70 -56.30
C LYS R 39 2.83 10.54 -55.75
N ALA R 40 3.47 9.66 -54.97
CA ALA R 40 2.77 8.50 -54.42
C ALA R 40 1.53 8.93 -53.64
N ALA R 41 1.69 9.92 -52.77
CA ALA R 41 0.53 10.46 -52.06
C ALA R 41 -0.42 11.21 -52.97
N LYS R 42 0.05 11.65 -54.15
CA LYS R 42 -0.82 12.42 -55.03
C LYS R 42 -1.93 11.57 -55.64
N LYS R 43 -1.63 10.32 -56.02
CA LYS R 43 -2.72 9.46 -56.47
C LYS R 43 -3.65 9.09 -55.32
N GLY R 44 -3.11 8.97 -54.10
CA GLY R 44 -3.95 8.68 -52.96
C GLY R 44 -3.40 7.62 -52.02
N GLN R 45 -2.18 7.16 -52.27
CA GLN R 45 -1.56 6.17 -51.40
C GLN R 45 -1.33 6.73 -50.00
N MET R 46 -1.47 5.86 -49.01
CA MET R 46 -1.18 6.17 -47.63
C MET R 46 0.29 5.86 -47.31
N PRO R 47 0.83 6.45 -46.24
CA PRO R 47 2.29 6.28 -45.99
C PRO R 47 2.74 4.83 -45.89
N SER R 48 1.91 3.93 -45.38
CA SER R 48 2.30 2.52 -45.32
C SER R 48 2.50 1.95 -46.71
N GLN R 49 1.54 2.21 -47.62
CA GLN R 49 1.68 1.75 -49.00
C GLN R 49 2.83 2.44 -49.69
N ILE R 50 3.05 3.73 -49.41
CA ILE R 50 4.18 4.43 -50.00
C ILE R 50 5.48 3.77 -49.59
N GLY R 51 5.62 3.43 -48.31
CA GLY R 51 6.81 2.73 -47.86
C GLY R 51 6.96 1.37 -48.51
N VAL R 52 5.86 0.63 -48.64
CA VAL R 52 5.92 -0.69 -49.27
C VAL R 52 6.42 -0.58 -50.71
N LEU R 53 5.86 0.36 -51.47
CA LEU R 53 6.28 0.55 -52.85
C LEU R 53 7.73 1.03 -52.95
N LEU R 54 8.12 1.99 -52.12
CA LEU R 54 9.51 2.43 -52.13
C LEU R 54 10.46 1.31 -51.73
N ARG R 55 9.98 0.32 -50.99
CA ARG R 55 10.83 -0.78 -50.57
C ARG R 55 10.98 -1.84 -51.65
N ASP R 56 9.86 -2.25 -52.28
CA ASP R 56 9.93 -3.39 -53.18
C ASP R 56 10.04 -3.01 -54.66
N GLN R 57 9.77 -1.76 -55.04
CA GLN R 57 9.89 -1.35 -56.42
C GLN R 57 10.99 -0.33 -56.65
N HIS R 58 11.68 0.10 -55.59
CA HIS R 58 12.76 1.06 -55.70
C HIS R 58 13.89 0.61 -54.78
N GLY R 59 15.06 1.22 -54.96
CA GLY R 59 16.21 0.88 -54.16
C GLY R 59 16.23 1.60 -52.82
N ILE R 60 15.06 1.77 -52.21
CA ILE R 60 14.96 2.47 -50.93
C ILE R 60 14.54 1.47 -49.86
N PRO R 61 15.47 0.98 -49.04
CA PRO R 61 15.09 0.04 -47.98
C PRO R 61 14.22 0.69 -46.92
N LEU R 62 14.65 1.84 -46.40
CA LEU R 62 13.89 2.57 -45.40
C LEU R 62 14.02 4.06 -45.66
N VAL R 63 12.88 4.77 -45.65
CA VAL R 63 12.87 6.19 -45.97
C VAL R 63 13.66 6.98 -44.92
N LYS R 64 13.46 6.63 -43.64
CA LYS R 64 14.09 7.38 -42.56
C LYS R 64 15.61 7.35 -42.66
N SER R 65 16.18 6.20 -43.07
CA SER R 65 17.63 6.11 -43.20
C SER R 65 18.15 7.06 -44.26
N VAL R 66 17.46 7.15 -45.40
CA VAL R 66 17.96 7.94 -46.52
C VAL R 66 17.73 9.42 -46.28
N THR R 67 16.47 9.82 -46.14
CA THR R 67 16.15 11.24 -46.03
C THR R 67 16.52 11.79 -44.66
N GLY R 68 16.28 11.01 -43.61
CA GLY R 68 16.40 11.49 -42.25
C GLY R 68 15.08 11.84 -41.60
N SER R 69 13.96 11.65 -42.29
CA SER R 69 12.64 11.95 -41.76
C SER R 69 11.70 10.80 -42.10
N LYS R 70 10.55 10.80 -41.45
CA LYS R 70 9.54 9.78 -41.67
C LYS R 70 8.55 10.22 -42.74
N ILE R 71 7.86 9.24 -43.34
CA ILE R 71 7.02 9.51 -44.50
C ILE R 71 5.91 10.49 -44.16
N LEU R 72 5.25 10.27 -43.02
CA LEU R 72 4.14 11.14 -42.64
C LEU R 72 4.63 12.56 -42.37
N ARG R 73 5.81 12.69 -41.76
CA ARG R 73 6.38 14.01 -41.54
C ARG R 73 6.67 14.71 -42.86
N ILE R 74 7.24 13.98 -43.82
CA ILE R 74 7.53 14.56 -45.14
C ILE R 74 6.25 15.01 -45.82
N LEU R 75 5.20 14.18 -45.75
CA LEU R 75 3.93 14.53 -46.38
C LEU R 75 3.30 15.74 -45.71
N LYS R 76 3.39 15.82 -44.38
CA LYS R 76 2.89 16.99 -43.67
C LYS R 76 3.66 18.25 -44.08
N ALA R 77 4.97 18.12 -44.31
CA ALA R 77 5.77 19.27 -44.73
C ALA R 77 5.28 19.82 -46.06
N HIS R 78 4.91 18.94 -46.99
CA HIS R 78 4.45 19.35 -48.30
C HIS R 78 2.94 19.39 -48.42
N GLY R 79 2.23 19.29 -47.31
CA GLY R 79 0.78 19.45 -47.31
C GLY R 79 0.00 18.41 -48.07
N LEU R 80 0.35 17.13 -47.90
CA LEU R 80 -0.41 16.04 -48.51
C LEU R 80 -0.82 14.98 -47.50
N ALA R 81 -0.73 15.27 -46.21
CA ALA R 81 -1.12 14.31 -45.20
C ALA R 81 -2.64 14.13 -45.19
N PRO R 82 -3.11 12.92 -44.90
CA PRO R 82 -4.56 12.70 -44.87
C PRO R 82 -5.21 13.45 -43.70
N GLU R 83 -6.48 13.79 -43.90
CA GLU R 83 -7.23 14.46 -42.83
C GLU R 83 -7.46 13.52 -41.66
N ILE R 84 -8.15 12.42 -41.89
CA ILE R 84 -8.26 11.35 -40.91
C ILE R 84 -6.96 10.54 -40.93
N PRO R 85 -6.35 10.25 -39.78
CA PRO R 85 -5.15 9.42 -39.79
C PRO R 85 -5.43 8.03 -40.35
N GLU R 86 -4.40 7.45 -40.96
CA GLU R 86 -4.59 6.29 -41.83
C GLU R 86 -5.15 5.10 -41.06
N ASP R 87 -4.63 4.81 -39.87
CA ASP R 87 -5.12 3.66 -39.11
C ASP R 87 -6.58 3.83 -38.75
N LEU R 88 -6.98 5.03 -38.32
CA LEU R 88 -8.39 5.29 -38.05
C LEU R 88 -9.22 5.17 -39.31
N TYR R 89 -8.69 5.64 -40.45
CA TYR R 89 -9.39 5.50 -41.72
C TYR R 89 -9.67 4.03 -42.02
N PHE R 90 -8.67 3.17 -41.85
CA PHE R 90 -8.85 1.75 -42.13
C PHE R 90 -9.80 1.10 -41.15
N LEU R 91 -9.74 1.48 -39.86
CA LEU R 91 -10.68 0.93 -38.89
C LEU R 91 -12.10 1.33 -39.20
N ILE R 92 -12.31 2.59 -39.61
CA ILE R 92 -13.65 3.04 -39.97
C ILE R 92 -14.14 2.33 -41.23
N LYS R 93 -13.23 2.07 -42.19
CA LYS R 93 -13.61 1.30 -43.36
C LYS R 93 -14.06 -0.11 -42.97
N LYS R 94 -13.32 -0.76 -42.09
CA LYS R 94 -13.73 -2.08 -41.60
C LYS R 94 -15.09 -2.01 -40.92
N ALA R 95 -15.29 -0.98 -40.08
CA ALA R 95 -16.56 -0.86 -39.37
C ALA R 95 -17.73 -0.68 -40.32
N VAL R 96 -17.57 0.15 -41.35
CA VAL R 96 -18.67 0.36 -42.29
C VAL R 96 -18.91 -0.89 -43.14
N ALA R 97 -17.86 -1.63 -43.46
CA ALA R 97 -18.05 -2.90 -44.18
C ALA R 97 -18.86 -3.88 -43.34
N ILE R 98 -18.49 -4.03 -42.05
CA ILE R 98 -19.23 -4.93 -41.17
C ILE R 98 -20.66 -4.44 -40.99
N ARG R 99 -20.86 -3.13 -40.90
CA ARG R 99 -22.21 -2.60 -40.76
C ARG R 99 -23.06 -2.88 -41.99
N LYS R 100 -22.49 -2.75 -43.18
CA LYS R 100 -23.22 -3.12 -44.39
C LYS R 100 -23.57 -4.60 -44.39
N HIS R 101 -22.60 -5.46 -44.01
CA HIS R 101 -22.88 -6.89 -43.97
C HIS R 101 -24.01 -7.20 -43.00
N LEU R 102 -24.01 -6.55 -41.83
CA LEU R 102 -25.09 -6.78 -40.87
C LEU R 102 -26.41 -6.18 -41.33
N GLU R 103 -26.37 -5.12 -42.15
CA GLU R 103 -27.61 -4.63 -42.73
C GLU R 103 -28.18 -5.64 -43.71
N ARG R 104 -27.31 -6.47 -44.31
CA ARG R 104 -27.83 -7.59 -45.09
C ARG R 104 -28.05 -8.85 -44.26
N ASN R 105 -27.23 -9.09 -43.24
CA ASN R 105 -27.29 -10.31 -42.44
C ASN R 105 -27.59 -9.98 -40.98
N ARG R 106 -28.82 -10.21 -40.55
CA ARG R 106 -29.22 -9.90 -39.18
C ARG R 106 -28.83 -10.98 -38.19
N LYS R 107 -28.85 -12.25 -38.61
CA LYS R 107 -28.56 -13.36 -37.71
C LYS R 107 -27.09 -13.51 -37.39
N ASP R 108 -26.20 -12.77 -38.07
CA ASP R 108 -24.76 -12.91 -37.88
C ASP R 108 -24.37 -12.26 -36.56
N LYS R 109 -24.51 -13.04 -35.48
CA LYS R 109 -24.16 -12.54 -34.15
C LYS R 109 -22.65 -12.45 -33.96
N ASP R 110 -21.90 -13.34 -34.61
CA ASP R 110 -20.45 -13.26 -34.57
C ASP R 110 -19.97 -11.94 -35.17
N SER R 111 -20.50 -11.58 -36.33
CA SER R 111 -20.12 -10.32 -36.95
C SER R 111 -20.52 -9.13 -36.09
N LYS R 112 -21.62 -9.25 -35.34
CA LYS R 112 -22.01 -8.21 -34.40
C LYS R 112 -20.97 -8.06 -33.28
N PHE R 113 -20.48 -9.19 -32.77
CA PHE R 113 -19.44 -9.16 -31.74
C PHE R 113 -18.15 -8.53 -32.28
N ARG R 114 -17.76 -8.91 -33.51
CA ARG R 114 -16.57 -8.31 -34.10
C ARG R 114 -16.75 -6.82 -34.38
N LEU R 115 -17.97 -6.41 -34.76
CA LEU R 115 -18.24 -4.99 -34.93
C LEU R 115 -18.09 -4.23 -33.62
N ILE R 116 -18.58 -4.82 -32.51
CA ILE R 116 -18.39 -4.19 -31.21
C ILE R 116 -16.91 -4.01 -30.93
N LEU R 117 -16.10 -5.05 -31.21
CA LEU R 117 -14.66 -4.92 -31.01
C LEU R 117 -14.05 -3.83 -31.89
N VAL R 118 -14.46 -3.78 -33.16
CA VAL R 118 -13.90 -2.79 -34.09
C VAL R 118 -14.23 -1.38 -33.62
N GLU R 119 -15.48 -1.15 -33.21
CA GLU R 119 -15.85 0.18 -32.73
C GLU R 119 -15.15 0.52 -31.42
N SER R 120 -14.87 -0.48 -30.58
CA SER R 120 -14.06 -0.21 -29.39
C SER R 120 -12.66 0.26 -29.76
N ARG R 121 -12.06 -0.38 -30.77
CA ARG R 121 -10.76 0.06 -31.26
C ARG R 121 -10.83 1.47 -31.84
N ILE R 122 -11.93 1.76 -32.56
CA ILE R 122 -12.11 3.10 -33.13
C ILE R 122 -12.19 4.14 -32.03
N HIS R 123 -12.96 3.86 -30.97
CA HIS R 123 -13.06 4.82 -29.88
C HIS R 123 -11.72 5.02 -29.18
N ARG R 124 -10.97 3.94 -28.95
CA ARG R 124 -9.65 4.09 -28.36
C ARG R 124 -8.76 5.00 -29.20
N LEU R 125 -8.66 4.69 -30.49
CA LEU R 125 -7.73 5.43 -31.35
C LEU R 125 -8.18 6.87 -31.53
N ALA R 126 -9.50 7.10 -31.60
CA ALA R 126 -10.01 8.46 -31.72
C ALA R 126 -9.76 9.26 -30.45
N ARG R 127 -9.89 8.63 -29.28
CA ARG R 127 -9.56 9.32 -28.04
C ARG R 127 -8.09 9.71 -28.03
N TYR R 128 -7.21 8.81 -28.46
CA TYR R 128 -5.79 9.15 -28.51
C TYR R 128 -5.51 10.29 -29.49
N TYR R 129 -6.16 10.26 -30.65
CA TYR R 129 -5.90 11.30 -31.66
C TYR R 129 -6.45 12.64 -31.23
N LYS R 130 -7.60 12.66 -30.54
CA LYS R 130 -8.11 13.90 -29.98
C LYS R 130 -7.18 14.44 -28.90
N ARG R 131 -6.62 13.54 -28.07
CA ARG R 131 -5.68 14.00 -27.05
C ARG R 131 -4.40 14.53 -27.67
N THR R 132 -3.95 13.96 -28.78
CA THR R 132 -2.77 14.46 -29.47
C THR R 132 -3.08 15.51 -30.52
N LYS R 133 -4.36 15.89 -30.67
CA LYS R 133 -4.78 16.98 -31.54
C LYS R 133 -4.50 16.69 -33.01
N LYS R 134 -4.54 15.43 -33.41
CA LYS R 134 -4.51 15.07 -34.82
C LYS R 134 -5.91 14.87 -35.39
N LEU R 135 -6.94 15.11 -34.59
CA LEU R 135 -8.33 15.10 -35.01
C LEU R 135 -9.01 16.37 -34.51
N PRO R 136 -10.08 16.79 -35.17
CA PRO R 136 -10.86 17.91 -34.66
C PRO R 136 -11.33 17.63 -33.25
N PRO R 137 -11.34 18.63 -32.36
CA PRO R 137 -11.76 18.40 -30.98
C PRO R 137 -13.16 17.82 -30.87
N THR R 138 -14.04 18.12 -31.83
CA THR R 138 -15.40 17.62 -31.84
C THR R 138 -15.61 16.53 -32.90
N TRP R 139 -14.54 15.88 -33.35
CA TRP R 139 -14.67 14.83 -34.35
C TRP R 139 -15.45 13.67 -33.74
N LYS R 140 -16.41 13.14 -34.50
CA LYS R 140 -17.32 12.14 -33.99
C LYS R 140 -17.52 11.04 -35.01
N TYR R 141 -17.58 9.80 -34.54
CA TYR R 141 -17.82 8.64 -35.38
C TYR R 141 -19.24 8.13 -35.16
N GLU R 142 -19.98 7.98 -36.25
CA GLU R 142 -21.31 7.38 -36.20
C GLU R 142 -21.54 6.51 -37.43
N MET S 1 -30.78 -35.40 1.93
CA MET S 1 -31.60 -35.18 0.73
C MET S 1 -30.74 -34.56 -0.37
N ARG S 2 -30.97 -34.98 -1.61
CA ARG S 2 -30.19 -34.47 -2.72
C ARG S 2 -30.42 -32.98 -2.89
N ALA S 3 -29.34 -32.25 -3.23
CA ALA S 3 -29.42 -30.80 -3.27
C ALA S 3 -30.35 -30.31 -4.36
N LYS S 4 -30.38 -31.00 -5.50
CA LYS S 4 -31.31 -30.65 -6.58
C LYS S 4 -32.75 -30.74 -6.11
N TRP S 5 -33.09 -31.82 -5.39
CA TRP S 5 -34.45 -32.00 -4.93
C TRP S 5 -34.78 -31.05 -3.78
N LYS S 6 -33.78 -30.70 -2.96
CA LYS S 6 -33.98 -29.66 -1.96
C LYS S 6 -34.31 -28.32 -2.62
N LYS S 7 -33.60 -27.98 -3.69
CA LYS S 7 -33.89 -26.75 -4.41
C LYS S 7 -35.28 -26.79 -5.04
N LYS S 8 -35.66 -27.94 -5.60
CA LYS S 8 -37.00 -28.04 -6.19
C LYS S 8 -38.08 -27.89 -5.12
N ARG S 9 -37.88 -28.52 -3.95
CA ARG S 9 -38.81 -28.36 -2.84
C ARG S 9 -38.92 -26.90 -2.42
N MET S 10 -37.78 -26.20 -2.36
CA MET S 10 -37.81 -24.81 -1.93
C MET S 10 -38.45 -23.90 -2.97
N ARG S 11 -38.25 -24.21 -4.26
CA ARG S 11 -38.92 -23.45 -5.31
C ARG S 11 -40.43 -23.66 -5.21
N ARG S 12 -40.87 -24.80 -4.73
CA ARG S 12 -42.32 -25.11 -4.66
C ARG S 12 -42.94 -24.36 -3.48
N LEU S 13 -42.32 -24.38 -2.31
CA LEU S 13 -42.80 -23.58 -1.15
C LEU S 13 -42.85 -22.10 -1.52
N LYS S 14 -41.86 -21.59 -2.24
CA LYS S 14 -41.81 -20.16 -2.65
C LYS S 14 -42.94 -19.92 -3.64
N ARG S 15 -43.13 -20.78 -4.63
CA ARG S 15 -44.30 -20.56 -5.50
C ARG S 15 -45.50 -20.40 -4.59
N LYS S 16 -45.68 -21.30 -3.64
CA LYS S 16 -46.90 -21.25 -2.79
C LYS S 16 -47.00 -19.95 -1.99
N ARG S 17 -45.92 -19.53 -1.31
CA ARG S 17 -45.92 -18.31 -0.50
C ARG S 17 -46.23 -17.12 -1.39
N ARG S 18 -45.67 -17.07 -2.61
CA ARG S 18 -45.89 -15.96 -3.55
C ARG S 18 -47.36 -15.92 -3.96
N LYS S 19 -47.93 -17.08 -4.29
CA LYS S 19 -49.34 -17.11 -4.78
C LYS S 19 -50.27 -16.84 -3.60
N MET S 20 -49.74 -16.95 -2.38
CA MET S 20 -50.59 -16.63 -1.19
C MET S 20 -50.46 -15.16 -0.85
N ARG S 21 -49.24 -14.67 -0.66
CA ARG S 21 -49.13 -13.27 -0.19
C ARG S 21 -49.53 -12.28 -1.28
N GLN S 22 -49.08 -12.50 -2.52
CA GLN S 22 -49.41 -11.57 -3.59
C GLN S 22 -50.90 -11.62 -3.92
N ARG S 23 -51.49 -12.81 -3.93
CA ARG S 23 -52.89 -12.96 -4.26
C ARG S 23 -53.71 -13.38 -3.04
N GLY T 1 -37.14 36.19 17.95
CA GLY T 1 -36.96 37.44 17.23
C GLY T 1 -36.18 37.27 15.95
N ILE T 2 -36.02 38.39 15.23
CA ILE T 2 -35.28 38.38 13.98
C ILE T 2 -33.83 38.02 14.26
N SER T 3 -33.32 37.05 13.51
CA SER T 3 -31.95 36.56 13.67
C SER T 3 -31.19 36.71 12.36
N ARG T 4 -29.87 36.63 12.46
CA ARG T 4 -28.98 36.76 11.31
C ARG T 4 -28.13 35.52 11.12
N ASP T 5 -28.45 34.43 11.80
CA ASP T 5 -27.63 33.24 11.84
C ASP T 5 -27.80 32.40 10.57
N SER T 6 -26.74 31.67 10.23
CA SER T 6 -26.76 30.72 9.12
C SER T 6 -27.32 29.37 9.53
N MET T 7 -27.86 29.26 10.75
CA MET T 7 -28.36 27.99 11.26
C MET T 7 -29.53 27.47 10.43
N HIS T 8 -30.54 28.32 10.22
CA HIS T 8 -31.79 27.90 9.62
C HIS T 8 -31.70 27.68 8.11
N LYS T 9 -30.61 28.11 7.48
CA LYS T 9 -30.48 27.95 6.04
C LYS T 9 -30.18 26.49 5.70
N ARG T 10 -30.46 26.14 4.46
CA ARG T 10 -29.98 24.88 3.92
C ARG T 10 -28.48 24.98 3.64
N ARG T 11 -27.83 23.83 3.56
CA ARG T 11 -26.43 23.79 3.17
C ARG T 11 -26.30 24.06 1.66
N ALA T 12 -25.07 24.37 1.25
CA ALA T 12 -24.81 24.60 -0.17
C ALA T 12 -25.08 23.36 -1.01
N THR T 13 -25.03 22.18 -0.42
CA THR T 13 -25.41 20.95 -1.11
C THR T 13 -26.91 20.73 -1.15
N GLY T 14 -27.69 21.58 -0.48
CA GLY T 14 -29.12 21.39 -0.36
C GLY T 14 -29.57 20.65 0.87
N GLY T 15 -28.64 20.04 1.62
CA GLY T 15 -29.03 19.29 2.79
C GLY T 15 -29.42 20.19 3.94
N LYS T 16 -30.40 19.72 4.72
CA LYS T 16 -30.87 20.46 5.88
C LYS T 16 -29.88 20.36 7.03
N GLN T 17 -29.72 21.46 7.77
CA GLN T 17 -28.84 21.51 8.93
C GLN T 17 -29.67 21.41 10.20
N LYS T 18 -29.47 20.34 10.96
CA LYS T 18 -30.15 20.21 12.25
C LYS T 18 -29.58 21.23 13.23
N ALA T 19 -30.47 21.87 13.99
CA ALA T 19 -30.05 22.87 14.95
C ALA T 19 -29.30 22.23 16.10
N TRP T 20 -28.24 22.93 16.50
CA TRP T 20 -27.38 22.46 17.61
C TRP T 20 -27.31 23.55 18.70
N ARG T 21 -28.11 24.60 18.62
CA ARG T 21 -28.12 25.72 19.61
C ARG T 21 -29.29 26.66 19.38
N LYS T 22 -29.83 27.21 20.45
CA LYS T 22 -30.86 28.25 20.40
C LYS T 22 -30.26 29.54 19.83
N LYS T 23 -31.11 30.49 19.47
CA LYS T 23 -30.67 31.81 18.96
C LYS T 23 -29.95 32.66 19.99
N ARG T 24 -28.80 33.17 19.61
CA ARG T 24 -28.02 34.05 20.46
C ARG T 24 -28.43 35.50 20.25
N LYS T 25 -28.26 36.31 21.29
CA LYS T 25 -28.57 37.73 21.18
C LYS T 25 -27.56 38.46 20.31
N TYR T 26 -26.31 38.00 20.26
CA TYR T 26 -25.29 38.65 19.46
C TYR T 26 -25.47 38.45 17.95
N GLU T 27 -26.57 37.84 17.52
CA GLU T 27 -26.87 37.62 16.10
C GLU T 27 -28.29 38.04 15.77
N LEU T 28 -28.83 39.00 16.52
CA LEU T 28 -30.21 39.43 16.35
C LEU T 28 -30.35 40.36 15.15
N GLY T 29 -31.60 40.49 14.69
CA GLY T 29 -31.99 41.57 13.83
C GLY T 29 -33.17 42.29 14.44
N ARG T 30 -33.35 43.54 14.04
CA ARG T 30 -34.46 44.33 14.51
C ARG T 30 -35.35 44.73 13.33
N GLN T 31 -36.58 45.12 13.64
CA GLN T 31 -37.53 45.44 12.61
C GLN T 31 -37.13 46.73 11.89
N PRO T 32 -37.40 46.82 10.58
CA PRO T 32 -36.94 47.98 9.82
C PRO T 32 -37.58 49.28 10.30
N ALA T 33 -36.81 50.37 10.18
CA ALA T 33 -37.33 51.68 10.53
C ALA T 33 -38.50 52.08 9.64
N ASN T 34 -38.42 51.77 8.35
CA ASN T 34 -39.44 52.15 7.38
C ASN T 34 -39.67 53.67 7.40
N THR T 35 -38.58 54.42 7.27
CA THR T 35 -38.64 55.87 7.38
C THR T 35 -39.55 56.45 6.30
N LYS T 36 -40.54 57.23 6.73
CA LYS T 36 -41.49 57.87 5.84
C LYS T 36 -41.13 59.32 5.66
N LEU T 37 -41.45 59.86 4.48
CA LEU T 37 -41.28 61.29 4.22
C LEU T 37 -42.51 62.00 4.77
N SER T 38 -42.32 62.73 5.88
CA SER T 38 -43.44 63.38 6.55
C SER T 38 -42.91 64.50 7.43
N SER T 39 -43.72 65.54 7.58
CA SER T 39 -43.35 66.67 8.43
C SER T 39 -43.80 66.45 9.87
N ASN T 40 -43.46 65.28 10.40
CA ASN T 40 -43.74 64.91 11.78
C ASN T 40 -42.50 64.23 12.38
N LYS T 41 -41.35 64.88 12.22
CA LYS T 41 -40.04 64.31 12.51
C LYS T 41 -40.02 63.49 13.79
N THR T 42 -39.59 62.23 13.66
CA THR T 42 -39.47 61.32 14.81
C THR T 42 -38.23 60.46 14.58
N VAL T 43 -37.25 60.61 15.46
CA VAL T 43 -36.06 59.78 15.48
C VAL T 43 -35.94 59.18 16.87
N ARG T 44 -35.85 57.86 16.94
CA ARG T 44 -35.83 57.16 18.22
C ARG T 44 -34.44 56.59 18.52
N ARG T 45 -34.09 56.60 19.79
CA ARG T 45 -32.82 56.10 20.27
C ARG T 45 -32.87 54.59 20.37
N VAL T 46 -31.98 53.91 19.65
CA VAL T 46 -31.88 52.46 19.67
C VAL T 46 -30.59 52.09 20.39
N ARG T 47 -30.73 51.39 21.52
CA ARG T 47 -29.58 50.95 22.29
C ARG T 47 -29.07 49.65 21.68
N VAL T 48 -27.80 49.65 21.27
CA VAL T 48 -27.24 48.54 20.50
C VAL T 48 -26.05 47.96 21.25
N ARG T 49 -25.38 46.97 20.63
CA ARG T 49 -24.26 46.28 21.26
C ARG T 49 -23.17 47.26 21.65
N GLY T 50 -22.54 46.99 22.80
CA GLY T 50 -21.52 47.86 23.34
C GLY T 50 -22.05 49.07 24.06
N GLY T 51 -23.35 49.12 24.34
CA GLY T 51 -23.94 50.31 24.90
C GLY T 51 -23.96 51.49 23.96
N ASN T 52 -23.80 51.26 22.66
CA ASN T 52 -23.71 52.33 21.69
C ASN T 52 -25.12 52.72 21.22
N VAL T 53 -25.17 53.74 20.36
CA VAL T 53 -26.42 54.39 19.99
C VAL T 53 -26.60 54.23 18.49
N LYS T 54 -27.79 53.82 18.09
CA LYS T 54 -28.24 53.88 16.71
C LYS T 54 -29.48 54.77 16.67
N TRP T 55 -29.55 55.65 15.67
CA TRP T 55 -30.66 56.57 15.54
C TRP T 55 -31.61 56.04 14.48
N ARG T 56 -32.86 55.84 14.88
CA ARG T 56 -33.86 55.18 14.03
C ARG T 56 -34.89 56.22 13.62
N ALA T 57 -34.75 56.75 12.42
CA ALA T 57 -35.71 57.71 11.90
C ALA T 57 -37.00 56.99 11.49
N LEU T 58 -38.13 57.52 11.96
CA LEU T 58 -39.43 57.02 11.53
C LEU T 58 -40.10 57.95 10.52
N ARG T 59 -40.03 59.25 10.76
CA ARG T 59 -40.56 60.24 9.83
C ARG T 59 -39.54 61.37 9.69
N LEU T 60 -39.21 61.72 8.45
CA LEU T 60 -38.24 62.76 8.17
C LEU T 60 -38.79 63.66 7.07
N ASP T 61 -38.41 64.94 7.13
CA ASP T 61 -38.86 65.91 6.14
C ASP T 61 -37.77 66.85 5.67
N THR T 62 -36.55 66.73 6.18
CA THR T 62 -35.48 67.66 5.88
C THR T 62 -34.16 66.88 5.83
N GLY T 63 -33.27 67.28 4.93
CA GLY T 63 -32.02 66.58 4.78
C GLY T 63 -30.89 67.51 4.41
N ASN T 64 -29.67 66.99 4.56
CA ASN T 64 -28.45 67.71 4.23
C ASN T 64 -27.95 67.19 2.89
N PHE T 65 -27.93 68.06 1.89
CA PHE T 65 -27.67 67.64 0.51
C PHE T 65 -26.49 68.42 -0.06
N SER T 66 -25.65 67.69 -0.79
CA SER T 66 -24.41 68.24 -1.34
C SER T 66 -24.51 68.36 -2.85
N TRP T 67 -24.11 69.51 -3.37
CA TRP T 67 -24.00 69.74 -4.81
C TRP T 67 -22.51 69.59 -5.14
N GLY T 68 -22.14 68.40 -5.61
CA GLY T 68 -20.73 68.03 -5.63
C GLY T 68 -19.89 68.86 -6.59
N SER T 69 -20.44 69.18 -7.76
CA SER T 69 -19.69 69.99 -8.72
C SER T 69 -19.44 71.39 -8.16
N GLU T 70 -20.40 71.94 -7.44
CA GLU T 70 -20.24 73.22 -6.77
C GLU T 70 -19.57 73.12 -5.41
N ALA T 71 -19.43 71.90 -4.88
CA ALA T 71 -18.84 71.66 -3.56
C ALA T 71 -19.54 72.49 -2.49
N VAL T 72 -20.87 72.46 -2.51
CA VAL T 72 -21.69 73.18 -1.55
C VAL T 72 -22.72 72.22 -0.97
N THR T 73 -22.98 72.35 0.33
CA THR T 73 -23.91 71.50 1.05
C THR T 73 -24.91 72.37 1.80
N ARG T 74 -26.19 72.11 1.57
CA ARG T 74 -27.26 72.91 2.17
C ARG T 74 -28.33 71.99 2.74
N LYS T 75 -28.98 72.47 3.80
CA LYS T 75 -30.12 71.76 4.36
C LYS T 75 -31.37 72.13 3.57
N THR T 76 -32.04 71.13 3.02
CA THR T 76 -33.21 71.34 2.17
C THR T 76 -34.34 70.42 2.61
N ARG T 77 -35.56 70.85 2.34
CA ARG T 77 -36.74 70.05 2.61
C ARG T 77 -36.88 68.94 1.59
N LEU T 78 -37.34 67.77 2.05
CA LEU T 78 -37.67 66.66 1.17
C LEU T 78 -39.11 66.83 0.71
N LEU T 79 -39.31 66.85 -0.61
CA LEU T 79 -40.64 67.07 -1.18
C LEU T 79 -41.34 65.78 -1.59
N ASP T 80 -40.64 64.86 -2.23
CA ASP T 80 -41.26 63.63 -2.70
C ASP T 80 -40.18 62.58 -2.94
N VAL T 81 -40.60 61.32 -2.87
CA VAL T 81 -39.79 60.19 -3.31
C VAL T 81 -40.32 59.75 -4.67
N VAL T 82 -39.42 59.64 -5.65
CA VAL T 82 -39.81 59.43 -7.04
C VAL T 82 -39.33 58.09 -7.57
N TYR T 83 -38.11 57.68 -7.24
CA TYR T 83 -37.58 56.41 -7.76
C TYR T 83 -36.90 55.61 -6.67
N ASN T 84 -37.22 54.31 -6.62
CA ASN T 84 -36.48 53.34 -5.83
C ASN T 84 -36.09 52.19 -6.74
N SER T 85 -34.87 51.70 -6.61
CA SER T 85 -34.34 50.64 -7.49
C SER T 85 -34.65 49.25 -6.95
N SER T 86 -35.16 49.16 -5.74
CA SER T 86 -35.38 47.80 -5.20
C SER T 86 -36.87 47.48 -5.20
N ASN T 87 -37.71 48.48 -5.04
CA ASN T 87 -39.15 48.20 -4.90
C ASN T 87 -39.95 49.48 -5.08
N ASN T 88 -40.88 49.53 -6.03
CA ASN T 88 -41.77 50.68 -6.19
C ASN T 88 -42.80 50.78 -5.06
N GLU T 89 -42.97 49.72 -4.27
CA GLU T 89 -43.74 49.83 -3.04
C GLU T 89 -43.16 50.92 -2.15
N LEU T 90 -41.83 51.02 -2.07
CA LEU T 90 -41.20 52.07 -1.31
C LEU T 90 -41.41 53.44 -1.94
N VAL T 91 -41.67 53.50 -3.25
CA VAL T 91 -41.98 54.77 -3.88
C VAL T 91 -43.39 55.22 -3.51
N ARG T 92 -44.37 54.30 -3.60
CA ARG T 92 -45.74 54.69 -3.28
C ARG T 92 -45.91 54.97 -1.80
N THR T 93 -45.24 54.20 -0.94
CA THR T 93 -45.28 54.45 0.49
C THR T 93 -44.43 55.65 0.91
N GLN T 94 -43.68 56.24 -0.03
CA GLN T 94 -42.83 57.40 0.26
C GLN T 94 -41.76 57.04 1.30
N THR T 95 -41.18 55.86 1.16
CA THR T 95 -40.19 55.39 2.11
C THR T 95 -38.81 55.91 1.75
N LEU T 96 -38.13 56.52 2.72
CA LEU T 96 -36.79 57.03 2.53
C LEU T 96 -35.78 55.94 2.89
N VAL T 97 -35.01 55.50 1.90
CA VAL T 97 -33.95 54.52 2.09
C VAL T 97 -32.73 55.01 1.35
N LYS T 98 -31.57 54.48 1.73
CA LYS T 98 -30.34 54.80 1.03
C LYS T 98 -30.48 54.42 -0.45
N ASN T 99 -29.98 55.30 -1.32
CA ASN T 99 -30.03 55.18 -2.78
C ASN T 99 -31.41 55.40 -3.37
N ALA T 100 -32.36 55.94 -2.60
CA ALA T 100 -33.62 56.36 -3.17
C ALA T 100 -33.46 57.72 -3.84
N ILE T 101 -34.27 57.96 -4.88
CA ILE T 101 -34.24 59.21 -5.63
C ILE T 101 -35.39 60.08 -5.15
N VAL T 102 -35.08 61.32 -4.77
CA VAL T 102 -36.06 62.19 -4.14
C VAL T 102 -36.03 63.57 -4.79
N GLN T 103 -37.12 64.31 -4.58
CA GLN T 103 -37.20 65.72 -4.93
C GLN T 103 -36.82 66.55 -3.71
N VAL T 104 -35.92 67.50 -3.89
CA VAL T 104 -35.49 68.38 -2.80
C VAL T 104 -35.69 69.82 -3.24
N ASP T 105 -35.97 70.68 -2.25
CA ASP T 105 -36.13 72.10 -2.53
C ASP T 105 -34.84 72.69 -3.07
N ALA T 106 -34.96 73.47 -4.14
CA ALA T 106 -33.82 74.09 -4.78
C ALA T 106 -33.54 75.50 -4.29
N ALA T 107 -34.37 76.03 -3.39
CA ALA T 107 -34.22 77.40 -2.94
C ALA T 107 -32.87 77.67 -2.26
N PRO T 108 -32.39 76.86 -1.31
CA PRO T 108 -31.06 77.14 -0.73
C PRO T 108 -29.95 77.16 -1.77
N PHE T 109 -30.03 76.27 -2.76
CA PHE T 109 -28.97 76.22 -3.77
C PHE T 109 -29.08 77.41 -4.72
N LYS T 110 -30.30 77.85 -5.03
CA LYS T 110 -30.46 79.09 -5.80
C LYS T 110 -29.87 80.27 -5.05
N GLN T 111 -30.15 80.36 -3.75
CA GLN T 111 -29.62 81.47 -2.96
C GLN T 111 -28.09 81.44 -2.93
N TRP T 112 -27.51 80.25 -2.72
CA TRP T 112 -26.06 80.17 -2.68
C TRP T 112 -25.46 80.50 -4.04
N TYR T 113 -26.10 80.05 -5.12
CA TYR T 113 -25.57 80.34 -6.45
C TYR T 113 -25.60 81.83 -6.74
N LEU T 114 -26.69 82.50 -6.37
CA LEU T 114 -26.76 83.95 -6.54
C LEU T 114 -25.69 84.65 -5.70
N THR T 115 -25.49 84.20 -4.47
CA THR T 115 -24.53 84.86 -3.59
C THR T 115 -23.10 84.64 -4.06
N HIS T 116 -22.80 83.46 -4.58
CA HIS T 116 -21.43 83.06 -4.88
C HIS T 116 -21.00 83.44 -6.30
N TYR T 117 -21.89 83.32 -7.28
CA TYR T 117 -21.55 83.62 -8.66
C TYR T 117 -22.06 84.98 -9.12
N GLY T 118 -23.09 85.52 -8.48
CA GLY T 118 -23.75 86.70 -8.98
C GLY T 118 -24.77 86.43 -10.05
N VAL T 119 -25.03 85.16 -10.39
CA VAL T 119 -25.93 84.77 -11.46
C VAL T 119 -27.20 84.21 -10.84
N GLU T 120 -28.35 84.72 -11.26
CA GLU T 120 -29.64 84.21 -10.83
C GLU T 120 -30.11 83.18 -11.84
N ILE T 121 -30.23 81.93 -11.41
CA ILE T 121 -30.65 80.85 -12.29
C ILE T 121 -32.12 81.00 -12.66
N LYS T 153 -21.80 94.65 -4.94
CA LYS T 153 -21.96 96.08 -4.79
C LYS T 153 -20.66 96.72 -4.30
N SER T 154 -19.55 96.21 -4.80
CA SER T 154 -18.24 96.76 -4.46
C SER T 154 -17.25 96.33 -5.54
N ASN T 155 -16.14 97.07 -5.62
CA ASN T 155 -15.11 96.72 -6.60
C ASN T 155 -14.47 95.38 -6.27
N ASN T 156 -14.19 95.12 -4.99
CA ASN T 156 -13.69 93.81 -4.59
C ASN T 156 -14.71 92.71 -4.89
N VAL T 157 -15.97 92.96 -4.51
CA VAL T 157 -17.01 91.96 -4.71
C VAL T 157 -17.24 91.70 -6.19
N GLN T 158 -17.30 92.77 -6.99
CA GLN T 158 -17.51 92.60 -8.42
C GLN T 158 -16.31 91.93 -9.09
N ARG T 159 -15.10 92.22 -8.61
CA ARG T 159 -13.91 91.58 -9.18
C ARG T 159 -13.91 90.08 -8.88
N LYS T 160 -14.20 89.70 -7.63
CA LYS T 160 -14.26 88.28 -7.32
C LYS T 160 -15.40 87.60 -8.06
N LEU T 161 -16.53 88.30 -8.23
CA LEU T 161 -17.67 87.73 -8.94
C LEU T 161 -17.34 87.51 -10.41
N GLU T 162 -16.64 88.45 -11.04
CA GLU T 162 -16.26 88.26 -12.44
C GLU T 162 -15.23 87.15 -12.58
N LYS T 163 -14.29 87.05 -11.62
CA LYS T 163 -13.34 85.96 -11.65
C LYS T 163 -14.04 84.61 -11.56
N ARG T 164 -15.04 84.50 -10.68
CA ARG T 164 -15.78 83.25 -10.58
C ARG T 164 -16.65 83.00 -11.81
N GLN T 165 -17.25 84.07 -12.36
CA GLN T 165 -18.14 83.93 -13.52
C GLN T 165 -17.36 83.52 -14.75
N GLN T 166 -16.08 83.86 -14.83
CA GLN T 166 -15.24 83.37 -15.91
C GLN T 166 -15.08 81.86 -15.74
N GLY T 167 -15.40 81.11 -16.80
CA GLY T 167 -15.36 79.66 -16.76
C GLY T 167 -16.57 79.02 -16.12
N ARG T 168 -17.53 79.81 -15.63
CA ARG T 168 -18.75 79.26 -15.05
C ARG T 168 -19.54 78.49 -16.10
N THR T 169 -19.90 77.25 -15.77
CA THR T 169 -20.63 76.38 -16.69
C THR T 169 -21.63 75.54 -15.89
N LEU T 170 -22.90 75.74 -16.15
CA LEU T 170 -23.95 74.84 -15.68
C LEU T 170 -24.31 73.88 -16.81
N ASP T 171 -25.09 72.86 -16.49
CA ASP T 171 -25.32 71.75 -17.41
C ASP T 171 -26.71 71.71 -18.00
N SER T 172 -27.55 72.70 -17.69
CA SER T 172 -28.86 72.98 -18.29
C SER T 172 -29.91 71.94 -17.92
N HIS T 173 -29.50 70.80 -17.38
CA HIS T 173 -30.46 69.84 -16.84
C HIS T 173 -30.77 70.21 -15.40
N ILE T 174 -29.72 70.43 -14.61
CA ILE T 174 -29.89 71.03 -13.29
C ILE T 174 -30.63 72.35 -13.43
N GLU T 175 -30.36 73.09 -14.51
CA GLU T 175 -31.06 74.35 -14.76
C GLU T 175 -32.55 74.15 -15.01
N GLU T 176 -32.90 73.17 -15.85
CA GLU T 176 -34.33 73.01 -16.13
C GLU T 176 -35.08 72.50 -14.91
N GLN T 177 -34.41 71.75 -14.02
CA GLN T 177 -35.12 71.40 -12.79
C GLN T 177 -35.11 72.54 -11.78
N PHE T 178 -34.10 73.41 -11.82
CA PHE T 178 -34.13 74.64 -11.02
C PHE T 178 -35.31 75.51 -11.41
N SER T 179 -35.70 75.46 -12.69
CA SER T 179 -36.87 76.21 -13.14
C SER T 179 -38.11 75.82 -12.33
N GLY T 180 -38.29 74.53 -12.06
CA GLY T 180 -39.39 74.07 -11.23
C GLY T 180 -39.12 74.13 -9.73
N GLY T 181 -37.89 74.43 -9.33
CA GLY T 181 -37.55 74.52 -7.92
C GLY T 181 -37.35 73.20 -7.22
N ARG T 182 -37.26 72.10 -7.95
CA ARG T 182 -37.08 70.77 -7.37
C ARG T 182 -35.85 70.13 -8.01
N LEU T 183 -34.90 69.70 -7.18
CA LEU T 183 -33.69 69.05 -7.65
C LEU T 183 -33.77 67.56 -7.41
N LEU T 184 -33.41 66.77 -8.42
CA LEU T 184 -33.31 65.34 -8.25
C LEU T 184 -32.10 65.02 -7.37
N ALA T 185 -32.30 64.20 -6.35
CA ALA T 185 -31.26 63.89 -5.39
C ALA T 185 -31.28 62.41 -5.04
N CYS T 186 -30.13 61.89 -4.63
CA CYS T 186 -29.97 60.52 -4.19
C CYS T 186 -29.63 60.49 -2.71
N ILE T 187 -30.42 59.77 -1.93
CA ILE T 187 -30.17 59.62 -0.50
C ILE T 187 -28.97 58.70 -0.33
N SER T 188 -27.85 59.24 0.15
CA SER T 188 -26.65 58.45 0.37
C SER T 188 -26.51 57.96 1.80
N SER T 189 -27.20 58.60 2.75
CA SER T 189 -27.18 58.15 4.13
C SER T 189 -28.23 57.07 4.34
N ARG T 190 -28.09 56.33 5.44
CA ARG T 190 -29.06 55.29 5.78
C ARG T 190 -29.96 55.80 6.89
N PRO T 191 -31.20 56.21 6.60
CA PRO T 191 -32.05 56.80 7.65
C PRO T 191 -32.36 55.85 8.80
N GLY T 192 -32.47 54.56 8.53
CA GLY T 192 -32.76 53.62 9.60
C GLY T 192 -31.61 53.37 10.55
N GLN T 193 -30.39 53.80 10.19
CA GLN T 193 -29.21 53.61 11.01
C GLN T 193 -28.74 54.90 11.67
N CYS T 194 -28.66 55.98 10.92
CA CYS T 194 -28.16 57.24 11.44
C CYS T 194 -29.26 58.25 11.76
N GLY T 195 -30.51 57.94 11.45
CA GLY T 195 -31.60 58.84 11.75
C GLY T 195 -31.70 60.06 10.88
N ARG T 196 -30.91 60.12 9.80
CA ARG T 196 -30.83 61.29 8.95
C ARG T 196 -31.01 60.88 7.50
N ALA T 197 -31.58 61.79 6.71
CA ALA T 197 -31.79 61.57 5.28
C ALA T 197 -30.92 62.57 4.52
N ASP T 198 -29.65 62.20 4.32
CA ASP T 198 -28.68 63.02 3.64
C ASP T 198 -28.40 62.44 2.25
N GLY T 199 -27.82 63.27 1.40
CA GLY T 199 -27.54 62.81 0.04
C GLY T 199 -26.82 63.84 -0.78
N TYR T 200 -26.82 63.60 -2.08
CA TYR T 200 -26.19 64.47 -3.06
C TYR T 200 -27.19 64.80 -4.16
N ILE T 201 -26.96 65.94 -4.81
CA ILE T 201 -27.76 66.32 -5.97
C ILE T 201 -27.26 65.54 -7.18
N LEU T 202 -28.19 64.95 -7.93
CA LEU T 202 -27.83 64.15 -9.09
C LEU T 202 -27.28 65.03 -10.20
N GLU T 203 -26.20 64.58 -10.83
CA GLU T 203 -25.57 65.30 -11.92
C GLU T 203 -25.07 64.31 -12.96
N GLY T 204 -24.89 64.81 -14.18
CA GLY T 204 -24.19 64.06 -15.21
C GLY T 204 -24.90 62.79 -15.64
N LYS T 205 -24.10 61.73 -15.81
CA LYS T 205 -24.60 60.48 -16.35
C LYS T 205 -25.63 59.84 -15.41
N GLU T 206 -25.40 59.92 -14.10
CA GLU T 206 -26.40 59.43 -13.16
C GLU T 206 -27.72 60.19 -13.32
N LEU T 207 -27.63 61.51 -13.49
CA LEU T 207 -28.82 62.32 -13.70
C LEU T 207 -29.57 61.90 -14.96
N GLU T 208 -28.84 61.69 -16.06
CA GLU T 208 -29.48 61.24 -17.29
C GLU T 208 -30.13 59.87 -17.12
N PHE T 209 -29.43 58.95 -16.47
CA PHE T 209 -29.97 57.62 -16.21
C PHE T 209 -31.28 57.70 -15.45
N TYR T 210 -31.31 58.50 -14.39
CA TYR T 210 -32.49 58.53 -13.55
C TYR T 210 -33.61 59.34 -14.20
N MET T 211 -33.28 60.32 -15.04
CA MET T 211 -34.33 60.99 -15.80
C MET T 211 -34.96 60.04 -16.82
N ARG T 212 -34.15 59.21 -17.47
CA ARG T 212 -34.72 58.19 -18.37
C ARG T 212 -35.60 57.22 -17.60
N LYS T 213 -35.16 56.79 -16.42
CA LYS T 213 -35.99 55.90 -15.62
C LYS T 213 -37.31 56.56 -15.23
N LEU T 214 -37.27 57.83 -14.82
CA LEU T 214 -38.49 58.50 -14.39
C LEU T 214 -39.43 58.79 -15.56
N GLN T 215 -38.88 59.04 -16.75
CA GLN T 215 -39.75 59.22 -17.91
C GLN T 215 -40.30 57.89 -18.42
N LYS T 216 -39.56 56.79 -18.22
CA LYS T 216 -40.09 55.47 -18.53
C LYS T 216 -41.11 55.00 -17.50
N LYS T 217 -41.12 55.59 -16.32
CA LYS T 217 -42.13 55.27 -15.31
C LYS T 217 -43.49 55.84 -15.70
P A2M U 28 -18.66 -0.44 39.96
OP1 A2M U 28 -19.12 0.67 40.79
O5' A2M U 28 -19.66 -1.66 39.96
C5' A2M U 28 -21.05 -1.59 39.62
C4' A2M U 28 -21.62 -2.97 39.42
O4' A2M U 28 -20.89 -3.64 38.38
C3' A2M U 28 -21.51 -3.93 40.60
O3' A2M U 28 -22.53 -3.73 41.55
C2' A2M U 28 -21.64 -5.28 39.91
O2' A2M U 28 -23.00 -5.51 39.55
C1' A2M U 28 -20.83 -5.04 38.64
CM' A2M U 28 -23.22 -6.78 38.97
N9 A2M U 28 -19.44 -5.44 38.73
C8 A2M U 28 -18.35 -4.63 38.82
N7 A2M U 28 -17.21 -5.27 38.86
C5 A2M U 28 -17.59 -6.60 38.78
C6 A2M U 28 -16.84 -7.80 38.77
N6 A2M U 28 -15.51 -7.85 38.85
N1 A2M U 28 -17.53 -8.95 38.69
C2 A2M U 28 -18.87 -8.91 38.61
N3 A2M U 28 -19.66 -7.85 38.61
C4 A2M U 28 -18.95 -6.73 38.70
OP2 A2M U 28 -17.34 -0.93 40.36
N1 PSU U 35 -2.75 -3.40 56.04
C2 PSU U 35 -1.91 -3.27 54.97
N3 PSU U 35 -0.71 -2.68 55.22
C4 PSU U 35 -0.28 -2.22 56.44
C5 PSU U 35 -1.21 -2.38 57.53
C6 PSU U 35 -2.40 -2.96 57.28
O2 PSU U 35 -2.21 -3.67 53.84
O4 PSU U 35 0.83 -1.70 56.54
C1' PSU U 35 -0.80 -1.88 58.88
C2' PSU U 35 -0.75 -0.35 58.93
O2' PSU U 35 0.24 0.03 59.88
C3' PSU U 35 -2.14 -0.03 59.44
C4' PSU U 35 -2.39 -1.13 60.45
O3' PSU U 35 -2.25 1.28 59.98
O4' PSU U 35 -1.75 -2.29 59.85
C5' PSU U 35 -3.82 -1.44 60.75
O5' PSU U 35 -4.57 -1.64 59.57
P PSU U 35 -6.08 -2.14 59.62
OP1 PSU U 35 -6.86 -1.16 60.38
OP2 PSU U 35 -6.48 -2.49 58.24
N1 OMC U 38 -3.31 6.54 48.20
C2 OMC U 38 -4.28 5.62 47.76
N3 OMC U 38 -5.10 5.04 48.68
C4 OMC U 38 -4.97 5.34 49.98
C5 OMC U 38 -4.00 6.26 50.45
C6 OMC U 38 -3.21 6.83 49.54
O2 OMC U 38 -4.37 5.37 46.57
N4 OMC U 38 -5.80 4.73 50.83
C1' OMC U 38 -2.43 7.18 47.21
C2' OMC U 38 -3.17 8.29 46.45
O2' OMC U 38 -2.59 8.41 45.16
CM2 OMC U 38 -3.02 7.45 44.20
C3' OMC U 38 -2.82 9.50 47.29
C4' OMC U 38 -1.36 9.22 47.65
O4' OMC U 38 -1.34 7.79 47.89
O3' OMC U 38 -3.00 10.73 46.63
C5' OMC U 38 -0.81 9.96 48.84
O5' OMC U 38 -1.69 9.86 49.95
P OMC U 38 -1.22 10.32 51.40
OP1 OMC U 38 -0.88 11.76 51.36
OP2 OMC U 38 -2.24 9.83 52.36
N1 PSU U 103 -25.50 14.49 19.27
C2 PSU U 103 -24.21 14.39 19.68
N3 PSU U 103 -23.41 15.44 19.36
C4 PSU U 103 -23.78 16.58 18.67
C5 PSU U 103 -25.17 16.62 18.26
C6 PSU U 103 -25.96 15.57 18.57
O2 PSU U 103 -23.80 13.42 20.30
O4 PSU U 103 -22.96 17.45 18.44
C1' PSU U 103 -25.63 17.82 17.50
C2' PSU U 103 -25.16 17.77 16.05
O2' PSU U 103 -24.98 19.10 15.58
C3' PSU U 103 -26.38 17.14 15.38
C4' PSU U 103 -27.54 17.76 16.14
O3' PSU U 103 -26.44 17.36 13.98
O4' PSU U 103 -27.04 17.88 17.49
C5' PSU U 103 -28.82 16.97 16.13
O5' PSU U 103 -28.63 15.67 16.70
P PSU U 103 -29.87 14.82 17.19
OP1 PSU U 103 -30.80 14.65 16.08
OP2 PSU U 103 -29.34 13.62 17.88
N1 PSU U 111 -6.15 26.77 13.73
C2 PSU U 111 -7.32 27.26 13.26
N3 PSU U 111 -7.36 27.46 11.91
C4 PSU U 111 -6.34 27.20 11.02
C5 PSU U 111 -5.13 26.67 11.61
C6 PSU U 111 -5.09 26.49 12.94
O2 PSU U 111 -8.28 27.52 13.97
O4 PSU U 111 -6.51 27.43 9.83
C1' PSU U 111 -3.97 26.37 10.70
C2' PSU U 111 -3.19 27.61 10.27
O2' PSU U 111 -2.71 27.42 8.95
C3' PSU U 111 -2.03 27.60 11.27
C4' PSU U 111 -1.77 26.12 11.43
O3' PSU U 111 -0.90 28.33 10.85
O4' PSU U 111 -3.08 25.51 11.37
C5' PSU U 111 -1.09 25.71 12.72
O5' PSU U 111 -1.78 26.23 13.84
P PSU U 111 -1.46 25.72 15.31
OP1 PSU U 111 -0.03 25.97 15.58
OP2 PSU U 111 -2.48 26.29 16.20
N1 PSU U 121 -12.18 47.32 29.21
C2 PSU U 121 -11.00 46.79 28.79
N3 PSU U 121 -10.23 46.26 29.79
C4 PSU U 121 -10.52 46.20 31.12
C5 PSU U 121 -11.79 46.79 31.50
C6 PSU U 121 -12.55 47.32 30.52
O2 PSU U 121 -10.65 46.79 27.63
O4 PSU U 121 -9.70 45.69 31.87
C1' PSU U 121 -12.23 46.81 32.94
C2' PSU U 121 -11.14 47.31 33.91
O2' PSU U 121 -11.33 46.70 35.17
C3' PSU U 121 -11.46 48.80 33.98
C4' PSU U 121 -12.98 48.80 33.96
O3' PSU U 121 -10.93 49.45 35.12
O4' PSU U 121 -13.33 47.70 33.06
C5' PSU U 121 -13.65 50.08 33.51
O5' PSU U 121 -13.42 50.32 32.13
P PSU U 121 -14.31 51.36 31.32
OP1 PSU U 121 -14.37 52.61 32.09
OP2 PSU U 121 -13.83 51.37 29.93
N1 OMU U 123 -3.39 50.62 30.52
C2 OMU U 123 -3.61 51.00 29.21
N3 OMU U 123 -4.91 51.39 28.96
C4 OMU U 123 -5.96 51.45 29.83
C5 OMU U 123 -5.65 51.04 31.16
C6 OMU U 123 -4.40 50.65 31.45
O2 OMU U 123 -2.76 51.00 28.35
O4 OMU U 123 -7.07 51.82 29.44
C1' OMU U 123 -2.03 50.17 30.89
C2' OMU U 123 -1.04 51.31 31.06
O2' OMU U 123 0.25 50.83 30.72
CM2 OMU U 123 0.41 50.42 29.38
C3' OMU U 123 -1.14 51.58 32.55
C4' OMU U 123 -1.36 50.19 33.13
O3' OMU U 123 -0.01 52.23 33.09
O4' OMU U 123 -2.12 49.49 32.12
C5' OMU U 123 -2.10 50.14 34.44
O5' OMU U 123 -3.17 51.06 34.46
P OMU U 123 -4.28 51.00 35.61
OP1 OMU U 123 -3.61 51.21 36.89
OP2 OMU U 123 -5.40 51.88 35.22
P A2M U 162 -49.45 60.15 49.42
OP1 A2M U 162 -49.52 61.25 48.44
O5' A2M U 162 -49.53 60.64 50.92
C5' A2M U 162 -50.61 61.40 51.48
C4' A2M U 162 -50.40 61.59 52.95
O4' A2M U 162 -50.38 60.33 53.67
C3' A2M U 162 -49.07 62.21 53.36
O3' A2M U 162 -49.02 63.61 53.09
C2' A2M U 162 -49.07 61.90 54.84
O2' A2M U 162 -50.03 62.70 55.53
C1' A2M U 162 -49.53 60.43 54.80
CM' A2M U 162 -50.11 62.47 56.93
N9 A2M U 162 -48.41 59.52 54.62
C8 A2M U 162 -48.14 58.77 53.51
N7 A2M U 162 -47.06 58.04 53.62
C5 A2M U 162 -46.58 58.33 54.88
C6 A2M U 162 -45.45 57.88 55.60
N6 A2M U 162 -44.58 57.01 55.13
N1 A2M U 162 -45.26 58.37 56.84
C2 A2M U 162 -46.14 59.26 57.32
N3 A2M U 162 -47.23 59.75 56.74
C4 A2M U 162 -47.40 59.25 55.51
OP2 A2M U 162 -48.23 59.36 49.25
N1 OMU U 168 -19.46 60.77 43.23
C2 OMU U 168 -19.04 59.48 43.11
N3 OMU U 168 -17.83 59.23 43.69
C4 OMU U 168 -17.02 60.12 44.34
C5 OMU U 168 -17.52 61.46 44.42
C6 OMU U 168 -18.71 61.73 43.86
O2 OMU U 168 -19.72 58.64 42.54
O4 OMU U 168 -15.95 59.72 44.81
C1' OMU U 168 -20.75 61.08 42.61
C2' OMU U 168 -21.98 60.96 43.50
O2' OMU U 168 -22.40 59.63 43.71
CM2 OMU U 168 -23.59 59.47 44.49
C3' OMU U 168 -22.96 61.80 42.68
C4' OMU U 168 -22.07 62.96 42.23
O3' OMU U 168 -23.31 61.03 41.53
O4' OMU U 168 -20.72 62.43 42.18
C5' OMU U 168 -22.12 64.19 43.11
O5' OMU U 168 -21.37 64.02 44.30
P OMU U 168 -21.88 64.60 45.70
OP1 OMU U 168 -20.87 64.22 46.69
OP2 OMU U 168 -22.26 65.99 45.46
N1 PSU U 208 -15.89 65.19 0.53
C2 PSU U 208 -14.95 65.69 1.37
N3 PSU U 208 -14.36 66.87 0.97
C4 PSU U 208 -14.66 67.57 -0.17
C5 PSU U 208 -15.67 66.99 -1.02
C6 PSU U 208 -16.24 65.82 -0.62
O2 PSU U 208 -14.63 65.13 2.41
O4 PSU U 208 -14.06 68.62 -0.41
C1' PSU U 208 -16.03 67.70 -2.28
C2' PSU U 208 -14.96 67.60 -3.35
O2' PSU U 208 -15.00 68.78 -4.15
C3' PSU U 208 -15.47 66.40 -4.15
C4' PSU U 208 -16.97 66.62 -4.14
O3' PSU U 208 -14.92 66.32 -5.45
O4' PSU U 208 -17.23 67.16 -2.82
C5' PSU U 208 -17.82 65.39 -4.36
O5' PSU U 208 -17.38 64.30 -3.55
P PSU U 208 -18.28 63.00 -3.38
OP1 PSU U 208 -18.47 62.39 -4.71
OP2 PSU U 208 -17.70 62.19 -2.30
P OMG U 246 6.43 60.94 3.96
OP1 OMG U 246 6.63 62.38 3.77
OP2 OMG U 246 7.52 60.01 3.60
O5' OMG U 246 6.08 60.72 5.49
C5' OMG U 246 6.77 59.74 6.27
C4' OMG U 246 5.82 58.97 7.15
O4' OMG U 246 4.53 59.64 7.17
C3' OMG U 246 5.51 57.55 6.73
O3' OMG U 246 6.50 56.62 7.11
C2' OMG U 246 4.16 57.30 7.39
O2' OMG U 246 4.31 57.00 8.77
CM2 OMG U 246 3.09 56.72 9.42
C1' OMG U 246 3.50 58.67 7.24
N9 OMG U 246 2.67 58.76 6.03
C8 OMG U 246 2.85 59.58 4.95
N7 OMG U 246 1.95 59.42 4.02
C5 OMG U 246 1.12 58.42 4.52
C6 OMG U 246 -0.03 57.80 3.98
O6 OMG U 246 -0.56 58.04 2.91
N1 OMG U 246 -0.55 56.85 4.82
C2 OMG U 246 -0.04 56.51 6.04
N2 OMG U 246 -0.68 55.56 6.72
N3 OMG U 246 1.03 57.07 6.56
C4 OMG U 246 1.57 58.01 5.75
N1 PSU U 255 -7.31 59.83 6.86
C2 PSU U 255 -7.26 60.30 5.59
N3 PSU U 255 -6.27 61.21 5.35
C4 PSU U 255 -5.35 61.68 6.26
C5 PSU U 255 -5.47 61.13 7.59
C6 PSU U 255 -6.44 60.22 7.82
O2 PSU U 255 -8.03 59.93 4.70
O4 PSU U 255 -4.51 62.50 5.91
C1' PSU U 255 -4.50 61.61 8.62
C2' PSU U 255 -4.92 62.97 9.18
O2' PSU U 255 -3.75 63.66 9.59
C3' PSU U 255 -5.75 62.54 10.38
C4' PSU U 255 -4.95 61.37 10.92
O3' PSU U 255 -5.96 63.56 11.34
O4' PSU U 255 -4.46 60.71 9.71
C5' PSU U 255 -5.70 60.38 11.77
O5' PSU U 255 -6.83 59.86 11.09
P PSU U 255 -7.37 58.41 11.43
OP1 PSU U 255 -7.64 58.35 12.87
OP2 PSU U 255 -8.44 58.06 10.48
N1 PSU U 258 -13.32 69.71 5.92
C2 PSU U 258 -14.27 68.81 5.56
N3 PSU U 258 -14.97 69.12 4.43
C4 PSU U 258 -14.80 70.25 3.65
C5 PSU U 258 -13.78 71.17 4.11
C6 PSU U 258 -13.09 70.85 5.22
O2 PSU U 258 -14.48 67.78 6.18
O4 PSU U 258 -15.50 70.42 2.66
C1' PSU U 258 -13.56 72.42 3.31
C2' PSU U 258 -14.71 73.42 3.48
O2' PSU U 258 -14.88 74.11 2.27
C3' PSU U 258 -14.12 74.34 4.55
C4' PSU U 258 -12.65 74.41 4.15
O3' PSU U 258 -14.73 75.62 4.59
O4' PSU U 258 -12.37 73.06 3.71
C5' PSU U 258 -11.70 74.81 5.24
O5' PSU U 258 -11.90 74.05 6.42
P PSU U 258 -10.77 73.99 7.55
OP1 PSU U 258 -10.59 75.34 8.09
OP2 PSU U 258 -11.09 72.87 8.45
N1 PSU U 300 -6.63 49.27 23.33
C2 PSU U 300 -7.39 49.17 24.46
N3 PSU U 300 -6.72 48.82 25.60
C4 PSU U 300 -5.37 48.56 25.69
C5 PSU U 300 -4.62 48.68 24.46
C6 PSU U 300 -5.29 49.03 23.34
O2 PSU U 300 -8.60 49.38 24.45
O4 PSU U 300 -4.88 48.26 26.77
C1' PSU U 300 -3.15 48.43 24.51
C2' PSU U 300 -2.75 46.96 24.66
O2' PSU U 300 -1.58 46.89 25.46
C3' PSU U 300 -2.44 46.59 23.22
C4' PSU U 300 -1.83 47.87 22.66
O3' PSU U 300 -1.57 45.47 23.10
O4' PSU U 300 -2.55 48.92 23.34
C5' PSU U 300 -1.95 48.06 21.17
O5' PSU U 300 -3.31 48.15 20.78
P PSU U 300 -3.71 48.52 19.28
OP1 PSU U 300 -2.83 47.76 18.37
OP2 PSU U 300 -5.16 48.38 19.17
N1 PSU U 306 -15.59 33.87 14.98
C2 PSU U 306 -14.31 34.08 14.58
N3 PSU U 306 -14.17 34.81 13.44
C4 PSU U 306 -15.20 35.35 12.69
C5 PSU U 306 -16.53 35.09 13.18
C6 PSU U 306 -16.66 34.35 14.30
O2 PSU U 306 -13.34 33.66 15.18
O4 PSU U 306 -14.94 35.98 11.68
C1' PSU U 306 -17.67 35.64 12.39
C2' PSU U 306 -17.89 34.89 11.06
O2' PSU U 306 -18.35 35.83 10.11
C3' PSU U 306 -19.00 33.94 11.46
C4' PSU U 306 -19.85 34.77 12.39
O3' PSU U 306 -19.73 33.42 10.35
O4' PSU U 306 -18.88 35.56 13.12
C5' PSU U 306 -20.72 34.01 13.35
O5' PSU U 306 -19.95 33.20 14.23
P PSU U 306 -20.42 32.94 15.72
OP1 PSU U 306 -21.76 32.34 15.70
OP2 PSU U 306 -19.33 32.25 16.43
N1 PSU U 308 -10.89 29.40 8.97
C2 PSU U 308 -9.84 28.73 9.50
N3 PSU U 308 -8.80 28.51 8.65
C4 PSU U 308 -8.72 28.91 7.34
C5 PSU U 308 -9.87 29.63 6.84
C6 PSU U 308 -10.90 29.85 7.69
O2 PSU U 308 -9.81 28.32 10.66
O4 PSU U 308 -7.72 28.65 6.69
C1' PSU U 308 -9.84 30.12 5.43
C2' PSU U 308 -9.99 29.03 4.36
O2' PSU U 308 -9.24 29.42 3.22
C3' PSU U 308 -11.48 29.08 4.08
C4' PSU U 308 -11.78 30.56 4.20
O3' PSU U 308 -11.84 28.55 2.82
O4' PSU U 308 -10.91 31.03 5.25
C5' PSU U 308 -13.20 30.91 4.54
O5' PSU U 308 -13.73 30.00 5.50
P PSU U 308 -15.27 30.01 5.87
OP1 PSU U 308 -16.05 29.74 4.66
OP2 PSU U 308 -15.48 29.17 7.07
N1 PSU U 362 -26.84 8.65 14.68
C2 PSU U 362 -25.82 9.52 14.42
N3 PSU U 362 -24.59 9.13 14.86
C4 PSU U 362 -24.29 7.96 15.52
C5 PSU U 362 -25.42 7.09 15.75
C6 PSU U 362 -26.64 7.48 15.33
O2 PSU U 362 -25.99 10.58 13.84
O4 PSU U 362 -23.14 7.73 15.86
C1' PSU U 362 -25.15 5.81 16.50
C2' PSU U 362 -25.04 6.11 17.99
O2' PSU U 362 -24.12 5.19 18.56
C3' PSU U 362 -26.46 5.78 18.44
C4' PSU U 362 -26.79 4.56 17.61
O3' PSU U 362 -26.60 5.57 19.84
O4' PSU U 362 -26.20 4.88 16.31
C5' PSU U 362 -28.25 4.22 17.45
O5' PSU U 362 -29.01 5.34 17.03
P PSU U 362 -30.51 5.16 16.56
OP1 PSU U 362 -31.24 4.39 17.57
OP2 PSU U 362 -31.03 6.48 16.14
P OMG U 392 -34.88 23.64 34.05
OP1 OMG U 392 -35.63 24.78 33.55
OP2 OMG U 392 -35.06 23.22 35.45
O5' OMG U 392 -35.22 22.39 33.13
C5' OMG U 392 -35.09 21.06 33.61
C4' OMG U 392 -36.00 20.12 32.86
O4' OMG U 392 -37.28 20.05 33.54
C3' OMG U 392 -36.35 20.54 31.44
O3' OMG U 392 -35.36 20.19 30.50
C2' OMG U 392 -37.69 19.85 31.22
O2' OMG U 392 -37.51 18.47 30.97
CM2 OMG U 392 -38.63 17.81 30.41
C1' OMG U 392 -38.33 20.01 32.59
N9 OMG U 392 -39.10 21.26 32.70
C8 OMG U 392 -38.85 22.35 33.49
N7 OMG U 392 -39.73 23.31 33.34
C5 OMG U 392 -40.61 22.82 32.39
C6 OMG U 392 -41.77 23.39 31.80
O6 OMG U 392 -42.26 24.49 32.04
N1 OMG U 392 -42.35 22.55 30.89
C2 OMG U 392 -41.90 21.31 30.55
N2 OMG U 392 -42.60 20.64 29.63
N3 OMG U 392 -40.82 20.76 31.08
C4 OMG U 392 -40.23 21.56 31.98
N1 OMC U 418 -50.18 26.34 48.28
C2 OMC U 418 -50.91 27.39 47.71
N3 OMC U 418 -51.50 27.18 46.50
C4 OMC U 418 -51.38 26.01 45.87
C5 OMC U 418 -50.64 24.93 46.43
C6 OMC U 418 -50.07 25.14 47.62
O2 OMC U 418 -51.02 28.46 48.30
N4 OMC U 418 -51.97 25.87 44.68
C1' OMC U 418 -49.52 26.53 49.59
C2' OMC U 418 -50.53 26.58 50.75
O2' OMC U 418 -50.01 27.47 51.73
CM2 OMC U 418 -50.30 28.84 51.51
C3' OMC U 418 -50.48 25.15 51.25
C4' OMC U 418 -49.02 24.78 51.06
O4' OMC U 418 -48.65 25.45 49.83
O3' OMC U 418 -50.93 24.99 52.58
C5' OMC U 418 -48.71 23.30 50.96
O5' OMC U 418 -49.57 22.66 50.04
P OMC U 418 -49.15 21.27 49.36
OP1 OMC U 418 -49.01 20.26 50.44
OP2 OMC U 418 -50.09 21.02 48.25
P A2M U 424 -52.20 36.47 42.01
OP1 A2M U 424 -51.84 37.81 41.52
O5' A2M U 424 -51.10 35.88 42.96
C5' A2M U 424 -50.72 36.45 44.21
C4' A2M U 424 -50.00 35.42 45.03
O4' A2M U 424 -50.83 34.27 45.27
C3' A2M U 424 -48.78 34.79 44.37
O3' A2M U 424 -47.69 35.68 44.30
C2' A2M U 424 -48.56 33.63 45.32
O2' A2M U 424 -48.04 34.09 46.55
C1' A2M U 424 -49.99 33.15 45.50
CM' A2M U 424 -47.40 33.11 47.35
N9 A2M U 424 -50.36 32.09 44.58
C8 A2M U 424 -51.24 32.17 43.53
N7 A2M U 424 -51.37 31.05 42.86
C5 A2M U 424 -50.50 30.19 43.50
C6 A2M U 424 -50.17 28.83 43.27
N6 A2M U 424 -50.70 28.10 42.30
N1 A2M U 424 -49.26 28.27 44.10
C2 A2M U 424 -48.74 29.01 45.08
N3 A2M U 424 -48.97 30.28 45.39
C4 A2M U 424 -49.87 30.81 44.56
OP2 A2M U 424 -52.45 35.53 40.91
P OMG U 434 -29.87 9.93 51.28
OP1 OMG U 434 -29.79 8.79 52.19
OP2 OMG U 434 -29.05 9.94 50.06
O5' OMG U 434 -31.39 10.14 50.87
C5' OMG U 434 -32.36 10.48 51.85
C4' OMG U 434 -33.66 10.92 51.20
O4' OMG U 434 -33.45 12.07 50.36
C3' OMG U 434 -34.30 9.91 50.27
O3' OMG U 434 -34.99 8.90 50.98
C2' OMG U 434 -35.19 10.78 49.40
O2' OMG U 434 -36.42 11.05 50.06
CM2 OMG U 434 -37.47 11.48 49.21
C1' OMG U 434 -34.40 12.09 49.33
N9 OMG U 434 -33.68 12.25 48.04
C8 OMG U 434 -32.33 12.27 47.84
N7 OMG U 434 -32.00 12.45 46.59
C5 OMG U 434 -33.21 12.54 45.92
C6 OMG U 434 -33.50 12.74 44.55
O6 OMG U 434 -32.70 12.87 43.63
N1 OMG U 434 -34.86 12.78 44.32
C2 OMG U 434 -35.83 12.65 45.27
N2 OMG U 434 -37.09 12.72 44.87
N3 OMG U 434 -35.57 12.47 46.56
C4 OMG U 434 -34.25 12.43 46.81
P A2M U 440 -28.27 -2.37 41.46
OP1 A2M U 440 -28.81 -2.55 42.81
O5' A2M U 440 -26.97 -1.48 41.43
C5' A2M U 440 -25.71 -1.79 42.03
C4' A2M U 440 -24.64 -0.93 41.39
O4' A2M U 440 -24.47 -1.32 40.01
C3' A2M U 440 -24.96 0.56 41.33
O3' A2M U 440 -24.51 1.24 42.49
C2' A2M U 440 -24.23 1.03 40.08
O2' A2M U 440 -22.87 1.34 40.41
C1' A2M U 440 -24.29 -0.20 39.17
CM' A2M U 440 -22.12 1.97 39.39
N9 A2M U 440 -25.40 -0.14 38.21
C8 A2M U 440 -26.71 -0.47 38.43
N7 A2M U 440 -27.48 -0.31 37.39
C5 A2M U 440 -26.62 0.17 36.41
C6 A2M U 440 -26.82 0.54 35.08
N6 A2M U 440 -27.99 0.50 34.45
N1 A2M U 440 -25.74 0.98 34.39
C2 A2M U 440 -24.55 1.04 34.99
N3 A2M U 440 -24.26 0.71 36.24
C4 A2M U 440 -25.33 0.28 36.91
OP2 A2M U 440 -29.27 -1.79 40.54
P A2M U 468 -7.90 15.64 55.86
OP1 A2M U 468 -6.62 15.14 56.37
O5' A2M U 468 -9.15 14.98 56.54
C5' A2M U 468 -9.21 14.56 57.92
C4' A2M U 468 -10.63 14.63 58.41
O4' A2M U 468 -11.35 15.72 57.79
C3' A2M U 468 -11.53 13.44 58.10
O3' A2M U 468 -11.22 12.28 58.86
C2' A2M U 468 -12.87 14.05 58.46
O2' A2M U 468 -13.03 14.15 59.87
C1' A2M U 468 -12.73 15.42 57.80
CM' A2M U 468 -14.37 14.32 60.32
N9 A2M U 468 -13.22 15.39 56.44
C8 A2M U 468 -12.50 15.58 55.29
N7 A2M U 468 -13.20 15.48 54.20
C5 A2M U 468 -14.49 15.22 54.65
C6 A2M U 468 -15.71 15.01 53.99
N6 A2M U 468 -15.85 15.02 52.67
N1 A2M U 468 -16.79 14.77 54.75
C2 A2M U 468 -16.67 14.75 56.07
N3 A2M U 468 -15.57 14.94 56.80
C4 A2M U 468 -14.51 15.16 56.03
OP2 A2M U 468 -8.02 15.48 54.40
P A2M U 545 3.25 -21.56 68.68
OP1 A2M U 545 3.56 -21.90 67.30
O5' A2M U 545 3.20 -19.99 68.83
C5' A2M U 545 2.36 -19.09 68.08
C4' A2M U 545 2.17 -17.85 68.89
O4' A2M U 545 3.42 -17.15 69.05
C3' A2M U 545 1.30 -16.76 68.28
O3' A2M U 545 -0.08 -17.07 68.37
C2' A2M U 545 1.68 -15.54 69.11
O2' A2M U 545 0.86 -15.42 70.26
C1' A2M U 545 3.13 -15.84 69.50
CM' A2M U 545 -0.10 -14.38 70.21
N9 A2M U 545 4.11 -14.90 68.96
C8 A2M U 545 5.17 -14.36 69.64
N7 A2M U 545 5.91 -13.55 68.94
C5 A2M U 545 5.32 -13.57 67.69
C6 A2M U 545 5.64 -12.91 66.48
N6 A2M U 545 6.68 -12.08 66.35
N1 A2M U 545 4.85 -13.13 65.41
C2 A2M U 545 3.82 -13.96 65.55
N3 A2M U 545 3.42 -14.64 66.63
C4 A2M U 545 4.21 -14.40 67.68
OP2 A2M U 545 4.19 -22.17 69.63
P OMG U 599 -3.14 -6.86 48.19
OP1 OMG U 599 -1.93 -6.13 48.57
OP2 OMG U 599 -4.23 -6.14 47.51
O5' OMG U 599 -2.72 -8.10 47.30
C5' OMG U 599 -3.66 -8.77 46.47
C4' OMG U 599 -4.15 -10.05 47.09
O4' OMG U 599 -5.02 -9.77 48.21
C3' OMG U 599 -4.99 -10.94 46.19
O3' OMG U 599 -4.19 -11.74 45.32
C2' OMG U 599 -5.79 -11.76 47.18
O2' OMG U 599 -4.97 -12.76 47.78
CM2 OMG U 599 -5.34 -14.10 47.54
C1' OMG U 599 -6.08 -10.70 48.24
N9 OMG U 599 -7.35 -9.98 48.01
C8 OMG U 599 -7.52 -8.67 47.66
N7 OMG U 599 -8.78 -8.32 47.56
C5 OMG U 599 -9.48 -9.47 47.86
C6 OMG U 599 -10.87 -9.71 47.93
O6 OMG U 599 -11.78 -8.92 47.71
N1 OMG U 599 -11.16 -11.01 48.27
C2 OMG U 599 -10.23 -11.98 48.53
N2 OMG U 599 -10.69 -13.18 48.85
N3 OMG U 599 -8.91 -11.77 48.48
C4 OMG U 599 -8.61 -10.51 48.15
C1' UY1 U 604 -20.37 -8.87 30.91
C2 UY1 U 604 -16.38 -9.85 32.17
C2' UY1 U 604 -20.40 -8.43 29.45
C3' UY1 U 604 -20.72 -9.75 28.77
C4 UY1 U 604 -18.05 -8.14 31.67
C4' UY1 U 604 -21.73 -10.37 29.74
C5 UY1 U 604 -18.99 -9.21 31.37
C5' UY1 U 604 -21.88 -11.88 29.67
C6 UY1 U 604 -18.56 -10.48 31.48
CM2 UY1 U 604 -21.21 -6.20 29.75
N1 UY1 U 604 -17.30 -10.79 31.87
N3 UY1 U 604 -16.79 -8.56 32.06
O2 UY1 U 604 -15.24 -10.13 32.53
O2' UY1 U 604 -21.46 -7.51 29.28
O3' UY1 U 604 -21.19 -9.62 27.45
O4 UY1 U 604 -18.30 -6.95 31.61
O4' UY1 U 604 -21.24 -9.98 31.04
O5' UY1 U 604 -20.62 -12.53 29.77
OP1 UY1 U 604 -21.33 -14.93 29.33
OP2 UY1 U 604 -19.09 -14.34 30.50
P UY1 U 604 -20.51 -14.05 30.26
N1 PSU U 606 -14.35 -8.24 25.94
C2 PSU U 606 -13.38 -8.79 26.72
N3 PSU U 606 -12.31 -8.00 26.95
C4 PSU U 606 -12.11 -6.72 26.47
C5 PSU U 606 -13.18 -6.20 25.65
C6 PSU U 606 -14.25 -7.00 25.42
O2 PSU U 606 -13.48 -9.92 27.19
O4 PSU U 606 -11.08 -6.11 26.75
C1' PSU U 606 -13.03 -4.82 25.09
C2' PSU U 606 -12.11 -4.82 23.87
O2' PSU U 606 -11.47 -3.55 23.81
C3' PSU U 606 -13.12 -4.98 22.75
C4' PSU U 606 -14.28 -4.14 23.23
O3' PSU U 606 -12.63 -4.58 21.47
O4' PSU U 606 -14.29 -4.34 24.66
C5' PSU U 606 -15.63 -4.48 22.66
O5' PSU U 606 -15.93 -5.87 22.82
P PSU U 606 -17.40 -6.41 22.63
OP1 PSU U 606 -17.92 -5.87 21.36
OP2 PSU U 606 -17.39 -7.87 22.82
N1 PSU U 607 -10.26 -8.27 24.50
C2 PSU U 607 -9.67 -9.18 25.32
N3 PSU U 607 -8.35 -8.92 25.62
C4 PSU U 607 -7.61 -7.86 25.17
C5 PSU U 607 -8.31 -6.93 24.30
C6 PSU U 607 -9.61 -7.19 24.01
O2 PSU U 607 -10.26 -10.15 25.77
O4 PSU U 607 -6.44 -7.74 25.51
C1' PSU U 607 -7.56 -5.76 23.78
C2' PSU U 607 -6.57 -6.11 22.68
O2' PSU U 607 -5.48 -5.21 22.73
C3' PSU U 607 -7.42 -5.85 21.44
C4' PSU U 607 -8.22 -4.63 21.84
O3' PSU U 607 -6.66 -5.66 20.25
O4' PSU U 607 -8.47 -4.81 23.25
C5' PSU U 607 -9.52 -4.43 21.11
O5' PSU U 607 -10.34 -5.60 21.19
P PSU U 607 -11.80 -5.62 20.57
OP1 PSU U 607 -11.72 -5.09 19.20
OP2 PSU U 607 -12.35 -6.96 20.79
N1 OMU U 615 -1.44 -2.49 5.84
C2 OMU U 615 -0.56 -2.21 6.87
N3 OMU U 615 -0.89 -2.42 8.12
C4 OMU U 615 -2.06 -2.91 8.42
C5 OMU U 615 -2.98 -3.21 7.44
C6 OMU U 615 -2.63 -2.99 6.13
O2 OMU U 615 0.56 -1.75 6.68
O4 OMU U 615 -2.30 -3.10 9.61
C1' OMU U 615 -1.06 -2.23 4.45
C2' OMU U 615 0.00 -3.23 4.02
O2' OMU U 615 0.95 -2.56 3.22
CM2 OMU U 615 1.26 -1.24 3.62
C3' OMU U 615 -0.73 -4.26 3.21
C4' OMU U 615 -1.86 -3.46 2.63
O3' OMU U 615 0.10 -4.84 2.20
O4' OMU U 615 -2.16 -2.44 3.58
C5' OMU U 615 -3.10 -4.27 2.40
O5' OMU U 615 -3.49 -4.79 3.64
P OMU U 615 -4.50 -5.99 3.81
OP1 OMU U 615 -5.80 -5.54 4.37
OP2 OMU U 615 -4.56 -6.76 2.56
P A2M U 623 -14.30 -28.87 -2.64
OP1 A2M U 623 -15.71 -29.25 -2.66
O5' A2M U 623 -13.75 -28.76 -1.17
C5' A2M U 623 -12.49 -28.20 -0.75
C4' A2M U 623 -12.49 -28.17 0.74
O4' A2M U 623 -11.13 -28.21 1.20
C3' A2M U 623 -13.06 -26.90 1.37
O3' A2M U 623 -14.44 -27.08 1.60
C2' A2M U 623 -12.28 -26.72 2.66
O2' A2M U 623 -13.06 -27.19 3.75
C1' A2M U 623 -11.05 -27.62 2.48
CM' A2M U 623 -12.47 -27.01 5.03
N9 A2M U 623 -9.76 -26.96 2.48
C8 A2M U 623 -9.44 -25.71 2.01
N7 A2M U 623 -8.18 -25.39 2.15
C5 A2M U 623 -7.63 -26.52 2.75
C6 A2M U 623 -6.33 -26.84 3.17
N6 A2M U 623 -5.29 -26.01 3.04
N1 A2M U 623 -6.13 -28.04 3.72
C2 A2M U 623 -7.15 -28.88 3.85
N3 A2M U 623 -8.42 -28.69 3.50
C4 A2M U 623 -8.59 -27.48 2.95
OP2 A2M U 623 -14.08 -27.59 -3.32
N1 PSU U 636 -7.05 3.74 -13.15
C2 PSU U 636 -6.62 3.04 -14.24
N3 PSU U 636 -6.00 1.86 -13.96
C4 PSU U 636 -5.77 1.33 -12.70
C5 PSU U 636 -6.26 2.14 -11.60
C6 PSU U 636 -6.87 3.31 -11.89
O2 PSU U 636 -6.78 3.42 -15.39
O4 PSU U 636 -5.19 0.26 -12.60
C1' PSU U 636 -6.04 1.63 -10.21
C2' PSU U 636 -4.58 1.68 -9.78
O2' PSU U 636 -4.38 0.70 -8.78
C3' PSU U 636 -4.52 3.08 -9.17
C4' PSU U 636 -5.85 3.18 -8.45
O3' PSU U 636 -3.40 3.29 -8.32
O4' PSU U 636 -6.77 2.45 -9.31
C5' PSU U 636 -6.36 4.56 -8.22
O5' PSU U 636 -6.29 5.34 -9.41
P PSU U 636 -6.94 6.79 -9.47
OP1 PSU U 636 -6.40 7.51 -8.31
OP2 PSU U 636 -6.75 7.31 -10.84
N1 PSU U 764 1.60 15.05 29.10
C2 PSU U 764 2.05 14.62 27.90
N3 PSU U 764 1.53 13.45 27.47
C4 PSU U 764 0.60 12.68 28.12
C5 PSU U 764 0.14 13.21 29.40
C6 PSU U 764 0.68 14.37 29.82
O2 PSU U 764 2.88 15.24 27.24
O4 PSU U 764 0.22 11.63 27.60
C1' PSU U 764 -0.86 12.43 30.20
C2' PSU U 764 -0.28 11.06 30.54
O2' PSU U 764 -1.36 10.16 30.73
C3' PSU U 764 0.41 11.36 31.85
C4' PSU U 764 -0.58 12.29 32.53
O3' PSU U 764 0.71 10.20 32.61
O4' PSU U 764 -1.09 13.10 31.43
C5' PSU U 764 -0.04 13.18 33.62
O5' PSU U 764 1.09 13.92 33.19
P PSU U 764 1.76 15.01 34.14
OP1 PSU U 764 2.07 14.39 35.43
OP2 PSU U 764 2.85 15.66 33.37
N1 PSU U 765 4.41 12.90 29.26
C2 PSU U 765 5.35 13.46 28.45
N3 PSU U 765 5.69 12.71 27.36
C4 PSU U 765 5.18 11.48 27.02
C5 PSU U 765 4.18 10.95 27.93
C6 PSU U 765 3.84 11.70 29.00
O2 PSU U 765 5.85 14.56 28.68
O4 PSU U 765 5.58 10.91 26.02
C1' PSU U 765 3.59 9.61 27.62
C2' PSU U 765 4.57 8.46 27.82
O2' PSU U 765 4.27 7.44 26.87
C3' PSU U 765 4.23 8.01 29.23
C4' PSU U 765 2.72 8.17 29.26
O3' PSU U 765 4.64 6.68 29.53
O4' PSU U 765 2.47 9.36 28.48
C5' PSU U 765 2.10 8.33 30.63
O5' PSU U 765 2.74 9.36 31.37
P PSU U 765 2.25 9.76 32.83
OP1 PSU U 765 2.25 8.56 33.67
OP2 PSU U 765 3.00 10.96 33.23
P A2M U 802 -0.30 16.08 4.50
OP1 A2M U 802 -0.06 15.64 3.12
O5' A2M U 802 -1.17 17.40 4.58
C5' A2M U 802 -2.53 17.53 4.13
C4' A2M U 802 -3.14 18.73 4.80
O4' A2M U 802 -3.30 18.53 6.22
C3' A2M U 802 -2.30 20.00 4.75
O3' A2M U 802 -2.26 20.58 3.45
C2' A2M U 802 -3.07 20.83 5.76
O2' A2M U 802 -4.29 21.29 5.21
C1' A2M U 802 -3.33 19.80 6.86
CM' A2M U 802 -4.69 22.55 5.70
N9 A2M U 802 -2.27 19.87 7.86
C8 A2M U 802 -1.36 18.90 8.15
N7 A2M U 802 -0.50 19.26 9.08
C5 A2M U 802 -0.89 20.55 9.41
C6 A2M U 802 -0.39 21.48 10.34
N6 A2M U 802 0.66 21.26 11.13
N1 A2M U 802 -1.00 22.68 10.41
C2 A2M U 802 -2.05 22.92 9.63
N3 A2M U 802 -2.60 22.12 8.72
C4 A2M U 802 -1.98 20.93 8.67
OP2 A2M U 802 0.95 16.32 5.24
N1 PSU U 806 11.43 24.61 2.69
C2 PSU U 806 11.78 23.30 2.84
N3 PSU U 806 13.07 23.07 3.18
C4 PSU U 806 14.03 24.03 3.41
C5 PSU U 806 13.60 25.40 3.24
C6 PSU U 806 12.32 25.63 2.88
O2 PSU U 806 10.98 22.38 2.65
O4 PSU U 806 15.17 23.70 3.73
C1' PSU U 806 14.62 26.47 3.46
C2' PSU U 806 15.62 26.60 2.31
O2' PSU U 806 16.87 26.97 2.85
C3' PSU U 806 15.00 27.75 1.52
C4' PSU U 806 14.48 28.65 2.63
O3' PSU U 806 15.91 28.38 0.65
O4' PSU U 806 13.98 27.72 3.62
C5' PSU U 806 13.39 29.62 2.23
O5' PSU U 806 12.31 28.97 1.57
P PSU U 806 11.12 29.82 0.94
OP1 PSU U 806 11.71 30.93 0.16
OP2 PSU U 806 10.18 28.89 0.29
N1 PSU U 811 12.76 12.28 -9.17
C2 PSU U 811 11.71 12.99 -8.69
N3 PSU U 811 10.71 12.24 -8.15
C4 PSU U 811 10.66 10.87 -8.04
C5 PSU U 811 11.80 10.18 -8.60
C6 PSU U 811 12.80 10.92 -9.13
O2 PSU U 811 11.68 14.22 -8.72
O4 PSU U 811 9.69 10.33 -7.53
C1' PSU U 811 11.84 8.68 -8.52
C2' PSU U 811 10.83 7.95 -9.40
O2' PSU U 811 10.45 6.76 -8.74
C3' PSU U 811 11.66 7.66 -10.63
C4' PSU U 811 13.03 7.35 -10.05
O3' PSU U 811 11.16 6.60 -11.43
O4' PSU U 811 13.13 8.24 -8.90
C5' PSU U 811 14.20 7.58 -10.96
O5' PSU U 811 14.13 8.88 -11.54
P PSU U 811 15.25 9.37 -12.55
OP1 PSU U 811 15.50 8.28 -13.50
OP2 PSU U 811 14.84 10.70 -13.07
P A2M U 979 -27.21 -5.28 -24.95
OP1 A2M U 979 -28.53 -4.87 -25.47
O5' A2M U 979 -26.42 -6.20 -25.95
C5' A2M U 979 -25.86 -5.77 -27.19
C4' A2M U 979 -24.76 -6.71 -27.57
O4' A2M U 979 -23.64 -6.55 -26.67
C3' A2M U 979 -25.08 -8.18 -27.38
O3' A2M U 979 -25.95 -8.68 -28.38
C2' A2M U 979 -23.69 -8.80 -27.41
O2' A2M U 979 -23.17 -8.79 -28.73
C1' A2M U 979 -22.95 -7.78 -26.56
CM' A2M U 979 -21.89 -9.41 -28.85
N9 A2M U 979 -22.87 -8.15 -25.15
C8 A2M U 979 -23.54 -7.57 -24.10
N7 A2M U 979 -23.28 -8.11 -22.94
C5 A2M U 979 -22.38 -9.11 -23.26
C6 A2M U 979 -21.70 -10.07 -22.47
N6 A2M U 979 -21.83 -10.17 -21.15
N1 A2M U 979 -20.87 -10.92 -23.10
C2 A2M U 979 -20.72 -10.83 -24.43
N3 A2M U 979 -21.30 -9.98 -25.26
C4 A2M U 979 -22.12 -9.14 -24.62
OP2 A2M U 979 -27.31 -5.94 -23.65
N1 PSU U 1004 -45.52 -55.27 -11.62
C2 PSU U 1004 -45.37 -54.20 -10.79
N3 PSU U 1004 -44.10 -54.02 -10.31
C4 PSU U 1004 -42.99 -54.79 -10.61
C5 PSU U 1004 -43.24 -55.90 -11.49
C6 PSU U 1004 -44.49 -56.09 -11.96
O2 PSU U 1004 -46.29 -53.47 -10.49
O4 PSU U 1004 -41.91 -54.50 -10.11
C1' PSU U 1004 -42.07 -56.78 -11.84
C2' PSU U 1004 -41.58 -57.65 -10.69
O2' PSU U 1004 -40.16 -57.76 -10.79
C3' PSU U 1004 -42.25 -58.98 -11.02
C4' PSU U 1004 -42.17 -59.01 -12.53
O3' PSU U 1004 -41.63 -60.09 -10.41
O4' PSU U 1004 -42.41 -57.63 -12.91
C5' PSU U 1004 -43.16 -59.91 -13.22
O5' PSU U 1004 -44.45 -59.80 -12.64
P PSU U 1004 -45.75 -60.19 -13.47
OP1 PSU U 1004 -45.75 -61.65 -13.67
OP2 PSU U 1004 -46.91 -59.53 -12.84
N1 OMU U 1014 -45.74 -49.58 -24.27
C2 OMU U 1014 -46.71 -48.83 -23.63
N3 OMU U 1014 -46.25 -47.98 -22.68
C4 OMU U 1014 -44.94 -47.80 -22.28
C5 OMU U 1014 -43.99 -48.61 -22.98
C6 OMU U 1014 -44.41 -49.45 -23.92
O2 OMU U 1014 -47.90 -48.92 -23.90
O4 OMU U 1014 -44.68 -46.98 -21.38
C1' OMU U 1014 -46.17 -50.55 -25.30
C2' OMU U 1014 -46.53 -49.90 -26.64
O2' OMU U 1014 -47.55 -50.68 -27.24
CM2 OMU U 1014 -48.88 -50.30 -26.93
C3' OMU U 1014 -45.23 -50.09 -27.41
C4' OMU U 1014 -44.75 -51.45 -26.94
O3' OMU U 1014 -45.39 -50.03 -28.82
O4' OMU U 1014 -45.10 -51.46 -25.53
C5' OMU U 1014 -43.29 -51.75 -27.11
O5' OMU U 1014 -42.47 -50.77 -26.49
P OMU U 1014 -40.91 -51.00 -26.32
OP1 OMU U 1014 -40.34 -51.34 -27.63
OP2 OMU U 1014 -40.36 -49.88 -25.55
N1 PSU U 1084 7.52 -34.97 -17.65
C2 PSU U 1084 8.21 -33.80 -17.53
N3 PSU U 1084 9.57 -33.94 -17.43
C4 PSU U 1084 10.27 -35.12 -17.43
C5 PSU U 1084 9.47 -36.31 -17.56
C6 PSU U 1084 8.13 -36.18 -17.66
O2 PSU U 1084 7.67 -32.71 -17.51
O4 PSU U 1084 11.50 -35.10 -17.34
C1' PSU U 1084 10.19 -37.63 -17.59
C2' PSU U 1084 10.81 -38.08 -16.28
O2' PSU U 1084 12.08 -38.64 -16.55
C3' PSU U 1084 9.83 -39.16 -15.82
C4' PSU U 1084 9.39 -39.77 -17.13
O3' PSU U 1084 10.39 -40.10 -14.93
O4' PSU U 1084 9.30 -38.64 -18.02
C5' PSU U 1084 8.08 -40.51 -17.11
O5' PSU U 1084 6.99 -39.65 -16.77
P PSU U 1084 5.48 -40.08 -17.09
OP1 PSU U 1084 5.26 -41.44 -16.59
OP2 PSU U 1084 4.61 -38.98 -16.66
N1 PSU U 1100 6.79 -18.14 -9.36
C2 PSU U 1100 6.68 -17.25 -10.38
N3 PSU U 1100 7.85 -16.67 -10.78
C4 PSU U 1100 9.10 -16.91 -10.24
C5 PSU U 1100 9.13 -17.87 -9.15
C6 PSU U 1100 7.97 -18.43 -8.77
O2 PSU U 1100 5.62 -16.98 -10.92
O4 PSU U 1100 10.08 -16.33 -10.69
C1' PSU U 1100 10.46 -18.17 -8.53
C2' PSU U 1100 10.95 -17.07 -7.59
O2' PSU U 1100 12.37 -17.07 -7.63
C3' PSU U 1100 10.45 -17.58 -6.25
C4' PSU U 1100 10.61 -19.09 -6.38
O3' PSU U 1100 11.16 -17.05 -5.15
O4' PSU U 1100 10.35 -19.36 -7.78
C5' PSU U 1100 9.68 -19.93 -5.53
O5' PSU U 1100 8.34 -19.47 -5.64
P PSU U 1100 7.14 -20.32 -5.00
OP1 PSU U 1100 7.41 -20.47 -3.56
OP2 PSU U 1100 5.87 -19.72 -5.43
N1 PSU U 1108 -2.96 -7.11 -9.63
C2 PSU U 1108 -3.38 -8.41 -9.68
N3 PSU U 1108 -4.44 -8.63 -10.52
C4 PSU U 1108 -5.08 -7.70 -11.29
C5 PSU U 1108 -4.58 -6.34 -11.18
C6 PSU U 1108 -3.54 -6.11 -10.35
O2 PSU U 1108 -2.86 -9.30 -9.03
O4 PSU U 1108 -6.02 -8.04 -11.99
C1' PSU U 1108 -5.25 -5.28 -11.98
C2' PSU U 1108 -6.61 -4.89 -11.38
O2' PSU U 1108 -7.46 -4.46 -12.43
C3' PSU U 1108 -6.21 -3.73 -10.49
C4' PSU U 1108 -5.16 -3.02 -11.34
O3' PSU U 1108 -7.29 -2.88 -10.12
O4' PSU U 1108 -4.46 -4.10 -12.00
C5' PSU U 1108 -4.19 -2.15 -10.59
O5' PSU U 1108 -3.50 -2.89 -9.60
P PSU U 1108 -2.19 -2.32 -8.90
OP1 PSU U 1108 -2.51 -0.97 -8.42
OP2 PSU U 1108 -1.67 -3.33 -7.96
N1 PSU U 1122 -36.63 -11.68 0.99
C2 PSU U 1122 -35.53 -11.11 0.44
N3 PSU U 1122 -35.24 -9.85 0.88
C4 PSU U 1122 -35.96 -9.12 1.81
C5 PSU U 1122 -37.13 -9.79 2.35
C6 PSU U 1122 -37.39 -11.04 1.90
O2 PSU U 1122 -34.82 -11.68 -0.39
O4 PSU U 1122 -35.60 -8.00 2.12
C1' PSU U 1122 -37.96 -9.07 3.36
C2' PSU U 1122 -38.79 -7.93 2.78
O2' PSU U 1122 -38.92 -6.92 3.76
C3' PSU U 1122 -40.12 -8.62 2.54
C4' PSU U 1122 -40.22 -9.54 3.75
O3' PSU U 1122 -41.22 -7.74 2.42
O4' PSU U 1122 -38.86 -9.97 3.97
C5' PSU U 1122 -41.12 -10.74 3.58
O5' PSU U 1122 -40.86 -11.41 2.36
P PSU U 1122 -41.40 -12.89 2.12
OP1 PSU U 1122 -42.85 -12.87 2.30
OP2 PSU U 1122 -40.83 -13.40 0.86
P OMG U 1131 -40.64 -20.65 -10.22
OP1 OMG U 1131 -41.18 -21.54 -9.18
OP2 OMG U 1131 -40.84 -19.20 -10.12
O5' OMG U 1131 -39.07 -20.93 -10.33
C5' OMG U 1131 -38.13 -19.91 -10.01
C4' OMG U 1131 -37.54 -19.31 -11.25
O4' OMG U 1131 -38.54 -18.53 -11.96
C3' OMG U 1131 -36.39 -18.32 -11.02
O3' OMG U 1131 -35.15 -18.96 -10.81
C2' OMG U 1131 -36.46 -17.46 -12.27
O2' OMG U 1131 -35.89 -18.12 -13.38
CM2 OMG U 1131 -35.62 -17.30 -14.51
C1' OMG U 1131 -37.96 -17.36 -12.49
N9 OMG U 1131 -38.53 -16.20 -11.77
C8 OMG U 1131 -39.44 -16.23 -10.73
N7 OMG U 1131 -39.74 -15.03 -10.29
C5 OMG U 1131 -38.98 -14.18 -11.08
C6 OMG U 1131 -38.88 -12.77 -11.08
O6 OMG U 1131 -39.47 -11.99 -10.35
N1 OMG U 1131 -38.01 -12.31 -12.04
C2 OMG U 1131 -37.31 -13.10 -12.91
N2 OMG U 1131 -36.50 -12.48 -13.77
N3 OMG U 1131 -37.39 -14.42 -12.92
C4 OMG U 1131 -38.24 -14.89 -11.99
N1 PSU U 1294 7.51 -60.81 9.46
C2 PSU U 1294 8.85 -61.01 9.30
N3 PSU U 1294 9.60 -60.84 10.42
C4 PSU U 1294 9.14 -60.48 11.67
C5 PSU U 1294 7.72 -60.28 11.77
C6 PSU U 1294 6.97 -60.45 10.65
O2 PSU U 1294 9.34 -61.34 8.23
O4 PSU U 1294 9.93 -60.35 12.59
C1' PSU U 1294 7.16 -59.88 13.11
C2' PSU U 1294 7.41 -58.40 13.46
O2' PSU U 1294 7.70 -58.31 14.84
C3' PSU U 1294 6.04 -57.79 13.15
C4' PSU U 1294 5.09 -58.90 13.57
O3' PSU U 1294 5.80 -56.57 13.83
O4' PSU U 1294 5.77 -60.11 13.15
C5' PSU U 1294 3.70 -58.84 12.96
O5' PSU U 1294 3.75 -58.47 11.60
P PSU U 1294 2.39 -58.17 10.81
OP1 PSU U 1294 2.64 -58.40 9.37
OP2 PSU U 1294 1.30 -58.89 11.48
P OMG U 1299 19.18 -44.92 4.57
OP1 OMG U 1299 20.05 -43.88 4.01
OP2 OMG U 1299 18.44 -44.67 5.81
O5' OMG U 1299 18.11 -45.31 3.45
C5' OMG U 1299 18.51 -45.63 2.13
C4' OMG U 1299 17.34 -45.98 1.26
O4' OMG U 1299 16.73 -47.21 1.72
C3' OMG U 1299 16.19 -44.99 1.25
O3' OMG U 1299 16.43 -43.85 0.45
C2' OMG U 1299 15.03 -45.85 0.76
O2' OMG U 1299 15.07 -46.00 -0.66
CM2 OMG U 1299 13.91 -46.58 -1.22
C1' OMG U 1299 15.35 -47.20 1.40
N9 OMG U 1299 14.58 -47.41 2.63
C8 OMG U 1299 15.02 -47.45 3.93
N7 OMG U 1299 14.05 -47.63 4.78
C5 OMG U 1299 12.91 -47.72 4.01
C6 OMG U 1299 11.55 -47.91 4.37
O6 OMG U 1299 11.09 -48.06 5.50
N1 OMG U 1299 10.72 -47.93 3.28
C2 OMG U 1299 11.11 -47.77 1.99
N2 OMG U 1299 10.17 -47.81 1.05
N3 OMG U 1299 12.38 -47.59 1.64
C4 OMG U 1299 13.22 -47.57 2.69
N1 PSU U 1305 5.57 -45.58 9.21
C2 PSU U 1305 6.51 -45.41 8.23
N3 PSU U 1305 6.02 -45.38 6.96
C4 PSU U 1305 4.69 -45.52 6.58
C5 PSU U 1305 3.76 -45.70 7.67
C6 PSU U 1305 4.25 -45.72 8.93
O2 PSU U 1305 7.69 -45.28 8.48
O4 PSU U 1305 4.40 -45.48 5.39
C1' PSU U 1305 2.31 -45.86 7.38
C2' PSU U 1305 1.98 -47.09 6.54
O2' PSU U 1305 0.76 -46.84 5.84
C3' PSU U 1305 1.77 -48.14 7.61
C4' PSU U 1305 1.09 -47.36 8.72
O3' PSU U 1305 1.01 -49.25 7.17
O4' PSU U 1305 1.63 -46.01 8.60
C5' PSU U 1305 1.33 -47.88 10.12
O5' PSU U 1305 0.55 -47.19 11.07
P PSU U 1305 1.24 -46.42 12.28
OP1 PSU U 1305 0.95 -47.16 13.52
OP2 PSU U 1305 2.64 -46.15 11.92
N1 PSU U 1309 9.17 -58.81 5.78
C2 PSU U 1309 8.40 -58.41 6.82
N3 PSU U 1309 7.05 -58.51 6.63
C4 PSU U 1309 6.43 -58.98 5.49
C5 PSU U 1309 7.32 -59.40 4.42
C6 PSU U 1309 8.64 -59.30 4.62
O2 PSU U 1309 8.88 -57.98 7.86
O4 PSU U 1309 5.21 -59.03 5.44
C1' PSU U 1309 6.69 -59.92 3.17
C2' PSU U 1309 6.81 -58.96 1.98
O2' PSU U 1309 5.84 -57.94 2.02
C3' PSU U 1309 6.67 -59.93 0.81
C4' PSU U 1309 7.33 -61.21 1.33
O3' PSU U 1309 5.29 -60.18 0.56
O4' PSU U 1309 7.33 -61.10 2.78
C5' PSU U 1309 8.73 -61.47 0.84
O5' PSU U 1309 9.59 -60.37 1.10
P PSU U 1309 11.08 -60.60 1.61
OP1 PSU U 1309 11.03 -60.99 3.03
OP2 PSU U 1309 11.75 -61.49 0.64
N1 PSU U 1636 -8.60 -52.75 -3.69
C2 PSU U 1636 -9.63 -53.21 -2.94
N3 PSU U 1636 -10.87 -53.07 -3.51
C4 PSU U 1636 -11.15 -52.53 -4.74
C5 PSU U 1636 -10.01 -52.07 -5.49
C6 PSU U 1636 -8.78 -52.21 -4.92
O2 PSU U 1636 -9.47 -53.70 -1.83
O4 PSU U 1636 -12.31 -52.47 -5.12
C1' PSU U 1636 -10.23 -51.47 -6.84
C2' PSU U 1636 -10.78 -50.04 -6.79
O2' PSU U 1636 -11.66 -49.86 -7.90
C3' PSU U 1636 -9.51 -49.23 -6.98
C4' PSU U 1636 -8.71 -50.08 -7.94
O3' PSU U 1636 -9.73 -47.91 -7.45
O4' PSU U 1636 -9.01 -51.44 -7.54
C5' PSU U 1636 -7.22 -49.85 -7.92
O5' PSU U 1636 -6.69 -50.01 -6.62
P PSU U 1636 -5.12 -50.18 -6.38
OP1 PSU U 1636 -4.43 -49.00 -6.92
OP2 PSU U 1636 -4.94 -50.55 -4.96
N1 OMC U 1647 -24.92 -46.36 7.30
C2 OMC U 1647 -25.58 -47.16 8.24
N3 OMC U 1647 -26.72 -47.81 7.88
C4 OMC U 1647 -27.20 -47.71 6.64
C5 OMC U 1647 -26.55 -46.91 5.66
C6 OMC U 1647 -25.43 -46.27 6.03
O2 OMC U 1647 -25.14 -47.26 9.38
N4 OMC U 1647 -28.32 -48.37 6.35
C1' OMC U 1647 -23.67 -45.66 7.67
C2' OMC U 1647 -23.87 -44.18 7.97
O2' OMC U 1647 -22.79 -43.45 7.40
CM2 OMC U 1647 -22.80 -43.35 5.99
C3' OMC U 1647 -23.78 -44.16 9.49
C4' OMC U 1647 -22.79 -45.26 9.79
O4' OMC U 1647 -23.11 -46.27 8.81
O3' OMC U 1647 -23.38 -42.90 10.03
C5' OMC U 1647 -22.87 -45.86 11.17
O5' OMC U 1647 -24.08 -46.58 11.35
P OMC U 1647 -24.28 -47.58 12.56
OP1 OMC U 1647 -23.86 -46.90 13.81
OP2 OMC U 1647 -25.65 -48.16 12.45
P A2M U 1760 -44.71 -25.78 5.30
OP1 A2M U 1760 -44.95 -26.68 4.16
O5' A2M U 1760 -43.18 -25.57 5.62
C5' A2M U 1760 -42.67 -24.93 6.80
C4' A2M U 1760 -41.52 -24.03 6.46
O4' A2M U 1760 -41.84 -22.68 6.86
C3' A2M U 1760 -40.22 -24.37 7.18
O3' A2M U 1760 -39.33 -25.10 6.33
C2' A2M U 1760 -39.64 -23.04 7.61
O2' A2M U 1760 -38.87 -22.46 6.56
C1' A2M U 1760 -40.90 -22.23 7.83
CM' A2M U 1760 -37.91 -21.51 6.99
N9 A2M U 1760 -41.50 -22.39 9.16
C8 A2M U 1760 -42.73 -22.91 9.46
N7 A2M U 1760 -43.01 -22.93 10.74
C5 A2M U 1760 -41.87 -22.40 11.33
C6 A2M U 1760 -41.53 -22.16 12.67
N6 A2M U 1760 -42.33 -22.43 13.70
N1 A2M U 1760 -40.32 -21.61 12.91
C2 A2M U 1760 -39.52 -21.33 11.88
N3 A2M U 1760 -39.74 -21.51 10.58
C4 A2M U 1760 -40.93 -22.06 10.37
OP2 A2M U 1760 -45.40 -26.24 6.51
C2 6MZ U 1773 -25.80 -43.70 2.88
C4 6MZ U 1773 -27.05 -43.39 1.11
C5 6MZ U 1773 -27.90 -44.43 1.45
O1P 6MZ U 1773 -29.84 -45.80 -3.45
O2P 6MZ U 1773 -29.04 -44.82 -5.69
N9 6MZ U 1773 -27.53 -42.86 -0.05
N3 6MZ U 1773 -25.99 -42.96 1.79
N1 6MZ U 1773 -26.52 -44.73 3.34
C6 6MZ U 1773 -27.59 -45.13 2.65
N6 6MZ U 1773 -28.27 -46.17 3.14
C9 6MZ U 1773 -29.60 -46.56 2.73
N7 6MZ U 1773 -28.90 -44.55 0.49
C8 6MZ U 1773 -28.63 -43.61 -0.36
O5' 6MZ U 1773 -28.66 -43.64 -3.49
C5' 6MZ U 1773 -28.29 -42.37 -4.02
C4' 6MZ U 1773 -27.29 -41.69 -3.13
O4' 6MZ U 1773 -27.89 -41.40 -1.84
C1' 6MZ U 1773 -26.99 -41.71 -0.80
C2' 6MZ U 1773 -25.64 -41.98 -1.45
O2' 6MZ U 1773 -24.96 -40.75 -1.62
C3' 6MZ U 1773 -26.07 -42.53 -2.79
O3' 6MZ U 1773 -25.07 -42.43 -3.79
P 6MZ U 1773 -29.62 -44.63 -4.31
P 4AC U 1783 -27.22 -32.10 -7.57
OP1 4AC U 1783 -27.50 -31.25 -6.41
OP2 4AC U 1783 -28.27 -32.96 -8.13
O5' 4AC U 1783 -26.69 -31.18 -8.76
C5' 4AC U 1783 -25.57 -30.33 -8.59
C4' 4AC U 1783 -25.29 -29.50 -9.83
O4' 4AC U 1783 -24.79 -30.36 -10.88
C3' 4AC U 1783 -26.51 -28.82 -10.44
O3' 4AC U 1783 -26.83 -27.59 -9.81
C2' 4AC U 1783 -26.11 -28.68 -11.91
O2' 4AC U 1783 -25.24 -27.57 -12.08
C1' 4AC U 1783 -25.32 -29.96 -12.13
N1 4AC U 1783 -26.18 -31.04 -12.66
C2 4AC U 1783 -26.49 -31.08 -14.04
O2 4AC U 1783 -26.02 -30.22 -14.79
N3 4AC U 1783 -27.28 -32.07 -14.50
C4 4AC U 1783 -27.77 -32.99 -13.68
N4 4AC U 1783 -28.57 -33.91 -14.34
C5 4AC U 1783 -27.49 -32.99 -12.31
C6 4AC U 1783 -26.70 -32.01 -11.84
C7 4AC U 1783 -29.24 -34.97 -13.85
O7 4AC U 1783 -29.22 -35.29 -12.68
CM7 4AC U 1783 -30.01 -35.78 -14.83
C2 MA6 U 1791 -40.46 -43.59 1.39
C4 MA6 U 1791 -41.64 -41.90 0.66
C5 MA6 U 1791 -42.14 -42.62 -0.41
P MA6 U 1791 -44.74 -37.48 -2.36
OP1 MA6 U 1791 -44.82 -36.11 -2.98
OP2 MA6 U 1791 -44.52 -38.69 -3.23
O5' MA6 U 1791 -43.56 -37.49 -1.30
C5' MA6 U 1791 -43.68 -36.82 -0.05
C4' MA6 U 1791 -42.67 -37.36 0.93
O4' MA6 U 1791 -43.09 -38.67 1.38
C1' MA6 U 1791 -41.99 -39.53 1.49
N9 MA6 U 1791 -42.18 -40.65 0.55
N3 MA6 U 1791 -40.80 -42.33 1.59
N1 MA6 U 1791 -40.85 -44.42 0.42
C6 MA6 U 1791 -41.69 -43.95 -0.51
N6 MA6 U 1791 -42.05 -44.86 -1.47
C9 MA6 U 1791 -41.38 -46.14 -1.54
C10 MA6 U 1791 -43.12 -44.62 -2.42
N7 MA6 U 1791 -42.99 -41.82 -1.17
C8 MA6 U 1791 -42.98 -40.68 -0.55
C2' MA6 U 1791 -40.72 -38.72 1.20
O2' MA6 U 1791 -40.24 -38.22 2.44
C3' MA6 U 1791 -41.28 -37.57 0.36
O3' MA6 U 1791 -40.48 -36.40 0.42
C2 MA6 U 1792 -36.85 -44.47 -0.48
C4 MA6 U 1792 -37.58 -42.42 -0.66
C5 MA6 U 1792 -38.32 -42.70 -1.78
P MA6 U 1792 -39.74 -35.85 -0.89
OP1 MA6 U 1792 -39.91 -34.35 -0.95
OP2 MA6 U 1792 -40.16 -36.72 -2.06
O5' MA6 U 1792 -38.20 -36.15 -0.60
C5' MA6 U 1792 -37.60 -37.33 -1.10
C4' MA6 U 1792 -36.86 -38.07 -0.02
O4' MA6 U 1792 -37.76 -39.00 0.65
C1' MA6 U 1792 -37.20 -40.28 0.69
N9 MA6 U 1792 -37.79 -41.09 -0.39
N3 MA6 U 1792 -36.82 -43.26 0.05
N1 MA6 U 1792 -37.51 -44.91 -1.55
C6 MA6 U 1792 -38.27 -44.04 -2.23
N6 MA6 U 1792 -38.88 -44.59 -3.32
C9 MA6 U 1792 -38.47 -45.90 -3.77
C10 MA6 U 1792 -39.94 -43.93 -4.07
N7 MA6 U 1792 -38.98 -41.56 -2.24
C8 MA6 U 1792 -38.62 -40.64 -1.38
C2' MA6 U 1792 -35.71 -40.11 0.49
O2' MA6 U 1792 -35.13 -39.73 1.73
C3' MA6 U 1792 -35.69 -38.94 -0.49
O3' MA6 U 1792 -34.46 -38.24 -0.54
ZN ZN V . -24.11 -48.54 -22.18
MG MG W . -20.99 67.52 49.41
K K X . -19.50 32.75 23.62
K K Y . -23.45 43.41 36.40
K K Z . -22.59 45.97 33.78
K K AA . -12.49 -43.25 -22.68
K K BA . -24.04 42.46 7.90
K K CA . -9.72 25.42 14.22
K K DA . 11.97 -51.10 8.83
K K EA . -10.29 39.96 49.30
K K FA . -30.84 -43.27 -7.56
K K GA . -27.35 40.06 -2.65
K K HA . 5.53 -26.48 -31.56
K K IA . 2.20 -9.74 -38.89
K K JA . -9.43 31.25 51.56
K K KA . -22.01 -43.45 -7.56
MG MG LA . -30.65 25.53 40.60
MG MG MA . 12.74 -47.40 8.62
MG MG NA . -28.62 -46.28 -7.56
MG MG OA . -9.46 58.82 4.88
MG MG PA . -13.61 -19.36 -16.02
MG MG QA . -17.29 -21.94 -11.09
MG MG RA . -24.08 -19.78 -11.40
MG MG SA . -14.87 -25.66 -2.70
MG MG TA . -17.31 -30.48 -2.42
MG MG UA . -14.21 -41.50 -5.88
MG MG VA . -19.37 -27.38 -22.04
MG MG WA . 1.18 -10.41 17.15
MG MG XA . -7.51 -18.64 6.58
MG MG YA . -34.45 17.28 35.67
MG MG ZA . -19.01 28.53 33.06
MG MG AB . -26.12 29.86 36.42
MG MG BB . -15.63 21.54 30.52
MG MG CB . -26.79 29.17 28.35
MG MG DB . -33.40 30.65 29.18
MG MG EB . -25.21 9.13 27.23
MG MG FB . -26.14 11.47 23.10
MG MG GB . -25.61 44.17 0.48
MG MG HB . -14.80 13.68 26.66
MG MG IB . -12.03 -33.94 46.41
MG MG JB . -19.44 -19.37 7.43
MG MG KB . -30.49 -47.29 -2.45
MG MG LB . -19.71 13.37 37.95
MG MG MB . 2.22 -12.20 0.50
MG MG NB . 9.26 4.72 -16.56
MG MG OB . -0.05 -32.07 36.19
MG MG PB . -3.81 -12.96 61.22
#